data_8K5O
#
_entry.id   8K5O
#
_cell.length_a   1.00
_cell.length_b   1.00
_cell.length_c   1.00
_cell.angle_alpha   90.00
_cell.angle_beta   90.00
_cell.angle_gamma   90.00
#
_symmetry.space_group_name_H-M   'P 1'
#
loop_
_entity.id
_entity.type
_entity.pdbx_description
1 polymer 'Photosynthetic reaction center cytochrome c subunit'
2 polymer 'Reaction center protein L chain'
3 polymer 'Reaction center protein M chain'
4 polymer 'Photosynthetic reaction center H subunit'
5 polymer 'Antenna complex alpha/beta subunit domain-containing protein'
6 polymer 'Light-harvesting LHI'
7 polymer 'Antenna complex alpha/beta subunit domain-containing protein'
8 polymer 'Beta subunit of light-harvesting 1'
9 polymer 'Gamma subunit of light-harvesting 1'
10 polymer 'reaction center small polypeptide'
11 polymer 'reactin center small polypeptide'
12 non-polymer 'HEME C'
13 non-polymer '(1R)-2-{[{[(2S)-2,3-DIHYDROXYPROPYL]OXY}(HYDROXY)PHOSPHORYL]OXY}-1-[(PALMITOYLOXY)METHYL]ETHYL (11E)-OCTADEC-11-ENOATE'
14 non-polymer 1,2-DIPALMITOYL-PHOSPHATIDYL-GLYCEROLE
15 non-polymer 'Trans-Geranyl Bacteriochlorophyll B'
16 non-polymer 'Trans-Geranyl Bacteriopheophytin B'
17 non-polymer Ubiquinone-8
18 non-polymer 'UNKNOWN LIGAND'
19 non-polymer 'FE (III) ION'
20 non-polymer 'MENAQUINONE 8'
21 non-polymer CARDIOLIPIN
22 non-polymer LYCOPENE
23 non-polymer 'Trans-Geranyl 8-vinyl-bacteriochlorophyll B'
24 non-polymer DI-PALMITOYL-3-SN-PHOSPHATIDYLETHANOLAMINE
25 non-polymer 2-O-octyl-beta-D-glucopyranose
#
loop_
_entity_poly.entity_id
_entity_poly.type
_entity_poly.pdbx_seq_one_letter_code
_entity_poly.pdbx_strand_id
1 'polypeptide(L)'
;MDGRYLTRSLAVGALAAGFLVVAGCERPPFEQEQTGPRGTGMYVLDNPRILESRLDLHTAPEARPMASEDGERAGDVHEN
VQVLADLSDEQFWRIKEEMTDWVAGDEGCTYCHTDDLASDEKYQYRVSRDMIEMTRYLNANWADTHLTHSNEAGVTCYTC
HRGEPIPPASWHSEEESGETRFMTGMGDLQLQNKISSKTAYTAFPRDALDTFLVGHEGELSIVGEGEGGLRTATTEGVSL
REAYEAVGLMMHLSYSLDAGCTLCHNVSRWASWEDSPKERETAWHGIRMARDINVNWINPLIDEYPEDADVLGPTGDVGK
VSCQTCHNKERRPLYGEEFLELYPELVGEPDPDFDYLQFGDLGTDLLKGVND
;
C
2 'polypeptide(L)'
;MAMLDFERKYRVRGGTLLGGDLFDFWVGPFYVGFFGVTAIFCAVFGFLMIGLKAAISETWSIFQLVLAPPNLENGFALAP
LDEGGLWQIVTACAIGAFVSWALREVEISRKLGIGYHIPFAFGVAISFFVLAQLGRPLLLGGWGHAFPYGIIAHLDWVNN
VGYQNLHYHYHWAHMLGCSLFFATSFALALHGGLILSVTNPKKGEVVKTAEHENTFFRDFVGYSIGSLGIHRLGLALALS
TSISCIFGILTTGPFWSRGWPEWWYTWWPQIPIWNWGVS
;
L
3 'polypeptide(L)'
;MAEYQNVFTRVQVRGPAEQGLEVPGGSWNRVGRPRFSYLLGKIGDAQVGPIYLGATGVVASLGFLIFCLMVGFNWLAAVD
WSVREVFRQFWWLAVEVPPPEYGLRIPPFNDGGWFLWGLAICSLSLLMWWARTYIRARALGLGTHVAWAFAAALWFYFII
TIIRPVAIGSWDESLPIGMFAHLDWLVAISERYGNFYYNPFHMLSIAFCFGSALLFAAHGATILATGRYNSEREIEQITD
RGTGSERAALFWRWTMGFNATMESIHRWGYWMAILVPLVASIGLFLSGTVIESWYEWGLKHNLVPIYEELSDPARNPAAQ
;
M
4 'polypeptide(L)'
;MEAFYPMGIARFDWGIWAVIFFFVFLAGLIVYCRREDKREGYPLISDPNDKYGAPRLVSGTIPRVPKPKTFLLRDGRTIQ
VPRQEKVEWDRNYKLEAQPTAPWPGSPLEPIGNPMKAAIGPGAYAKREDKPELTWHNKQKIVPMRIATEYYVVEDDPDLR
GAPVVGLCGGQGGRVRDIWVDRSECRIMYYEVEISPHTSGKDSVLLPQCFARETRRMDGVWEIRVNSITAEQFRDVPRLS
NPDQITPQEEDMVCAYYGAGTLYAVPGRTEPFLP
;
H
5 'polypeptide(L)'
;MANDIRPLRDFTDEEAQEFHQAAVQSFFLYVAVAFVAHLLVWAWRPFWPPEQGYRLEDFAPEEIRTDSFYSDFLPTTSWN
SVTEGVNSLAAQLSTVVHYIAPFAG
;
4
6 'polypeptide(L)' MWRIWKVFDPRRILIATALWLIIISLTIHVILMTTERFNWLQGAPAAEYYSEVVEDGAALSPRLV 3
7 'polypeptide(L)' MWKLWKFVDFRMTAVGFHLFFALLAFAVHFACISSERFNWLEGAPAAEYYMDEDPGIWKRTSYDG w,Y,b,k,n,t,z,6,F,K,P,S,V,e,h,q
8 'polypeptide(L)'
;MTDIRTGLTDEECQEIHEMNMLGMHAYWSIGLIANALAYAWRPFHQGRAGNRLEDHAPDYVRSALTSVQEQASSVTAAVQ
QTPMVG
;
x,Z,c,l,o,u,1,7,G,N,Q,T,W,f,i,r
9 'polypeptide(L)' MGDAGIVVAVLVILAILGWPNISSTLRRW v,X,a,j,m,s,y,5,8,I,O,R,U,d,g,p
10 'polypeptide(L)' MTGEAVWLIWFMAALALIGGALPIVVKWWRE 2
11 'polypeptide(L)' MEGHMDVVDISWLVTLAVLALLAGAYPVFKRWR 9
#
# COMPACT_ATOMS: atom_id res chain seq x y z
N CYS A 25 -9.90 11.23 -14.32
CA CYS A 25 -9.34 10.29 -15.27
C CYS A 25 -8.56 10.99 -16.38
N GLU A 26 -7.34 10.53 -16.61
CA GLU A 26 -6.50 10.96 -17.72
C GLU A 26 -6.19 9.76 -18.61
N ARG A 27 -5.37 10.00 -19.63
CA ARG A 27 -5.22 9.01 -20.67
C ARG A 27 -3.88 9.17 -21.38
N PRO A 28 -3.25 8.08 -21.80
CA PRO A 28 -2.11 8.19 -22.70
C PRO A 28 -2.55 8.56 -24.10
N PRO A 29 -1.65 9.08 -24.94
CA PRO A 29 -0.23 9.33 -24.70
C PRO A 29 0.04 10.59 -23.89
N PHE A 30 1.30 10.76 -23.49
CA PHE A 30 1.74 11.94 -22.79
C PHE A 30 3.03 12.45 -23.42
N GLU A 31 3.19 13.77 -23.42
CA GLU A 31 4.49 14.36 -23.68
C GLU A 31 5.39 14.07 -22.50
N GLN A 32 6.42 13.27 -22.70
CA GLN A 32 7.32 12.88 -21.63
C GLN A 32 8.62 13.67 -21.72
N GLU A 33 9.14 14.06 -20.55
CA GLU A 33 10.43 14.73 -20.46
C GLU A 33 11.23 14.04 -19.36
N GLN A 34 12.25 13.29 -19.76
CA GLN A 34 13.09 12.58 -18.80
C GLN A 34 14.03 13.60 -18.15
N THR A 35 13.72 13.98 -16.92
CA THR A 35 14.47 15.02 -16.22
C THR A 35 15.66 14.48 -15.45
N GLY A 36 15.83 13.16 -15.37
CA GLY A 36 16.92 12.59 -14.63
C GLY A 36 17.43 11.31 -15.25
N PRO A 37 18.28 10.59 -14.53
CA PRO A 37 18.85 9.34 -15.06
C PRO A 37 17.76 8.30 -15.27
N ARG A 38 18.03 7.41 -16.22
CA ARG A 38 17.05 6.40 -16.60
C ARG A 38 16.77 5.49 -15.41
N GLY A 39 15.54 4.99 -15.33
CA GLY A 39 15.15 4.11 -14.26
C GLY A 39 14.98 4.76 -12.90
N THR A 40 15.39 6.02 -12.75
CA THR A 40 15.21 6.70 -11.47
C THR A 40 13.77 7.14 -11.25
N GLY A 41 12.92 7.08 -12.27
CA GLY A 41 11.60 7.66 -12.18
C GLY A 41 11.56 9.16 -12.35
N MET A 42 12.70 9.78 -12.63
CA MET A 42 12.78 11.23 -12.81
C MET A 42 12.35 11.57 -14.23
N TYR A 43 11.05 11.73 -14.41
CA TYR A 43 10.54 12.28 -15.66
C TYR A 43 9.21 12.94 -15.37
N VAL A 44 8.78 13.77 -16.32
CA VAL A 44 7.53 14.52 -16.21
C VAL A 44 6.64 14.11 -17.37
N LEU A 45 5.40 13.75 -17.05
CA LEU A 45 4.39 13.46 -18.05
C LEU A 45 3.43 14.64 -18.10
N ASP A 46 3.26 15.20 -19.29
CA ASP A 46 2.34 16.30 -19.52
C ASP A 46 1.27 15.84 -20.50
N ASN A 47 0.01 16.07 -20.16
CA ASN A 47 -1.09 15.62 -20.99
C ASN A 47 -1.23 16.53 -22.21
N PRO A 48 -1.03 16.02 -23.43
CA PRO A 48 -1.18 16.87 -24.61
C PRO A 48 -2.60 17.39 -24.79
N ARG A 49 -3.62 16.59 -24.47
CA ARG A 49 -4.99 17.04 -24.61
C ARG A 49 -5.31 18.16 -23.63
N ILE A 50 -4.74 18.10 -22.43
CA ILE A 50 -4.99 19.14 -21.43
C ILE A 50 -4.33 20.44 -21.86
N LEU A 51 -3.10 20.37 -22.39
CA LEU A 51 -2.44 21.57 -22.90
C LEU A 51 -3.19 22.12 -24.11
N GLU A 52 -3.77 21.24 -24.93
CA GLU A 52 -4.59 21.71 -26.04
C GLU A 52 -5.85 22.41 -25.55
N SER A 53 -6.46 21.88 -24.49
CA SER A 53 -7.66 22.51 -23.93
C SER A 53 -7.34 23.85 -23.26
N ARG A 54 -6.13 24.01 -22.75
CA ARG A 54 -5.69 25.26 -22.13
C ARG A 54 -4.94 26.15 -23.11
N LEU A 55 -5.03 25.85 -24.41
CA LEU A 55 -4.26 26.59 -25.40
C LEU A 55 -4.70 28.05 -25.45
N ASP A 56 -6.00 28.31 -25.30
CA ASP A 56 -6.47 29.69 -25.25
C ASP A 56 -5.89 30.42 -24.05
N LEU A 57 -5.75 29.73 -22.92
CA LEU A 57 -5.22 30.35 -21.71
C LEU A 57 -3.70 30.51 -21.76
N HIS A 58 -3.01 29.63 -22.48
CA HIS A 58 -1.56 29.54 -22.43
C HIS A 58 -0.86 30.21 -23.60
N THR A 59 -1.59 30.91 -24.46
CA THR A 59 -0.99 31.59 -25.61
C THR A 59 -1.25 33.08 -25.51
N ALA A 60 -0.18 33.86 -25.66
CA ALA A 60 -0.32 35.31 -25.68
C ALA A 60 -0.97 35.76 -26.98
N PRO A 61 -1.64 36.91 -26.98
CA PRO A 61 -2.21 37.42 -28.22
C PRO A 61 -1.14 37.77 -29.23
N GLU A 62 -1.51 37.75 -30.50
CA GLU A 62 -0.59 38.12 -31.55
C GLU A 62 -0.05 39.53 -31.31
N ALA A 63 1.27 39.66 -31.36
CA ALA A 63 1.91 40.92 -31.02
C ALA A 63 1.61 41.98 -32.08
N ARG A 64 1.52 43.22 -31.62
CA ARG A 64 1.39 44.34 -32.54
C ARG A 64 2.72 44.58 -33.25
N PRO A 65 2.71 45.15 -34.45
CA PRO A 65 3.96 45.40 -35.16
C PRO A 65 4.86 46.34 -34.36
N MET A 66 6.17 46.15 -34.51
CA MET A 66 7.14 46.92 -33.76
C MET A 66 6.97 48.41 -34.04
N ALA A 67 7.10 49.22 -32.99
CA ALA A 67 6.93 50.66 -33.08
C ALA A 67 8.28 51.37 -33.08
N SER A 68 8.40 52.38 -33.92
CA SER A 68 9.66 53.09 -34.09
C SER A 68 10.01 53.89 -32.83
N GLU A 69 11.30 53.91 -32.50
CA GLU A 69 11.79 54.72 -31.39
C GLU A 69 11.99 56.18 -31.75
N ASP A 70 11.91 56.52 -33.03
CA ASP A 70 12.10 57.90 -33.47
C ASP A 70 10.78 58.65 -33.47
N GLY A 71 10.77 59.80 -32.82
CA GLY A 71 9.57 60.61 -32.70
C GLY A 71 9.58 61.37 -31.39
N GLU A 72 8.54 62.17 -31.21
CA GLU A 72 8.40 62.94 -29.99
C GLU A 72 8.16 62.00 -28.81
N ARG A 73 8.78 62.34 -27.67
CA ARG A 73 8.63 61.52 -26.48
C ARG A 73 7.20 61.59 -25.96
N ALA A 74 6.71 60.46 -25.42
CA ALA A 74 5.35 60.40 -24.92
C ALA A 74 5.14 61.35 -23.75
N GLY A 75 6.21 61.66 -23.01
CA GLY A 75 6.09 62.62 -21.93
C GLY A 75 6.00 64.06 -22.38
N ASP A 76 6.17 64.31 -23.68
CA ASP A 76 6.06 65.66 -24.22
C ASP A 76 4.72 65.92 -24.90
N VAL A 77 4.13 64.90 -25.54
CA VAL A 77 2.84 65.06 -26.19
C VAL A 77 1.67 64.66 -25.28
N HIS A 78 1.95 64.28 -24.04
CA HIS A 78 0.91 63.93 -23.09
C HIS A 78 1.20 64.58 -21.75
N GLU A 79 0.15 65.08 -21.09
CA GLU A 79 0.32 65.79 -19.84
C GLU A 79 0.89 64.89 -18.75
N ASN A 80 0.12 63.88 -18.35
CA ASN A 80 0.49 63.05 -17.21
C ASN A 80 1.06 61.71 -17.70
N VAL A 81 2.30 61.77 -18.15
CA VAL A 81 3.07 60.59 -18.50
C VAL A 81 4.41 60.66 -17.78
N GLN A 82 4.65 59.73 -16.87
CA GLN A 82 5.91 59.69 -16.13
C GLN A 82 6.68 58.40 -16.36
N VAL A 83 6.03 57.24 -16.20
CA VAL A 83 6.75 55.98 -16.33
C VAL A 83 7.14 55.71 -17.77
N LEU A 84 6.26 56.06 -18.72
CA LEU A 84 6.52 55.88 -20.14
C LEU A 84 7.01 57.16 -20.81
N ALA A 85 7.61 58.07 -20.05
CA ALA A 85 8.02 59.35 -20.61
C ALA A 85 9.12 59.18 -21.65
N ASP A 86 10.07 58.28 -21.42
CA ASP A 86 11.19 58.07 -22.31
C ASP A 86 10.83 57.29 -23.56
N LEU A 87 9.55 56.97 -23.77
CA LEU A 87 9.10 56.23 -24.93
C LEU A 87 8.74 57.20 -26.06
N SER A 88 8.91 56.74 -27.29
CA SER A 88 8.39 57.49 -28.42
C SER A 88 6.88 57.43 -28.41
N ASP A 89 6.26 58.35 -29.15
CA ASP A 89 4.81 58.41 -29.21
C ASP A 89 4.24 57.12 -29.79
N GLU A 90 4.88 56.60 -30.85
CA GLU A 90 4.40 55.37 -31.47
C GLU A 90 4.59 54.18 -30.54
N GLN A 91 5.75 54.09 -29.88
CA GLN A 91 5.96 53.03 -28.90
C GLN A 91 4.98 53.17 -27.74
N PHE A 92 4.71 54.40 -27.32
CA PHE A 92 3.73 54.62 -26.26
C PHE A 92 2.35 54.09 -26.66
N TRP A 93 1.89 54.44 -27.86
CA TRP A 93 0.58 53.98 -28.29
C TRP A 93 0.54 52.47 -28.46
N ARG A 94 1.63 51.88 -28.99
CA ARG A 94 1.70 50.43 -29.10
C ARG A 94 1.56 49.77 -27.74
N ILE A 95 2.32 50.25 -26.75
CA ILE A 95 2.27 49.60 -25.44
C ILE A 95 0.94 49.88 -24.74
N LYS A 96 0.35 51.05 -24.97
CA LYS A 96 -0.97 51.32 -24.38
C LYS A 96 -2.02 50.37 -24.94
N GLU A 97 -2.01 50.17 -26.26
CA GLU A 97 -2.96 49.26 -26.88
C GLU A 97 -2.74 47.83 -26.40
N GLU A 98 -1.47 47.43 -26.28
CA GLU A 98 -1.18 46.09 -25.78
C GLU A 98 -1.62 45.91 -24.34
N MET A 99 -1.39 46.92 -23.49
CA MET A 99 -1.83 46.84 -22.10
C MET A 99 -3.34 46.78 -22.02
N THR A 100 -4.04 47.51 -22.88
CA THR A 100 -5.49 47.38 -22.96
C THR A 100 -5.89 45.96 -23.36
N ASP A 101 -5.17 45.37 -24.31
CA ASP A 101 -5.48 44.00 -24.70
C ASP A 101 -5.07 42.97 -23.65
N TRP A 102 -4.24 43.35 -22.68
CA TRP A 102 -3.69 42.41 -21.72
C TRP A 102 -4.29 42.52 -20.32
N VAL A 103 -4.74 43.69 -19.91
CA VAL A 103 -5.21 43.86 -18.53
C VAL A 103 -6.63 44.43 -18.53
N ALA A 104 -6.99 45.19 -19.55
CA ALA A 104 -8.26 45.90 -19.51
C ALA A 104 -9.44 44.95 -19.64
N GLY A 105 -9.25 43.82 -20.33
CA GLY A 105 -10.37 42.93 -20.57
C GLY A 105 -11.38 43.59 -21.49
N ASP A 106 -12.65 43.49 -21.12
CA ASP A 106 -13.73 44.05 -21.93
C ASP A 106 -14.05 45.49 -21.56
N GLU A 107 -13.37 46.06 -20.57
CA GLU A 107 -13.58 47.45 -20.19
C GLU A 107 -12.82 48.42 -21.09
N GLY A 108 -11.73 47.98 -21.70
CA GLY A 108 -11.01 48.82 -22.63
C GLY A 108 -10.28 49.96 -21.94
N CYS A 109 -10.26 51.11 -22.61
CA CYS A 109 -9.52 52.26 -22.10
C CYS A 109 -10.11 52.77 -20.79
N THR A 110 -11.43 52.67 -20.62
CA THR A 110 -12.08 53.15 -19.41
C THR A 110 -11.71 52.32 -18.18
N TYR A 111 -11.06 51.18 -18.36
CA TYR A 111 -10.67 50.36 -17.22
C TYR A 111 -9.74 51.13 -16.29
N CYS A 112 -8.77 51.86 -16.85
CA CYS A 112 -7.85 52.67 -16.07
C CYS A 112 -8.10 54.16 -16.20
N HIS A 113 -8.93 54.59 -17.14
CA HIS A 113 -9.07 56.00 -17.50
C HIS A 113 -10.47 56.50 -17.23
N THR A 114 -10.54 57.69 -16.66
CA THR A 114 -11.79 58.45 -16.59
C THR A 114 -11.96 59.20 -17.92
N ASP A 115 -12.91 60.14 -17.96
CA ASP A 115 -13.07 60.96 -19.16
C ASP A 115 -11.79 61.76 -19.46
N ASP A 116 -11.09 62.19 -18.41
CA ASP A 116 -9.80 62.84 -18.56
C ASP A 116 -8.72 61.77 -18.59
N LEU A 117 -7.93 61.74 -19.67
CA LEU A 117 -6.93 60.71 -19.85
C LEU A 117 -5.64 60.97 -19.08
N ALA A 118 -5.49 62.15 -18.48
CA ALA A 118 -4.32 62.47 -17.68
C ALA A 118 -4.60 62.44 -16.19
N SER A 119 -5.76 61.95 -15.77
CA SER A 119 -6.16 61.94 -14.37
C SER A 119 -6.09 60.53 -13.82
N ASP A 120 -5.44 60.37 -12.68
CA ASP A 120 -5.37 59.08 -11.99
C ASP A 120 -6.47 58.93 -10.94
N GLU A 121 -7.73 59.16 -11.30
CA GLU A 121 -8.81 58.96 -10.36
C GLU A 121 -8.97 57.47 -10.02
N LYS A 122 -8.95 56.63 -11.04
CA LYS A 122 -9.10 55.19 -10.82
C LYS A 122 -7.79 54.61 -10.30
N TYR A 123 -7.90 53.77 -9.26
CA TYR A 123 -6.70 53.13 -8.73
C TYR A 123 -6.02 52.26 -9.77
N GLN A 124 -6.78 51.80 -10.77
CA GLN A 124 -6.19 50.99 -11.82
C GLN A 124 -5.13 51.76 -12.60
N TYR A 125 -5.32 53.06 -12.77
CA TYR A 125 -4.34 53.89 -13.48
C TYR A 125 -3.00 53.86 -12.75
N ARG A 126 -2.99 54.20 -11.46
CA ARG A 126 -1.74 54.28 -10.73
C ARG A 126 -1.15 52.89 -10.48
N VAL A 127 -2.01 51.90 -10.25
CA VAL A 127 -1.53 50.54 -10.10
C VAL A 127 -0.88 50.06 -11.38
N SER A 128 -1.45 50.41 -12.54
CA SER A 128 -0.85 50.04 -13.81
C SER A 128 0.44 50.81 -14.06
N ARG A 129 0.55 52.03 -13.54
CA ARG A 129 1.84 52.72 -13.59
C ARG A 129 2.91 51.94 -12.84
N ASP A 130 2.61 51.56 -11.60
CA ASP A 130 3.53 50.72 -10.83
C ASP A 130 3.75 49.38 -11.50
N MET A 131 2.75 48.87 -12.22
CA MET A 131 2.89 47.59 -12.90
C MET A 131 3.81 47.69 -14.11
N ILE A 132 3.75 48.81 -14.83
CA ILE A 132 4.72 49.05 -15.89
C ILE A 132 6.12 49.13 -15.32
N GLU A 133 6.27 49.82 -14.19
CA GLU A 133 7.57 49.86 -13.53
C GLU A 133 8.04 48.46 -13.13
N MET A 134 7.13 47.65 -12.59
CA MET A 134 7.48 46.31 -12.16
C MET A 134 7.83 45.40 -13.34
N THR A 135 7.08 45.50 -14.43
CA THR A 135 7.38 44.69 -15.62
C THR A 135 8.73 45.09 -16.20
N ARG A 136 9.02 46.39 -16.24
CA ARG A 136 10.34 46.85 -16.68
C ARG A 136 11.43 46.29 -15.79
N TYR A 137 11.22 46.34 -14.47
CA TYR A 137 12.20 45.80 -13.53
C TYR A 137 12.41 44.31 -13.74
N LEU A 138 11.32 43.57 -13.93
CA LEU A 138 11.43 42.13 -14.10
C LEU A 138 12.18 41.79 -15.38
N ASN A 139 11.85 42.48 -16.47
CA ASN A 139 12.52 42.20 -17.74
C ASN A 139 13.96 42.67 -17.75
N ALA A 140 14.32 43.64 -16.91
CA ALA A 140 15.69 44.11 -16.87
C ALA A 140 16.57 43.33 -15.92
N ASN A 141 16.00 42.78 -14.84
CA ASN A 141 16.80 42.22 -13.76
C ASN A 141 16.59 40.74 -13.53
N TRP A 142 15.39 40.21 -13.79
CA TRP A 142 15.11 38.80 -13.58
C TRP A 142 15.17 37.99 -14.86
N ALA A 143 15.58 38.60 -15.97
CA ALA A 143 15.69 37.85 -17.22
C ALA A 143 16.92 36.95 -17.22
N ASP A 144 18.03 37.41 -16.66
CA ASP A 144 19.27 36.62 -16.72
C ASP A 144 19.18 35.36 -15.87
N THR A 145 18.41 35.39 -14.79
CA THR A 145 18.34 34.25 -13.89
C THR A 145 17.04 33.48 -13.96
N HIS A 146 15.93 34.12 -14.30
CA HIS A 146 14.70 33.34 -14.31
C HIS A 146 13.87 33.50 -15.59
N LEU A 147 13.76 34.71 -16.13
CA LEU A 147 12.75 34.98 -17.14
C LEU A 147 13.17 34.60 -18.55
N THR A 148 14.40 34.15 -18.74
CA THR A 148 14.89 33.73 -20.06
C THR A 148 15.60 32.39 -19.94
N HIS A 149 15.00 31.45 -19.23
CA HIS A 149 15.63 30.15 -19.03
C HIS A 149 15.71 29.36 -20.32
N SER A 150 14.59 29.24 -21.04
CA SER A 150 14.55 28.51 -22.30
C SER A 150 14.52 29.44 -23.50
N ASN A 151 13.79 30.53 -23.40
CA ASN A 151 13.61 31.47 -24.48
C ASN A 151 13.83 32.88 -23.93
N GLU A 152 14.19 33.81 -24.81
CA GLU A 152 14.27 35.19 -24.37
C GLU A 152 12.86 35.72 -24.18
N ALA A 153 12.15 35.15 -23.21
CA ALA A 153 10.73 35.41 -23.06
C ALA A 153 10.49 36.71 -22.28
N GLY A 154 10.97 36.78 -21.06
CA GLY A 154 10.59 37.89 -20.22
C GLY A 154 9.12 37.77 -19.87
N VAL A 155 8.59 38.86 -19.34
CA VAL A 155 7.19 38.92 -18.97
C VAL A 155 6.57 40.16 -19.57
N THR A 156 5.29 40.07 -19.89
CA THR A 156 4.47 41.21 -20.25
C THR A 156 3.32 41.32 -19.26
N CYS A 157 2.41 42.26 -19.54
CA CYS A 157 1.21 42.36 -18.74
C CYS A 157 0.39 41.07 -18.85
N TYR A 158 0.36 40.48 -20.04
CA TYR A 158 -0.43 39.28 -20.30
C TYR A 158 0.11 38.05 -19.59
N THR A 159 1.40 38.05 -19.20
CA THR A 159 1.98 36.87 -18.57
C THR A 159 1.22 36.48 -17.31
N CYS A 160 0.83 37.47 -16.51
CA CYS A 160 0.03 37.23 -15.33
C CYS A 160 -1.46 37.46 -15.57
N HIS A 161 -1.82 38.58 -16.18
CA HIS A 161 -3.21 38.98 -16.30
C HIS A 161 -3.98 38.08 -17.26
N ARG A 162 -3.35 37.69 -18.37
CA ARG A 162 -3.98 36.85 -19.38
C ARG A 162 -5.25 37.50 -19.92
N GLY A 163 -5.16 38.79 -20.21
CA GLY A 163 -6.27 39.53 -20.78
C GLY A 163 -7.29 40.03 -19.78
N GLU A 164 -7.05 39.86 -18.49
CA GLU A 164 -8.06 40.18 -17.48
C GLU A 164 -7.50 41.16 -16.46
N PRO A 165 -8.35 41.99 -15.87
CA PRO A 165 -7.86 42.92 -14.83
C PRO A 165 -7.19 42.23 -13.67
N ILE A 166 -7.73 41.10 -13.22
CA ILE A 166 -7.16 40.31 -12.15
C ILE A 166 -6.48 39.10 -12.77
N PRO A 167 -5.18 38.92 -12.59
CA PRO A 167 -4.55 37.69 -13.01
C PRO A 167 -5.28 36.49 -12.45
N PRO A 168 -5.67 35.53 -13.29
CA PRO A 168 -6.48 34.41 -12.79
C PRO A 168 -5.80 33.63 -11.70
N ALA A 169 -4.47 33.55 -11.73
CA ALA A 169 -3.71 32.82 -10.74
C ALA A 169 -3.05 33.72 -9.70
N SER A 170 -3.48 34.97 -9.61
CA SER A 170 -3.11 35.81 -8.49
C SER A 170 -3.67 35.20 -7.20
N TRP A 171 -2.91 35.34 -6.12
CA TRP A 171 -3.31 34.76 -4.85
C TRP A 171 -3.41 35.84 -3.78
N HIS A 172 -4.31 35.63 -2.84
CA HIS A 172 -4.45 36.44 -1.65
C HIS A 172 -4.08 35.62 -0.42
N SER A 173 -3.75 36.31 0.66
CA SER A 173 -3.56 35.63 1.92
C SER A 173 -4.84 34.90 2.30
N GLU A 174 -4.68 33.68 2.80
CA GLU A 174 -5.83 32.83 3.10
C GLU A 174 -6.69 33.50 4.16
N GLU A 175 -8.01 33.26 4.09
CA GLU A 175 -8.91 33.84 5.06
C GLU A 175 -8.88 32.99 6.34
N GLU A 176 -7.68 32.69 6.80
CA GLU A 176 -7.44 32.17 8.14
C GLU A 176 -6.24 32.83 8.81
N SER A 177 -5.29 33.36 8.04
CA SER A 177 -4.16 34.08 8.61
C SER A 177 -4.57 35.46 9.11
N GLY A 178 -5.62 36.04 8.52
CA GLY A 178 -6.08 37.35 8.91
C GLY A 178 -7.21 37.36 9.91
N GLU A 179 -7.90 36.23 10.07
CA GLU A 179 -9.01 36.17 11.01
C GLU A 179 -8.51 36.19 12.45
N THR A 180 -9.38 36.66 13.34
CA THR A 180 -9.11 36.55 14.76
C THR A 180 -9.20 35.10 15.20
N ARG A 181 -8.17 34.62 15.87
CA ARG A 181 -8.10 33.22 16.26
C ARG A 181 -8.79 33.00 17.58
N PHE A 182 -9.71 32.05 17.60
CA PHE A 182 -10.35 31.58 18.83
C PHE A 182 -9.42 30.55 19.46
N MET A 183 -8.52 31.02 20.32
CA MET A 183 -7.41 30.17 20.76
C MET A 183 -7.87 29.00 21.62
N THR A 184 -8.95 29.17 22.37
CA THR A 184 -9.42 28.12 23.27
C THR A 184 -10.67 27.42 22.70
N GLY A 185 -11.05 27.72 21.48
CA GLY A 185 -12.24 27.16 20.87
C GLY A 185 -11.96 25.87 20.13
N MET A 186 -12.69 25.67 19.04
CA MET A 186 -12.56 24.48 18.20
C MET A 186 -12.38 24.89 16.75
N GLY A 187 -11.93 23.92 15.94
CA GLY A 187 -11.89 24.10 14.51
C GLY A 187 -10.87 25.08 13.95
N ASP A 188 -9.63 24.99 14.41
CA ASP A 188 -8.54 25.78 13.85
C ASP A 188 -7.61 24.82 13.13
N LEU A 189 -7.59 24.91 11.80
CA LEU A 189 -6.80 24.02 10.98
C LEU A 189 -5.34 24.44 10.89
N GLN A 190 -4.98 25.57 11.49
CA GLN A 190 -3.61 26.09 11.47
C GLN A 190 -3.11 26.27 10.04
N LEU A 191 -3.96 26.86 9.21
CA LEU A 191 -3.67 27.16 7.81
C LEU A 191 -3.35 25.89 7.02
N GLN A 192 -3.80 24.75 7.51
CA GLN A 192 -3.61 23.49 6.82
C GLN A 192 -4.96 22.81 6.63
N ASN A 193 -4.94 21.56 6.18
CA ASN A 193 -6.07 20.65 6.31
C ASN A 193 -7.33 21.21 5.65
N LYS A 194 -7.14 21.83 4.49
CA LYS A 194 -8.26 22.36 3.74
C LYS A 194 -7.90 22.34 2.27
N ILE A 195 -8.93 22.26 1.43
CA ILE A 195 -8.73 22.28 -0.01
C ILE A 195 -8.23 23.65 -0.44
N SER A 196 -7.15 23.65 -1.23
CA SER A 196 -6.58 24.90 -1.73
C SER A 196 -5.72 24.57 -2.93
N SER A 197 -5.90 25.31 -4.02
CA SER A 197 -4.96 25.21 -5.12
C SER A 197 -3.58 25.75 -4.74
N LYS A 198 -3.51 26.56 -3.69
CA LYS A 198 -2.24 27.11 -3.23
C LYS A 198 -1.29 26.03 -2.73
N THR A 199 -1.82 24.86 -2.37
CA THR A 199 -0.99 23.73 -1.96
C THR A 199 -1.16 22.55 -2.90
N ALA A 200 -1.63 22.79 -4.12
CA ALA A 200 -1.94 21.73 -5.08
C ALA A 200 -2.95 20.75 -4.51
N TYR A 201 -3.90 21.26 -3.73
CA TYR A 201 -5.00 20.48 -3.16
C TYR A 201 -4.50 19.41 -2.19
N THR A 202 -3.38 19.68 -1.52
CA THR A 202 -2.93 18.89 -0.39
C THR A 202 -3.45 19.51 0.90
N ALA A 203 -3.26 18.79 2.01
CA ALA A 203 -3.58 19.31 3.32
C ALA A 203 -2.41 20.07 3.93
N PHE A 204 -1.41 20.41 3.12
CA PHE A 204 -0.24 21.11 3.59
C PHE A 204 -0.58 22.58 3.87
N PRO A 205 0.27 23.28 4.65
CA PRO A 205 -0.02 24.67 5.03
C PRO A 205 -0.36 25.57 3.86
N ARG A 206 -1.51 26.25 3.93
CA ARG A 206 -1.98 27.10 2.87
C ARG A 206 -1.33 28.47 2.86
N ASP A 207 -0.70 28.88 3.95
CA ASP A 207 0.00 30.16 4.02
C ASP A 207 1.46 30.04 3.60
N ALA A 208 1.82 28.98 2.88
CA ALA A 208 3.19 28.83 2.41
C ALA A 208 3.55 29.91 1.40
N LEU A 209 2.57 30.36 0.61
CA LEU A 209 2.84 31.45 -0.33
C LEU A 209 3.21 32.73 0.41
N ASP A 210 2.52 33.03 1.52
CA ASP A 210 2.93 34.15 2.35
C ASP A 210 4.30 33.91 2.96
N THR A 211 4.56 32.68 3.42
CA THR A 211 5.81 32.38 4.11
C THR A 211 7.01 32.56 3.20
N PHE A 212 6.92 32.14 1.95
CA PHE A 212 8.08 32.07 1.07
C PHE A 212 8.04 33.06 -0.07
N LEU A 213 6.90 33.24 -0.73
CA LEU A 213 6.82 34.18 -1.84
C LEU A 213 6.50 35.59 -1.39
N VAL A 214 6.29 35.81 -0.10
CA VAL A 214 6.21 37.16 0.44
C VAL A 214 7.25 37.28 1.55
N GLY A 215 7.12 36.45 2.57
CA GLY A 215 8.09 36.45 3.64
C GLY A 215 9.43 35.91 3.21
N HIS A 216 10.47 36.31 3.94
CA HIS A 216 11.82 35.90 3.67
C HIS A 216 12.44 35.04 4.76
N GLU A 217 11.84 35.00 5.95
CA GLU A 217 12.37 34.17 7.03
C GLU A 217 12.12 32.69 6.82
N GLY A 218 11.24 32.31 5.89
CA GLY A 218 10.93 30.91 5.70
C GLY A 218 12.12 30.14 5.14
N GLU A 219 12.30 28.92 5.63
CA GLU A 219 13.39 28.06 5.21
C GLU A 219 12.85 26.99 4.29
N LEU A 220 13.31 26.98 3.05
CA LEU A 220 12.92 25.95 2.10
C LEU A 220 13.82 24.73 2.14
N SER A 221 15.08 24.91 2.56
CA SER A 221 16.00 23.78 2.74
C SER A 221 15.66 23.06 4.04
N ILE A 222 14.57 22.29 3.98
CA ILE A 222 14.06 21.60 5.15
C ILE A 222 14.68 20.22 5.36
N VAL A 223 15.23 19.61 4.32
CA VAL A 223 15.77 18.27 4.46
C VAL A 223 16.93 18.30 5.43
N GLY A 224 16.93 17.37 6.38
CA GLY A 224 18.02 17.31 7.33
C GLY A 224 19.34 17.07 6.63
N GLU A 225 20.41 17.58 7.24
CA GLU A 225 21.76 17.25 6.81
C GLU A 225 22.55 16.58 7.94
N GLY A 226 22.63 17.21 9.11
CA GLY A 226 23.42 16.68 10.18
C GLY A 226 24.88 16.58 9.77
N GLU A 227 25.56 15.64 10.43
CA GLU A 227 26.93 15.28 10.08
C GLU A 227 26.97 13.76 9.98
N GLY A 228 27.33 13.25 8.81
CA GLY A 228 27.15 11.83 8.55
C GLY A 228 25.71 11.40 8.52
N GLY A 229 24.78 12.32 8.25
CA GLY A 229 23.37 12.03 8.35
C GLY A 229 22.86 11.88 9.75
N LEU A 230 23.55 12.45 10.73
CA LEU A 230 23.24 12.23 12.13
C LEU A 230 22.97 13.55 12.83
N ARG A 231 22.05 13.53 13.79
CA ARG A 231 21.73 14.71 14.58
C ARG A 231 22.87 14.92 15.58
N THR A 232 23.97 15.46 15.05
CA THR A 232 25.13 15.81 15.84
C THR A 232 24.77 16.90 16.86
N ALA A 233 25.60 17.03 17.89
CA ALA A 233 25.36 18.03 18.92
C ALA A 233 25.25 19.43 18.33
N THR A 234 25.94 19.69 17.24
CA THR A 234 25.86 20.98 16.55
C THR A 234 24.75 21.03 15.52
N THR A 235 24.07 19.92 15.26
CA THR A 235 23.06 19.87 14.20
C THR A 235 21.79 20.55 14.67
N GLU A 236 21.38 21.59 13.95
CA GLU A 236 20.08 22.21 14.13
C GLU A 236 19.38 22.22 12.79
N GLY A 237 18.18 21.63 12.75
CA GLY A 237 17.36 21.62 11.57
C GLY A 237 16.11 22.47 11.73
N VAL A 238 15.20 22.29 10.80
CA VAL A 238 13.93 22.95 10.84
C VAL A 238 12.95 22.05 11.59
N SER A 239 11.87 22.64 12.06
CA SER A 239 10.81 21.87 12.67
C SER A 239 10.04 21.10 11.60
N LEU A 240 9.25 20.12 12.04
CA LEU A 240 8.41 19.40 11.11
C LEU A 240 7.38 20.32 10.47
N ARG A 241 6.92 21.34 11.20
CA ARG A 241 5.99 22.31 10.62
C ARG A 241 6.64 23.11 9.51
N GLU A 242 7.91 23.47 9.68
CA GLU A 242 8.62 24.15 8.60
C GLU A 242 8.75 23.23 7.38
N ALA A 243 8.93 21.94 7.62
CA ALA A 243 8.91 20.96 6.53
C ALA A 243 7.55 20.93 5.85
N TYR A 244 6.48 20.97 6.63
CA TYR A 244 5.13 21.04 6.09
C TYR A 244 4.98 22.25 5.18
N GLU A 245 5.39 23.43 5.67
CA GLU A 245 5.23 24.65 4.90
C GLU A 245 6.05 24.60 3.61
N ALA A 246 7.29 24.11 3.69
CA ALA A 246 8.12 24.05 2.50
C ALA A 246 7.56 23.05 1.49
N VAL A 247 7.08 21.90 1.96
CA VAL A 247 6.49 20.94 1.05
C VAL A 247 5.19 21.47 0.46
N GLY A 248 4.45 22.28 1.21
CA GLY A 248 3.29 22.94 0.63
C GLY A 248 3.66 23.92 -0.46
N LEU A 249 4.71 24.72 -0.23
CA LEU A 249 5.18 25.61 -1.28
C LEU A 249 5.64 24.81 -2.50
N MET A 250 6.29 23.69 -2.27
CA MET A 250 6.75 22.84 -3.37
C MET A 250 5.58 22.22 -4.12
N MET A 251 4.52 21.88 -3.40
CA MET A 251 3.28 21.47 -4.04
C MET A 251 2.74 22.58 -4.93
N HIS A 252 2.80 23.81 -4.43
CA HIS A 252 2.39 24.95 -5.25
C HIS A 252 3.25 25.09 -6.50
N LEU A 253 4.56 24.89 -6.35
CA LEU A 253 5.48 24.97 -7.47
C LEU A 253 5.12 23.93 -8.53
N SER A 254 4.92 22.69 -8.10
CA SER A 254 4.56 21.61 -9.01
C SER A 254 3.22 21.88 -9.67
N TYR A 255 2.25 22.37 -8.90
CA TYR A 255 0.94 22.73 -9.46
C TYR A 255 1.08 23.81 -10.51
N SER A 256 1.87 24.83 -10.22
CA SER A 256 2.03 25.96 -11.12
C SER A 256 2.69 25.54 -12.43
N LEU A 257 3.71 24.70 -12.36
CA LEU A 257 4.39 24.31 -13.58
C LEU A 257 3.80 23.06 -14.23
N ASP A 258 2.71 22.54 -13.68
CA ASP A 258 2.00 21.38 -14.24
C ASP A 258 2.93 20.18 -14.38
N ALA A 259 3.91 20.09 -13.49
CA ALA A 259 4.86 18.99 -13.46
C ALA A 259 4.94 18.45 -12.04
N GLY A 260 5.52 17.27 -11.90
CA GLY A 260 5.72 16.68 -10.60
C GLY A 260 6.97 17.21 -9.94
N CYS A 261 7.31 16.59 -8.82
CA CYS A 261 8.52 16.96 -8.10
C CYS A 261 9.77 16.64 -8.90
N THR A 262 9.70 15.64 -9.78
CA THR A 262 10.81 15.19 -10.60
C THR A 262 11.27 16.23 -11.60
N LEU A 263 10.48 17.28 -11.84
CA LEU A 263 10.89 18.33 -12.75
C LEU A 263 12.15 19.02 -12.27
N CYS A 264 12.29 19.08 -10.96
CA CYS A 264 13.39 19.81 -10.43
C CYS A 264 14.15 19.05 -9.38
N HIS A 265 13.93 17.75 -9.27
CA HIS A 265 14.51 16.96 -8.22
C HIS A 265 14.60 15.51 -8.43
N ASN A 266 15.54 14.86 -7.77
CA ASN A 266 15.58 13.45 -7.66
C ASN A 266 15.05 13.49 -6.26
N VAL A 267 13.79 13.17 -6.06
CA VAL A 267 13.11 13.28 -4.79
C VAL A 267 13.71 12.50 -3.70
N SER A 268 14.65 11.68 -4.06
CA SER A 268 15.30 10.82 -3.17
C SER A 268 16.33 11.60 -2.47
N ARG A 269 16.65 12.75 -3.01
CA ARG A 269 17.70 13.57 -2.50
C ARG A 269 17.42 15.00 -2.78
N TRP A 270 16.31 15.52 -2.29
CA TRP A 270 15.97 16.93 -2.40
C TRP A 270 17.05 17.95 -2.13
N ALA A 271 17.83 17.79 -1.07
CA ALA A 271 18.91 18.71 -0.75
C ALA A 271 20.03 18.69 -1.77
N SER A 272 20.14 17.62 -2.57
CA SER A 272 21.23 17.48 -3.53
C SER A 272 20.91 18.30 -4.77
N TRP A 273 21.58 19.43 -4.92
CA TRP A 273 21.42 20.24 -6.13
C TRP A 273 22.09 19.60 -7.33
N GLU A 274 23.22 18.91 -7.10
CA GLU A 274 23.92 18.25 -8.19
C GLU A 274 23.08 17.16 -8.84
N ASP A 275 22.14 16.58 -8.09
CA ASP A 275 21.25 15.55 -8.59
C ASP A 275 19.93 16.11 -9.10
N SER A 276 19.76 17.42 -9.09
CA SER A 276 18.52 18.06 -9.50
C SER A 276 18.64 18.61 -10.92
N PRO A 277 17.56 18.54 -11.69
CA PRO A 277 17.57 19.16 -13.02
C PRO A 277 17.70 20.67 -12.93
N LYS A 278 18.22 21.25 -14.02
CA LYS A 278 18.54 22.67 -14.06
C LYS A 278 17.34 23.53 -13.68
N GLU A 279 16.13 23.05 -13.95
CA GLU A 279 14.93 23.83 -13.68
C GLU A 279 14.77 24.16 -12.21
N ARG A 280 15.44 23.41 -11.32
CA ARG A 280 15.45 23.79 -9.91
C ARG A 280 16.11 25.15 -9.72
N GLU A 281 17.28 25.35 -10.32
CA GLU A 281 18.02 26.59 -10.13
C GLU A 281 17.16 27.79 -10.51
N THR A 282 16.61 27.78 -11.72
CA THR A 282 15.74 28.88 -12.13
C THR A 282 14.52 28.98 -11.22
N ALA A 283 13.97 27.83 -10.81
CA ALA A 283 12.88 27.84 -9.85
C ALA A 283 13.27 28.59 -8.60
N TRP A 284 14.49 28.37 -8.13
CA TRP A 284 15.00 29.09 -6.97
C TRP A 284 14.84 30.59 -7.18
N HIS A 285 15.33 31.08 -8.31
CA HIS A 285 15.22 32.50 -8.61
C HIS A 285 13.76 32.92 -8.68
N GLY A 286 12.91 32.07 -9.28
CA GLY A 286 11.50 32.38 -9.32
C GLY A 286 10.95 32.62 -7.93
N ILE A 287 11.31 31.75 -6.97
CA ILE A 287 10.91 31.96 -5.60
C ILE A 287 11.28 33.38 -5.17
N ARG A 288 12.58 33.69 -5.26
CA ARG A 288 13.03 35.01 -4.85
C ARG A 288 12.34 36.08 -5.68
N MET A 289 12.18 35.83 -6.98
CA MET A 289 11.54 36.82 -7.83
C MET A 289 10.13 37.08 -7.36
N ALA A 290 9.39 36.01 -7.04
CA ALA A 290 8.05 36.20 -6.50
C ALA A 290 8.12 37.06 -5.25
N ARG A 291 9.04 36.73 -4.34
CA ARG A 291 9.23 37.56 -3.16
C ARG A 291 9.46 39.00 -3.56
N ASP A 292 10.40 39.22 -4.48
CA ASP A 292 10.65 40.57 -4.98
C ASP A 292 9.34 41.19 -5.44
N ILE A 293 8.63 40.49 -6.33
CA ILE A 293 7.40 41.04 -6.90
C ILE A 293 6.41 41.35 -5.79
N ASN A 294 6.34 40.47 -4.79
CA ASN A 294 5.36 40.69 -3.74
C ASN A 294 5.80 41.77 -2.76
N VAL A 295 7.09 41.90 -2.51
CA VAL A 295 7.53 42.76 -1.41
C VAL A 295 7.74 44.18 -1.89
N ASN A 296 8.33 44.35 -3.08
CA ASN A 296 8.68 45.65 -3.58
C ASN A 296 7.66 46.21 -4.58
N TRP A 297 6.74 45.40 -5.07
CA TRP A 297 5.84 45.86 -6.11
C TRP A 297 4.37 45.62 -5.84
N ILE A 298 4.00 44.47 -5.27
CA ILE A 298 2.59 44.14 -5.10
C ILE A 298 2.06 44.68 -3.78
N ASN A 299 2.72 44.36 -2.68
CA ASN A 299 2.24 44.80 -1.37
C ASN A 299 2.21 46.32 -1.25
N PRO A 300 3.25 47.08 -1.64
CA PRO A 300 3.16 48.55 -1.54
C PRO A 300 2.03 49.15 -2.36
N LEU A 301 1.34 48.38 -3.18
CA LEU A 301 0.17 48.87 -3.90
C LEU A 301 -1.04 49.05 -3.00
N ILE A 302 -1.03 48.49 -1.78
CA ILE A 302 -2.20 48.55 -0.92
C ILE A 302 -2.59 49.99 -0.62
N ASP A 303 -1.60 50.90 -0.63
CA ASP A 303 -1.91 52.31 -0.44
C ASP A 303 -2.73 52.86 -1.60
N GLU A 304 -2.47 52.38 -2.81
CA GLU A 304 -3.16 52.92 -3.98
C GLU A 304 -4.60 52.44 -4.03
N TYR A 305 -4.87 51.25 -3.50
CA TYR A 305 -6.21 50.68 -3.57
C TYR A 305 -7.16 51.41 -2.62
N PRO A 306 -8.45 51.44 -2.95
CA PRO A 306 -9.44 51.94 -1.99
C PRO A 306 -9.51 51.04 -0.77
N GLU A 307 -9.92 51.63 0.35
CA GLU A 307 -9.88 50.91 1.62
C GLU A 307 -10.83 49.73 1.65
N ASP A 308 -11.98 49.83 0.99
CA ASP A 308 -12.99 48.79 0.98
C ASP A 308 -13.18 48.23 -0.43
N ALA A 309 -12.11 48.15 -1.20
CA ALA A 309 -12.20 47.66 -2.57
C ALA A 309 -12.57 46.18 -2.59
N ASP A 310 -13.50 45.83 -3.49
CA ASP A 310 -13.91 44.44 -3.62
C ASP A 310 -12.81 43.58 -4.23
N VAL A 311 -11.84 44.19 -4.93
CA VAL A 311 -10.73 43.44 -5.48
C VAL A 311 -9.82 42.90 -4.39
N LEU A 312 -9.72 43.61 -3.27
CA LEU A 312 -8.84 43.18 -2.19
C LEU A 312 -9.29 41.86 -1.61
N GLY A 313 -8.33 41.11 -1.06
CA GLY A 313 -8.61 39.81 -0.53
C GLY A 313 -9.36 39.89 0.79
N PRO A 314 -9.72 38.72 1.31
CA PRO A 314 -10.46 38.68 2.58
C PRO A 314 -9.73 39.36 3.72
N THR A 315 -8.40 39.26 3.75
CA THR A 315 -7.60 39.96 4.75
C THR A 315 -7.32 41.40 4.37
N GLY A 316 -8.02 41.93 3.37
CA GLY A 316 -7.76 43.28 2.90
C GLY A 316 -6.40 43.43 2.25
N ASP A 317 -5.97 42.43 1.48
CA ASP A 317 -4.67 42.42 0.85
C ASP A 317 -4.82 42.44 -0.66
N VAL A 318 -3.84 43.05 -1.33
CA VAL A 318 -3.78 43.00 -2.78
C VAL A 318 -3.36 41.60 -3.20
N GLY A 319 -3.91 41.12 -4.31
CA GLY A 319 -3.52 39.83 -4.84
C GLY A 319 -2.04 39.77 -5.15
N LYS A 320 -1.34 38.81 -4.57
CA LYS A 320 0.10 38.67 -4.79
C LYS A 320 0.39 37.79 -5.99
N VAL A 321 1.67 37.77 -6.35
CA VAL A 321 2.15 36.98 -7.47
C VAL A 321 2.79 35.71 -6.91
N SER A 322 2.38 34.58 -7.42
CA SER A 322 2.97 33.30 -7.05
C SER A 322 3.61 32.68 -8.28
N CYS A 323 4.05 31.43 -8.15
CA CYS A 323 4.52 30.72 -9.32
C CYS A 323 3.41 30.59 -10.35
N GLN A 324 2.21 30.29 -9.89
CA GLN A 324 1.09 30.06 -10.80
C GLN A 324 0.67 31.33 -11.52
N THR A 325 0.97 32.50 -10.97
CA THR A 325 0.52 33.75 -11.58
C THR A 325 1.07 33.88 -12.99
N CYS A 326 2.33 33.52 -13.21
CA CYS A 326 2.88 33.45 -14.55
C CYS A 326 2.81 32.05 -15.13
N HIS A 327 3.06 31.04 -14.32
CA HIS A 327 2.92 29.63 -14.74
C HIS A 327 1.51 29.18 -14.44
N ASN A 328 0.58 29.59 -15.31
CA ASN A 328 -0.82 29.21 -15.17
C ASN A 328 -0.97 27.75 -15.59
N LYS A 329 -0.51 26.87 -14.69
CA LYS A 329 -0.39 25.43 -14.96
C LYS A 329 0.39 25.17 -16.24
N GLU A 330 1.50 25.89 -16.41
CA GLU A 330 2.33 25.74 -17.59
C GLU A 330 3.80 25.79 -17.20
N ARG A 331 4.61 24.97 -17.86
CA ARG A 331 6.03 24.91 -17.53
C ARG A 331 6.72 26.24 -17.78
N ARG A 332 6.39 26.90 -18.88
CA ARG A 332 6.92 28.20 -19.19
C ARG A 332 5.80 29.12 -19.63
N PRO A 333 5.69 30.32 -19.06
CA PRO A 333 4.52 31.16 -19.31
C PRO A 333 4.35 31.49 -20.79
N LEU A 334 3.10 31.42 -21.25
CA LEU A 334 2.74 31.77 -22.62
C LEU A 334 3.57 30.99 -23.63
N TYR A 335 3.79 29.72 -23.33
CA TYR A 335 4.57 28.80 -24.17
C TYR A 335 5.96 29.34 -24.45
N GLY A 336 6.52 30.07 -23.49
CA GLY A 336 7.83 30.66 -23.68
C GLY A 336 7.91 31.63 -24.83
N GLU A 337 6.83 32.34 -25.12
CA GLU A 337 6.86 33.34 -26.18
C GLU A 337 7.83 34.46 -25.80
N GLU A 338 8.61 34.90 -26.77
CA GLU A 338 9.64 35.89 -26.52
C GLU A 338 9.04 37.28 -26.53
N PHE A 339 9.28 38.03 -25.46
CA PHE A 339 8.76 39.39 -25.33
C PHE A 339 9.83 40.43 -25.09
N LEU A 340 11.05 40.03 -24.74
CA LEU A 340 12.09 41.01 -24.44
C LEU A 340 12.40 41.86 -25.67
N GLU A 341 12.68 41.22 -26.80
CA GLU A 341 12.87 41.96 -28.04
C GLU A 341 11.55 42.45 -28.60
N LEU A 342 10.47 41.72 -28.33
CA LEU A 342 9.18 42.04 -28.92
C LEU A 342 8.55 43.27 -28.27
N TYR A 343 8.80 43.47 -26.97
CA TYR A 343 8.31 44.64 -26.24
C TYR A 343 9.46 45.28 -25.48
N PRO A 344 10.36 45.98 -26.18
CA PRO A 344 11.44 46.68 -25.48
C PRO A 344 10.95 47.72 -24.50
N GLU A 345 9.77 48.29 -24.75
CA GLU A 345 9.22 49.31 -23.85
C GLU A 345 8.76 48.73 -22.52
N LEU A 346 8.58 47.41 -22.44
CA LEU A 346 8.35 46.75 -21.16
C LEU A 346 9.62 46.21 -20.54
N VAL A 347 10.78 46.50 -21.13
CA VAL A 347 12.07 46.13 -20.56
C VAL A 347 12.75 47.40 -20.10
N GLY A 348 13.03 47.48 -18.81
CA GLY A 348 13.69 48.63 -18.23
C GLY A 348 15.20 48.50 -18.24
N GLU A 349 15.84 49.39 -17.49
CA GLU A 349 17.28 49.36 -17.32
C GLU A 349 17.64 48.48 -16.11
N PRO A 350 18.70 47.68 -16.22
CA PRO A 350 19.06 46.81 -15.11
C PRO A 350 19.36 47.60 -13.84
N ASP A 351 18.90 47.07 -12.72
CA ASP A 351 19.12 47.71 -11.43
C ASP A 351 20.59 47.62 -11.08
N PRO A 352 21.28 48.75 -10.84
CA PRO A 352 22.72 48.69 -10.59
C PRO A 352 23.09 47.84 -9.38
N ASP A 353 22.25 47.81 -8.35
CA ASP A 353 22.51 47.03 -7.16
C ASP A 353 21.61 45.81 -7.06
N PHE A 354 21.20 45.25 -8.20
CA PHE A 354 20.41 44.03 -8.19
C PHE A 354 21.27 42.85 -7.79
N ASP A 355 20.73 42.02 -6.90
CA ASP A 355 21.41 40.83 -6.41
C ASP A 355 20.33 39.86 -5.97
N TYR A 356 20.26 38.70 -6.64
CA TYR A 356 19.21 37.75 -6.31
C TYR A 356 19.39 37.14 -4.92
N LEU A 357 20.55 37.32 -4.29
CA LEU A 357 20.79 36.83 -2.95
C LEU A 357 20.34 37.81 -1.87
N GLN A 358 19.89 39.01 -2.26
CA GLN A 358 19.43 40.02 -1.32
C GLN A 358 17.91 40.04 -1.20
N PHE A 359 17.27 38.89 -1.35
CA PHE A 359 15.83 38.75 -1.18
C PHE A 359 15.50 37.76 -0.07
N GLY A 360 16.28 37.77 1.00
CA GLY A 360 16.06 36.90 2.13
C GLY A 360 17.00 35.73 2.27
N ASP A 361 18.08 35.69 1.48
CA ASP A 361 19.01 34.56 1.50
C ASP A 361 20.38 34.95 2.04
N LEU A 362 21.05 35.90 1.38
CA LEU A 362 22.26 36.50 1.91
C LEU A 362 21.96 37.76 2.69
N GLY A 363 20.76 38.30 2.55
CA GLY A 363 20.35 39.50 3.24
C GLY A 363 18.98 39.91 2.74
N THR A 364 18.52 41.04 3.25
CA THR A 364 17.21 41.58 2.89
C THR A 364 17.38 43.00 2.35
N ASP A 365 18.50 43.25 1.68
CA ASP A 365 18.80 44.60 1.22
C ASP A 365 17.85 45.03 0.12
N LEU A 366 17.48 44.12 -0.78
CA LEU A 366 16.66 44.45 -1.93
C LEU A 366 15.17 44.27 -1.68
N LEU A 367 14.77 43.80 -0.50
CA LEU A 367 13.38 43.74 -0.12
C LEU A 367 13.05 45.03 0.65
N LYS A 368 12.52 46.01 -0.06
CA LYS A 368 12.29 47.32 0.55
C LYS A 368 11.17 47.25 1.58
N GLY A 369 11.40 47.89 2.72
CA GLY A 369 10.46 47.89 3.81
C GLY A 369 10.62 46.76 4.81
N VAL A 370 11.49 45.79 4.52
CA VAL A 370 11.70 44.67 5.43
C VAL A 370 13.17 44.27 5.42
N ALA B 2 17.82 -35.39 5.74
CA ALA B 2 17.65 -34.41 4.67
C ALA B 2 16.23 -34.47 4.12
N MET B 3 15.42 -35.33 4.72
CA MET B 3 14.04 -35.55 4.29
C MET B 3 13.17 -35.65 5.54
N LEU B 4 12.00 -35.02 5.48
CA LEU B 4 11.14 -34.95 6.66
C LEU B 4 10.70 -36.35 7.10
N ASP B 5 10.31 -36.46 8.37
CA ASP B 5 9.91 -37.75 8.93
C ASP B 5 8.79 -38.38 8.12
N PHE B 6 7.92 -37.56 7.54
CA PHE B 6 6.77 -38.02 6.77
C PHE B 6 6.90 -37.73 5.28
N GLU B 7 8.05 -37.18 4.86
CA GLU B 7 8.18 -36.69 3.49
C GLU B 7 8.16 -37.82 2.47
N ARG B 8 8.88 -38.91 2.74
CA ARG B 8 9.00 -39.98 1.76
C ARG B 8 7.66 -40.57 1.39
N LYS B 9 6.73 -40.55 2.35
CA LYS B 9 5.38 -41.06 2.14
C LYS B 9 4.66 -40.34 1.00
N TYR B 10 5.07 -39.12 0.66
CA TYR B 10 4.43 -38.35 -0.40
C TYR B 10 5.29 -38.17 -1.64
N ARG B 11 6.57 -38.55 -1.59
CA ARG B 11 7.51 -38.27 -2.67
C ARG B 11 7.29 -39.28 -3.79
N VAL B 12 6.25 -39.03 -4.59
CA VAL B 12 5.85 -39.94 -5.65
C VAL B 12 6.08 -39.26 -6.99
N ARG B 13 6.09 -40.09 -8.03
CA ARG B 13 6.22 -39.57 -9.38
C ARG B 13 4.87 -39.09 -9.90
N GLY B 14 4.91 -38.24 -10.92
CA GLY B 14 3.71 -37.65 -11.45
C GLY B 14 3.43 -36.28 -10.90
N GLY B 15 2.37 -35.69 -11.40
CA GLY B 15 2.01 -34.33 -11.04
C GLY B 15 2.71 -33.26 -11.84
N THR B 16 3.60 -33.63 -12.75
CA THR B 16 4.30 -32.65 -13.56
C THR B 16 3.37 -32.05 -14.60
N LEU B 17 3.46 -30.73 -14.78
CA LEU B 17 2.82 -30.10 -15.92
C LEU B 17 3.63 -30.33 -17.18
N LEU B 18 4.95 -30.27 -17.05
CA LEU B 18 5.87 -30.34 -18.17
C LEU B 18 7.19 -30.80 -17.61
N GLY B 19 7.69 -31.94 -18.09
CA GLY B 19 8.93 -32.47 -17.56
C GLY B 19 8.96 -33.96 -17.49
N GLY B 20 7.79 -34.60 -17.48
CA GLY B 20 7.74 -36.05 -17.39
C GLY B 20 8.48 -36.54 -16.16
N ASP B 21 9.15 -37.68 -16.32
CA ASP B 21 9.93 -38.26 -15.23
C ASP B 21 11.40 -37.88 -15.29
N LEU B 22 11.84 -37.22 -16.36
CA LEU B 22 13.25 -36.83 -16.48
C LEU B 22 13.63 -35.83 -15.41
N PHE B 23 12.84 -34.78 -15.25
CA PHE B 23 13.08 -33.76 -14.24
C PHE B 23 12.31 -34.00 -12.95
N ASP B 24 11.54 -35.07 -12.89
CA ASP B 24 10.67 -35.36 -11.75
C ASP B 24 11.50 -36.07 -10.69
N PHE B 25 12.19 -35.28 -9.87
CA PHE B 25 12.99 -35.80 -8.79
C PHE B 25 13.19 -34.69 -7.77
N TRP B 26 13.93 -35.00 -6.71
CA TRP B 26 14.27 -34.06 -5.66
C TRP B 26 15.78 -33.97 -5.53
N VAL B 27 16.28 -32.75 -5.34
CA VAL B 27 17.65 -32.53 -4.93
C VAL B 27 17.58 -31.95 -3.53
N GLY B 28 17.97 -32.76 -2.55
CA GLY B 28 17.79 -32.39 -1.17
C GLY B 28 16.32 -32.20 -0.85
N PRO B 29 15.98 -31.04 -0.29
CA PRO B 29 14.58 -30.77 0.03
C PRO B 29 13.78 -30.34 -1.19
N PHE B 30 14.46 -29.71 -2.14
CA PHE B 30 13.78 -29.11 -3.28
C PHE B 30 13.32 -30.17 -4.26
N TYR B 31 12.05 -30.11 -4.64
CA TYR B 31 11.61 -30.75 -5.87
C TYR B 31 12.12 -29.93 -7.04
N VAL B 32 12.46 -30.59 -8.13
CA VAL B 32 13.06 -29.86 -9.23
C VAL B 32 12.04 -29.61 -10.34
N GLY B 33 11.66 -30.66 -11.05
CA GLY B 33 10.85 -30.46 -12.23
C GLY B 33 11.52 -29.65 -13.32
N PHE B 34 10.95 -29.70 -14.52
CA PHE B 34 11.49 -28.90 -15.62
C PHE B 34 11.34 -27.41 -15.31
N PHE B 35 10.26 -27.04 -14.63
CA PHE B 35 10.07 -25.63 -14.28
C PHE B 35 11.02 -25.22 -13.17
N GLY B 36 11.44 -26.14 -12.32
CA GLY B 36 12.53 -25.84 -11.41
C GLY B 36 13.84 -25.63 -12.14
N VAL B 37 14.10 -26.44 -13.17
CA VAL B 37 15.30 -26.24 -13.97
C VAL B 37 15.29 -24.88 -14.63
N THR B 38 14.15 -24.52 -15.25
CA THR B 38 14.06 -23.23 -15.93
C THR B 38 14.06 -22.07 -14.94
N ALA B 39 13.49 -22.26 -13.75
CA ALA B 39 13.53 -21.21 -12.73
C ALA B 39 14.95 -20.97 -12.28
N ILE B 40 15.72 -22.04 -12.05
CA ILE B 40 17.12 -21.87 -11.69
C ILE B 40 17.88 -21.22 -12.83
N PHE B 41 17.60 -21.62 -14.07
CA PHE B 41 18.25 -20.99 -15.21
C PHE B 41 18.00 -19.50 -15.22
N CYS B 42 16.73 -19.09 -15.18
CA CYS B 42 16.39 -17.68 -15.26
C CYS B 42 16.92 -16.91 -14.08
N ALA B 43 16.83 -17.49 -12.87
CA ALA B 43 17.32 -16.83 -11.68
C ALA B 43 18.82 -16.62 -11.73
N VAL B 44 19.58 -17.68 -12.05
CA VAL B 44 21.03 -17.58 -12.05
C VAL B 44 21.51 -16.70 -13.19
N PHE B 45 20.88 -16.81 -14.37
CA PHE B 45 21.27 -15.94 -15.48
C PHE B 45 20.93 -14.49 -15.19
N GLY B 46 19.78 -14.22 -14.56
CA GLY B 46 19.44 -12.85 -14.21
C GLY B 46 20.38 -12.29 -13.16
N PHE B 47 20.77 -13.10 -12.19
CA PHE B 47 21.73 -12.65 -11.19
C PHE B 47 23.11 -12.46 -11.80
N LEU B 48 23.46 -13.26 -12.80
CA LEU B 48 24.71 -13.05 -13.52
C LEU B 48 24.67 -11.79 -14.35
N MET B 49 23.50 -11.42 -14.87
CA MET B 49 23.37 -10.14 -15.56
C MET B 49 23.39 -8.98 -14.59
N ILE B 50 22.85 -9.18 -13.38
CA ILE B 50 22.96 -8.18 -12.32
C ILE B 50 24.43 -8.00 -11.95
N GLY B 51 25.18 -9.09 -11.84
CA GLY B 51 26.61 -9.01 -11.60
C GLY B 51 27.37 -8.39 -12.76
N LEU B 52 26.90 -8.62 -13.99
CA LEU B 52 27.49 -7.96 -15.14
C LEU B 52 27.30 -6.45 -15.08
N LYS B 53 26.10 -6.00 -14.68
CA LYS B 53 25.88 -4.57 -14.50
C LYS B 53 26.73 -4.04 -13.35
N ALA B 54 26.87 -4.82 -12.28
CA ALA B 54 27.76 -4.43 -11.19
C ALA B 54 29.19 -4.28 -11.68
N ALA B 55 29.62 -5.14 -12.58
CA ALA B 55 30.97 -5.08 -13.13
C ALA B 55 31.13 -3.87 -14.04
N ILE B 56 30.21 -3.66 -14.97
CA ILE B 56 30.36 -2.58 -15.93
C ILE B 56 30.12 -1.23 -15.27
N SER B 57 29.23 -1.15 -14.29
CA SER B 57 29.02 0.10 -13.57
C SER B 57 30.00 0.28 -12.43
N GLU B 58 30.85 -0.71 -12.17
CA GLU B 58 31.79 -0.69 -11.05
C GLU B 58 31.05 -0.49 -9.73
N THR B 59 29.86 -1.08 -9.63
CA THR B 59 29.00 -0.92 -8.46
C THR B 59 28.84 -2.28 -7.82
N TRP B 60 29.80 -2.64 -6.97
CA TRP B 60 29.73 -3.89 -6.21
C TRP B 60 29.15 -3.62 -4.82
N SER B 61 27.89 -3.21 -4.84
CA SER B 61 27.12 -2.96 -3.64
C SER B 61 25.70 -3.36 -3.96
N ILE B 62 25.13 -4.29 -3.17
CA ILE B 62 23.76 -4.69 -3.40
C ILE B 62 22.83 -3.48 -3.27
N PHE B 63 23.24 -2.48 -2.50
CA PHE B 63 22.38 -1.32 -2.25
C PHE B 63 22.51 -0.27 -3.35
N GLN B 64 23.73 -0.01 -3.82
CA GLN B 64 23.94 1.02 -4.83
C GLN B 64 23.79 0.50 -6.25
N LEU B 65 23.77 -0.82 -6.45
CA LEU B 65 23.72 -1.37 -7.80
C LEU B 65 22.29 -1.39 -8.31
N VAL B 66 22.13 -0.94 -9.56
CA VAL B 66 20.82 -0.95 -10.20
C VAL B 66 21.00 -1.35 -11.67
N LEU B 67 20.04 -2.12 -12.16
CA LEU B 67 19.86 -2.31 -13.60
C LEU B 67 18.68 -1.44 -13.99
N ALA B 68 18.96 -0.32 -14.54
CA ALA B 68 17.84 0.53 -14.87
C ALA B 68 17.36 0.25 -16.29
N PRO B 69 16.07 0.42 -16.53
CA PRO B 69 15.54 0.27 -17.89
C PRO B 69 16.16 1.32 -18.81
N PRO B 70 15.95 1.20 -20.12
CA PRO B 70 16.49 2.20 -21.04
C PRO B 70 15.92 3.59 -20.76
N ASN B 71 16.44 4.57 -21.49
CA ASN B 71 15.88 5.90 -21.42
C ASN B 71 14.48 5.93 -22.03
N LEU B 72 13.73 6.98 -21.72
CA LEU B 72 12.40 7.12 -22.30
C LEU B 72 12.46 7.27 -23.81
N GLU B 73 13.45 8.01 -24.31
CA GLU B 73 13.61 8.17 -25.75
C GLU B 73 13.88 6.85 -26.46
N ASN B 74 14.37 5.84 -25.72
CA ASN B 74 14.64 4.54 -26.33
C ASN B 74 13.35 3.86 -26.76
N GLY B 75 12.23 4.15 -26.09
CA GLY B 75 10.98 3.52 -26.44
C GLY B 75 10.99 2.05 -26.04
N PHE B 76 10.45 1.22 -26.92
CA PHE B 76 10.44 -0.23 -26.73
C PHE B 76 11.61 -0.92 -27.39
N ALA B 77 12.54 -0.16 -27.96
CA ALA B 77 13.68 -0.75 -28.64
C ALA B 77 14.57 -1.50 -27.67
N LEU B 78 15.26 -2.51 -28.19
CA LEU B 78 16.32 -3.14 -27.43
C LEU B 78 17.39 -2.11 -27.13
N ALA B 79 17.80 -2.05 -25.89
CA ALA B 79 18.80 -1.07 -25.50
C ALA B 79 20.17 -1.71 -25.49
N PRO B 80 21.23 -0.91 -25.58
CA PRO B 80 22.56 -1.43 -25.26
C PRO B 80 22.59 -1.94 -23.83
N LEU B 81 23.38 -2.98 -23.61
CA LEU B 81 23.45 -3.58 -22.28
C LEU B 81 23.91 -2.57 -21.25
N ASP B 82 24.69 -1.57 -21.66
CA ASP B 82 25.11 -0.48 -20.79
C ASP B 82 24.10 0.67 -20.76
N GLU B 83 22.99 0.56 -21.51
CA GLU B 83 21.99 1.62 -21.57
C GLU B 83 20.59 1.08 -21.36
N GLY B 84 20.44 0.04 -20.53
CA GLY B 84 19.15 -0.53 -20.23
C GLY B 84 18.92 -1.90 -20.82
N GLY B 85 19.83 -2.39 -21.66
CA GLY B 85 19.66 -3.72 -22.22
C GLY B 85 19.78 -4.81 -21.16
N LEU B 86 20.66 -4.61 -20.19
CA LEU B 86 20.78 -5.56 -19.10
C LEU B 86 19.49 -5.62 -18.28
N TRP B 87 18.83 -4.48 -18.11
CA TRP B 87 17.54 -4.46 -17.44
C TRP B 87 16.51 -5.25 -18.24
N GLN B 88 16.53 -5.13 -19.57
CA GLN B 88 15.59 -5.88 -20.39
C GLN B 88 15.83 -7.38 -20.29
N ILE B 89 17.11 -7.78 -20.33
CA ILE B 89 17.45 -9.19 -20.17
C ILE B 89 16.97 -9.70 -18.82
N VAL B 90 17.21 -8.92 -17.77
CA VAL B 90 16.82 -9.35 -16.44
C VAL B 90 15.30 -9.30 -16.27
N THR B 91 14.62 -8.46 -17.01
CA THR B 91 13.16 -8.46 -16.98
C THR B 91 12.61 -9.74 -17.59
N ALA B 92 13.16 -10.15 -18.73
CA ALA B 92 12.80 -11.45 -19.29
C ALA B 92 13.15 -12.57 -18.32
N CYS B 93 14.32 -12.49 -17.71
CA CYS B 93 14.75 -13.52 -16.76
C CYS B 93 13.82 -13.58 -15.55
N ALA B 94 13.41 -12.42 -15.03
CA ALA B 94 12.56 -12.39 -13.85
C ALA B 94 11.16 -12.89 -14.17
N ILE B 95 10.61 -12.50 -15.32
CA ILE B 95 9.31 -13.03 -15.72
C ILE B 95 9.40 -14.54 -15.87
N GLY B 96 10.45 -15.02 -16.55
CA GLY B 96 10.61 -16.45 -16.73
C GLY B 96 10.80 -17.19 -15.42
N ALA B 97 11.60 -16.64 -14.51
CA ALA B 97 11.86 -17.29 -13.23
C ALA B 97 10.60 -17.30 -12.37
N PHE B 98 9.85 -16.22 -12.35
CA PHE B 98 8.62 -16.19 -11.56
C PHE B 98 7.58 -17.16 -12.13
N VAL B 99 7.44 -17.18 -13.46
CA VAL B 99 6.48 -18.10 -14.07
C VAL B 99 6.92 -19.54 -13.85
N SER B 100 8.21 -19.83 -13.99
CA SER B 100 8.72 -21.17 -13.76
C SER B 100 8.56 -21.59 -12.31
N TRP B 101 8.78 -20.66 -11.37
CA TRP B 101 8.58 -20.95 -9.96
C TRP B 101 7.11 -21.27 -9.67
N ALA B 102 6.21 -20.47 -10.22
CA ALA B 102 4.78 -20.73 -10.02
C ALA B 102 4.38 -22.06 -10.64
N LEU B 103 4.94 -22.39 -11.81
CA LEU B 103 4.59 -23.66 -12.46
C LEU B 103 5.19 -24.85 -11.73
N ARG B 104 6.38 -24.69 -11.15
CA ARG B 104 6.93 -25.72 -10.28
C ARG B 104 6.05 -25.91 -9.06
N GLU B 105 5.47 -24.82 -8.54
CA GLU B 105 4.55 -24.94 -7.42
C GLU B 105 3.24 -25.61 -7.85
N VAL B 106 2.81 -25.37 -9.09
CA VAL B 106 1.67 -26.14 -9.63
C VAL B 106 2.02 -27.62 -9.65
N GLU B 107 3.22 -27.96 -10.09
CA GLU B 107 3.66 -29.36 -10.12
C GLU B 107 3.66 -29.96 -8.72
N ILE B 108 4.19 -29.21 -7.75
CA ILE B 108 4.24 -29.69 -6.37
C ILE B 108 2.83 -29.86 -5.80
N SER B 109 1.92 -28.93 -6.13
CA SER B 109 0.54 -29.03 -5.68
C SER B 109 -0.15 -30.25 -6.29
N ARG B 110 0.12 -30.52 -7.57
CA ARG B 110 -0.43 -31.73 -8.19
C ARG B 110 0.10 -32.98 -7.52
N LYS B 111 1.40 -32.98 -7.21
CA LYS B 111 2.01 -34.15 -6.59
C LYS B 111 1.49 -34.38 -5.19
N LEU B 112 1.13 -33.31 -4.49
CA LEU B 112 0.60 -33.43 -3.14
C LEU B 112 -0.92 -33.50 -3.09
N GLY B 113 -1.60 -33.35 -4.22
CA GLY B 113 -3.04 -33.42 -4.23
C GLY B 113 -3.73 -32.22 -3.63
N ILE B 114 -3.00 -31.15 -3.40
CA ILE B 114 -3.59 -29.93 -2.85
C ILE B 114 -4.02 -29.02 -3.99
N GLY B 115 -4.84 -28.04 -3.67
CA GLY B 115 -5.27 -27.07 -4.65
C GLY B 115 -4.12 -26.19 -5.10
N TYR B 116 -4.35 -25.51 -6.23
CA TYR B 116 -3.34 -24.66 -6.83
C TYR B 116 -3.40 -23.24 -6.30
N HIS B 117 -3.91 -23.05 -5.09
CA HIS B 117 -4.08 -21.72 -4.53
C HIS B 117 -2.75 -21.01 -4.36
N ILE B 118 -1.72 -21.73 -3.91
CA ILE B 118 -0.42 -21.10 -3.71
C ILE B 118 0.20 -20.59 -5.02
N PRO B 119 0.34 -21.42 -6.06
CA PRO B 119 0.84 -20.86 -7.32
C PRO B 119 -0.09 -19.81 -7.90
N PHE B 120 -1.39 -19.85 -7.60
CA PHE B 120 -2.28 -18.80 -8.06
C PHE B 120 -1.98 -17.47 -7.38
N ALA B 121 -1.78 -17.48 -6.06
CA ALA B 121 -1.44 -16.26 -5.34
C ALA B 121 -0.08 -15.72 -5.78
N PHE B 122 0.89 -16.63 -5.94
CA PHE B 122 2.17 -16.22 -6.48
C PHE B 122 2.00 -15.64 -7.88
N GLY B 123 1.09 -16.21 -8.67
CA GLY B 123 0.84 -15.69 -10.00
C GLY B 123 0.17 -14.33 -9.99
N VAL B 124 -0.59 -14.04 -8.94
CA VAL B 124 -1.11 -12.69 -8.75
C VAL B 124 0.05 -11.71 -8.52
N ALA B 125 1.01 -12.10 -7.68
CA ALA B 125 2.19 -11.25 -7.50
C ALA B 125 2.99 -11.12 -8.81
N ILE B 126 3.14 -12.23 -9.53
CA ILE B 126 3.82 -12.20 -10.83
C ILE B 126 3.06 -11.31 -11.80
N SER B 127 1.73 -11.32 -11.73
CA SER B 127 0.93 -10.47 -12.59
C SER B 127 1.20 -9.01 -12.28
N PHE B 128 1.36 -8.68 -10.99
CA PHE B 128 1.79 -7.32 -10.69
C PHE B 128 3.11 -7.00 -11.38
N PHE B 129 4.09 -7.90 -11.24
CA PHE B 129 5.41 -7.61 -11.80
C PHE B 129 5.33 -7.45 -13.32
N VAL B 130 4.55 -8.31 -13.97
CA VAL B 130 4.44 -8.28 -15.42
C VAL B 130 3.74 -7.01 -15.88
N LEU B 131 2.61 -6.67 -15.25
CA LEU B 131 1.88 -5.47 -15.63
C LEU B 131 2.65 -4.20 -15.29
N ALA B 132 3.52 -4.26 -14.28
CA ALA B 132 4.34 -3.10 -13.98
C ALA B 132 5.47 -2.95 -14.98
N GLN B 133 6.07 -4.05 -15.41
CA GLN B 133 7.22 -3.99 -16.31
C GLN B 133 6.83 -4.13 -17.77
N LEU B 134 5.59 -4.51 -18.07
CA LEU B 134 5.08 -4.48 -19.44
C LEU B 134 3.92 -3.51 -19.57
N GLY B 135 2.93 -3.59 -18.70
CA GLY B 135 1.76 -2.73 -18.84
C GLY B 135 2.07 -1.26 -18.73
N ARG B 136 2.93 -0.88 -17.79
CA ARG B 136 3.33 0.52 -17.68
C ARG B 136 4.15 0.99 -18.88
N PRO B 137 5.14 0.24 -19.37
CA PRO B 137 5.76 0.62 -20.65
C PRO B 137 4.79 0.71 -21.83
N LEU B 138 3.85 -0.23 -21.97
CA LEU B 138 2.86 -0.12 -23.04
C LEU B 138 1.98 1.13 -22.89
N LEU B 139 1.55 1.43 -21.66
CA LEU B 139 0.73 2.61 -21.44
C LEU B 139 1.51 3.88 -21.74
N LEU B 140 2.76 3.95 -21.30
CA LEU B 140 3.53 5.18 -21.39
C LEU B 140 4.51 5.22 -22.55
N GLY B 141 4.63 4.13 -23.30
CA GLY B 141 5.38 4.16 -24.54
C GLY B 141 6.85 3.83 -24.45
N GLY B 142 7.27 3.04 -23.47
CA GLY B 142 8.66 2.64 -23.42
C GLY B 142 9.07 1.89 -22.19
N TRP B 143 10.11 1.06 -22.31
CA TRP B 143 10.61 0.31 -21.17
C TRP B 143 11.12 1.21 -20.06
N GLY B 144 11.48 2.45 -20.38
CA GLY B 144 12.00 3.38 -19.38
C GLY B 144 11.02 3.78 -18.30
N HIS B 145 9.74 3.49 -18.47
CA HIS B 145 8.74 3.77 -17.45
C HIS B 145 8.57 2.64 -16.45
N ALA B 146 9.21 1.49 -16.69
CA ALA B 146 9.18 0.40 -15.74
C ALA B 146 10.24 0.61 -14.66
N PHE B 147 10.01 -0.01 -13.50
CA PHE B 147 10.94 0.20 -12.40
C PHE B 147 12.23 -0.58 -12.63
N PRO B 148 13.35 -0.09 -12.11
CA PRO B 148 14.64 -0.74 -12.32
C PRO B 148 14.87 -1.84 -11.30
N TYR B 149 15.99 -2.52 -11.44
CA TYR B 149 16.34 -3.65 -10.59
C TYR B 149 17.53 -3.24 -9.74
N GLY B 150 17.22 -2.62 -8.61
CA GLY B 150 18.19 -2.28 -7.60
C GLY B 150 17.54 -2.39 -6.25
N ILE B 151 18.26 -2.91 -5.25
CA ILE B 151 17.68 -3.07 -3.92
C ILE B 151 17.20 -1.73 -3.38
N ILE B 152 18.04 -0.71 -3.46
CA ILE B 152 17.67 0.63 -3.02
C ILE B 152 17.18 1.50 -4.17
N ALA B 153 17.69 1.29 -5.38
CA ALA B 153 17.39 2.22 -6.47
C ALA B 153 15.95 2.08 -6.96
N HIS B 154 15.37 0.89 -6.89
CA HIS B 154 13.96 0.80 -7.22
C HIS B 154 13.11 1.53 -6.19
N LEU B 155 13.60 1.69 -4.96
CA LEU B 155 12.95 2.59 -4.01
C LEU B 155 13.03 4.03 -4.48
N ASP B 156 14.16 4.43 -5.09
CA ASP B 156 14.25 5.78 -5.65
C ASP B 156 13.28 5.94 -6.82
N TRP B 157 13.11 4.91 -7.63
CA TRP B 157 12.14 4.97 -8.71
C TRP B 157 10.73 5.09 -8.16
N VAL B 158 10.42 4.34 -7.10
CA VAL B 158 9.12 4.45 -6.47
C VAL B 158 8.91 5.86 -5.94
N ASN B 159 9.93 6.42 -5.30
CA ASN B 159 9.89 7.79 -4.82
C ASN B 159 9.59 8.76 -5.94
N ASN B 160 10.35 8.68 -7.03
CA ASN B 160 10.22 9.67 -8.09
C ASN B 160 8.91 9.51 -8.85
N VAL B 161 8.48 8.28 -9.09
CA VAL B 161 7.20 8.06 -9.78
C VAL B 161 6.04 8.50 -8.91
N GLY B 162 6.15 8.30 -7.59
CA GLY B 162 5.13 8.80 -6.70
C GLY B 162 5.08 10.31 -6.66
N TYR B 163 6.23 10.96 -6.59
CA TYR B 163 6.31 12.40 -6.56
C TYR B 163 6.08 13.06 -7.91
N GLN B 164 6.07 12.27 -8.99
CA GLN B 164 5.62 12.78 -10.28
C GLN B 164 4.18 13.26 -10.20
N ASN B 165 3.37 12.61 -9.38
CA ASN B 165 2.02 13.05 -9.09
C ASN B 165 1.96 13.77 -7.74
N LEU B 166 3.02 14.50 -7.42
CA LEU B 166 3.05 15.46 -6.32
C LEU B 166 2.97 14.80 -4.95
N HIS B 167 1.79 14.32 -4.58
CA HIS B 167 1.60 13.63 -3.31
C HIS B 167 1.00 12.26 -3.61
N TYR B 168 1.86 11.25 -3.67
CA TYR B 168 1.39 9.93 -4.06
C TYR B 168 0.53 9.26 -2.99
N HIS B 169 0.64 9.68 -1.72
CA HIS B 169 -0.23 9.11 -0.70
C HIS B 169 -1.69 9.26 -1.09
N TYR B 170 -2.04 10.34 -1.78
CA TYR B 170 -3.46 10.61 -1.98
C TYR B 170 -4.02 9.79 -3.12
N HIS B 171 -3.20 9.14 -3.92
CA HIS B 171 -3.66 8.20 -4.97
C HIS B 171 -4.69 7.26 -4.41
N TRP B 172 -5.82 7.12 -5.12
CA TRP B 172 -6.90 6.27 -4.63
C TRP B 172 -6.45 4.82 -4.56
N ALA B 173 -5.73 4.35 -5.57
CA ALA B 173 -5.22 2.99 -5.53
C ALA B 173 -4.17 2.85 -4.45
N HIS B 174 -3.34 3.88 -4.26
CA HIS B 174 -2.40 3.82 -3.15
C HIS B 174 -3.11 3.83 -1.81
N MET B 175 -4.15 4.64 -1.66
CA MET B 175 -4.88 4.66 -0.39
C MET B 175 -5.51 3.30 -0.11
N LEU B 176 -6.17 2.73 -1.12
CA LEU B 176 -6.77 1.41 -0.97
C LEU B 176 -5.72 0.35 -0.70
N GLY B 177 -4.60 0.40 -1.42
CA GLY B 177 -3.60 -0.64 -1.29
C GLY B 177 -2.80 -0.55 0.00
N CYS B 178 -2.55 0.66 0.47
CA CYS B 178 -1.93 0.82 1.79
C CYS B 178 -2.87 0.34 2.87
N SER B 179 -4.16 0.67 2.75
CA SER B 179 -5.13 0.10 3.67
C SER B 179 -5.13 -1.42 3.60
N LEU B 180 -4.94 -1.98 2.40
CA LEU B 180 -4.98 -3.43 2.26
C LEU B 180 -3.71 -4.08 2.81
N PHE B 181 -2.55 -3.46 2.63
CA PHE B 181 -1.32 -3.95 3.26
C PHE B 181 -1.40 -3.86 4.77
N PHE B 182 -1.90 -2.75 5.28
CA PHE B 182 -2.05 -2.60 6.72
C PHE B 182 -3.06 -3.60 7.27
N ALA B 183 -4.14 -3.84 6.53
CA ALA B 183 -5.13 -4.82 6.94
C ALA B 183 -4.55 -6.23 6.86
N THR B 184 -3.66 -6.47 5.90
CA THR B 184 -3.04 -7.78 5.76
C THR B 184 -2.09 -8.05 6.91
N SER B 185 -1.26 -7.07 7.28
CA SER B 185 -0.38 -7.24 8.43
C SER B 185 -1.19 -7.31 9.72
N PHE B 186 -2.24 -6.50 9.82
CA PHE B 186 -3.15 -6.53 10.95
C PHE B 186 -3.80 -7.91 11.11
N ALA B 187 -4.28 -8.48 10.00
CA ALA B 187 -4.94 -9.76 10.05
C ALA B 187 -3.96 -10.90 10.22
N LEU B 188 -2.74 -10.77 9.69
CA LEU B 188 -1.72 -11.78 9.97
C LEU B 188 -1.32 -11.76 11.43
N ALA B 189 -1.18 -10.56 12.02
CA ALA B 189 -0.91 -10.47 13.45
C ALA B 189 -2.04 -11.07 14.25
N LEU B 190 -3.28 -10.72 13.92
CA LEU B 190 -4.43 -11.27 14.63
C LEU B 190 -4.48 -12.78 14.50
N HIS B 191 -4.23 -13.30 13.29
CA HIS B 191 -4.41 -14.72 13.05
C HIS B 191 -3.30 -15.55 13.67
N GLY B 192 -2.05 -15.13 13.48
CA GLY B 192 -0.96 -15.78 14.18
C GLY B 192 -1.15 -15.72 15.68
N GLY B 193 -1.55 -14.56 16.19
CA GLY B 193 -1.78 -14.42 17.62
C GLY B 193 -2.90 -15.32 18.11
N LEU B 194 -3.98 -15.43 17.34
CA LEU B 194 -5.08 -16.29 17.74
C LEU B 194 -4.66 -17.76 17.77
N ILE B 195 -4.01 -18.21 16.71
CA ILE B 195 -3.63 -19.62 16.65
C ILE B 195 -2.64 -19.94 17.76
N LEU B 196 -1.67 -19.06 17.99
CA LEU B 196 -0.69 -19.29 19.05
C LEU B 196 -1.36 -19.18 20.42
N SER B 197 -2.33 -18.29 20.58
CA SER B 197 -3.04 -18.17 21.84
C SER B 197 -3.84 -19.41 22.14
N VAL B 198 -4.46 -20.00 21.12
CA VAL B 198 -5.22 -21.23 21.32
C VAL B 198 -4.28 -22.38 21.66
N THR B 199 -3.16 -22.48 20.94
CA THR B 199 -2.25 -23.60 21.14
C THR B 199 -1.17 -23.32 22.17
N ASN B 200 -0.96 -22.07 22.56
CA ASN B 200 -0.01 -21.72 23.62
C ASN B 200 -0.70 -20.82 24.63
N PRO B 201 -1.58 -21.37 25.47
CA PRO B 201 -2.10 -20.59 26.59
C PRO B 201 -1.06 -20.49 27.68
N LYS B 202 -1.41 -19.94 28.85
CA LYS B 202 -0.46 -19.93 29.94
C LYS B 202 -0.06 -21.36 30.31
N LYS B 203 1.17 -21.50 30.82
CA LYS B 203 1.66 -22.80 31.24
C LYS B 203 0.70 -23.43 32.24
N GLY B 204 0.38 -24.70 32.02
CA GLY B 204 -0.58 -25.41 32.82
C GLY B 204 -1.98 -25.41 32.26
N GLU B 205 -2.27 -24.58 31.27
CA GLU B 205 -3.58 -24.56 30.65
C GLU B 205 -3.61 -25.49 29.43
N VAL B 206 -4.76 -26.08 29.20
CA VAL B 206 -4.91 -27.01 28.09
C VAL B 206 -5.05 -26.24 26.78
N VAL B 207 -4.74 -26.92 25.68
CA VAL B 207 -4.90 -26.32 24.37
C VAL B 207 -6.39 -26.08 24.12
N LYS B 208 -6.72 -24.88 23.67
CA LYS B 208 -8.10 -24.51 23.45
C LYS B 208 -8.57 -25.00 22.08
N THR B 209 -9.79 -24.66 21.72
CA THR B 209 -10.45 -25.21 20.56
C THR B 209 -10.83 -24.11 19.58
N ALA B 210 -11.53 -24.51 18.52
CA ALA B 210 -12.08 -23.54 17.58
C ALA B 210 -13.23 -22.76 18.21
N GLU B 211 -13.98 -23.39 19.11
CA GLU B 211 -14.99 -22.65 19.85
C GLU B 211 -14.37 -21.53 20.66
N HIS B 212 -13.19 -21.79 21.25
CA HIS B 212 -12.52 -20.79 22.06
C HIS B 212 -12.14 -19.58 21.23
N GLU B 213 -11.56 -19.81 20.05
CA GLU B 213 -11.11 -18.71 19.20
C GLU B 213 -12.30 -17.96 18.60
N ASN B 214 -13.36 -18.68 18.24
CA ASN B 214 -14.58 -18.04 17.78
C ASN B 214 -15.16 -17.13 18.85
N THR B 215 -15.33 -17.64 20.06
CA THR B 215 -15.87 -16.81 21.12
C THR B 215 -14.90 -15.73 21.54
N PHE B 216 -13.59 -15.93 21.31
CA PHE B 216 -12.64 -14.85 21.58
C PHE B 216 -12.89 -13.66 20.70
N PHE B 217 -12.96 -13.88 19.38
CA PHE B 217 -13.22 -12.71 18.54
C PHE B 217 -14.67 -12.24 18.60
N ARG B 218 -15.61 -13.10 18.97
CA ARG B 218 -16.97 -12.60 19.18
C ARG B 218 -17.03 -11.70 20.41
N ASP B 219 -16.37 -12.09 21.50
CA ASP B 219 -16.28 -11.24 22.68
C ASP B 219 -15.45 -10.00 22.40
N PHE B 220 -14.46 -10.12 21.54
CA PHE B 220 -13.50 -9.04 21.32
C PHE B 220 -14.10 -7.95 20.43
N VAL B 221 -14.53 -8.32 19.23
CA VAL B 221 -14.99 -7.35 18.25
C VAL B 221 -16.38 -7.66 17.74
N GLY B 222 -17.08 -8.63 18.35
CA GLY B 222 -18.43 -8.95 17.95
C GLY B 222 -18.55 -9.90 16.78
N TYR B 223 -17.47 -10.15 16.05
CA TYR B 223 -17.52 -11.05 14.92
C TYR B 223 -16.28 -11.92 14.91
N SER B 224 -16.48 -13.20 14.64
CA SER B 224 -15.41 -14.15 14.42
C SER B 224 -15.55 -14.71 13.01
N ILE B 225 -14.49 -14.56 12.20
CA ILE B 225 -14.58 -15.02 10.82
C ILE B 225 -14.32 -16.51 10.70
N GLY B 226 -13.73 -17.15 11.71
CA GLY B 226 -13.58 -18.58 11.71
C GLY B 226 -12.28 -19.07 11.11
N SER B 227 -12.09 -20.39 11.18
CA SER B 227 -10.87 -21.01 10.67
C SER B 227 -10.76 -20.88 9.16
N LEU B 228 -11.81 -21.27 8.44
CA LEU B 228 -11.79 -21.13 6.99
C LEU B 228 -11.84 -19.67 6.59
N GLY B 229 -12.65 -18.87 7.29
CA GLY B 229 -12.82 -17.49 6.92
C GLY B 229 -11.57 -16.67 7.05
N ILE B 230 -10.74 -16.94 8.06
CA ILE B 230 -9.54 -16.14 8.24
C ILE B 230 -8.55 -16.38 7.11
N HIS B 231 -8.42 -17.62 6.65
CA HIS B 231 -7.51 -17.89 5.55
C HIS B 231 -8.06 -17.39 4.23
N ARG B 232 -9.38 -17.51 4.02
CA ARG B 232 -9.97 -16.92 2.83
C ARG B 232 -9.80 -15.41 2.82
N LEU B 233 -10.05 -14.76 3.96
CA LEU B 233 -9.87 -13.32 4.05
C LEU B 233 -8.42 -12.93 3.88
N GLY B 234 -7.50 -13.76 4.36
CA GLY B 234 -6.09 -13.42 4.23
C GLY B 234 -5.58 -13.52 2.82
N LEU B 235 -5.90 -14.62 2.15
CA LEU B 235 -5.62 -14.71 0.72
C LEU B 235 -6.26 -13.55 -0.02
N ALA B 236 -7.52 -13.22 0.30
CA ALA B 236 -8.19 -12.11 -0.37
C ALA B 236 -7.50 -10.79 -0.10
N LEU B 237 -7.10 -10.53 1.15
CA LEU B 237 -6.49 -9.26 1.49
C LEU B 237 -5.16 -9.07 0.78
N ALA B 238 -4.32 -10.10 0.82
CA ALA B 238 -3.01 -9.99 0.18
C ALA B 238 -3.14 -9.94 -1.34
N LEU B 239 -3.98 -10.80 -1.91
CA LEU B 239 -4.21 -10.72 -3.35
C LEU B 239 -4.74 -9.35 -3.74
N SER B 240 -5.79 -8.89 -3.06
CA SER B 240 -6.38 -7.60 -3.37
C SER B 240 -5.38 -6.48 -3.21
N THR B 241 -4.41 -6.61 -2.30
CA THR B 241 -3.41 -5.54 -2.22
C THR B 241 -2.48 -5.61 -3.42
N SER B 242 -2.23 -6.81 -3.94
CA SER B 242 -1.43 -6.90 -5.17
C SER B 242 -2.18 -6.35 -6.38
N ILE B 243 -3.48 -6.61 -6.49
CA ILE B 243 -4.28 -5.98 -7.55
C ILE B 243 -4.33 -4.46 -7.38
N SER B 244 -4.42 -3.99 -6.13
CA SER B 244 -4.35 -2.55 -5.91
C SER B 244 -3.00 -2.00 -6.35
N CYS B 245 -1.93 -2.76 -6.14
CA CYS B 245 -0.61 -2.36 -6.62
C CYS B 245 -0.58 -2.31 -8.14
N ILE B 246 -1.22 -3.27 -8.80
CA ILE B 246 -1.33 -3.23 -10.26
C ILE B 246 -2.00 -1.94 -10.69
N PHE B 247 -3.16 -1.63 -10.09
CA PHE B 247 -3.90 -0.44 -10.48
C PHE B 247 -3.11 0.82 -10.18
N GLY B 248 -2.42 0.87 -9.04
CA GLY B 248 -1.64 2.03 -8.70
C GLY B 248 -0.50 2.27 -9.67
N ILE B 249 0.26 1.22 -9.97
CA ILE B 249 1.41 1.39 -10.85
C ILE B 249 0.97 1.63 -12.28
N LEU B 250 -0.22 1.18 -12.65
CA LEU B 250 -0.71 1.35 -14.01
C LEU B 250 -1.50 2.64 -14.21
N THR B 251 -1.89 3.31 -13.13
CA THR B 251 -2.65 4.55 -13.24
C THR B 251 -1.84 5.80 -12.97
N THR B 252 -0.81 5.74 -12.13
CA THR B 252 -0.04 6.93 -11.81
C THR B 252 0.84 7.28 -13.01
N GLY B 253 0.55 8.39 -13.66
CA GLY B 253 1.10 8.71 -14.96
C GLY B 253 0.20 8.36 -16.13
N PRO B 254 0.01 7.07 -16.44
CA PRO B 254 -0.84 6.73 -17.59
C PRO B 254 -2.26 7.29 -17.50
N PHE B 255 -2.86 7.30 -16.32
CA PHE B 255 -4.24 7.72 -16.19
C PHE B 255 -4.43 8.92 -15.27
N TRP B 256 -3.34 9.50 -14.77
CA TRP B 256 -3.40 10.79 -14.10
C TRP B 256 -1.99 11.36 -14.08
N SER B 257 -1.76 12.42 -14.85
CA SER B 257 -0.46 13.07 -14.88
C SER B 257 -0.38 14.28 -13.95
N ARG B 258 -1.49 14.68 -13.35
CA ARG B 258 -1.47 15.72 -12.35
C ARG B 258 -1.26 15.11 -10.97
N GLY B 259 -1.31 15.94 -9.94
CA GLY B 259 -1.20 15.44 -8.59
C GLY B 259 -2.42 14.63 -8.20
N TRP B 260 -2.18 13.54 -7.48
CA TRP B 260 -3.28 12.83 -6.84
C TRP B 260 -4.07 13.69 -5.86
N PRO B 261 -3.48 14.65 -5.15
CA PRO B 261 -4.32 15.64 -4.47
C PRO B 261 -5.28 16.33 -5.40
N GLU B 262 -4.81 16.72 -6.60
CA GLU B 262 -5.69 17.33 -7.57
C GLU B 262 -6.71 16.33 -8.11
N TRP B 263 -6.33 15.06 -8.18
CA TRP B 263 -7.30 14.03 -8.55
C TRP B 263 -8.44 13.98 -7.56
N TRP B 264 -8.12 13.99 -6.26
CA TRP B 264 -9.15 13.99 -5.25
C TRP B 264 -9.99 15.25 -5.30
N TYR B 265 -9.33 16.40 -5.50
CA TYR B 265 -10.07 17.64 -5.63
C TYR B 265 -10.97 17.64 -6.87
N THR B 266 -10.61 16.88 -7.90
CA THR B 266 -11.34 16.93 -9.16
C THR B 266 -12.76 16.40 -9.01
N TRP B 267 -12.96 15.40 -8.16
CA TRP B 267 -14.28 14.78 -8.06
C TRP B 267 -14.90 14.88 -6.68
N TRP B 268 -14.15 14.56 -5.63
CA TRP B 268 -14.76 14.45 -4.30
C TRP B 268 -15.40 15.75 -3.82
N PRO B 269 -14.71 16.90 -3.83
CA PRO B 269 -15.38 18.14 -3.38
C PRO B 269 -16.52 18.56 -4.28
N GLN B 270 -16.53 18.14 -5.54
CA GLN B 270 -17.58 18.53 -6.48
C GLN B 270 -18.74 17.55 -6.50
N ILE B 271 -18.73 16.52 -5.68
CA ILE B 271 -19.85 15.59 -5.64
C ILE B 271 -21.07 16.42 -5.27
N PRO B 272 -22.11 16.42 -6.10
CA PRO B 272 -23.18 17.42 -5.95
C PRO B 272 -23.93 17.34 -4.64
N ILE B 273 -23.88 16.21 -3.92
CA ILE B 273 -24.57 16.13 -2.64
C ILE B 273 -23.95 17.07 -1.62
N TRP B 274 -22.69 17.47 -1.79
CA TRP B 274 -22.09 18.44 -0.90
C TRP B 274 -21.32 19.55 -1.62
N ASN B 275 -21.51 19.72 -2.92
CA ASN B 275 -20.86 20.82 -3.64
C ASN B 275 -21.87 21.94 -3.86
N TRP B 276 -22.17 22.65 -2.78
CA TRP B 276 -23.08 23.80 -2.84
C TRP B 276 -23.03 24.60 -1.53
N ALA C 2 -13.29 -27.32 -13.05
CA ALA C 2 -12.26 -27.16 -12.04
C ALA C 2 -12.66 -27.84 -10.74
N GLU C 3 -11.77 -27.83 -9.77
CA GLU C 3 -12.06 -28.34 -8.43
C GLU C 3 -12.60 -27.21 -7.58
N TYR C 4 -13.29 -27.56 -6.50
CA TYR C 4 -13.72 -26.57 -5.53
C TYR C 4 -12.50 -25.83 -4.99
N GLN C 5 -12.55 -24.51 -5.04
CA GLN C 5 -11.38 -23.69 -4.73
C GLN C 5 -11.34 -23.22 -3.28
N ASN C 6 -12.33 -23.59 -2.47
CA ASN C 6 -12.39 -23.22 -1.06
C ASN C 6 -12.40 -21.70 -0.87
N VAL C 7 -12.93 -20.99 -1.86
CA VAL C 7 -12.98 -19.53 -1.82
C VAL C 7 -14.25 -19.05 -1.13
N PHE C 8 -15.39 -19.65 -1.45
CA PHE C 8 -16.65 -19.32 -0.82
C PHE C 8 -17.33 -20.59 -0.35
N THR C 9 -18.10 -20.46 0.73
CA THR C 9 -18.90 -21.57 1.25
C THR C 9 -20.22 -21.57 0.49
N ARG C 10 -20.33 -22.48 -0.48
CA ARG C 10 -21.54 -22.53 -1.30
C ARG C 10 -22.75 -22.96 -0.50
N VAL C 11 -22.56 -23.87 0.47
CA VAL C 11 -23.65 -24.36 1.29
C VAL C 11 -23.31 -24.07 2.75
N GLN C 12 -24.03 -23.12 3.34
CA GLN C 12 -23.87 -22.77 4.74
C GLN C 12 -24.85 -23.57 5.58
N VAL C 13 -24.38 -24.04 6.73
CA VAL C 13 -25.21 -24.71 7.72
C VAL C 13 -25.28 -23.84 8.97
N ARG C 14 -26.45 -23.77 9.57
CA ARG C 14 -26.67 -23.00 10.78
C ARG C 14 -27.06 -23.93 11.92
N GLY C 15 -26.37 -23.80 13.04
CA GLY C 15 -26.80 -24.44 14.25
C GLY C 15 -27.51 -23.45 15.14
N PRO C 16 -27.73 -23.80 16.40
CA PRO C 16 -28.22 -22.80 17.36
C PRO C 16 -27.17 -21.72 17.55
N ALA C 17 -27.64 -20.49 17.73
CA ALA C 17 -26.74 -19.37 17.93
C ALA C 17 -25.92 -19.58 19.19
N GLU C 18 -24.61 -19.73 19.03
CA GLU C 18 -23.73 -20.06 20.15
C GLU C 18 -23.36 -18.77 20.88
N GLN C 19 -23.83 -18.66 22.13
CA GLN C 19 -23.56 -17.47 22.92
C GLN C 19 -22.08 -17.32 23.24
N GLY C 20 -21.35 -18.44 23.32
CA GLY C 20 -19.92 -18.38 23.59
C GLY C 20 -19.54 -19.26 24.76
N LEU C 21 -18.27 -19.66 24.82
CA LEU C 21 -17.80 -20.47 25.93
C LEU C 21 -17.81 -19.67 27.22
N GLU C 22 -18.09 -20.36 28.32
CA GLU C 22 -18.28 -19.69 29.60
C GLU C 22 -17.02 -18.95 30.02
N VAL C 23 -17.17 -17.66 30.30
CA VAL C 23 -16.12 -16.83 30.86
C VAL C 23 -16.68 -16.07 32.06
N PRO C 24 -15.81 -15.67 32.99
CA PRO C 24 -16.29 -14.91 34.14
C PRO C 24 -16.91 -13.59 33.70
N GLY C 25 -18.18 -13.40 34.06
CA GLY C 25 -18.93 -12.25 33.62
C GLY C 25 -19.50 -12.36 32.23
N GLY C 26 -19.35 -13.51 31.57
CA GLY C 26 -19.81 -13.65 30.20
C GLY C 26 -21.32 -13.62 30.06
N SER C 27 -22.04 -14.22 31.00
CA SER C 27 -23.50 -14.27 30.90
C SER C 27 -24.09 -12.88 30.85
N TRP C 28 -23.53 -11.95 31.63
CA TRP C 28 -24.05 -10.59 31.62
C TRP C 28 -23.40 -9.77 30.52
N ASN C 29 -22.08 -9.80 30.40
CA ASN C 29 -21.38 -8.90 29.51
C ASN C 29 -21.46 -9.29 28.04
N ARG C 30 -21.91 -10.49 27.70
CA ARG C 30 -22.09 -10.85 26.30
C ARG C 30 -23.44 -10.32 25.84
N VAL C 31 -23.43 -9.37 24.92
CA VAL C 31 -24.63 -8.64 24.54
C VAL C 31 -24.83 -8.75 23.04
N GLY C 32 -26.09 -8.67 22.64
CA GLY C 32 -26.46 -8.77 21.25
C GLY C 32 -26.95 -10.16 20.90
N ARG C 33 -28.16 -10.24 20.35
CA ARG C 33 -28.66 -11.51 19.87
C ARG C 33 -27.83 -11.92 18.66
N PRO C 34 -27.18 -13.09 18.68
CA PRO C 34 -26.31 -13.47 17.56
C PRO C 34 -27.05 -13.47 16.23
N ARG C 35 -26.62 -12.60 15.32
CA ARG C 35 -27.21 -12.48 14.01
C ARG C 35 -26.32 -13.17 12.99
N PHE C 36 -26.94 -13.84 12.03
CA PHE C 36 -26.22 -14.62 11.02
C PHE C 36 -26.23 -13.85 9.71
N SER C 37 -25.05 -13.42 9.26
CA SER C 37 -24.90 -12.77 7.97
C SER C 37 -24.58 -13.84 6.94
N TYR C 38 -25.44 -14.01 5.96
CA TYR C 38 -25.22 -14.99 4.94
C TYR C 38 -24.10 -14.55 4.06
N LEU C 39 -23.96 -13.27 3.83
CA LEU C 39 -22.83 -12.74 3.08
C LEU C 39 -21.51 -13.02 3.81
N LEU C 40 -21.49 -12.83 5.13
CA LEU C 40 -20.30 -13.19 5.90
C LEU C 40 -20.13 -14.70 5.97
N GLY C 41 -21.23 -15.44 5.93
CA GLY C 41 -21.14 -16.89 5.91
C GLY C 41 -20.58 -17.45 4.63
N LYS C 42 -20.62 -16.67 3.54
CA LYS C 42 -19.97 -17.10 2.31
C LYS C 42 -18.49 -17.29 2.51
N ILE C 43 -17.85 -16.38 3.26
CA ILE C 43 -16.41 -16.43 3.50
C ILE C 43 -16.12 -17.24 4.76
N GLY C 44 -16.64 -16.79 5.89
CA GLY C 44 -16.34 -17.41 7.16
C GLY C 44 -17.61 -17.71 7.95
N ASP C 45 -17.53 -17.48 9.26
CA ASP C 45 -18.69 -17.69 10.10
C ASP C 45 -19.76 -16.65 9.80
N ALA C 46 -21.00 -17.11 9.72
CA ALA C 46 -22.11 -16.19 9.51
C ALA C 46 -22.46 -15.41 10.77
N GLN C 47 -22.22 -16.00 11.94
CA GLN C 47 -22.68 -15.41 13.19
C GLN C 47 -21.99 -14.09 13.47
N VAL C 48 -22.78 -13.07 13.74
CA VAL C 48 -22.29 -11.77 14.18
C VAL C 48 -22.85 -11.53 15.57
N GLY C 49 -21.96 -11.35 16.53
CA GLY C 49 -22.36 -11.27 17.93
C GLY C 49 -22.41 -12.65 18.56
N PRO C 50 -22.60 -12.70 19.88
CA PRO C 50 -22.67 -11.52 20.75
C PRO C 50 -21.29 -10.93 21.03
N ILE C 51 -21.24 -9.67 21.40
CA ILE C 51 -20.00 -9.01 21.76
C ILE C 51 -19.93 -8.91 23.28
N TYR C 52 -18.72 -8.99 23.81
CA TYR C 52 -18.51 -8.84 25.25
C TYR C 52 -18.56 -7.36 25.62
N LEU C 53 -19.47 -7.02 26.53
CA LEU C 53 -19.69 -5.64 26.94
C LEU C 53 -18.88 -5.33 28.20
N GLY C 54 -17.59 -5.59 28.12
CA GLY C 54 -16.74 -5.44 29.29
C GLY C 54 -16.51 -4.00 29.65
N ALA C 55 -15.93 -3.80 30.84
CA ALA C 55 -15.60 -2.45 31.27
C ALA C 55 -14.57 -1.81 30.35
N THR C 56 -13.46 -2.52 30.11
CA THR C 56 -12.43 -2.00 29.21
C THR C 56 -12.98 -1.80 27.81
N GLY C 57 -13.72 -2.78 27.30
CA GLY C 57 -14.26 -2.66 25.96
C GLY C 57 -15.24 -1.50 25.83
N VAL C 58 -16.17 -1.38 26.77
CA VAL C 58 -17.17 -0.33 26.70
C VAL C 58 -16.54 1.04 26.84
N VAL C 59 -15.63 1.19 27.81
CA VAL C 59 -15.04 2.50 28.02
C VAL C 59 -14.04 2.84 26.93
N ALA C 60 -13.37 1.85 26.36
CA ALA C 60 -12.50 2.09 25.22
C ALA C 60 -13.31 2.53 24.01
N SER C 61 -14.45 1.87 23.76
CA SER C 61 -15.31 2.28 22.67
C SER C 61 -15.87 3.68 22.90
N LEU C 62 -16.24 3.98 24.15
CA LEU C 62 -16.71 5.31 24.50
C LEU C 62 -15.64 6.36 24.29
N GLY C 63 -14.40 6.06 24.68
CA GLY C 63 -13.32 6.99 24.46
C GLY C 63 -12.99 7.16 22.99
N PHE C 64 -13.10 6.08 22.21
CA PHE C 64 -12.95 6.19 20.77
C PHE C 64 -14.04 7.08 20.19
N LEU C 65 -15.27 6.92 20.67
CA LEU C 65 -16.36 7.78 20.23
C LEU C 65 -16.14 9.23 20.62
N ILE C 66 -15.66 9.45 21.84
CA ILE C 66 -15.36 10.80 22.30
C ILE C 66 -14.28 11.43 21.44
N PHE C 67 -13.26 10.65 21.11
CA PHE C 67 -12.20 11.12 20.24
C PHE C 67 -12.72 11.46 18.85
N CYS C 68 -13.53 10.55 18.28
CA CYS C 68 -14.09 10.77 16.96
C CYS C 68 -15.00 11.98 16.94
N LEU C 69 -15.76 12.17 18.01
CA LEU C 69 -16.66 13.31 18.09
C LEU C 69 -15.90 14.61 18.33
N MET C 70 -14.80 14.56 19.08
CA MET C 70 -13.94 15.72 19.18
C MET C 70 -13.39 16.10 17.81
N VAL C 71 -12.94 15.11 17.06
CA VAL C 71 -12.42 15.35 15.72
C VAL C 71 -13.52 15.91 14.82
N GLY C 72 -14.72 15.34 14.90
CA GLY C 72 -15.81 15.81 14.08
C GLY C 72 -16.27 17.21 14.44
N PHE C 73 -16.32 17.53 15.73
CA PHE C 73 -16.68 18.86 16.17
C PHE C 73 -15.63 19.88 15.76
N ASN C 74 -14.35 19.50 15.84
CA ASN C 74 -13.31 20.38 15.34
C ASN C 74 -13.42 20.59 13.84
N TRP C 75 -13.72 19.53 13.09
CA TRP C 75 -13.90 19.68 11.64
C TRP C 75 -15.07 20.60 11.34
N LEU C 76 -16.18 20.43 12.06
CA LEU C 76 -17.33 21.30 11.91
C LEU C 76 -16.98 22.75 12.18
N ALA C 77 -16.37 23.01 13.34
CA ALA C 77 -15.98 24.37 13.68
C ALA C 77 -14.95 24.92 12.70
N ALA C 78 -14.20 24.05 12.04
CA ALA C 78 -13.26 24.47 11.02
C ALA C 78 -13.96 24.86 9.73
N VAL C 79 -15.12 24.27 9.45
CA VAL C 79 -15.86 24.58 8.23
C VAL C 79 -17.15 25.31 8.57
N ASP C 80 -17.13 26.08 9.67
CA ASP C 80 -18.30 26.85 10.11
C ASP C 80 -19.50 25.95 10.39
N TRP C 81 -19.23 24.79 10.98
CA TRP C 81 -20.27 23.87 11.46
C TRP C 81 -21.19 23.42 10.35
N SER C 82 -20.62 23.29 9.15
CA SER C 82 -21.31 22.77 7.99
C SER C 82 -20.95 21.30 7.84
N VAL C 83 -21.90 20.42 8.12
CA VAL C 83 -21.68 19.01 7.86
C VAL C 83 -21.45 18.79 6.37
N ARG C 84 -22.14 19.58 5.55
CA ARG C 84 -21.93 19.53 4.10
C ARG C 84 -20.48 19.83 3.76
N GLU C 85 -19.90 20.87 4.38
CA GLU C 85 -18.51 21.19 4.11
C GLU C 85 -17.55 20.21 4.80
N VAL C 86 -17.98 19.57 5.89
CA VAL C 86 -17.17 18.50 6.47
C VAL C 86 -17.03 17.36 5.48
N PHE C 87 -18.15 16.90 4.93
CA PHE C 87 -18.10 15.79 3.96
C PHE C 87 -17.43 16.22 2.67
N ARG C 88 -17.58 17.48 2.27
CA ARG C 88 -16.91 17.96 1.07
C ARG C 88 -15.39 17.92 1.23
N GLN C 89 -14.90 18.28 2.42
CA GLN C 89 -13.47 18.33 2.70
C GLN C 89 -13.09 17.26 3.71
N PHE C 90 -13.72 16.09 3.61
CA PHE C 90 -13.54 15.06 4.64
C PHE C 90 -12.09 14.60 4.74
N TRP C 91 -11.43 14.42 3.59
CA TRP C 91 -10.08 13.90 3.61
C TRP C 91 -9.06 14.96 4.02
N TRP C 92 -9.30 16.23 3.65
CA TRP C 92 -8.36 17.27 3.98
C TRP C 92 -8.43 17.68 5.46
N LEU C 93 -9.65 17.76 5.99
CA LEU C 93 -9.84 18.27 7.36
C LEU C 93 -9.08 17.44 8.38
N ALA C 94 -8.55 18.13 9.38
CA ALA C 94 -7.80 17.43 10.43
C ALA C 94 -7.81 18.25 11.71
N VAL C 95 -7.55 17.55 12.82
CA VAL C 95 -7.23 18.19 14.09
C VAL C 95 -5.71 18.32 14.11
N GLU C 96 -5.22 19.55 13.91
CA GLU C 96 -3.81 19.75 13.68
C GLU C 96 -3.03 19.72 15.00
N VAL C 97 -1.79 19.24 14.92
CA VAL C 97 -0.89 19.13 16.06
C VAL C 97 -0.41 20.51 16.49
N PRO C 98 0.15 20.66 17.69
CA PRO C 98 0.66 21.96 18.09
C PRO C 98 1.81 22.39 17.19
N PRO C 99 1.97 23.68 16.98
CA PRO C 99 3.11 24.17 16.20
C PRO C 99 4.39 24.06 17.00
N PRO C 100 5.55 24.16 16.34
CA PRO C 100 6.82 23.96 17.06
C PRO C 100 7.11 24.96 18.16
N GLU C 101 6.51 26.14 18.14
CA GLU C 101 6.84 27.15 19.14
C GLU C 101 6.40 26.76 20.54
N TYR C 102 5.51 25.77 20.67
CA TYR C 102 5.20 25.23 21.99
C TYR C 102 6.18 24.18 22.45
N GLY C 103 6.86 23.51 21.53
CA GLY C 103 7.72 22.41 21.89
C GLY C 103 6.92 21.27 22.47
N LEU C 104 7.12 20.97 23.75
CA LEU C 104 6.35 19.95 24.43
C LEU C 104 5.22 20.54 25.27
N ARG C 105 5.04 21.86 25.26
CA ARG C 105 3.92 22.46 25.99
C ARG C 105 2.60 22.02 25.38
N ILE C 106 1.63 21.76 26.24
CA ILE C 106 0.25 21.56 25.77
C ILE C 106 -0.29 22.94 25.46
N PRO C 107 -0.65 23.22 24.21
CA PRO C 107 -1.05 24.57 23.83
C PRO C 107 -2.52 24.79 24.06
N PRO C 108 -3.03 25.99 23.76
CA PRO C 108 -4.49 26.18 23.75
C PRO C 108 -5.15 25.24 22.75
N PHE C 109 -6.45 25.02 22.96
CA PHE C 109 -7.17 24.02 22.16
C PHE C 109 -6.95 24.21 20.67
N ASN C 110 -7.13 25.43 20.23
CA ASN C 110 -7.07 25.70 18.82
C ASN C 110 -5.66 25.92 18.28
N ASP C 111 -4.67 25.80 19.09
CA ASP C 111 -3.28 25.86 18.63
C ASP C 111 -2.60 24.51 18.80
N GLY C 112 -3.36 23.42 18.60
CA GLY C 112 -2.86 22.09 18.81
C GLY C 112 -3.23 21.47 20.13
N GLY C 113 -3.87 22.23 21.02
CA GLY C 113 -4.32 21.65 22.27
C GLY C 113 -5.41 20.62 22.09
N TRP C 114 -6.29 20.84 21.11
CA TRP C 114 -7.30 19.82 20.82
C TRP C 114 -6.65 18.54 20.34
N PHE C 115 -5.56 18.66 19.58
CA PHE C 115 -4.85 17.46 19.15
C PHE C 115 -4.30 16.69 20.33
N LEU C 116 -3.71 17.39 21.31
CA LEU C 116 -3.15 16.69 22.46
C LEU C 116 -4.23 16.12 23.34
N TRP C 117 -5.35 16.84 23.48
CA TRP C 117 -6.52 16.33 24.19
C TRP C 117 -7.01 15.04 23.54
N GLY C 118 -7.21 15.06 22.23
CA GLY C 118 -7.62 13.87 21.51
C GLY C 118 -6.57 12.78 21.54
N LEU C 119 -5.29 13.15 21.59
CA LEU C 119 -4.24 12.16 21.72
C LEU C 119 -4.32 11.45 23.07
N ALA C 120 -4.57 12.21 24.14
CA ALA C 120 -4.75 11.59 25.44
C ALA C 120 -5.95 10.66 25.44
N ILE C 121 -7.08 11.14 24.89
CA ILE C 121 -8.29 10.34 24.87
C ILE C 121 -8.09 9.08 24.04
N CYS C 122 -7.51 9.22 22.85
CA CYS C 122 -7.30 8.12 21.94
C CYS C 122 -6.29 7.12 22.49
N SER C 123 -5.21 7.62 23.08
CA SER C 123 -4.20 6.74 23.67
C SER C 123 -4.77 5.95 24.84
N LEU C 124 -5.53 6.62 25.71
CA LEU C 124 -6.15 5.91 26.83
C LEU C 124 -7.15 4.90 26.33
N SER C 125 -7.93 5.26 25.31
CA SER C 125 -8.92 4.34 24.76
C SER C 125 -8.25 3.14 24.10
N LEU C 126 -7.13 3.37 23.42
CA LEU C 126 -6.40 2.28 22.80
C LEU C 126 -5.77 1.37 23.85
N LEU C 127 -5.30 1.96 24.96
CA LEU C 127 -4.77 1.14 26.04
C LEU C 127 -5.87 0.33 26.72
N MET C 128 -7.07 0.91 26.87
CA MET C 128 -8.20 0.15 27.41
C MET C 128 -8.64 -0.94 26.43
N TRP C 129 -8.54 -0.68 25.13
CA TRP C 129 -8.85 -1.72 24.15
C TRP C 129 -7.80 -2.82 24.18
N TRP C 130 -6.53 -2.46 24.38
CA TRP C 130 -5.49 -3.48 24.53
C TRP C 130 -5.74 -4.31 25.78
N ALA C 131 -6.11 -3.66 26.87
CA ALA C 131 -6.46 -4.38 28.08
C ALA C 131 -7.64 -5.32 27.83
N ARG C 132 -8.62 -4.87 27.04
CA ARG C 132 -9.71 -5.73 26.67
C ARG C 132 -9.21 -6.93 25.86
N THR C 133 -8.29 -6.70 24.94
CA THR C 133 -7.72 -7.80 24.16
C THR C 133 -7.09 -8.83 25.08
N TYR C 134 -6.26 -8.36 26.00
CA TYR C 134 -5.59 -9.22 26.97
C TYR C 134 -6.59 -9.99 27.81
N ILE C 135 -7.59 -9.30 28.34
CA ILE C 135 -8.52 -9.89 29.29
C ILE C 135 -9.49 -10.83 28.59
N ARG C 136 -9.89 -10.50 27.36
CA ARG C 136 -10.71 -11.42 26.59
C ARG C 136 -9.95 -12.69 26.24
N ALA C 137 -8.65 -12.57 25.91
CA ALA C 137 -7.86 -13.77 25.71
C ALA C 137 -7.73 -14.58 27.00
N ARG C 138 -7.46 -13.91 28.12
CA ARG C 138 -7.21 -14.61 29.37
C ARG C 138 -8.47 -15.27 29.91
N ALA C 139 -9.63 -14.62 29.73
CA ALA C 139 -10.87 -15.18 30.24
C ALA C 139 -11.24 -16.49 29.57
N LEU C 140 -10.74 -16.70 28.35
CA LEU C 140 -10.98 -17.92 27.61
C LEU C 140 -9.84 -18.91 27.74
N GLY C 141 -8.91 -18.68 28.66
CA GLY C 141 -7.77 -19.55 28.80
C GLY C 141 -6.88 -19.55 27.58
N LEU C 142 -6.76 -18.42 26.90
CA LEU C 142 -5.94 -18.30 25.72
C LEU C 142 -4.64 -17.57 26.07
N GLY C 143 -3.64 -17.77 25.22
CA GLY C 143 -2.48 -16.92 25.26
C GLY C 143 -2.84 -15.49 24.90
N THR C 144 -2.00 -14.56 25.31
CA THR C 144 -2.23 -13.15 25.02
C THR C 144 -1.48 -12.68 23.79
N HIS C 145 -1.26 -13.59 22.83
CA HIS C 145 -0.53 -13.25 21.63
C HIS C 145 -1.22 -12.16 20.84
N VAL C 146 -2.55 -12.20 20.75
CA VAL C 146 -3.28 -11.13 20.06
C VAL C 146 -3.07 -9.80 20.78
N ALA C 147 -3.11 -9.83 22.12
CA ALA C 147 -2.86 -8.62 22.89
C ALA C 147 -1.46 -8.09 22.63
N TRP C 148 -0.48 -8.97 22.44
CA TRP C 148 0.88 -8.49 22.25
C TRP C 148 1.15 -8.05 20.82
N ALA C 149 0.44 -8.61 19.84
CA ALA C 149 0.44 -8.04 18.50
C ALA C 149 -0.15 -6.64 18.51
N PHE C 150 -1.27 -6.47 19.20
CA PHE C 150 -1.82 -5.14 19.38
C PHE C 150 -0.88 -4.24 20.15
N ALA C 151 -0.11 -4.81 21.07
CA ALA C 151 0.88 -4.04 21.82
C ALA C 151 1.99 -3.55 20.92
N ALA C 152 2.42 -4.38 19.97
CA ALA C 152 3.42 -3.92 18.99
C ALA C 152 2.87 -2.79 18.13
N ALA C 153 1.64 -2.94 17.65
CA ALA C 153 1.02 -1.87 16.87
C ALA C 153 0.85 -0.60 17.70
N LEU C 154 0.45 -0.75 18.97
CA LEU C 154 0.27 0.39 19.85
C LEU C 154 1.60 1.02 20.24
N TRP C 155 2.65 0.22 20.36
CA TRP C 155 3.97 0.78 20.60
C TRP C 155 4.39 1.67 19.43
N PHE C 156 4.15 1.21 18.21
CA PHE C 156 4.42 2.07 17.06
C PHE C 156 3.55 3.31 17.10
N TYR C 157 2.28 3.17 17.47
CA TYR C 157 1.37 4.31 17.54
C TYR C 157 1.87 5.35 18.56
N PHE C 158 2.32 4.88 19.72
CA PHE C 158 2.83 5.78 20.76
C PHE C 158 4.15 6.40 20.35
N ILE C 159 4.96 5.69 19.58
CA ILE C 159 6.16 6.30 19.01
C ILE C 159 5.76 7.43 18.05
N ILE C 160 4.79 7.17 17.18
CA ILE C 160 4.36 8.16 16.21
C ILE C 160 3.81 9.40 16.91
N THR C 161 2.99 9.18 17.92
CA THR C 161 2.17 10.26 18.48
C THR C 161 2.78 10.92 19.70
N ILE C 162 3.46 10.16 20.56
CA ILE C 162 3.87 10.70 21.85
C ILE C 162 5.36 10.56 22.08
N ILE C 163 5.87 9.33 22.09
CA ILE C 163 7.21 9.05 22.59
C ILE C 163 8.25 9.77 21.75
N ARG C 164 8.14 9.69 20.44
CA ARG C 164 9.13 10.31 19.57
C ARG C 164 8.94 11.83 19.50
N PRO C 165 7.71 12.36 19.47
CA PRO C 165 7.59 13.81 19.65
C PRO C 165 8.17 14.32 20.95
N VAL C 166 8.05 13.55 22.03
CA VAL C 166 8.63 13.95 23.30
C VAL C 166 10.15 13.91 23.24
N ALA C 167 10.71 12.84 22.65
CA ALA C 167 12.16 12.73 22.55
C ALA C 167 12.74 13.83 21.67
N ILE C 168 12.08 14.13 20.55
CA ILE C 168 12.48 15.28 19.74
C ILE C 168 12.23 16.58 20.49
N GLY C 169 11.24 16.60 21.38
CA GLY C 169 10.95 17.79 22.16
C GLY C 169 9.95 18.72 21.54
N SER C 170 9.17 18.26 20.57
CA SER C 170 8.20 19.09 19.88
C SER C 170 6.97 18.25 19.55
N TRP C 171 5.79 18.81 19.80
CA TRP C 171 4.55 18.13 19.47
C TRP C 171 4.20 18.22 17.99
N ASP C 172 4.82 19.13 17.24
CA ASP C 172 4.53 19.18 15.81
C ASP C 172 5.06 17.97 15.06
N GLU C 173 5.95 17.20 15.68
CA GLU C 173 6.42 15.94 15.11
C GLU C 173 5.37 14.85 15.20
N SER C 174 4.30 15.07 15.96
CA SER C 174 3.29 14.05 16.14
C SER C 174 2.34 14.00 14.94
N LEU C 175 1.54 12.94 14.90
CA LEU C 175 0.72 12.64 13.74
C LEU C 175 -0.59 13.42 13.80
N PRO C 176 -0.88 14.27 12.81
CA PRO C 176 -2.17 14.97 12.81
C PRO C 176 -3.32 14.00 12.63
N ILE C 177 -4.46 14.34 13.23
CA ILE C 177 -5.65 13.49 13.15
C ILE C 177 -6.43 13.93 11.91
N GLY C 178 -6.03 13.39 10.76
CA GLY C 178 -6.74 13.65 9.53
C GLY C 178 -6.41 12.60 8.50
N MET C 179 -7.32 12.41 7.56
CA MET C 179 -7.14 11.43 6.51
C MET C 179 -5.93 11.80 5.67
N PHE C 180 -6.00 12.93 4.98
CA PHE C 180 -4.88 13.39 4.19
C PHE C 180 -3.78 14.01 5.04
N ALA C 181 -4.10 14.46 6.24
CA ALA C 181 -3.11 15.13 7.07
C ALA C 181 -2.06 14.15 7.59
N HIS C 182 -2.45 12.93 7.94
CA HIS C 182 -1.45 12.00 8.45
C HIS C 182 -0.59 11.42 7.33
N LEU C 183 -1.12 11.39 6.10
CA LEU C 183 -0.28 11.11 4.95
C LEU C 183 0.68 12.27 4.66
N ASP C 184 0.26 13.47 4.94
CA ASP C 184 1.11 14.60 4.79
C ASP C 184 2.16 14.53 5.87
N TRP C 185 1.84 13.99 7.03
CA TRP C 185 2.83 13.74 8.07
C TRP C 185 3.86 12.74 7.59
N LEU C 186 3.42 11.68 6.91
CA LEU C 186 4.35 10.75 6.29
C LEU C 186 5.33 11.48 5.38
N VAL C 187 4.81 12.30 4.47
CA VAL C 187 5.67 13.02 3.54
C VAL C 187 6.63 13.94 4.29
N ALA C 188 6.11 14.68 5.26
CA ALA C 188 6.93 15.66 5.96
C ALA C 188 8.01 14.99 6.77
N ILE C 189 7.70 13.88 7.45
CA ILE C 189 8.72 13.17 8.22
C ILE C 189 9.78 12.59 7.29
N SER C 190 9.36 11.96 6.20
CA SER C 190 10.34 11.31 5.34
C SER C 190 11.25 12.34 4.68
N GLU C 191 10.70 13.48 4.26
CA GLU C 191 11.53 14.44 3.54
C GLU C 191 12.32 15.34 4.48
N ARG C 192 11.75 15.68 5.63
CA ARG C 192 12.50 16.44 6.62
C ARG C 192 13.72 15.65 7.09
N TYR C 193 13.54 14.37 7.37
CA TYR C 193 14.63 13.51 7.83
C TYR C 193 15.15 12.67 6.68
N GLY C 194 15.77 13.36 5.72
CA GLY C 194 16.37 12.68 4.60
C GLY C 194 15.35 12.04 3.71
N ASN C 195 15.26 10.72 3.78
CA ASN C 195 14.34 9.95 2.95
C ASN C 195 14.14 8.60 3.62
N PHE C 196 12.90 8.25 3.99
CA PHE C 196 12.72 6.96 4.63
C PHE C 196 12.97 5.80 3.69
N TYR C 197 12.99 6.02 2.38
CA TYR C 197 13.45 4.96 1.49
C TYR C 197 14.89 4.57 1.81
N TYR C 198 15.65 5.47 2.40
CA TYR C 198 17.01 5.21 2.84
C TYR C 198 17.09 4.84 4.32
N ASN C 199 15.96 4.74 5.00
CA ASN C 199 15.91 4.33 6.39
C ASN C 199 15.88 2.81 6.42
N PRO C 200 16.90 2.15 6.97
CA PRO C 200 16.91 0.68 6.92
C PRO C 200 15.84 0.04 7.78
N PHE C 201 15.39 0.71 8.84
CA PHE C 201 14.23 0.19 9.56
C PHE C 201 12.96 0.41 8.78
N HIS C 202 12.88 1.48 7.99
CA HIS C 202 11.82 1.59 7.01
C HIS C 202 11.89 0.46 6.01
N MET C 203 13.11 0.15 5.53
CA MET C 203 13.30 -0.97 4.62
C MET C 203 12.85 -2.27 5.25
N LEU C 204 13.21 -2.50 6.51
CA LEU C 204 12.86 -3.75 7.17
C LEU C 204 11.38 -3.82 7.48
N SER C 205 10.78 -2.69 7.85
CA SER C 205 9.35 -2.68 8.13
C SER C 205 8.55 -2.92 6.86
N ILE C 206 9.01 -2.36 5.74
CA ILE C 206 8.37 -2.67 4.47
C ILE C 206 8.65 -4.10 4.06
N ALA C 207 9.84 -4.62 4.37
CA ALA C 207 10.11 -6.03 4.11
C ALA C 207 9.15 -6.91 4.89
N PHE C 208 8.88 -6.55 6.14
CA PHE C 208 7.98 -7.34 6.98
C PHE C 208 6.52 -7.10 6.62
N CYS C 209 6.16 -5.94 6.09
CA CYS C 209 4.79 -5.73 5.63
C CYS C 209 4.55 -6.44 4.30
N PHE C 210 5.47 -6.29 3.35
CA PHE C 210 5.41 -7.05 2.12
C PHE C 210 5.46 -8.54 2.39
N GLY C 211 6.22 -8.96 3.40
CA GLY C 211 6.27 -10.35 3.78
C GLY C 211 5.13 -10.81 4.64
N SER C 212 4.44 -9.89 5.33
CA SER C 212 3.17 -10.22 5.92
C SER C 212 2.15 -10.52 4.84
N ALA C 213 2.14 -9.69 3.80
CA ALA C 213 1.30 -9.97 2.64
C ALA C 213 1.71 -11.28 1.98
N LEU C 214 3.02 -11.50 1.82
CA LEU C 214 3.50 -12.73 1.21
C LEU C 214 3.12 -13.95 2.04
N LEU C 215 3.43 -13.93 3.33
CA LEU C 215 3.16 -15.08 4.19
C LEU C 215 1.68 -15.31 4.35
N PHE C 216 0.89 -14.27 4.31
CA PHE C 216 -0.52 -14.43 4.64
C PHE C 216 -1.31 -14.75 3.38
N ALA C 217 -0.88 -14.26 2.22
CA ALA C 217 -1.30 -14.83 0.95
C ALA C 217 -0.90 -16.30 0.83
N ALA C 218 0.37 -16.61 1.06
CA ALA C 218 0.87 -17.98 0.91
C ALA C 218 0.22 -18.91 1.91
N HIS C 219 -0.01 -18.44 3.13
CA HIS C 219 -0.59 -19.28 4.17
C HIS C 219 -2.09 -19.47 3.96
N GLY C 220 -2.81 -18.40 3.59
CA GLY C 220 -4.20 -18.57 3.24
C GLY C 220 -4.37 -19.47 2.03
N ALA C 221 -3.52 -19.30 1.02
CA ALA C 221 -3.55 -20.17 -0.15
C ALA C 221 -3.20 -21.60 0.24
N THR C 222 -2.23 -21.78 1.13
CA THR C 222 -1.84 -23.11 1.59
C THR C 222 -2.99 -23.79 2.32
N ILE C 223 -3.68 -23.05 3.17
CA ILE C 223 -4.77 -23.60 3.93
C ILE C 223 -5.97 -23.88 3.05
N LEU C 224 -6.24 -23.01 2.08
CA LEU C 224 -7.34 -23.26 1.15
C LEU C 224 -7.02 -24.42 0.21
N ALA C 225 -5.74 -24.60 -0.12
CA ALA C 225 -5.33 -25.72 -0.96
C ALA C 225 -5.38 -27.04 -0.22
N THR C 226 -5.04 -27.02 1.06
CA THR C 226 -5.04 -28.22 1.89
C THR C 226 -6.32 -28.40 2.67
N GLY C 227 -7.31 -27.52 2.46
CA GLY C 227 -8.62 -27.71 3.06
C GLY C 227 -9.30 -28.97 2.61
N ARG C 228 -8.84 -29.55 1.49
CA ARG C 228 -9.23 -30.90 1.14
C ARG C 228 -8.91 -31.90 2.23
N TYR C 229 -7.93 -31.59 3.08
CA TYR C 229 -7.49 -32.47 4.14
C TYR C 229 -7.69 -31.83 5.51
N ASN C 230 -8.72 -30.99 5.63
CA ASN C 230 -9.14 -30.39 6.89
C ASN C 230 -8.01 -29.60 7.55
N SER C 231 -7.20 -28.93 6.73
CA SER C 231 -6.09 -28.16 7.26
C SER C 231 -6.53 -26.82 7.84
N GLU C 232 -7.73 -26.36 7.52
CA GLU C 232 -8.21 -25.09 8.08
C GLU C 232 -8.48 -25.22 9.57
N ARG C 233 -8.84 -26.41 10.04
CA ARG C 233 -8.90 -26.69 11.47
C ARG C 233 -7.46 -26.88 11.94
N GLU C 234 -6.79 -25.75 12.12
CA GLU C 234 -5.34 -25.75 12.36
C GLU C 234 -4.98 -26.14 13.78
N ILE C 235 -5.86 -25.91 14.75
CA ILE C 235 -5.56 -26.32 16.12
C ILE C 235 -5.40 -27.82 16.20
N GLU C 236 -6.30 -28.55 15.55
CA GLU C 236 -6.16 -30.00 15.47
C GLU C 236 -4.91 -30.40 14.71
N GLN C 237 -4.61 -29.71 13.61
CA GLN C 237 -3.41 -30.02 12.86
C GLN C 237 -2.15 -29.71 13.65
N ILE C 238 -2.24 -28.88 14.69
CA ILE C 238 -1.09 -28.61 15.54
C ILE C 238 -0.97 -29.68 16.61
N THR C 239 -2.07 -29.99 17.29
CA THR C 239 -2.03 -31.02 18.32
C THR C 239 -2.03 -32.42 17.72
N ASP C 240 -2.74 -32.62 16.61
CA ASP C 240 -2.82 -33.92 15.95
C ASP C 240 -2.49 -33.70 14.49
N ARG C 241 -1.20 -33.73 14.17
CA ARG C 241 -0.71 -33.38 12.85
C ARG C 241 -1.28 -34.34 11.81
N GLY C 242 -2.03 -33.80 10.84
CA GLY C 242 -2.66 -34.61 9.82
C GLY C 242 -1.96 -34.51 8.48
N THR C 243 -2.58 -35.12 7.47
CA THR C 243 -2.00 -35.08 6.14
C THR C 243 -2.11 -33.71 5.50
N GLY C 244 -3.06 -32.87 5.94
CA GLY C 244 -3.12 -31.51 5.41
C GLY C 244 -1.92 -30.69 5.84
N SER C 245 -1.57 -30.76 7.13
CA SER C 245 -0.37 -30.07 7.61
C SER C 245 0.89 -30.67 6.99
N GLU C 246 0.92 -32.00 6.84
CA GLU C 246 2.05 -32.65 6.17
C GLU C 246 2.19 -32.16 4.74
N ARG C 247 1.08 -32.06 4.00
CA ARG C 247 1.12 -31.63 2.62
C ARG C 247 1.52 -30.17 2.50
N ALA C 248 1.05 -29.34 3.42
CA ALA C 248 1.48 -27.93 3.45
C ALA C 248 2.98 -27.83 3.66
N ALA C 249 3.48 -28.56 4.67
CA ALA C 249 4.91 -28.57 4.95
C ALA C 249 5.70 -29.08 3.76
N LEU C 250 5.20 -30.13 3.09
CA LEU C 250 5.96 -30.70 1.99
C LEU C 250 5.90 -29.81 0.76
N PHE C 251 4.78 -29.13 0.54
CA PHE C 251 4.74 -28.15 -0.54
C PHE C 251 5.81 -27.10 -0.34
N TRP C 252 5.89 -26.56 0.87
CA TRP C 252 6.83 -25.48 1.09
C TRP C 252 8.27 -25.98 1.20
N ARG C 253 8.47 -27.23 1.61
CA ARG C 253 9.80 -27.79 1.64
C ARG C 253 10.30 -28.10 0.22
N TRP C 254 9.43 -28.62 -0.63
CA TRP C 254 9.82 -28.88 -2.00
C TRP C 254 9.95 -27.60 -2.81
N THR C 255 9.28 -26.53 -2.40
CA THR C 255 9.42 -25.25 -3.07
C THR C 255 10.67 -24.50 -2.60
N MET C 256 10.74 -24.19 -1.30
CA MET C 256 11.77 -23.33 -0.74
C MET C 256 12.95 -24.08 -0.15
N GLY C 257 12.83 -25.41 0.01
CA GLY C 257 13.82 -26.16 0.74
C GLY C 257 13.58 -26.24 2.22
N PHE C 258 12.70 -25.41 2.77
CA PHE C 258 12.35 -25.46 4.18
C PHE C 258 10.87 -25.16 4.30
N ASN C 259 10.29 -25.58 5.41
CA ASN C 259 8.88 -25.42 5.65
C ASN C 259 8.68 -24.92 7.07
N ALA C 260 7.43 -24.82 7.46
CA ALA C 260 7.01 -24.55 8.82
C ALA C 260 6.12 -25.69 9.29
N THR C 261 5.67 -25.60 10.52
CA THR C 261 4.59 -26.46 10.99
C THR C 261 3.30 -25.67 10.99
N MET C 262 2.21 -26.34 11.32
CA MET C 262 0.93 -25.65 11.42
C MET C 262 0.98 -24.58 12.49
N GLU C 263 1.70 -24.81 13.58
CA GLU C 263 1.87 -23.79 14.61
C GLU C 263 2.98 -22.81 14.26
N SER C 264 4.07 -23.30 13.67
CA SER C 264 5.20 -22.42 13.42
C SER C 264 4.94 -21.50 12.24
N ILE C 265 4.05 -21.85 11.32
CA ILE C 265 3.69 -20.88 10.29
C ILE C 265 2.97 -19.69 10.92
N HIS C 266 2.18 -19.95 11.96
CA HIS C 266 1.53 -18.86 12.67
C HIS C 266 2.52 -18.09 13.51
N ARG C 267 3.53 -18.75 14.05
CA ARG C 267 4.65 -18.03 14.66
C ARG C 267 5.33 -17.11 13.66
N TRP C 268 5.63 -17.64 12.47
CA TRP C 268 6.26 -16.87 11.40
C TRP C 268 5.41 -15.66 11.05
N GLY C 269 4.13 -15.88 10.79
CA GLY C 269 3.26 -14.79 10.40
C GLY C 269 3.04 -13.78 11.50
N TYR C 270 2.86 -14.26 12.72
CA TYR C 270 2.72 -13.38 13.88
C TYR C 270 3.93 -12.46 14.00
N TRP C 271 5.13 -13.03 13.92
CA TRP C 271 6.32 -12.20 14.10
C TRP C 271 6.56 -11.31 12.89
N MET C 272 6.32 -11.82 11.68
CA MET C 272 6.48 -11.01 10.49
C MET C 272 5.54 -9.81 10.49
N ALA C 273 4.31 -10.02 10.97
CA ALA C 273 3.37 -8.91 11.09
C ALA C 273 3.80 -7.95 12.17
N ILE C 274 3.88 -8.42 13.43
CA ILE C 274 4.17 -7.50 14.53
C ILE C 274 5.57 -6.88 14.45
N LEU C 275 6.42 -7.37 13.55
CA LEU C 275 7.70 -6.71 13.33
C LEU C 275 7.55 -5.41 12.55
N VAL C 276 6.49 -5.29 11.76
CA VAL C 276 6.26 -4.08 10.98
C VAL C 276 6.19 -2.90 11.94
N PRO C 277 5.29 -2.87 12.92
CA PRO C 277 5.24 -1.72 13.82
C PRO C 277 6.46 -1.58 14.71
N LEU C 278 7.14 -2.68 15.04
CA LEU C 278 8.27 -2.60 15.98
C LEU C 278 9.49 -1.96 15.34
N VAL C 279 9.99 -2.53 14.24
CA VAL C 279 11.11 -1.91 13.55
C VAL C 279 10.68 -0.59 12.93
N ALA C 280 9.38 -0.44 12.63
CA ALA C 280 8.86 0.86 12.23
C ALA C 280 9.08 1.89 13.32
N SER C 281 8.77 1.54 14.57
CA SER C 281 8.97 2.43 15.68
C SER C 281 10.44 2.76 15.85
N ILE C 282 11.30 1.76 15.68
CA ILE C 282 12.74 2.01 15.80
C ILE C 282 13.19 3.04 14.77
N GLY C 283 12.82 2.83 13.51
CA GLY C 283 13.27 3.74 12.46
C GLY C 283 12.69 5.12 12.58
N LEU C 284 11.41 5.22 12.90
CA LEU C 284 10.80 6.53 13.10
C LEU C 284 11.43 7.25 14.28
N PHE C 285 11.66 6.54 15.38
CA PHE C 285 12.27 7.17 16.55
C PHE C 285 13.67 7.67 16.24
N LEU C 286 14.45 6.89 15.51
CA LEU C 286 15.78 7.34 15.14
C LEU C 286 15.74 8.51 14.17
N SER C 287 14.65 8.62 13.40
CA SER C 287 14.46 9.78 12.54
C SER C 287 14.09 10.99 13.38
N GLY C 288 15.03 11.90 13.56
CA GLY C 288 14.82 13.09 14.34
C GLY C 288 15.45 13.08 15.71
N THR C 289 15.87 11.92 16.20
CA THR C 289 16.62 11.82 17.44
C THR C 289 18.09 11.52 17.19
N VAL C 290 18.37 10.49 16.40
CA VAL C 290 19.73 10.13 16.04
C VAL C 290 20.04 10.54 14.60
N ILE C 291 19.10 10.32 13.69
CA ILE C 291 19.31 10.51 12.27
C ILE C 291 18.67 11.84 11.86
N GLU C 292 19.45 12.70 11.24
CA GLU C 292 18.92 13.94 10.69
C GLU C 292 18.58 13.81 9.22
N SER C 293 19.36 13.04 8.47
CA SER C 293 19.07 12.74 7.06
C SER C 293 19.36 11.28 6.83
N TRP C 294 18.34 10.53 6.40
CA TRP C 294 18.59 9.15 6.01
C TRP C 294 19.35 9.08 4.70
N TYR C 295 19.19 10.09 3.84
CA TYR C 295 19.93 10.13 2.60
C TYR C 295 21.42 10.34 2.87
N GLU C 296 21.75 11.31 3.73
CA GLU C 296 23.15 11.54 4.08
C GLU C 296 23.74 10.37 4.86
N TRP C 297 22.94 9.80 5.76
CA TRP C 297 23.39 8.65 6.54
C TRP C 297 23.66 7.45 5.65
N GLY C 298 22.77 7.18 4.68
CA GLY C 298 22.99 6.09 3.76
C GLY C 298 24.08 6.39 2.74
N LEU C 299 24.34 7.67 2.47
CA LEU C 299 25.51 8.05 1.70
C LEU C 299 26.78 7.67 2.44
N LYS C 300 26.82 7.94 3.75
CA LYS C 300 27.97 7.55 4.55
C LYS C 300 28.13 6.05 4.62
N HIS C 301 27.03 5.31 4.55
CA HIS C 301 27.04 3.86 4.68
C HIS C 301 26.98 3.14 3.35
N ASN C 302 27.15 3.87 2.24
CA ASN C 302 27.17 3.29 0.89
C ASN C 302 25.86 2.56 0.61
N LEU C 303 24.78 3.06 1.20
CA LEU C 303 23.44 2.54 1.04
C LEU C 303 22.67 3.22 -0.07
N VAL C 304 22.84 4.52 -0.20
CA VAL C 304 22.11 5.31 -1.19
C VAL C 304 22.78 5.14 -2.56
N PRO C 305 22.03 4.78 -3.60
CA PRO C 305 22.64 4.69 -4.94
C PRO C 305 23.10 6.07 -5.42
N ILE C 306 24.18 6.07 -6.20
CA ILE C 306 24.64 7.27 -6.88
C ILE C 306 24.41 7.08 -8.36
N TYR C 307 23.71 8.02 -8.96
CA TYR C 307 23.28 7.91 -10.35
C TYR C 307 24.21 8.72 -11.25
N GLU C 308 23.99 8.55 -12.56
CA GLU C 308 24.78 9.27 -13.55
C GLU C 308 24.69 10.76 -13.28
N GLU C 309 25.85 11.42 -13.30
CA GLU C 309 25.87 12.87 -13.13
C GLU C 309 25.09 13.52 -14.25
N LEU C 310 24.21 14.45 -13.89
CA LEU C 310 23.37 15.09 -14.89
C LEU C 310 24.19 16.03 -15.76
N SER C 311 23.85 16.09 -17.03
CA SER C 311 24.35 17.17 -17.88
C SER C 311 23.66 18.46 -17.46
N ASP C 312 24.47 19.47 -17.14
CA ASP C 312 23.97 20.75 -16.65
C ASP C 312 23.14 20.57 -15.38
N PRO C 313 23.77 20.20 -14.26
CA PRO C 313 23.02 20.12 -13.00
C PRO C 313 22.59 21.49 -12.53
N ALA C 314 21.57 21.50 -11.67
CA ALA C 314 21.16 22.74 -11.03
C ALA C 314 22.18 23.12 -9.96
N ARG C 315 22.68 24.34 -10.03
CA ARG C 315 23.62 24.86 -9.04
C ARG C 315 22.87 25.73 -8.04
N ASN C 316 23.11 25.50 -6.77
CA ASN C 316 22.45 26.28 -5.73
C ASN C 316 22.86 27.74 -5.86
N PRO C 317 21.94 28.66 -6.12
CA PRO C 317 22.32 30.08 -6.21
C PRO C 317 22.77 30.67 -4.90
N ALA C 318 22.48 30.01 -3.77
CA ALA C 318 22.94 30.44 -2.47
C ALA C 318 24.27 29.77 -2.08
N ALA C 319 25.09 29.44 -3.07
CA ALA C 319 26.37 28.78 -2.86
C ALA C 319 26.21 27.47 -2.09
N MET D 1 34.82 10.12 8.29
CA MET D 1 35.27 9.41 9.49
C MET D 1 35.30 10.37 10.67
N GLU D 2 34.59 11.48 10.53
CA GLU D 2 34.47 12.41 11.64
C GLU D 2 33.70 11.77 12.78
N ALA D 3 33.97 12.23 14.00
CA ALA D 3 33.09 11.92 15.11
C ALA D 3 31.81 12.73 15.00
N PHE D 4 30.72 12.13 15.43
CA PHE D 4 29.38 12.68 15.25
C PHE D 4 28.65 12.74 16.57
N TYR D 5 29.30 13.31 17.58
CA TYR D 5 28.72 13.33 18.92
C TYR D 5 27.35 14.01 18.90
N PRO D 6 26.34 13.43 19.56
CA PRO D 6 26.50 12.18 20.31
C PRO D 6 26.01 10.99 19.52
N MET D 7 26.12 11.03 18.19
CA MET D 7 25.55 10.04 17.32
C MET D 7 26.57 9.09 16.70
N GLY D 8 27.80 9.09 17.19
CA GLY D 8 28.74 8.07 16.80
C GLY D 8 30.05 8.61 16.25
N ILE D 9 30.78 7.74 15.56
CA ILE D 9 32.05 8.09 14.94
C ILE D 9 32.16 7.33 13.62
N ALA D 10 32.50 8.05 12.56
CA ALA D 10 32.62 7.46 11.22
C ALA D 10 31.29 6.76 10.91
N ARG D 11 31.30 5.50 10.50
CA ARG D 11 30.08 4.75 10.29
C ARG D 11 29.61 4.01 11.53
N PHE D 12 30.32 4.17 12.65
CA PHE D 12 29.93 3.57 13.93
C PHE D 12 28.88 4.44 14.62
N ASP D 13 27.78 4.68 13.90
CA ASP D 13 26.69 5.49 14.40
C ASP D 13 25.55 4.61 14.89
N TRP D 14 24.54 5.24 15.47
CA TRP D 14 23.47 4.43 16.04
C TRP D 14 22.34 4.17 15.07
N GLY D 15 22.33 4.81 13.91
CA GLY D 15 21.49 4.32 12.85
C GLY D 15 21.92 2.90 12.53
N ILE D 16 23.19 2.74 12.17
CA ILE D 16 23.69 1.42 11.81
C ILE D 16 23.72 0.50 13.01
N TRP D 17 23.80 1.05 14.22
CA TRP D 17 23.91 0.15 15.37
C TRP D 17 22.56 -0.37 15.80
N ALA D 18 21.52 0.46 15.70
CA ALA D 18 20.18 -0.10 15.85
C ALA D 18 19.86 -1.04 14.69
N VAL D 19 20.40 -0.76 13.50
CA VAL D 19 20.23 -1.68 12.37
C VAL D 19 20.84 -3.03 12.69
N ILE D 20 22.08 -3.03 13.20
CA ILE D 20 22.77 -4.26 13.54
C ILE D 20 22.04 -5.00 14.65
N PHE D 21 21.60 -4.27 15.67
CA PHE D 21 20.89 -4.90 16.77
C PHE D 21 19.59 -5.54 16.31
N PHE D 22 18.85 -4.84 15.43
CA PHE D 22 17.62 -5.42 14.94
C PHE D 22 17.88 -6.57 13.98
N PHE D 23 18.96 -6.54 13.21
CA PHE D 23 19.27 -7.71 12.39
C PHE D 23 19.70 -8.90 13.25
N VAL D 24 20.35 -8.63 14.36
CA VAL D 24 20.68 -9.69 15.31
C VAL D 24 19.40 -10.29 15.90
N PHE D 25 18.47 -9.42 16.29
CA PHE D 25 17.19 -9.90 16.82
C PHE D 25 16.40 -10.63 15.74
N LEU D 26 16.43 -10.14 14.51
CA LEU D 26 15.73 -10.79 13.42
C LEU D 26 16.35 -12.14 13.09
N ALA D 27 17.67 -12.24 13.14
CA ALA D 27 18.31 -13.53 12.97
C ALA D 27 17.92 -14.49 14.08
N GLY D 28 17.91 -14.01 15.32
CA GLY D 28 17.45 -14.85 16.42
C GLY D 28 16.00 -15.24 16.28
N LEU D 29 15.18 -14.35 15.73
CA LEU D 29 13.76 -14.63 15.52
C LEU D 29 13.55 -15.63 14.41
N ILE D 30 14.35 -15.54 13.34
CA ILE D 30 14.30 -16.52 12.27
C ILE D 30 14.77 -17.87 12.78
N VAL D 31 15.80 -17.88 13.63
CA VAL D 31 16.25 -19.12 14.24
C VAL D 31 15.17 -19.71 15.13
N TYR D 32 14.51 -18.88 15.92
CA TYR D 32 13.41 -19.35 16.76
C TYR D 32 12.28 -19.92 15.92
N CYS D 33 11.91 -19.22 14.84
CA CYS D 33 10.84 -19.69 13.97
C CYS D 33 11.23 -20.98 13.27
N ARG D 34 12.51 -21.13 12.91
CA ARG D 34 12.98 -22.36 12.28
C ARG D 34 12.96 -23.52 13.27
N ARG D 35 13.33 -23.26 14.52
CA ARG D 35 13.22 -24.30 15.55
C ARG D 35 11.76 -24.70 15.73
N GLU D 36 10.85 -23.74 15.73
CA GLU D 36 9.43 -24.06 15.80
C GLU D 36 8.99 -24.85 14.57
N ASP D 37 9.56 -24.53 13.40
CA ASP D 37 9.32 -25.32 12.19
C ASP D 37 9.76 -26.76 12.37
N LYS D 38 10.79 -26.98 13.16
CA LYS D 38 11.34 -28.31 13.35
C LYS D 38 10.63 -29.10 14.44
N ARG D 39 9.42 -28.68 14.82
CA ARG D 39 8.63 -29.45 15.78
C ARG D 39 7.84 -30.56 15.13
N GLU D 40 7.74 -30.56 13.80
CA GLU D 40 7.12 -31.64 13.05
C GLU D 40 8.08 -32.11 11.99
N GLY D 41 8.18 -33.43 11.82
CA GLY D 41 9.02 -33.99 10.79
C GLY D 41 10.49 -34.07 11.13
N TYR D 42 10.89 -33.57 12.30
CA TYR D 42 12.28 -33.57 12.72
C TYR D 42 12.45 -34.48 13.94
N PRO D 43 13.63 -35.11 14.09
CA PRO D 43 14.81 -34.99 13.24
C PRO D 43 14.61 -35.59 11.85
N LEU D 44 15.30 -35.03 10.87
CA LEU D 44 15.18 -35.49 9.50
C LEU D 44 15.70 -36.91 9.37
N ILE D 45 15.21 -37.61 8.36
CA ILE D 45 15.68 -38.93 8.01
C ILE D 45 16.13 -38.89 6.55
N SER D 46 17.27 -39.50 6.27
CA SER D 46 17.75 -39.55 4.90
C SER D 46 16.86 -40.45 4.06
N ASP D 47 17.02 -40.36 2.75
CA ASP D 47 16.27 -41.22 1.85
C ASP D 47 16.78 -42.65 1.95
N PRO D 48 15.92 -43.60 2.32
CA PRO D 48 16.36 -45.00 2.32
C PRO D 48 16.82 -45.49 0.95
N ASN D 49 16.26 -44.94 -0.12
CA ASN D 49 16.72 -45.27 -1.46
C ASN D 49 18.08 -44.62 -1.67
N ASP D 50 19.14 -45.38 -1.39
CA ASP D 50 20.49 -44.84 -1.38
C ASP D 50 21.46 -46.00 -1.38
N LYS D 51 22.42 -45.97 -2.31
CA LYS D 51 23.44 -47.01 -2.33
C LYS D 51 24.40 -46.91 -1.16
N TYR D 52 24.39 -45.81 -0.42
CA TYR D 52 25.24 -45.61 0.73
C TYR D 52 24.41 -45.53 2.00
N GLY D 53 25.07 -45.77 3.13
CA GLY D 53 24.40 -45.75 4.40
C GLY D 53 24.04 -44.34 4.83
N ALA D 54 23.45 -44.26 5.99
CA ALA D 54 23.07 -42.97 6.55
C ALA D 54 24.24 -42.38 7.33
N PRO D 55 24.60 -41.12 7.07
CA PRO D 55 25.59 -40.47 7.93
C PRO D 55 25.10 -40.41 9.36
N ARG D 56 26.04 -40.50 10.29
CA ARG D 56 25.68 -40.52 11.71
C ARG D 56 24.96 -39.25 12.12
N LEU D 57 25.40 -38.11 11.62
CA LEU D 57 24.78 -36.83 11.91
C LEU D 57 23.89 -36.44 10.73
N VAL D 58 22.62 -36.17 11.02
CA VAL D 58 21.64 -35.93 9.99
C VAL D 58 21.51 -34.44 9.75
N SER D 59 20.92 -34.09 8.61
CA SER D 59 20.69 -32.70 8.25
C SER D 59 19.61 -32.09 9.15
N GLY D 60 19.31 -30.83 8.91
CA GLY D 60 18.26 -30.13 9.63
C GLY D 60 18.54 -29.91 11.11
N THR D 61 19.77 -29.56 11.46
CA THR D 61 20.12 -29.31 12.84
C THR D 61 20.80 -27.96 13.06
N ILE D 62 20.97 -27.14 12.01
CA ILE D 62 21.66 -25.86 12.20
C ILE D 62 20.89 -24.96 13.15
N PRO D 63 19.59 -24.70 12.97
CA PRO D 63 18.77 -24.40 14.14
C PRO D 63 18.42 -25.72 14.79
N ARG D 64 18.84 -25.94 16.03
CA ARG D 64 18.65 -27.24 16.64
C ARG D 64 17.17 -27.61 16.66
N VAL D 65 16.89 -28.90 16.48
CA VAL D 65 15.53 -29.39 16.69
C VAL D 65 15.25 -29.18 18.18
N PRO D 66 14.23 -28.41 18.52
CA PRO D 66 14.02 -28.06 19.93
C PRO D 66 13.54 -29.25 20.73
N LYS D 67 13.60 -29.10 22.04
CA LYS D 67 13.01 -30.11 22.90
C LYS D 67 11.51 -30.23 22.59
N PRO D 68 10.98 -31.44 22.53
CA PRO D 68 9.58 -31.61 22.10
C PRO D 68 8.63 -30.81 22.99
N LYS D 69 7.67 -30.15 22.35
CA LYS D 69 6.74 -29.29 23.05
C LYS D 69 5.61 -30.11 23.67
N THR D 70 5.24 -29.75 24.89
CA THR D 70 4.16 -30.41 25.59
C THR D 70 2.86 -29.64 25.40
N PHE D 71 1.83 -30.33 24.93
CA PHE D 71 0.49 -29.78 24.82
C PHE D 71 -0.42 -30.48 25.81
N LEU D 72 -1.08 -29.72 26.66
CA LEU D 72 -2.14 -30.25 27.50
C LEU D 72 -3.45 -30.16 26.73
N LEU D 73 -4.23 -31.23 26.78
CA LEU D 73 -5.45 -31.33 25.99
C LEU D 73 -6.68 -31.31 26.90
N ARG D 74 -7.83 -31.05 26.28
CA ARG D 74 -9.08 -30.99 27.03
C ARG D 74 -9.42 -32.32 27.67
N ASP D 75 -9.17 -33.42 26.95
CA ASP D 75 -9.48 -34.74 27.48
C ASP D 75 -8.55 -35.19 28.59
N GLY D 76 -7.67 -34.32 29.08
CA GLY D 76 -6.74 -34.65 30.14
C GLY D 76 -5.43 -35.23 29.67
N ARG D 77 -5.26 -35.45 28.36
CA ARG D 77 -4.03 -36.04 27.85
C ARG D 77 -2.95 -34.99 27.73
N THR D 78 -1.71 -35.42 27.96
CA THR D 78 -0.53 -34.59 27.78
C THR D 78 0.24 -35.18 26.61
N ILE D 79 0.13 -34.54 25.45
CA ILE D 79 0.79 -35.02 24.25
C ILE D 79 2.11 -34.29 24.08
N GLN D 80 3.03 -34.93 23.37
CA GLN D 80 4.36 -34.39 23.15
C GLN D 80 4.60 -34.34 21.65
N VAL D 81 4.87 -33.14 21.15
CA VAL D 81 5.10 -32.90 19.73
C VAL D 81 6.60 -32.80 19.49
N PRO D 82 7.19 -33.60 18.60
CA PRO D 82 6.55 -34.54 17.66
C PRO D 82 5.90 -35.74 18.33
N ARG D 83 4.68 -36.07 17.92
CA ARG D 83 3.97 -37.20 18.49
C ARG D 83 4.55 -38.49 17.94
N GLN D 84 5.06 -39.34 18.83
CA GLN D 84 5.84 -40.49 18.39
C GLN D 84 5.00 -41.53 17.67
N GLU D 85 3.69 -41.58 17.91
CA GLU D 85 2.85 -42.48 17.12
C GLU D 85 2.89 -42.11 15.64
N LYS D 86 2.90 -40.81 15.34
CA LYS D 86 3.02 -40.37 13.96
C LYS D 86 4.39 -40.72 13.38
N VAL D 87 5.45 -40.57 14.17
CA VAL D 87 6.79 -40.89 13.68
C VAL D 87 6.92 -42.38 13.39
N GLU D 88 6.39 -43.22 14.27
CA GLU D 88 6.45 -44.66 14.03
C GLU D 88 5.53 -45.06 12.89
N TRP D 89 4.41 -44.34 12.72
CA TRP D 89 3.54 -44.55 11.57
C TRP D 89 4.28 -44.28 10.26
N ASP D 90 5.04 -43.19 10.22
CA ASP D 90 5.87 -42.92 9.05
C ASP D 90 6.95 -43.96 8.87
N ARG D 91 7.56 -44.42 9.97
CA ARG D 91 8.62 -45.42 9.88
C ARG D 91 8.09 -46.73 9.29
N ASN D 92 6.90 -47.14 9.71
CA ASN D 92 6.34 -48.44 9.34
C ASN D 92 5.26 -48.31 8.27
N TYR D 93 5.22 -47.18 7.58
CA TYR D 93 4.18 -46.94 6.59
C TYR D 93 4.36 -47.88 5.41
N LYS D 94 3.29 -48.61 5.07
CA LYS D 94 3.34 -49.51 3.90
C LYS D 94 3.38 -48.63 2.65
N LEU D 95 4.36 -48.86 1.81
CA LEU D 95 4.57 -47.98 0.67
C LEU D 95 3.70 -48.35 -0.52
N GLU D 96 3.71 -49.64 -0.90
CA GLU D 96 3.09 -50.09 -2.14
C GLU D 96 3.66 -49.31 -3.32
N ALA D 97 4.95 -49.01 -3.25
CA ALA D 97 5.62 -48.21 -4.26
C ALA D 97 7.11 -48.54 -4.23
N GLN D 98 7.77 -48.29 -5.36
CA GLN D 98 9.21 -48.44 -5.47
C GLN D 98 9.82 -47.16 -6.02
N PRO D 99 11.05 -46.84 -5.61
CA PRO D 99 11.72 -45.67 -6.21
C PRO D 99 11.93 -45.89 -7.70
N THR D 100 11.80 -44.81 -8.47
CA THR D 100 12.03 -44.93 -9.90
C THR D 100 13.50 -45.16 -10.21
N ALA D 101 14.39 -44.61 -9.40
CA ALA D 101 15.83 -44.68 -9.57
C ALA D 101 16.46 -45.04 -8.23
N PRO D 102 17.70 -45.56 -8.25
CA PRO D 102 18.35 -45.96 -6.99
C PRO D 102 19.02 -44.83 -6.22
N TRP D 103 18.70 -43.57 -6.49
CA TRP D 103 19.36 -42.49 -5.78
C TRP D 103 18.38 -41.74 -4.89
N PRO D 104 18.87 -41.10 -3.83
CA PRO D 104 18.00 -40.27 -3.01
C PRO D 104 17.40 -39.13 -3.82
N GLY D 105 16.18 -38.76 -3.47
CA GLY D 105 15.43 -37.80 -4.25
C GLY D 105 14.65 -38.39 -5.38
N SER D 106 14.74 -39.70 -5.59
CA SER D 106 13.97 -40.35 -6.62
C SER D 106 12.50 -40.43 -6.21
N PRO D 107 11.57 -40.17 -7.12
CA PRO D 107 10.16 -40.33 -6.79
C PRO D 107 9.79 -41.80 -6.68
N LEU D 108 8.65 -42.04 -6.05
CA LEU D 108 8.12 -43.39 -5.84
C LEU D 108 6.99 -43.63 -6.82
N GLU D 109 7.15 -44.63 -7.67
CA GLU D 109 6.05 -45.09 -8.51
C GLU D 109 5.32 -46.22 -7.78
N PRO D 110 4.03 -46.10 -7.55
CA PRO D 110 3.29 -47.18 -6.89
C PRO D 110 3.35 -48.48 -7.70
N ILE D 111 3.44 -49.60 -6.97
CA ILE D 111 3.61 -50.89 -7.62
C ILE D 111 2.32 -51.30 -8.35
N GLY D 112 1.18 -51.11 -7.71
CA GLY D 112 -0.08 -51.56 -8.27
C GLY D 112 -1.08 -50.44 -8.46
N ASN D 113 -2.29 -50.64 -7.97
CA ASN D 113 -3.31 -49.60 -8.08
C ASN D 113 -2.97 -48.48 -7.11
N PRO D 114 -2.71 -47.26 -7.59
CA PRO D 114 -2.31 -46.18 -6.68
C PRO D 114 -3.47 -45.58 -5.90
N MET D 115 -4.71 -45.84 -6.31
CA MET D 115 -5.86 -45.38 -5.53
C MET D 115 -5.89 -46.06 -4.16
N LYS D 116 -5.58 -47.36 -4.13
CA LYS D 116 -5.58 -48.12 -2.89
C LYS D 116 -4.22 -48.15 -2.21
N ALA D 117 -3.19 -47.56 -2.82
CA ALA D 117 -1.85 -47.62 -2.26
C ALA D 117 -1.66 -46.70 -1.07
N ALA D 118 -2.48 -45.66 -0.94
CA ALA D 118 -2.31 -44.64 0.09
C ALA D 118 -0.90 -44.06 0.05
N ILE D 119 -0.42 -43.78 -1.15
CA ILE D 119 0.91 -43.27 -1.39
C ILE D 119 0.80 -41.92 -2.08
N GLY D 120 1.76 -41.03 -1.81
CA GLY D 120 1.76 -39.71 -2.38
C GLY D 120 0.58 -38.88 -1.96
N PRO D 121 -0.18 -38.38 -2.93
CA PRO D 121 -1.39 -37.62 -2.60
C PRO D 121 -2.41 -38.45 -1.85
N GLY D 122 -2.34 -39.77 -1.93
CA GLY D 122 -3.14 -40.65 -1.13
C GLY D 122 -2.58 -40.98 0.23
N ALA D 123 -1.38 -40.51 0.53
CA ALA D 123 -0.78 -40.74 1.83
C ALA D 123 -1.53 -39.97 2.89
N TYR D 124 -1.59 -40.55 4.08
CA TYR D 124 -2.25 -39.88 5.20
C TYR D 124 -1.45 -40.10 6.46
N ALA D 125 -1.62 -39.19 7.41
CA ALA D 125 -0.90 -39.21 8.67
C ALA D 125 -1.62 -40.05 9.70
N LYS D 126 -0.87 -40.48 10.71
CA LYS D 126 -1.49 -41.10 11.87
C LYS D 126 -2.15 -40.03 12.71
N ARG D 127 -3.43 -40.21 12.99
CA ARG D 127 -4.18 -39.27 13.82
C ARG D 127 -4.96 -40.07 14.86
N GLU D 128 -5.64 -39.34 15.73
CA GLU D 128 -6.34 -39.98 16.84
C GLU D 128 -7.48 -40.85 16.33
N ASP D 129 -7.60 -42.04 16.92
CA ASP D 129 -8.65 -42.98 16.56
C ASP D 129 -9.88 -42.85 17.45
N LYS D 130 -9.91 -41.88 18.33
CA LYS D 130 -11.08 -41.55 19.11
C LYS D 130 -11.73 -40.31 18.54
N PRO D 131 -13.03 -40.31 18.28
CA PRO D 131 -13.67 -39.15 17.65
C PRO D 131 -13.49 -37.89 18.47
N GLU D 132 -13.19 -36.79 17.78
CA GLU D 132 -12.93 -35.54 18.46
C GLU D 132 -14.22 -34.94 18.98
N LEU D 133 -14.13 -34.36 20.18
CA LEU D 133 -15.27 -33.73 20.83
C LEU D 133 -15.07 -32.23 20.90
N THR D 134 -16.17 -31.51 21.08
CA THR D 134 -16.11 -30.07 21.28
C THR D 134 -15.71 -29.78 22.72
N TRP D 135 -15.73 -28.51 23.11
CA TRP D 135 -15.40 -28.14 24.49
C TRP D 135 -16.41 -28.71 25.48
N HIS D 136 -17.65 -28.93 25.03
CA HIS D 136 -18.70 -29.49 25.86
C HIS D 136 -18.86 -30.99 25.67
N ASN D 137 -17.81 -31.66 25.17
CA ASN D 137 -17.78 -33.11 25.02
C ASN D 137 -18.88 -33.60 24.08
N LYS D 138 -19.28 -32.76 23.14
CA LYS D 138 -20.20 -33.16 22.07
C LYS D 138 -19.40 -33.58 20.86
N GLN D 139 -19.94 -34.55 20.12
CA GLN D 139 -19.28 -35.03 18.91
C GLN D 139 -19.05 -33.87 17.94
N LYS D 140 -17.78 -33.53 17.74
CA LYS D 140 -17.43 -32.34 16.98
C LYS D 140 -17.89 -32.44 15.53
N ILE D 141 -17.53 -33.52 14.85
CA ILE D 141 -17.94 -33.74 13.46
C ILE D 141 -19.06 -34.76 13.48
N VAL D 142 -20.26 -34.31 13.12
CA VAL D 142 -21.46 -35.11 13.33
C VAL D 142 -22.38 -35.00 12.12
N PRO D 143 -23.02 -36.09 11.69
CA PRO D 143 -24.02 -35.97 10.63
C PRO D 143 -25.25 -35.20 11.13
N MET D 144 -25.89 -34.51 10.19
CA MET D 144 -27.11 -33.76 10.53
C MET D 144 -28.27 -34.66 10.91
N ARG D 145 -28.19 -35.97 10.62
CA ARG D 145 -29.20 -36.89 11.11
C ARG D 145 -29.09 -37.08 12.62
N ILE D 146 -27.91 -36.87 13.18
CA ILE D 146 -27.73 -36.92 14.63
C ILE D 146 -27.83 -35.53 15.24
N ALA D 147 -27.16 -34.55 14.64
CA ALA D 147 -27.25 -33.16 15.07
C ALA D 147 -28.39 -32.48 14.32
N THR D 148 -29.61 -32.81 14.75
CA THR D 148 -30.80 -32.22 14.14
C THR D 148 -30.86 -30.71 14.34
N GLU D 149 -30.14 -30.19 15.35
CA GLU D 149 -30.12 -28.75 15.59
C GLU D 149 -29.41 -27.99 14.48
N TYR D 150 -28.61 -28.66 13.67
CA TYR D 150 -27.89 -28.03 12.56
C TYR D 150 -28.70 -28.21 11.28
N TYR D 151 -28.88 -27.11 10.56
CA TYR D 151 -29.67 -27.12 9.33
C TYR D 151 -28.95 -26.33 8.26
N VAL D 152 -29.16 -26.74 7.01
CA VAL D 152 -28.68 -25.95 5.88
C VAL D 152 -29.47 -24.65 5.81
N VAL D 153 -28.76 -23.53 5.68
CA VAL D 153 -29.44 -22.24 5.68
C VAL D 153 -30.40 -22.18 4.50
N GLU D 154 -31.42 -21.32 4.63
CA GLU D 154 -32.50 -21.29 3.65
C GLU D 154 -31.98 -20.92 2.27
N ASP D 155 -31.08 -19.94 2.18
CA ASP D 155 -30.57 -19.49 0.90
C ASP D 155 -29.68 -20.51 0.21
N ASP D 156 -29.34 -21.60 0.87
CA ASP D 156 -28.37 -22.52 0.31
C ASP D 156 -28.96 -23.85 0.05
N PRO D 157 -28.44 -24.56 -0.94
CA PRO D 157 -29.07 -25.83 -1.32
C PRO D 157 -28.86 -26.90 -0.26
N ASP D 158 -29.94 -27.57 0.11
CA ASP D 158 -29.85 -28.73 1.00
C ASP D 158 -29.70 -29.96 0.12
N LEU D 159 -28.47 -30.46 0.00
CA LEU D 159 -28.19 -31.51 -0.97
C LEU D 159 -28.44 -32.91 -0.43
N ARG D 160 -29.15 -33.08 0.69
CA ARG D 160 -29.56 -34.43 1.07
C ARG D 160 -30.38 -35.06 -0.06
N GLY D 161 -29.88 -36.17 -0.58
CA GLY D 161 -30.48 -36.83 -1.72
C GLY D 161 -29.98 -36.35 -3.07
N ALA D 162 -29.15 -35.31 -3.11
CA ALA D 162 -28.66 -34.79 -4.37
C ALA D 162 -27.69 -35.79 -5.02
N PRO D 163 -27.69 -35.86 -6.34
CA PRO D 163 -26.73 -36.75 -7.02
C PRO D 163 -25.30 -36.30 -6.79
N VAL D 164 -24.42 -37.28 -6.64
CA VAL D 164 -22.98 -37.05 -6.55
C VAL D 164 -22.36 -37.73 -7.75
N VAL D 165 -21.72 -36.95 -8.61
CA VAL D 165 -21.14 -37.43 -9.84
C VAL D 165 -19.63 -37.39 -9.73
N GLY D 166 -18.98 -38.32 -10.43
CA GLY D 166 -17.54 -38.45 -10.39
C GLY D 166 -16.85 -37.57 -11.42
N LEU D 167 -15.58 -37.90 -11.67
CA LEU D 167 -14.79 -37.12 -12.60
C LEU D 167 -15.37 -37.18 -14.01
N CYS D 168 -15.76 -38.35 -14.46
CA CYS D 168 -16.27 -38.55 -15.81
C CYS D 168 -17.76 -38.29 -15.92
N GLY D 169 -18.37 -37.71 -14.90
CA GLY D 169 -19.78 -37.42 -14.90
C GLY D 169 -20.68 -38.56 -14.49
N GLY D 170 -20.12 -39.75 -14.25
CA GLY D 170 -20.93 -40.87 -13.82
C GLY D 170 -21.49 -40.68 -12.43
N GLN D 171 -22.64 -41.29 -12.20
CA GLN D 171 -23.35 -41.14 -10.93
C GLN D 171 -22.60 -41.89 -9.84
N GLY D 172 -21.84 -41.17 -9.02
CA GLY D 172 -21.15 -41.79 -7.91
C GLY D 172 -22.11 -42.28 -6.84
N GLY D 173 -23.13 -41.49 -6.53
CA GLY D 173 -24.08 -41.88 -5.51
C GLY D 173 -25.09 -40.79 -5.23
N ARG D 174 -25.68 -40.85 -4.03
CA ARG D 174 -26.62 -39.82 -3.59
C ARG D 174 -26.28 -39.39 -2.18
N VAL D 175 -26.46 -38.10 -1.88
CA VAL D 175 -26.13 -37.61 -0.55
C VAL D 175 -27.17 -38.10 0.45
N ARG D 176 -26.78 -39.09 1.25
CA ARG D 176 -27.64 -39.54 2.35
C ARG D 176 -27.73 -38.48 3.44
N ASP D 177 -26.60 -37.92 3.85
CA ASP D 177 -26.61 -36.95 4.94
C ASP D 177 -25.39 -36.04 4.82
N ILE D 178 -25.45 -34.93 5.55
CA ILE D 178 -24.39 -33.93 5.59
C ILE D 178 -23.74 -33.98 6.96
N TRP D 179 -22.42 -34.08 6.98
CA TRP D 179 -21.64 -34.03 8.21
C TRP D 179 -21.14 -32.61 8.43
N VAL D 180 -21.43 -32.07 9.60
CA VAL D 180 -21.06 -30.69 9.93
C VAL D 180 -20.11 -30.72 11.12
N ASP D 181 -19.28 -29.69 11.19
CA ASP D 181 -18.44 -29.46 12.36
C ASP D 181 -19.21 -28.55 13.32
N ARG D 182 -19.45 -29.05 14.53
CA ARG D 182 -20.19 -28.27 15.52
C ARG D 182 -19.47 -26.99 15.89
N SER D 183 -18.14 -27.07 16.04
CA SER D 183 -17.37 -25.89 16.43
C SER D 183 -17.24 -24.91 15.27
N GLU D 184 -16.99 -25.40 14.06
CA GLU D 184 -16.75 -24.55 12.91
C GLU D 184 -18.03 -24.11 12.22
N CYS D 185 -19.15 -24.76 12.49
CA CYS D 185 -20.43 -24.47 11.84
C CYS D 185 -20.30 -24.51 10.32
N ARG D 186 -19.56 -25.51 9.83
CA ARG D 186 -19.38 -25.71 8.40
C ARG D 186 -19.68 -27.15 8.05
N ILE D 187 -20.02 -27.38 6.79
CA ILE D 187 -20.13 -28.74 6.28
C ILE D 187 -18.72 -29.32 6.18
N MET D 188 -18.49 -30.43 6.87
CA MET D 188 -17.22 -31.14 6.75
C MET D 188 -17.27 -32.21 5.68
N TYR D 189 -18.32 -33.02 5.70
CA TYR D 189 -18.43 -34.15 4.79
C TYR D 189 -19.87 -34.25 4.30
N TYR D 190 -20.00 -34.77 3.09
CA TYR D 190 -21.27 -35.26 2.57
C TYR D 190 -21.21 -36.78 2.65
N GLU D 191 -22.16 -37.37 3.37
CA GLU D 191 -22.29 -38.82 3.34
C GLU D 191 -22.95 -39.20 2.02
N VAL D 192 -22.27 -40.02 1.24
CA VAL D 192 -22.74 -40.41 -0.09
C VAL D 192 -23.05 -41.89 -0.05
N GLU D 193 -24.32 -42.25 -0.17
CA GLU D 193 -24.71 -43.63 -0.31
C GLU D 193 -24.50 -44.07 -1.76
N ILE D 194 -24.01 -45.29 -1.92
CA ILE D 194 -23.74 -45.88 -3.22
C ILE D 194 -24.64 -47.08 -3.40
N SER D 195 -25.24 -47.22 -4.58
CA SER D 195 -26.17 -48.31 -4.84
C SER D 195 -25.56 -49.34 -5.80
N ASP D 202 -24.46 -49.39 1.29
CA ASP D 202 -23.13 -48.89 1.65
C ASP D 202 -23.09 -47.38 1.55
N SER D 203 -22.21 -46.75 2.32
CA SER D 203 -22.12 -45.31 2.35
C SER D 203 -20.67 -44.90 2.61
N VAL D 204 -20.22 -43.87 1.90
CA VAL D 204 -18.87 -43.34 2.05
C VAL D 204 -18.98 -41.88 2.46
N LEU D 205 -17.85 -41.24 2.74
CA LEU D 205 -17.84 -39.83 3.04
C LEU D 205 -17.06 -39.07 1.97
N LEU D 206 -17.48 -37.83 1.75
CA LEU D 206 -16.93 -36.97 0.73
C LEU D 206 -16.56 -35.64 1.37
N PRO D 207 -15.27 -35.32 1.50
CA PRO D 207 -14.89 -34.05 2.11
C PRO D 207 -15.48 -32.88 1.36
N GLN D 208 -15.86 -31.85 2.11
CA GLN D 208 -16.57 -30.72 1.53
C GLN D 208 -15.70 -30.00 0.50
N CYS D 209 -14.40 -29.90 0.75
CA CYS D 209 -13.51 -29.26 -0.21
C CYS D 209 -13.25 -30.12 -1.43
N PHE D 210 -13.56 -31.41 -1.36
CA PHE D 210 -13.52 -32.29 -2.52
C PHE D 210 -14.84 -32.36 -3.25
N ALA D 211 -15.84 -31.60 -2.81
CA ALA D 211 -17.18 -31.62 -3.37
C ALA D 211 -17.50 -30.25 -3.95
N ARG D 212 -17.95 -30.23 -5.19
CA ARG D 212 -18.45 -29.01 -5.81
C ARG D 212 -19.97 -29.10 -5.86
N GLU D 213 -20.65 -28.35 -5.00
CA GLU D 213 -22.09 -28.22 -5.07
C GLU D 213 -22.39 -27.33 -6.26
N THR D 214 -22.83 -27.95 -7.36
CA THR D 214 -23.12 -27.25 -8.59
C THR D 214 -24.62 -27.33 -8.88
N ARG D 215 -25.22 -26.18 -9.17
CA ARG D 215 -26.62 -26.12 -9.57
C ARG D 215 -26.71 -26.41 -11.06
N ARG D 216 -27.26 -27.57 -11.41
CA ARG D 216 -27.47 -27.89 -12.80
C ARG D 216 -28.51 -26.96 -13.40
N MET D 217 -28.46 -26.81 -14.72
CA MET D 217 -29.40 -25.93 -15.39
C MET D 217 -30.83 -26.44 -15.29
N ASP D 218 -31.00 -27.70 -14.87
CA ASP D 218 -32.30 -28.22 -14.48
C ASP D 218 -32.87 -27.52 -13.25
N GLY D 219 -32.05 -26.76 -12.52
CA GLY D 219 -32.39 -26.32 -11.19
C GLY D 219 -32.09 -27.35 -10.12
N VAL D 220 -31.55 -28.50 -10.50
CA VAL D 220 -31.23 -29.59 -9.58
C VAL D 220 -29.79 -29.44 -9.14
N TRP D 221 -29.56 -29.45 -7.84
CA TRP D 221 -28.21 -29.39 -7.33
C TRP D 221 -27.58 -30.77 -7.31
N GLU D 222 -26.30 -30.83 -7.63
CA GLU D 222 -25.56 -32.07 -7.57
C GLU D 222 -24.19 -31.78 -7.00
N ILE D 223 -23.47 -32.84 -6.64
CA ILE D 223 -22.08 -32.73 -6.23
C ILE D 223 -21.22 -33.28 -7.35
N ARG D 224 -20.35 -32.43 -7.88
CA ARG D 224 -19.34 -32.83 -8.83
C ARG D 224 -18.06 -33.08 -8.06
N VAL D 225 -17.52 -34.28 -8.19
CA VAL D 225 -16.29 -34.68 -7.51
C VAL D 225 -15.24 -34.86 -8.61
N ASN D 226 -14.40 -33.85 -8.78
CA ASN D 226 -13.36 -33.91 -9.79
C ASN D 226 -12.27 -34.91 -9.41
N SER D 227 -12.08 -35.14 -8.11
CA SER D 227 -10.93 -35.93 -7.67
C SER D 227 -11.03 -37.38 -8.10
N ILE D 228 -12.16 -38.03 -7.84
CA ILE D 228 -12.32 -39.45 -8.11
C ILE D 228 -13.50 -39.65 -9.06
N THR D 229 -13.59 -40.88 -9.59
CA THR D 229 -14.65 -41.24 -10.50
C THR D 229 -15.80 -41.90 -9.73
N ALA D 230 -16.91 -42.16 -10.44
CA ALA D 230 -18.08 -42.75 -9.80
C ALA D 230 -17.77 -44.15 -9.26
N GLU D 231 -17.03 -44.94 -10.04
CA GLU D 231 -16.66 -46.28 -9.59
C GLU D 231 -15.79 -46.22 -8.35
N GLN D 232 -14.81 -45.32 -8.34
CA GLN D 232 -13.87 -45.24 -7.22
C GLN D 232 -14.55 -44.80 -5.93
N PHE D 233 -15.77 -44.25 -6.01
CA PHE D 233 -16.53 -43.97 -4.81
C PHE D 233 -16.74 -45.23 -3.97
N ARG D 234 -16.77 -46.39 -4.62
CA ARG D 234 -16.93 -47.64 -3.89
C ARG D 234 -15.74 -47.96 -3.02
N ASP D 235 -14.58 -47.35 -3.27
CA ASP D 235 -13.36 -47.67 -2.56
C ASP D 235 -12.96 -46.59 -1.56
N VAL D 236 -13.84 -45.63 -1.30
CA VAL D 236 -13.54 -44.64 -0.26
C VAL D 236 -13.47 -45.35 1.09
N PRO D 237 -12.50 -45.05 1.94
CA PRO D 237 -12.43 -45.71 3.25
C PRO D 237 -13.71 -45.50 4.04
N ARG D 238 -14.27 -46.59 4.54
CA ARG D 238 -15.51 -46.53 5.28
C ARG D 238 -15.25 -46.09 6.72
N LEU D 239 -16.32 -45.74 7.41
CA LEU D 239 -16.25 -45.36 8.82
C LEU D 239 -16.38 -46.60 9.70
N SER D 240 -15.54 -46.68 10.73
CA SER D 240 -15.65 -47.75 11.70
C SER D 240 -17.01 -47.72 12.40
N ASN D 241 -17.45 -46.52 12.77
CA ASN D 241 -18.79 -46.28 13.29
C ASN D 241 -19.53 -45.40 12.30
N PRO D 242 -20.73 -45.79 11.86
CA PRO D 242 -21.41 -45.00 10.82
C PRO D 242 -21.72 -43.58 11.22
N ASP D 243 -21.99 -43.32 12.50
CA ASP D 243 -22.45 -42.02 12.95
C ASP D 243 -21.35 -41.13 13.52
N GLN D 244 -20.10 -41.60 13.52
CA GLN D 244 -19.01 -40.79 14.02
C GLN D 244 -17.78 -41.03 13.17
N ILE D 245 -16.91 -40.02 13.10
CA ILE D 245 -15.68 -40.11 12.35
C ILE D 245 -14.54 -39.64 13.24
N THR D 246 -13.46 -40.40 13.27
CA THR D 246 -12.28 -40.03 14.02
C THR D 246 -11.37 -39.19 13.15
N PRO D 247 -10.44 -38.44 13.75
CA PRO D 247 -9.45 -37.72 12.93
C PRO D 247 -8.69 -38.62 12.00
N GLN D 248 -8.41 -39.86 12.41
CA GLN D 248 -7.78 -40.83 11.53
C GLN D 248 -8.66 -41.15 10.32
N GLU D 249 -9.96 -41.34 10.54
CA GLU D 249 -10.85 -41.66 9.41
C GLU D 249 -11.06 -40.45 8.51
N GLU D 250 -11.18 -39.26 9.11
CA GLU D 250 -11.21 -38.05 8.30
C GLU D 250 -9.99 -37.97 7.40
N ASP D 251 -8.83 -38.26 7.99
CA ASP D 251 -7.57 -38.11 7.30
C ASP D 251 -7.45 -39.16 6.20
N MET D 252 -7.94 -40.37 6.45
CA MET D 252 -7.95 -41.43 5.44
C MET D 252 -8.85 -41.07 4.27
N VAL D 253 -10.07 -40.57 4.55
CA VAL D 253 -11.00 -40.26 3.47
C VAL D 253 -10.48 -39.12 2.62
N CYS D 254 -10.00 -38.05 3.28
CA CYS D 254 -9.42 -36.95 2.54
C CYS D 254 -8.22 -37.40 1.72
N ALA D 255 -7.40 -38.30 2.27
CA ALA D 255 -6.26 -38.80 1.53
C ALA D 255 -6.68 -39.66 0.35
N TYR D 256 -7.78 -40.40 0.47
CA TYR D 256 -8.26 -41.17 -0.68
C TYR D 256 -8.66 -40.24 -1.82
N TYR D 257 -9.39 -39.17 -1.50
CA TYR D 257 -9.76 -38.25 -2.57
C TYR D 257 -8.54 -37.51 -3.11
N GLY D 258 -7.57 -37.18 -2.26
CA GLY D 258 -6.32 -36.63 -2.74
C GLY D 258 -5.58 -37.59 -3.65
N ALA D 259 -5.61 -38.89 -3.33
CA ALA D 259 -5.09 -39.90 -4.22
C ALA D 259 -5.77 -39.82 -5.57
N GLY D 260 -7.10 -39.67 -5.56
CA GLY D 260 -7.82 -39.53 -6.81
C GLY D 260 -7.38 -38.33 -7.61
N THR D 261 -7.00 -37.26 -6.97
CA THR D 261 -6.57 -36.06 -7.67
C THR D 261 -5.40 -36.33 -8.58
N LEU D 262 -4.60 -37.32 -8.30
CA LEU D 262 -3.47 -37.68 -9.15
C LEU D 262 -3.61 -39.04 -9.83
N TYR D 263 -4.46 -39.93 -9.33
CA TYR D 263 -4.47 -41.32 -9.73
C TYR D 263 -5.84 -41.84 -10.15
N ALA D 264 -6.87 -40.99 -10.16
CA ALA D 264 -8.20 -41.47 -10.55
C ALA D 264 -8.20 -41.97 -11.98
N VAL D 265 -7.50 -41.28 -12.87
CA VAL D 265 -7.38 -41.69 -14.26
C VAL D 265 -5.90 -41.69 -14.62
N PRO D 266 -5.48 -42.51 -15.59
CA PRO D 266 -4.04 -42.56 -15.92
C PRO D 266 -3.45 -41.22 -16.37
N GLY D 267 -4.26 -40.36 -17.00
CA GLY D 267 -3.72 -39.14 -17.55
C GLY D 267 -3.23 -38.14 -16.51
N ARG D 268 -3.99 -38.00 -15.42
CA ARG D 268 -3.76 -36.89 -14.50
C ARG D 268 -2.44 -37.00 -13.73
N THR D 269 -1.75 -38.12 -13.80
CA THR D 269 -0.40 -38.21 -13.26
C THR D 269 0.67 -37.88 -14.29
N GLU D 270 0.28 -37.59 -15.53
CA GLU D 270 1.21 -37.35 -16.62
C GLU D 270 1.22 -35.88 -17.03
N PRO D 271 2.32 -35.38 -17.57
CA PRO D 271 2.39 -33.98 -17.97
C PRO D 271 1.70 -33.75 -19.32
N PHE D 272 1.59 -32.47 -19.65
CA PHE D 272 1.14 -32.10 -20.99
C PHE D 272 2.11 -32.61 -22.04
N LEU D 273 3.40 -32.36 -21.86
CA LEU D 273 4.44 -32.84 -22.76
C LEU D 273 5.54 -33.49 -21.94
N PRO D 274 5.67 -34.82 -22.01
CA PRO D 274 6.74 -35.55 -21.33
C PRO D 274 7.93 -35.79 -22.23
N ILE E 5 11.20 -49.68 -1.83
CA ILE E 5 12.41 -50.29 -1.28
C ILE E 5 13.42 -50.53 -2.40
N ARG E 6 13.18 -51.56 -3.20
CA ARG E 6 14.01 -51.84 -4.37
C ARG E 6 13.62 -50.91 -5.50
N PRO E 7 14.53 -50.08 -6.01
CA PRO E 7 14.17 -49.20 -7.13
C PRO E 7 13.78 -49.97 -8.37
N LEU E 8 12.87 -49.38 -9.15
CA LEU E 8 12.42 -50.00 -10.39
C LEU E 8 13.59 -50.26 -11.31
N ARG E 9 14.24 -49.20 -11.76
CA ARG E 9 15.49 -49.32 -12.50
C ARG E 9 16.65 -49.29 -11.52
N ASP E 10 17.59 -50.20 -11.72
CA ASP E 10 18.80 -50.27 -10.92
C ASP E 10 19.98 -49.81 -11.77
N PHE E 11 20.98 -49.26 -11.11
CA PHE E 11 22.16 -48.70 -11.77
C PHE E 11 23.37 -49.42 -11.20
N THR E 12 23.82 -50.47 -11.88
CA THR E 12 24.84 -51.34 -11.35
C THR E 12 26.20 -50.65 -11.37
N ASP E 13 27.17 -51.29 -10.72
CA ASP E 13 28.54 -50.76 -10.70
C ASP E 13 29.13 -50.73 -12.09
N GLU E 14 28.92 -51.79 -12.88
CA GLU E 14 29.41 -51.79 -14.25
C GLU E 14 28.65 -50.77 -15.10
N GLU E 15 27.37 -50.58 -14.83
CA GLU E 15 26.61 -49.56 -15.54
C GLU E 15 27.10 -48.17 -15.15
N ALA E 16 27.48 -47.98 -13.89
CA ALA E 16 28.08 -46.72 -13.47
C ALA E 16 29.43 -46.49 -14.14
N GLN E 17 30.26 -47.53 -14.24
CA GLN E 17 31.53 -47.40 -14.92
C GLN E 17 31.33 -47.06 -16.39
N GLU E 18 30.35 -47.70 -17.04
CA GLU E 18 30.07 -47.43 -18.44
C GLU E 18 29.59 -46.00 -18.64
N PHE E 19 28.69 -45.53 -17.77
CA PHE E 19 28.27 -44.14 -17.88
C PHE E 19 29.43 -43.19 -17.63
N HIS E 20 30.30 -43.50 -16.66
CA HIS E 20 31.40 -42.60 -16.37
C HIS E 20 32.37 -42.53 -17.54
N GLN E 21 32.66 -43.67 -18.17
CA GLN E 21 33.47 -43.65 -19.38
C GLN E 21 32.82 -42.81 -20.47
N ALA E 22 31.52 -43.04 -20.72
CA ALA E 22 30.83 -42.29 -21.76
C ALA E 22 30.80 -40.80 -21.45
N ALA E 23 30.57 -40.44 -20.18
CA ALA E 23 30.48 -39.05 -19.80
C ALA E 23 31.84 -38.37 -19.83
N VAL E 24 32.90 -39.08 -19.45
CA VAL E 24 34.24 -38.51 -19.53
C VAL E 24 34.65 -38.29 -20.99
N GLN E 25 34.38 -39.27 -21.85
CA GLN E 25 34.66 -39.07 -23.27
C GLN E 25 33.81 -37.94 -23.85
N SER E 26 32.54 -37.86 -23.45
CA SER E 26 31.69 -36.79 -23.95
C SER E 26 32.17 -35.43 -23.46
N PHE E 27 32.56 -35.34 -22.19
CA PHE E 27 33.06 -34.09 -21.64
C PHE E 27 34.35 -33.68 -22.33
N PHE E 28 35.25 -34.62 -22.60
CA PHE E 28 36.51 -34.26 -23.22
C PHE E 28 36.33 -33.92 -24.69
N LEU E 29 35.42 -34.59 -25.39
CA LEU E 29 35.11 -34.18 -26.76
C LEU E 29 34.46 -32.80 -26.79
N TYR E 30 33.56 -32.53 -25.84
CA TYR E 30 32.95 -31.22 -25.73
C TYR E 30 33.99 -30.14 -25.43
N VAL E 31 34.92 -30.44 -24.52
CA VAL E 31 35.97 -29.50 -24.18
C VAL E 31 36.91 -29.30 -25.35
N ALA E 32 37.17 -30.35 -26.14
CA ALA E 32 38.01 -30.21 -27.31
C ALA E 32 37.37 -29.33 -28.37
N VAL E 33 36.06 -29.51 -28.60
CA VAL E 33 35.35 -28.66 -29.54
C VAL E 33 35.34 -27.22 -29.04
N ALA E 34 35.10 -27.03 -27.74
CA ALA E 34 35.12 -25.69 -27.16
C ALA E 34 36.51 -25.08 -27.23
N PHE E 35 37.55 -25.91 -27.12
CA PHE E 35 38.92 -25.43 -27.21
C PHE E 35 39.25 -25.01 -28.64
N VAL E 36 38.75 -25.75 -29.63
CA VAL E 36 38.90 -25.32 -31.02
C VAL E 36 38.20 -23.98 -31.23
N ALA E 37 37.00 -23.83 -30.65
CA ALA E 37 36.29 -22.56 -30.73
C ALA E 37 37.09 -21.44 -30.08
N HIS E 38 37.70 -21.71 -28.93
CA HIS E 38 38.52 -20.72 -28.25
C HIS E 38 39.77 -20.39 -29.04
N LEU E 39 40.35 -21.39 -29.71
CA LEU E 39 41.49 -21.13 -30.58
C LEU E 39 41.10 -20.22 -31.74
N LEU E 40 39.93 -20.45 -32.32
CA LEU E 40 39.44 -19.57 -33.37
C LEU E 40 39.21 -18.15 -32.85
N VAL E 41 38.62 -18.03 -31.66
CA VAL E 41 38.38 -16.72 -31.07
C VAL E 41 39.71 -16.02 -30.79
N TRP E 42 40.70 -16.76 -30.28
CA TRP E 42 42.00 -16.19 -29.98
C TRP E 42 42.72 -15.75 -31.25
N ALA E 43 42.71 -16.59 -32.28
CA ALA E 43 43.30 -16.19 -33.55
C ALA E 43 42.58 -14.98 -34.11
N TRP E 44 41.27 -14.88 -33.87
CA TRP E 44 40.53 -13.69 -34.23
C TRP E 44 40.96 -12.51 -33.38
N ARG E 45 40.76 -12.60 -32.08
CA ARG E 45 41.21 -11.58 -31.14
C ARG E 45 41.64 -12.25 -29.83
N PRO E 46 42.93 -12.25 -29.52
CA PRO E 46 43.37 -12.85 -28.25
C PRO E 46 42.71 -12.17 -27.07
N PHE E 47 42.35 -12.98 -26.07
CA PHE E 47 41.60 -12.51 -24.92
C PHE E 47 42.41 -12.51 -23.63
N TRP E 48 43.71 -12.75 -23.70
CA TRP E 48 44.58 -12.49 -22.57
C TRP E 48 45.42 -11.25 -22.89
N PRO E 49 45.25 -10.14 -22.18
CA PRO E 49 45.96 -8.91 -22.53
C PRO E 49 47.47 -9.07 -22.40
N PRO E 50 48.23 -8.50 -23.33
CA PRO E 50 49.68 -8.44 -23.16
C PRO E 50 50.09 -7.36 -22.17
N GLU E 51 51.39 -7.17 -21.96
CA GLU E 51 51.85 -6.15 -21.03
C GLU E 51 51.33 -4.77 -21.41
N GLN E 52 51.31 -4.47 -22.71
CA GLN E 52 50.82 -3.19 -23.21
C GLN E 52 49.30 -3.12 -23.24
N GLY E 53 48.62 -4.22 -22.96
CA GLY E 53 47.19 -4.26 -23.04
C GLY E 53 46.72 -4.25 -24.48
N TYR E 54 45.39 -4.29 -24.58
CA TYR E 54 44.70 -4.18 -25.88
C TYR E 54 43.49 -3.22 -25.80
N ARG E 55 43.50 -2.22 -24.93
CA ARG E 55 42.46 -1.21 -24.98
C ARG E 55 42.60 -0.43 -26.27
N LEU E 56 41.50 -0.30 -27.01
CA LEU E 56 41.55 0.39 -28.29
C LEU E 56 41.96 1.85 -28.14
N GLU E 57 41.60 2.48 -27.02
CA GLU E 57 41.97 3.87 -26.78
C GLU E 57 43.48 4.03 -26.67
N ASP E 58 44.20 2.97 -26.32
CA ASP E 58 45.64 3.06 -26.15
C ASP E 58 46.41 2.96 -27.47
N PHE E 59 45.74 2.60 -28.56
CA PHE E 59 46.44 2.36 -29.82
C PHE E 59 45.81 3.13 -30.96
N ALA E 60 44.50 3.32 -30.91
CA ALA E 60 43.81 3.99 -32.00
C ALA E 60 43.93 5.51 -31.87
N PRO E 61 43.90 6.22 -32.99
CA PRO E 61 43.86 7.68 -32.93
C PRO E 61 42.54 8.16 -32.37
N GLU E 62 42.51 9.43 -31.97
CA GLU E 62 41.34 10.00 -31.32
C GLU E 62 40.14 10.08 -32.25
N GLU E 63 40.35 9.99 -33.57
CA GLU E 63 39.23 9.94 -34.49
C GLU E 63 38.46 8.62 -34.42
N ILE E 64 39.02 7.61 -33.76
CA ILE E 64 38.36 6.32 -33.57
C ILE E 64 37.65 6.35 -32.24
N ARG E 65 36.33 6.12 -32.25
CA ARG E 65 35.54 6.16 -31.04
C ARG E 65 35.81 4.89 -30.24
N THR E 66 36.38 5.05 -29.05
CA THR E 66 36.64 3.96 -28.13
C THR E 66 35.79 4.16 -26.89
N ASP E 67 35.04 3.14 -26.50
CA ASP E 67 34.17 3.19 -25.35
C ASP E 67 34.73 2.25 -24.28
N SER E 68 34.93 2.77 -23.08
CA SER E 68 35.48 1.96 -22.01
C SER E 68 34.50 0.87 -21.59
N PHE E 69 35.04 -0.24 -21.09
CA PHE E 69 34.20 -1.31 -20.59
C PHE E 69 33.35 -0.83 -19.42
N TYR E 70 33.91 -0.01 -18.56
CA TYR E 70 33.19 0.47 -17.46
C TYR E 70 32.34 1.64 -17.85
N SER E 71 31.11 1.70 -17.38
CA SER E 71 30.22 2.81 -17.64
C SER E 71 30.16 3.73 -16.42
N ASP E 72 29.80 4.99 -16.68
CA ASP E 72 29.66 5.99 -15.63
C ASP E 72 28.22 6.12 -15.13
N PHE E 73 27.39 5.11 -15.39
CA PHE E 73 25.99 5.21 -15.01
C PHE E 73 25.81 5.25 -13.50
N LEU E 74 26.66 4.56 -12.75
CA LEU E 74 26.59 4.51 -11.30
C LEU E 74 27.91 4.94 -10.69
N PRO E 75 28.15 6.26 -10.57
CA PRO E 75 29.41 6.79 -10.01
C PRO E 75 29.55 6.53 -8.52
N THR E 76 29.75 5.27 -8.16
CA THR E 76 29.87 4.90 -6.76
C THR E 76 31.31 4.61 -6.38
N MET F 1 36.34 -42.57 -9.64
CA MET F 1 35.39 -41.46 -9.66
C MET F 1 34.06 -41.89 -10.27
N TRP F 2 34.05 -43.06 -10.91
CA TRP F 2 32.80 -43.58 -11.44
C TRP F 2 31.79 -43.84 -10.33
N ARG F 3 32.28 -44.13 -9.12
CA ARG F 3 31.39 -44.44 -8.01
C ARG F 3 30.56 -43.24 -7.58
N ILE F 4 30.88 -42.04 -8.07
CA ILE F 4 30.04 -40.89 -7.82
C ILE F 4 28.66 -41.08 -8.41
N TRP F 5 28.53 -41.94 -9.41
CA TRP F 5 27.22 -42.25 -9.97
C TRP F 5 26.44 -43.21 -9.09
N LYS F 6 27.09 -43.84 -8.12
CA LYS F 6 26.37 -44.44 -7.01
C LYS F 6 25.88 -43.39 -6.03
N VAL F 7 26.62 -42.29 -5.90
CA VAL F 7 26.21 -41.21 -5.00
C VAL F 7 25.10 -40.38 -5.64
N PHE F 8 25.33 -39.92 -6.86
CA PHE F 8 24.43 -39.00 -7.53
C PHE F 8 23.86 -39.66 -8.78
N ASP F 9 22.64 -39.29 -9.11
CA ASP F 9 22.02 -39.73 -10.33
C ASP F 9 22.76 -39.13 -11.52
N PRO F 10 23.29 -39.95 -12.44
CA PRO F 10 23.91 -39.38 -13.64
C PRO F 10 22.96 -38.49 -14.41
N ARG F 11 21.67 -38.83 -14.44
CA ARG F 11 20.69 -37.98 -15.10
C ARG F 11 20.55 -36.64 -14.42
N ARG F 12 20.53 -36.61 -13.09
CA ARG F 12 20.39 -35.34 -12.38
C ARG F 12 21.64 -34.49 -12.52
N ILE F 13 22.82 -35.12 -12.45
CA ILE F 13 24.05 -34.37 -12.63
C ILE F 13 24.15 -33.86 -14.07
N LEU F 14 23.67 -34.66 -15.03
CA LEU F 14 23.61 -34.20 -16.42
C LEU F 14 22.68 -33.01 -16.57
N ILE F 15 21.53 -33.05 -15.90
CA ILE F 15 20.59 -31.93 -15.96
C ILE F 15 21.20 -30.68 -15.35
N ALA F 16 21.85 -30.84 -14.19
CA ALA F 16 22.53 -29.71 -13.55
C ALA F 16 23.65 -29.18 -14.41
N THR F 17 24.40 -30.06 -15.06
CA THR F 17 25.50 -29.65 -15.91
C THR F 17 25.02 -28.94 -17.16
N ALA F 18 23.97 -29.45 -17.79
CA ALA F 18 23.41 -28.79 -18.97
C ALA F 18 22.83 -27.44 -18.59
N LEU F 19 22.16 -27.35 -17.45
CA LEU F 19 21.66 -26.08 -16.94
C LEU F 19 22.81 -25.09 -16.73
N TRP F 20 23.87 -25.55 -16.07
CA TRP F 20 25.01 -24.70 -15.80
C TRP F 20 25.68 -24.25 -17.09
N LEU F 21 25.80 -25.16 -18.06
CA LEU F 21 26.40 -24.83 -19.34
C LEU F 21 25.57 -23.78 -20.08
N ILE F 22 24.24 -23.94 -20.09
CA ILE F 22 23.40 -22.93 -20.72
C ILE F 22 23.57 -21.58 -20.03
N ILE F 23 23.55 -21.60 -18.70
CA ILE F 23 23.64 -20.36 -17.93
C ILE F 23 24.94 -19.64 -18.25
N ILE F 24 26.05 -20.36 -18.15
CA ILE F 24 27.35 -19.70 -18.32
C ILE F 24 27.59 -19.35 -19.78
N SER F 25 27.08 -20.15 -20.72
CA SER F 25 27.25 -19.83 -22.13
C SER F 25 26.54 -18.52 -22.47
N LEU F 26 25.28 -18.39 -22.06
CA LEU F 26 24.58 -17.12 -22.29
C LEU F 26 25.25 -15.98 -21.55
N THR F 27 25.68 -16.22 -20.31
CA THR F 27 26.32 -15.16 -19.54
C THR F 27 27.59 -14.69 -20.22
N ILE F 28 28.41 -15.61 -20.71
CA ILE F 28 29.66 -15.23 -21.36
C ILE F 28 29.38 -14.50 -22.66
N HIS F 29 28.42 -14.98 -23.45
CA HIS F 29 28.10 -14.30 -24.69
C HIS F 29 27.65 -12.86 -24.44
N VAL F 30 26.80 -12.66 -23.43
CA VAL F 30 26.35 -11.31 -23.11
C VAL F 30 27.49 -10.47 -22.57
N ILE F 31 28.37 -11.07 -21.78
CA ILE F 31 29.53 -10.35 -21.24
C ILE F 31 30.42 -9.88 -22.38
N LEU F 32 30.65 -10.73 -23.38
CA LEU F 32 31.40 -10.32 -24.56
C LEU F 32 30.68 -9.20 -25.30
N MET F 33 29.36 -9.27 -25.37
CA MET F 33 28.59 -8.18 -25.95
C MET F 33 28.83 -6.87 -25.21
N THR F 34 29.02 -6.94 -23.89
CA THR F 34 29.33 -5.73 -23.13
C THR F 34 30.73 -5.21 -23.40
N THR F 35 31.62 -6.04 -23.95
CA THR F 35 32.97 -5.58 -24.22
C THR F 35 33.02 -4.80 -25.52
N GLU F 36 34.18 -4.17 -25.75
CA GLU F 36 34.44 -3.47 -27.01
C GLU F 36 35.20 -4.33 -27.99
N ARG F 37 36.20 -5.08 -27.50
CA ARG F 37 37.02 -5.85 -28.41
C ARG F 37 36.28 -7.07 -28.93
N PHE F 38 35.50 -7.71 -28.07
CA PHE F 38 34.90 -9.00 -28.37
C PHE F 38 33.42 -8.91 -28.72
N ASN F 39 32.87 -7.70 -28.87
CA ASN F 39 31.50 -7.54 -29.31
C ASN F 39 31.50 -7.62 -30.83
N TRP F 40 31.27 -8.82 -31.34
CA TRP F 40 31.15 -9.02 -32.79
C TRP F 40 29.93 -8.29 -33.35
N LEU F 41 28.90 -8.09 -32.52
CA LEU F 41 27.72 -7.36 -32.98
C LEU F 41 28.03 -5.89 -33.19
N GLN F 42 28.71 -5.27 -32.21
CA GLN F 42 29.11 -3.88 -32.36
C GLN F 42 30.22 -3.72 -33.39
N GLY F 43 31.12 -4.70 -33.48
CA GLY F 43 32.17 -4.70 -34.47
C GLY F 43 33.25 -3.64 -34.32
N ALA F 44 33.67 -3.38 -33.09
CA ALA F 44 34.70 -2.37 -32.86
C ALA F 44 36.06 -2.88 -33.33
N PRO F 45 36.97 -1.97 -33.70
CA PRO F 45 38.31 -2.40 -34.12
C PRO F 45 39.10 -2.99 -32.97
N ALA F 46 40.09 -3.79 -33.33
CA ALA F 46 41.01 -4.36 -32.37
C ALA F 46 42.23 -3.45 -32.21
N ALA F 47 42.82 -3.49 -31.01
CA ALA F 47 43.98 -2.68 -30.73
C ALA F 47 45.20 -3.09 -31.55
N GLU F 48 45.25 -4.33 -32.03
CA GLU F 48 46.36 -4.76 -32.87
C GLU F 48 46.41 -4.01 -34.19
N TYR F 49 45.25 -3.53 -34.65
CA TYR F 49 45.17 -2.76 -35.88
C TYR F 49 45.66 -1.33 -35.71
N TYR F 50 45.59 -0.78 -34.50
CA TYR F 50 45.83 0.64 -34.23
C TYR F 50 44.90 1.51 -35.09
N SER F 51 43.60 1.28 -34.89
CA SER F 51 42.55 1.81 -35.76
C SER F 51 42.70 3.27 -36.14
N MET G 1 39.05 -31.44 23.55
CA MET G 1 37.62 -31.28 23.52
C MET G 1 36.92 -32.31 22.65
N TRP G 2 37.40 -33.55 22.70
CA TRP G 2 36.74 -34.61 21.95
C TRP G 2 35.36 -34.94 22.51
N LYS G 3 35.09 -34.56 23.76
CA LYS G 3 33.79 -34.82 24.37
C LYS G 3 32.74 -33.81 23.97
N LEU G 4 33.12 -32.73 23.27
CA LEU G 4 32.15 -31.71 22.87
C LEU G 4 31.04 -32.28 22.00
N TRP G 5 31.35 -33.33 21.23
CA TRP G 5 30.38 -33.96 20.35
C TRP G 5 29.46 -34.92 21.08
N LYS G 6 29.69 -35.14 22.37
CA LYS G 6 28.67 -35.76 23.21
C LYS G 6 27.48 -34.85 23.43
N PHE G 7 27.67 -33.53 23.28
CA PHE G 7 26.66 -32.56 23.67
C PHE G 7 26.34 -31.59 22.54
N VAL G 8 27.34 -31.27 21.72
CA VAL G 8 27.17 -30.34 20.61
C VAL G 8 27.22 -31.15 19.32
N ASP G 9 26.23 -30.93 18.45
CA ASP G 9 26.22 -31.61 17.16
C ASP G 9 27.41 -31.15 16.33
N PHE G 10 28.22 -32.11 15.88
CA PHE G 10 29.36 -31.74 15.06
C PHE G 10 28.96 -31.32 13.67
N ARG G 11 27.90 -31.91 13.11
CA ARG G 11 27.47 -31.49 11.78
C ARG G 11 27.02 -30.03 11.80
N MET G 12 26.25 -29.65 12.82
CA MET G 12 25.88 -28.25 12.96
C MET G 12 27.10 -27.37 13.09
N THR G 13 28.05 -27.78 13.94
CA THR G 13 29.24 -26.96 14.18
C THR G 13 30.05 -26.79 12.91
N ALA G 14 30.34 -27.89 12.22
CA ALA G 14 31.18 -27.84 11.03
C ALA G 14 30.49 -27.10 9.89
N VAL G 15 29.20 -27.35 9.69
CA VAL G 15 28.47 -26.66 8.61
C VAL G 15 28.40 -25.17 8.92
N GLY G 16 28.07 -24.80 10.15
CA GLY G 16 27.99 -23.40 10.50
C GLY G 16 29.34 -22.72 10.42
N PHE G 17 30.40 -23.42 10.81
CA PHE G 17 31.74 -22.84 10.69
C PHE G 17 32.11 -22.64 9.24
N HIS G 18 31.77 -23.59 8.37
CA HIS G 18 32.10 -23.43 6.95
C HIS G 18 31.30 -22.31 6.31
N LEU G 19 30.01 -22.20 6.66
CA LEU G 19 29.21 -21.09 6.15
C LEU G 19 29.72 -19.75 6.66
N PHE G 20 30.02 -19.68 7.96
CA PHE G 20 30.51 -18.43 8.53
C PHE G 20 31.88 -18.08 7.99
N PHE G 21 32.71 -19.06 7.70
CA PHE G 21 34.03 -18.77 7.14
C PHE G 21 33.95 -18.43 5.66
N ALA G 22 32.97 -18.96 4.94
CA ALA G 22 32.72 -18.46 3.59
C ALA G 22 32.33 -16.99 3.65
N LEU G 23 31.36 -16.66 4.50
CA LEU G 23 30.94 -15.28 4.66
C LEU G 23 32.08 -14.40 5.13
N LEU G 24 32.90 -14.89 6.05
CA LEU G 24 33.96 -14.10 6.64
C LEU G 24 35.15 -13.96 5.69
N ALA G 25 35.44 -14.97 4.89
CA ALA G 25 36.45 -14.82 3.86
C ALA G 25 36.02 -13.76 2.85
N PHE G 26 34.75 -13.79 2.45
CA PHE G 26 34.23 -12.74 1.59
C PHE G 26 34.37 -11.37 2.26
N ALA G 27 33.95 -11.28 3.52
CA ALA G 27 33.95 -10.00 4.22
C ALA G 27 35.36 -9.46 4.40
N VAL G 28 36.30 -10.34 4.74
CA VAL G 28 37.68 -9.93 4.98
C VAL G 28 38.36 -9.54 3.67
N HIS G 29 38.11 -10.30 2.60
CA HIS G 29 38.65 -9.91 1.31
C HIS G 29 38.10 -8.57 0.86
N PHE G 30 36.80 -8.34 1.10
CA PHE G 30 36.20 -7.04 0.78
C PHE G 30 36.78 -5.94 1.65
N ALA G 31 37.09 -6.24 2.91
CA ALA G 31 37.74 -5.27 3.78
C ALA G 31 39.10 -4.88 3.25
N CYS G 32 39.86 -5.85 2.75
CA CYS G 32 41.13 -5.54 2.11
C CYS G 32 40.92 -4.71 0.86
N ILE G 33 39.90 -5.04 0.07
CA ILE G 33 39.62 -4.28 -1.15
C ILE G 33 39.29 -2.83 -0.81
N SER G 34 38.54 -2.61 0.27
CA SER G 34 38.20 -1.26 0.68
C SER G 34 39.43 -0.46 1.05
N SER G 35 40.48 -1.13 1.52
CA SER G 35 41.70 -0.47 1.94
C SER G 35 42.55 -0.14 0.73
N GLU G 36 42.97 1.13 0.61
CA GLU G 36 43.88 1.51 -0.47
C GLU G 36 45.18 0.74 -0.38
N ARG G 37 45.73 0.62 0.83
CA ARG G 37 47.02 -0.03 0.99
C ARG G 37 46.96 -1.50 0.57
N PHE G 38 45.81 -2.13 0.78
CA PHE G 38 45.69 -3.57 0.64
C PHE G 38 44.85 -3.99 -0.54
N ASN G 39 44.30 -3.06 -1.31
CA ASN G 39 43.51 -3.41 -2.48
C ASN G 39 44.46 -3.86 -3.59
N TRP G 40 44.64 -5.18 -3.69
CA TRP G 40 45.44 -5.76 -4.75
C TRP G 40 44.76 -5.58 -6.11
N LEU G 41 43.44 -5.49 -6.14
CA LEU G 41 42.73 -5.31 -7.39
C LEU G 41 43.01 -3.96 -8.01
N GLU G 42 43.21 -2.93 -7.18
CA GLU G 42 43.59 -1.62 -7.68
C GLU G 42 45.10 -1.39 -7.70
N GLY G 43 45.83 -2.08 -6.83
CA GLY G 43 47.28 -2.04 -6.85
C GLY G 43 47.90 -0.70 -6.49
N ALA G 44 47.40 -0.06 -5.45
CA ALA G 44 47.98 1.20 -5.02
C ALA G 44 49.37 0.98 -4.42
N PRO G 45 50.25 1.98 -4.51
CA PRO G 45 51.58 1.85 -3.91
C PRO G 45 51.52 1.78 -2.39
N ALA G 46 52.53 1.16 -1.81
CA ALA G 46 52.69 1.13 -0.37
C ALA G 46 53.43 2.38 0.09
N ALA G 47 53.10 2.82 1.30
CA ALA G 47 53.78 3.99 1.85
C ALA G 47 55.26 3.71 2.11
N GLU G 48 55.60 2.45 2.38
CA GLU G 48 57.00 2.10 2.58
C GLU G 48 57.84 2.31 1.34
N TYR G 49 57.19 2.33 0.16
CA TYR G 49 57.89 2.69 -1.06
C TYR G 49 58.41 4.12 -1.02
N TYR G 50 57.81 4.97 -0.20
CA TYR G 50 58.10 6.40 -0.21
C TYR G 50 58.79 6.89 1.06
N MET G 51 58.96 6.05 2.07
CA MET G 51 59.70 6.43 3.27
C MET G 51 60.98 5.62 3.36
N ASP G 52 62.07 6.31 3.67
CA ASP G 52 63.40 5.70 3.73
C ASP G 52 63.73 5.13 5.10
N GLU G 53 62.78 5.10 6.04
CA GLU G 53 62.96 4.39 7.29
C GLU G 53 61.82 3.39 7.45
N ASP G 54 62.10 2.32 8.17
CA ASP G 54 61.06 1.33 8.45
C ASP G 54 60.01 1.96 9.36
N PRO G 55 58.73 1.97 8.97
CA PRO G 55 57.71 2.52 9.86
C PRO G 55 57.57 1.78 11.17
N GLY G 56 57.77 0.47 11.16
CA GLY G 56 57.57 -0.33 12.35
C GLY G 56 56.10 -0.57 12.61
N ILE G 57 55.85 -1.29 13.70
CA ILE G 57 54.49 -1.47 14.21
C ILE G 57 54.50 -1.03 15.67
N TRP G 58 55.49 -1.50 16.42
CA TRP G 58 55.69 -1.09 17.81
C TRP G 58 57.00 -0.33 17.99
N LYS G 59 57.53 0.27 16.91
CA LYS G 59 58.88 0.80 16.93
C LYS G 59 59.03 2.03 17.82
N ARG G 60 57.94 2.67 18.21
CA ARG G 60 57.99 3.92 18.97
C ARG G 60 58.78 4.98 18.21
N THR G 61 58.38 5.22 16.97
CA THR G 61 58.98 6.26 16.14
C THR G 61 58.38 7.61 16.48
N SER G 62 59.09 8.67 16.07
CA SER G 62 58.63 10.04 16.29
C SER G 62 58.91 10.86 15.05
N TYR G 63 58.12 11.91 14.86
CA TYR G 63 58.31 12.83 13.76
C TYR G 63 59.63 13.58 13.88
N ILE H 4 19.67 -33.47 24.46
CA ILE H 4 20.80 -32.75 25.02
C ILE H 4 22.10 -33.47 24.67
N ARG H 5 22.02 -34.80 24.61
CA ARG H 5 23.14 -35.63 24.21
C ARG H 5 22.97 -35.99 22.74
N THR H 6 24.07 -35.85 21.98
CA THR H 6 24.01 -36.15 20.55
C THR H 6 23.90 -37.63 20.26
N GLY H 7 24.06 -38.49 21.26
CA GLY H 7 24.00 -39.92 21.06
C GLY H 7 25.28 -40.53 20.55
N LEU H 8 26.34 -39.75 20.40
CA LEU H 8 27.61 -40.26 19.88
C LEU H 8 28.38 -41.00 20.95
N THR H 9 28.98 -42.12 20.57
CA THR H 9 29.83 -42.88 21.47
C THR H 9 31.18 -42.18 21.63
N ASP H 10 32.03 -42.72 22.49
CA ASP H 10 33.34 -42.13 22.68
C ASP H 10 34.21 -42.32 21.44
N GLU H 11 34.08 -43.47 20.76
CA GLU H 11 34.85 -43.70 19.55
C GLU H 11 34.45 -42.73 18.44
N GLU H 12 33.14 -42.55 18.24
CA GLU H 12 32.66 -41.61 17.23
C GLU H 12 33.08 -40.18 17.57
N CYS H 13 32.98 -39.82 18.85
CA CYS H 13 33.42 -38.49 19.27
C CYS H 13 34.92 -38.30 19.02
N GLN H 14 35.71 -39.33 19.30
CA GLN H 14 37.16 -39.20 19.12
C GLN H 14 37.55 -39.14 17.65
N GLU H 15 36.87 -39.88 16.78
CA GLU H 15 37.22 -39.80 15.37
C GLU H 15 36.73 -38.48 14.76
N ILE H 16 35.55 -38.01 15.18
CA ILE H 16 35.13 -36.65 14.81
C ILE H 16 36.13 -35.64 15.30
N HIS H 17 36.70 -35.84 16.49
CA HIS H 17 37.66 -34.89 17.02
C HIS H 17 38.99 -34.96 16.28
N GLU H 18 39.41 -36.15 15.84
CA GLU H 18 40.60 -36.23 15.00
C GLU H 18 40.39 -35.44 13.73
N MET H 19 39.24 -35.59 13.10
CA MET H 19 38.95 -34.84 11.88
C MET H 19 38.84 -33.35 12.17
N ASN H 20 38.25 -32.99 13.31
CA ASN H 20 38.11 -31.58 13.67
C ASN H 20 39.47 -30.96 13.95
N MET H 21 40.34 -31.65 14.68
CA MET H 21 41.67 -31.12 14.91
C MET H 21 42.43 -30.99 13.61
N LEU H 22 42.30 -31.97 12.72
CA LEU H 22 42.93 -31.88 11.42
C LEU H 22 42.45 -30.65 10.66
N GLY H 23 41.13 -30.50 10.52
CA GLY H 23 40.61 -29.38 9.74
C GLY H 23 40.93 -28.03 10.38
N MET H 24 40.68 -27.92 11.68
CA MET H 24 40.92 -26.66 12.39
C MET H 24 42.38 -26.27 12.30
N HIS H 25 43.29 -27.19 12.59
CA HIS H 25 44.69 -26.83 12.66
C HIS H 25 45.33 -26.71 11.29
N ALA H 26 44.87 -27.47 10.30
CA ALA H 26 45.33 -27.27 8.93
C ALA H 26 44.89 -25.91 8.41
N TYR H 27 43.61 -25.56 8.61
CA TYR H 27 43.15 -24.24 8.22
C TYR H 27 43.91 -23.16 8.97
N TRP H 28 44.14 -23.38 10.26
CA TRP H 28 44.85 -22.43 11.10
C TRP H 28 46.27 -22.20 10.61
N SER H 29 46.99 -23.26 10.28
CA SER H 29 48.37 -23.12 9.82
C SER H 29 48.43 -22.52 8.43
N ILE H 30 47.54 -22.95 7.54
CA ILE H 30 47.51 -22.38 6.18
C ILE H 30 47.16 -20.91 6.25
N GLY H 31 46.23 -20.53 7.12
CA GLY H 31 45.88 -19.14 7.29
C GLY H 31 46.98 -18.33 7.94
N LEU H 32 47.71 -18.92 8.88
CA LEU H 32 48.85 -18.22 9.46
C LEU H 32 49.93 -17.98 8.43
N ILE H 33 50.18 -18.96 7.56
CA ILE H 33 51.15 -18.79 6.49
C ILE H 33 50.68 -17.74 5.51
N ALA H 34 49.39 -17.76 5.17
CA ALA H 34 48.84 -16.76 4.25
C ALA H 34 48.92 -15.36 4.84
N ASN H 35 48.62 -15.22 6.13
CA ASN H 35 48.71 -13.93 6.78
C ASN H 35 50.16 -13.47 6.92
N ALA H 36 51.08 -14.42 7.13
CA ALA H 36 52.49 -14.06 7.14
C ALA H 36 52.95 -13.58 5.77
N LEU H 37 52.50 -14.24 4.70
CA LEU H 37 52.83 -13.82 3.36
C LEU H 37 52.27 -12.43 3.06
N ALA H 38 51.01 -12.21 3.43
CA ALA H 38 50.39 -10.90 3.21
C ALA H 38 51.02 -9.83 4.09
N TYR H 39 51.54 -10.21 5.26
CA TYR H 39 52.16 -9.25 6.16
C TYR H 39 53.54 -8.88 5.66
N ALA H 40 54.27 -9.85 5.09
CA ALA H 40 55.55 -9.55 4.46
C ALA H 40 55.36 -8.74 3.18
N TRP H 41 54.24 -8.94 2.50
CA TRP H 41 53.93 -8.14 1.33
C TRP H 41 53.62 -6.69 1.70
N ARG H 42 52.76 -6.51 2.70
CA ARG H 42 52.39 -5.22 3.24
C ARG H 42 51.98 -5.43 4.68
N PRO H 43 52.78 -4.99 5.65
CA PRO H 43 52.42 -5.16 7.06
C PRO H 43 51.04 -4.59 7.35
N PHE H 44 50.23 -5.39 8.04
CA PHE H 44 48.83 -5.05 8.23
C PHE H 44 48.66 -3.81 9.09
N HIS H 45 49.56 -3.59 10.02
CA HIS H 45 49.41 -2.59 11.06
C HIS H 45 50.42 -1.48 10.84
N GLN H 46 49.92 -0.26 10.72
CA GLN H 46 50.78 0.89 10.48
C GLN H 46 51.57 1.23 11.73
N GLY H 47 52.76 1.78 11.50
CA GLY H 47 53.53 2.33 12.59
C GLY H 47 52.99 3.67 13.01
N ARG H 48 53.63 4.26 14.03
CA ARG H 48 53.22 5.56 14.52
C ARG H 48 53.21 6.59 13.39
N ALA H 49 54.14 6.45 12.43
CA ALA H 49 54.11 7.30 11.24
C ALA H 49 52.88 7.03 10.38
N GLY H 50 52.24 5.88 10.53
CA GLY H 50 51.17 5.49 9.64
C GLY H 50 51.70 4.95 8.34
N ASN H 51 50.78 4.57 7.46
CA ASN H 51 51.14 4.18 6.10
C ASN H 51 50.17 4.75 5.08
N ARG H 52 49.55 5.89 5.41
CA ARG H 52 48.78 6.61 4.42
C ARG H 52 49.71 7.13 3.34
N LEU H 53 49.32 6.95 2.08
CA LEU H 53 50.15 7.43 0.98
C LEU H 53 50.30 8.94 1.01
N GLU H 54 49.25 9.65 1.44
CA GLU H 54 49.30 11.10 1.50
C GLU H 54 50.39 11.59 2.45
N ASP H 55 50.74 10.81 3.45
CA ASP H 55 51.71 11.23 4.45
C ASP H 55 53.15 10.90 4.09
N HIS H 56 53.37 10.09 3.05
CA HIS H 56 54.72 9.66 2.72
C HIS H 56 55.02 9.83 1.24
N ALA H 57 54.01 9.75 0.40
CA ALA H 57 54.21 9.87 -1.03
C ALA H 57 54.08 11.32 -1.48
N PRO H 58 54.70 11.67 -2.62
CA PRO H 58 54.55 13.03 -3.15
C PRO H 58 53.11 13.34 -3.54
N ASP H 59 52.86 14.59 -3.94
CA ASP H 59 51.50 15.04 -4.20
C ASP H 59 50.89 14.34 -5.41
N TYR H 60 51.70 13.95 -6.39
CA TYR H 60 51.15 13.33 -7.59
C TYR H 60 50.73 11.88 -7.38
N VAL H 61 51.13 11.26 -6.28
CA VAL H 61 50.69 9.90 -5.96
C VAL H 61 49.27 10.01 -5.41
N ARG H 62 48.29 9.67 -6.23
CA ARG H 62 46.89 9.81 -5.85
C ARG H 62 46.55 8.86 -4.71
N SER H 63 45.82 9.36 -3.73
CA SER H 63 45.38 8.57 -2.58
C SER H 63 43.86 8.62 -2.52
N ALA H 64 43.24 7.46 -2.37
CA ALA H 64 41.79 7.38 -2.22
C ALA H 64 41.31 7.91 -0.89
N LEU H 65 42.20 8.14 0.06
CA LEU H 65 41.82 8.58 1.40
C LEU H 65 41.57 10.09 1.44
N GLY I 2 61.80 -5.06 10.29
CA GLY I 2 61.85 -4.86 11.73
C GLY I 2 60.77 -5.59 12.48
N ASP I 3 59.75 -4.85 12.93
CA ASP I 3 58.63 -5.47 13.61
C ASP I 3 57.82 -6.36 12.68
N ALA I 4 57.76 -6.02 11.39
CA ALA I 4 57.04 -6.86 10.43
C ALA I 4 57.70 -8.21 10.28
N GLY I 5 59.03 -8.25 10.27
CA GLY I 5 59.72 -9.52 10.23
C GLY I 5 59.45 -10.37 11.45
N ILE I 6 59.36 -9.73 12.62
CA ILE I 6 58.99 -10.45 13.83
C ILE I 6 57.58 -11.02 13.72
N VAL I 7 56.65 -10.23 13.19
CA VAL I 7 55.27 -10.70 13.05
C VAL I 7 55.21 -11.89 12.10
N VAL I 8 55.92 -11.79 10.97
CA VAL I 8 55.93 -12.88 10.00
C VAL I 8 56.55 -14.13 10.61
N ALA I 9 57.65 -13.97 11.35
CA ALA I 9 58.29 -15.12 11.98
C ALA I 9 57.36 -15.75 13.02
N VAL I 10 56.65 -14.93 13.80
CA VAL I 10 55.74 -15.47 14.80
C VAL I 10 54.58 -16.21 14.15
N LEU I 11 54.02 -15.65 13.07
CA LEU I 11 52.95 -16.32 12.35
C LEU I 11 53.42 -17.64 11.76
N VAL I 12 54.63 -17.65 11.19
CA VAL I 12 55.16 -18.88 10.61
C VAL I 12 55.42 -19.92 11.69
N ILE I 13 55.96 -19.49 12.84
CA ILE I 13 56.21 -20.41 13.95
C ILE I 13 54.89 -20.99 14.46
N LEU I 14 53.86 -20.15 14.58
CA LEU I 14 52.56 -20.63 15.00
C LEU I 14 51.98 -21.63 14.00
N ALA I 15 52.17 -21.36 12.71
CA ALA I 15 51.70 -22.29 11.69
C ALA I 15 52.42 -23.62 11.77
N ILE I 16 53.74 -23.59 11.98
CA ILE I 16 54.52 -24.82 12.08
C ILE I 16 54.11 -25.61 13.31
N LEU I 17 54.04 -24.94 14.46
CA LEU I 17 53.66 -25.62 15.70
C LEU I 17 52.19 -26.00 15.70
N GLY I 18 51.35 -25.21 15.05
CA GLY I 18 49.94 -25.49 14.95
C GLY I 18 49.55 -26.46 13.86
N TRP I 19 50.51 -26.91 13.07
CA TRP I 19 50.22 -27.86 12.00
C TRP I 19 49.75 -29.18 12.59
N PRO I 20 48.80 -29.87 11.93
CA PRO I 20 48.29 -31.12 12.50
C PRO I 20 49.35 -32.15 12.84
N ASN I 21 50.39 -32.31 12.02
CA ASN I 21 51.44 -33.26 12.37
C ASN I 21 52.17 -32.84 13.64
N ILE I 22 52.24 -31.55 13.91
CA ILE I 22 52.91 -31.07 15.12
C ILE I 22 51.93 -30.89 16.27
N SER I 23 50.78 -30.27 16.00
CA SER I 23 49.82 -30.02 17.07
C SER I 23 49.17 -31.31 17.56
N SER I 24 49.10 -32.34 16.73
CA SER I 24 48.50 -33.62 17.11
C SER I 24 49.40 -34.44 18.02
N THR I 25 50.70 -34.12 18.09
CA THR I 25 51.57 -34.79 19.04
C THR I 25 51.20 -34.49 20.47
N LEU I 26 50.47 -33.39 20.70
CA LEU I 26 50.03 -32.99 22.02
C LEU I 26 48.63 -33.49 22.35
N ARG I 27 48.04 -34.30 21.47
CA ARG I 27 46.74 -34.89 21.73
C ARG I 27 46.84 -35.88 22.88
N ARG I 28 46.14 -35.57 23.98
CA ARG I 28 46.22 -36.38 25.19
C ARG I 28 45.03 -37.33 25.33
N TRP I 29 43.81 -36.79 25.31
CA TRP I 29 42.59 -37.58 25.47
C TRP I 29 42.58 -38.40 26.75
N MET J 1 -52.80 -4.69 -2.09
CA MET J 1 -51.52 -5.35 -1.87
C MET J 1 -51.52 -6.20 -0.62
N TRP J 2 -52.70 -6.53 -0.08
CA TRP J 2 -52.71 -7.24 1.19
C TRP J 2 -52.15 -8.65 1.07
N LYS J 3 -52.12 -9.22 -0.13
CA LYS J 3 -51.51 -10.51 -0.34
C LYS J 3 -50.00 -10.42 -0.57
N LEU J 4 -49.45 -9.21 -0.67
CA LEU J 4 -48.02 -9.06 -0.92
C LEU J 4 -47.19 -9.71 0.18
N TRP J 5 -47.72 -9.74 1.38
CA TRP J 5 -47.02 -10.33 2.51
C TRP J 5 -47.08 -11.84 2.54
N LYS J 6 -47.82 -12.44 1.62
CA LYS J 6 -47.70 -13.87 1.36
C LYS J 6 -46.41 -14.20 0.63
N PHE J 7 -45.77 -13.20 0.01
CA PHE J 7 -44.62 -13.44 -0.86
C PHE J 7 -43.45 -12.51 -0.56
N VAL J 8 -43.74 -11.34 -0.01
CA VAL J 8 -42.72 -10.35 0.31
C VAL J 8 -42.70 -10.17 1.82
N ASP J 9 -41.51 -10.27 2.41
CA ASP J 9 -41.37 -10.08 3.84
C ASP J 9 -41.77 -8.66 4.22
N PHE J 10 -42.72 -8.56 5.15
CA PHE J 10 -43.18 -7.23 5.55
C PHE J 10 -42.15 -6.55 6.44
N ARG J 11 -41.48 -7.31 7.31
CA ARG J 11 -40.46 -6.71 8.16
C ARG J 11 -39.33 -6.13 7.32
N MET J 12 -38.87 -6.89 6.32
CA MET J 12 -37.85 -6.39 5.42
C MET J 12 -38.33 -5.14 4.68
N THR J 13 -39.55 -5.20 4.15
CA THR J 13 -40.07 -4.07 3.38
C THR J 13 -40.20 -2.82 4.24
N ALA J 14 -40.80 -2.95 5.43
CA ALA J 14 -41.00 -1.80 6.30
C ALA J 14 -39.67 -1.26 6.80
N VAL J 15 -38.73 -2.13 7.18
CA VAL J 15 -37.44 -1.67 7.67
C VAL J 15 -36.69 -0.95 6.56
N GLY J 16 -36.67 -1.55 5.37
CA GLY J 16 -35.97 -0.92 4.25
C GLY J 16 -36.61 0.38 3.82
N PHE J 17 -37.94 0.44 3.86
CA PHE J 17 -38.63 1.68 3.53
C PHE J 17 -38.33 2.77 4.56
N HIS J 18 -38.27 2.40 5.84
CA HIS J 18 -37.94 3.40 6.85
C HIS J 18 -36.50 3.86 6.73
N LEU J 19 -35.58 2.94 6.43
CA LEU J 19 -34.19 3.31 6.20
C LEU J 19 -34.06 4.23 4.99
N PHE J 20 -34.69 3.84 3.88
CA PHE J 20 -34.60 4.63 2.67
C PHE J 20 -35.30 5.97 2.84
N PHE J 21 -36.36 6.03 3.63
CA PHE J 21 -37.02 7.31 3.85
C PHE J 21 -36.25 8.18 4.82
N ALA J 22 -35.48 7.60 5.74
CA ALA J 22 -34.54 8.42 6.51
C ALA J 22 -33.50 9.03 5.59
N LEU J 23 -32.90 8.20 4.74
CA LEU J 23 -31.91 8.70 3.78
C LEU J 23 -32.54 9.73 2.85
N LEU J 24 -33.78 9.50 2.44
CA LEU J 24 -34.43 10.38 1.48
C LEU J 24 -34.88 11.69 2.11
N ALA J 25 -35.34 11.65 3.36
CA ALA J 25 -35.64 12.88 4.07
C ALA J 25 -34.40 13.72 4.24
N PHE J 26 -33.28 13.08 4.58
CA PHE J 26 -32.01 13.81 4.63
C PHE J 26 -31.67 14.40 3.27
N ALA J 27 -31.76 13.59 2.22
CA ALA J 27 -31.37 14.04 0.89
C ALA J 27 -32.25 15.16 0.39
N VAL J 28 -33.55 15.08 0.65
CA VAL J 28 -34.48 16.10 0.19
C VAL J 28 -34.30 17.39 0.98
N HIS J 29 -34.13 17.29 2.30
CA HIS J 29 -33.85 18.47 3.10
C HIS J 29 -32.55 19.13 2.64
N PHE J 30 -31.54 18.31 2.30
CA PHE J 30 -30.29 18.87 1.80
C PHE J 30 -30.46 19.47 0.41
N ALA J 31 -31.36 18.93 -0.41
CA ALA J 31 -31.66 19.54 -1.69
C ALA J 31 -32.30 20.91 -1.51
N CYS J 32 -33.17 21.03 -0.51
CA CYS J 32 -33.74 22.34 -0.18
C CYS J 32 -32.67 23.30 0.33
N ILE J 33 -31.77 22.81 1.18
CA ILE J 33 -30.69 23.65 1.69
C ILE J 33 -29.79 24.12 0.54
N SER J 34 -29.54 23.23 -0.43
CA SER J 34 -28.73 23.60 -1.58
C SER J 34 -29.39 24.72 -2.37
N SER J 35 -30.71 24.70 -2.45
CA SER J 35 -31.45 25.72 -3.17
C SER J 35 -31.46 27.02 -2.37
N GLU J 36 -31.00 28.10 -2.98
CA GLU J 36 -31.04 29.39 -2.31
C GLU J 36 -32.48 29.81 -2.03
N ARG J 37 -33.38 29.58 -2.99
CA ARG J 37 -34.77 29.92 -2.80
C ARG J 37 -35.37 29.19 -1.61
N PHE J 38 -34.96 27.95 -1.40
CA PHE J 38 -35.59 27.08 -0.42
C PHE J 38 -34.77 26.90 0.85
N ASN J 39 -33.54 27.42 0.89
CA ASN J 39 -32.72 27.26 2.09
C ASN J 39 -33.29 28.14 3.18
N TRP J 40 -34.06 27.54 4.07
CA TRP J 40 -34.57 28.24 5.24
C TRP J 40 -33.47 28.53 6.24
N LEU J 41 -32.38 27.77 6.19
CA LEU J 41 -31.26 28.02 7.09
C LEU J 41 -30.54 29.31 6.72
N GLU J 42 -30.37 29.58 5.42
CA GLU J 42 -29.82 30.86 5.00
C GLU J 42 -30.87 31.95 4.98
N GLY J 43 -32.11 31.60 4.67
CA GLY J 43 -33.20 32.56 4.67
C GLY J 43 -33.14 33.63 3.59
N ALA J 44 -32.83 33.24 2.36
CA ALA J 44 -32.77 34.18 1.26
C ALA J 44 -34.18 34.64 0.89
N PRO J 45 -34.31 35.81 0.24
CA PRO J 45 -35.62 36.25 -0.23
C PRO J 45 -36.14 35.39 -1.36
N ALA J 46 -37.45 35.43 -1.53
CA ALA J 46 -38.09 34.85 -2.70
C ALA J 46 -38.14 35.89 -3.81
N ALA J 47 -37.98 35.44 -5.05
CA ALA J 47 -38.07 36.36 -6.16
C ALA J 47 -39.46 36.97 -6.29
N GLU J 48 -40.48 36.30 -5.75
CA GLU J 48 -41.82 36.88 -5.72
C GLU J 48 -41.88 38.16 -4.88
N TYR J 49 -40.92 38.35 -3.99
CA TYR J 49 -40.83 39.59 -3.24
C TYR J 49 -40.59 40.78 -4.18
N TYR J 50 -39.78 40.58 -5.21
CA TYR J 50 -39.45 41.63 -6.16
C TYR J 50 -40.25 41.54 -7.45
N MET J 51 -40.97 40.45 -7.68
CA MET J 51 -41.84 40.38 -8.83
C MET J 51 -43.05 41.29 -8.63
N ASP J 52 -43.65 41.70 -9.75
CA ASP J 52 -44.86 42.50 -9.72
C ASP J 52 -46.13 41.66 -9.86
N GLU J 53 -46.16 40.77 -10.84
CA GLU J 53 -47.26 39.84 -11.03
C GLU J 53 -46.85 38.44 -10.57
N ASP J 54 -47.84 37.56 -10.58
CA ASP J 54 -47.61 36.17 -10.21
C ASP J 54 -46.80 35.47 -11.29
N PRO J 55 -45.66 34.86 -10.96
CA PRO J 55 -44.90 34.12 -11.98
C PRO J 55 -45.67 32.95 -12.57
N GLY J 56 -46.51 32.30 -11.77
CA GLY J 56 -47.19 31.10 -12.20
C GLY J 56 -46.28 29.89 -12.21
N ILE J 57 -46.84 28.77 -12.65
CA ILE J 57 -46.07 27.55 -12.86
C ILE J 57 -46.31 27.09 -14.29
N TRP J 58 -47.58 27.02 -14.69
CA TRP J 58 -47.97 26.74 -16.06
C TRP J 58 -48.62 27.97 -16.73
N LYS J 59 -48.34 29.17 -16.23
CA LYS J 59 -49.11 30.34 -16.63
C LYS J 59 -48.82 30.79 -18.06
N ARG J 60 -47.74 30.31 -18.67
CA ARG J 60 -47.33 30.76 -20.01
C ARG J 60 -47.14 32.27 -20.06
N THR J 61 -46.32 32.77 -19.13
CA THR J 61 -46.01 34.19 -19.09
C THR J 61 -45.00 34.55 -20.17
N SER J 62 -44.84 35.85 -20.40
CA SER J 62 -43.92 36.35 -21.41
C SER J 62 -43.13 37.53 -20.83
N TYR J 63 -41.94 37.73 -21.37
CA TYR J 63 -41.09 38.82 -20.93
C TYR J 63 -41.61 40.15 -21.46
N ILE K 4 -40.43 -16.32 -2.61
CA ILE K 4 -40.95 -17.55 -2.01
C ILE K 4 -42.01 -17.16 -0.98
N ARG K 5 -42.84 -18.14 -0.60
CA ARG K 5 -43.91 -17.89 0.37
C ARG K 5 -43.33 -17.51 1.72
N THR K 6 -43.89 -16.46 2.33
CA THR K 6 -43.44 -16.03 3.64
C THR K 6 -44.04 -16.85 4.77
N GLY K 7 -45.10 -17.60 4.49
CA GLY K 7 -45.75 -18.42 5.49
C GLY K 7 -46.82 -17.73 6.30
N LEU K 8 -46.98 -16.41 6.14
CA LEU K 8 -48.01 -15.70 6.88
C LEU K 8 -49.39 -16.11 6.40
N THR K 9 -50.32 -16.23 7.33
CA THR K 9 -51.68 -16.59 6.99
C THR K 9 -52.40 -15.40 6.36
N ASP K 10 -53.62 -15.65 5.88
CA ASP K 10 -54.42 -14.58 5.31
C ASP K 10 -54.75 -13.53 6.35
N GLU K 11 -55.11 -13.95 7.56
CA GLU K 11 -55.44 -13.00 8.61
C GLU K 11 -54.21 -12.17 9.01
N GLU K 12 -53.05 -12.81 9.10
CA GLU K 12 -51.83 -12.09 9.40
C GLU K 12 -51.48 -11.10 8.30
N CYS K 13 -51.66 -11.50 7.04
CA CYS K 13 -51.41 -10.59 5.94
C CYS K 13 -52.40 -9.43 5.95
N GLN K 14 -53.66 -9.70 6.32
CA GLN K 14 -54.66 -8.63 6.37
C GLN K 14 -54.35 -7.64 7.48
N GLU K 15 -53.90 -8.11 8.64
CA GLU K 15 -53.58 -7.16 9.70
C GLU K 15 -52.28 -6.41 9.39
N ILE K 16 -51.31 -7.09 8.80
CA ILE K 16 -50.11 -6.42 8.31
C ILE K 16 -50.48 -5.36 7.29
N HIS K 17 -51.46 -5.65 6.43
CA HIS K 17 -51.85 -4.69 5.41
C HIS K 17 -52.64 -3.54 5.99
N GLU K 18 -53.46 -3.79 7.01
CA GLU K 18 -54.13 -2.68 7.68
C GLU K 18 -53.11 -1.73 8.28
N MET K 19 -52.10 -2.29 8.93
CA MET K 19 -51.06 -1.46 9.52
C MET K 19 -50.23 -0.76 8.45
N ASN K 20 -49.96 -1.47 7.34
CA ASN K 20 -49.18 -0.89 6.26
C ASN K 20 -49.94 0.21 5.55
N MET K 21 -51.24 0.01 5.33
CA MET K 21 -52.09 1.06 4.77
C MET K 21 -52.12 2.26 5.69
N LEU K 22 -52.26 2.04 6.99
CA LEU K 22 -52.27 3.15 7.93
C LEU K 22 -50.95 3.91 7.87
N GLY K 23 -49.82 3.20 7.95
CA GLY K 23 -48.54 3.87 7.92
C GLY K 23 -48.31 4.62 6.62
N MET K 24 -48.50 3.94 5.49
CA MET K 24 -48.26 4.56 4.20
C MET K 24 -49.16 5.76 3.98
N HIS K 25 -50.45 5.64 4.25
CA HIS K 25 -51.38 6.71 3.92
C HIS K 25 -51.33 7.84 4.94
N ALA K 26 -51.06 7.56 6.20
CA ALA K 26 -50.83 8.63 7.17
C ALA K 26 -49.58 9.41 6.81
N TYR K 27 -48.49 8.70 6.49
CA TYR K 27 -47.28 9.39 6.06
C TYR K 27 -47.54 10.18 4.79
N TRP K 28 -48.29 9.59 3.85
CA TRP K 28 -48.59 10.24 2.59
C TRP K 28 -49.41 11.52 2.78
N SER K 29 -50.44 11.47 3.64
CA SER K 29 -51.26 12.64 3.86
C SER K 29 -50.52 13.72 4.64
N ILE K 30 -49.77 13.32 5.67
CA ILE K 30 -48.99 14.30 6.43
C ILE K 30 -47.92 14.94 5.53
N GLY K 31 -47.30 14.14 4.67
CA GLY K 31 -46.35 14.68 3.74
C GLY K 31 -46.97 15.57 2.69
N LEU K 32 -48.19 15.24 2.25
CA LEU K 32 -48.89 16.10 1.31
C LEU K 32 -49.25 17.43 1.94
N ILE K 33 -49.66 17.41 3.21
CA ILE K 33 -49.92 18.66 3.92
C ILE K 33 -48.63 19.45 4.09
N ALA K 34 -47.53 18.75 4.39
CA ALA K 34 -46.24 19.42 4.52
C ALA K 34 -45.81 20.05 3.21
N ASN K 35 -46.00 19.35 2.09
CA ASN K 35 -45.64 19.87 0.79
C ASN K 35 -46.55 21.00 0.37
N ALA K 36 -47.84 20.93 0.71
CA ALA K 36 -48.74 22.04 0.46
C ALA K 36 -48.33 23.27 1.27
N LEU K 37 -47.94 23.07 2.52
CA LEU K 37 -47.48 24.18 3.35
C LEU K 37 -46.23 24.81 2.77
N ALA K 38 -45.25 23.99 2.39
CA ALA K 38 -44.02 24.50 1.82
C ALA K 38 -44.24 25.11 0.44
N TYR K 39 -45.24 24.63 -0.30
CA TYR K 39 -45.54 25.17 -1.62
C TYR K 39 -46.24 26.52 -1.50
N ALA K 40 -47.14 26.65 -0.52
CA ALA K 40 -47.75 27.94 -0.24
C ALA K 40 -46.71 28.93 0.27
N TRP K 41 -45.76 28.44 1.05
CA TRP K 41 -44.68 29.30 1.52
C TRP K 41 -43.84 29.80 0.35
N ARG K 42 -43.35 28.87 -0.48
CA ARG K 42 -42.59 29.19 -1.68
C ARG K 42 -42.87 28.12 -2.72
N PRO K 43 -43.58 28.45 -3.80
CA PRO K 43 -43.91 27.44 -4.80
C PRO K 43 -42.66 26.74 -5.32
N PHE K 44 -42.75 25.42 -5.38
CA PHE K 44 -41.57 24.59 -5.64
C PHE K 44 -41.03 24.79 -7.04
N HIS K 45 -41.88 25.10 -8.00
CA HIS K 45 -41.51 25.14 -9.39
C HIS K 45 -41.68 26.56 -9.93
N GLN K 46 -40.64 27.06 -10.58
CA GLN K 46 -40.64 28.41 -11.10
C GLN K 46 -41.54 28.52 -12.32
N GLY K 47 -42.04 29.73 -12.55
CA GLY K 47 -42.70 30.04 -13.79
C GLY K 47 -41.70 30.28 -14.89
N ARG K 48 -42.20 30.70 -16.04
CA ARG K 48 -41.32 30.95 -17.18
C ARG K 48 -40.30 32.03 -16.87
N ALA K 49 -40.66 33.00 -16.03
CA ALA K 49 -39.72 34.03 -15.60
C ALA K 49 -38.66 33.49 -14.66
N GLY K 50 -38.79 32.26 -14.19
CA GLY K 50 -37.91 31.74 -13.16
C GLY K 50 -38.29 32.32 -11.80
N ASN K 51 -37.45 31.98 -10.82
CA ASN K 51 -37.54 32.61 -9.51
C ASN K 51 -36.16 32.90 -8.96
N ARG K 52 -35.18 33.06 -9.85
CA ARG K 52 -33.85 33.48 -9.43
C ARG K 52 -33.88 34.93 -8.98
N LEU K 53 -33.15 35.22 -7.91
CA LEU K 53 -33.08 36.60 -7.44
C LEU K 53 -32.35 37.49 -8.44
N GLU K 54 -31.37 36.96 -9.15
CA GLU K 54 -30.61 37.75 -10.12
C GLU K 54 -31.47 38.29 -11.25
N ASP K 55 -32.64 37.69 -11.50
CA ASP K 55 -33.51 38.14 -12.57
C ASP K 55 -34.64 39.04 -12.10
N HIS K 56 -34.92 39.09 -10.82
CA HIS K 56 -36.03 39.88 -10.32
C HIS K 56 -35.63 40.86 -9.22
N ALA K 57 -34.69 40.49 -8.37
CA ALA K 57 -34.24 41.36 -7.31
C ALA K 57 -33.36 42.47 -7.88
N PRO K 58 -33.19 43.57 -7.15
CA PRO K 58 -32.23 44.59 -7.54
C PRO K 58 -30.80 44.06 -7.49
N ASP K 59 -29.87 44.88 -7.96
CA ASP K 59 -28.47 44.48 -8.02
C ASP K 59 -27.90 44.27 -6.63
N TYR K 60 -28.29 45.09 -5.66
CA TYR K 60 -27.74 45.01 -4.32
C TYR K 60 -28.23 43.80 -3.53
N VAL K 61 -29.27 43.11 -4.00
CA VAL K 61 -29.70 41.88 -3.35
C VAL K 61 -28.78 40.77 -3.81
N ARG K 62 -27.94 40.27 -2.90
CA ARG K 62 -26.99 39.24 -3.25
C ARG K 62 -27.70 37.91 -3.48
N SER K 63 -27.20 37.16 -4.45
CA SER K 63 -27.72 35.84 -4.77
C SER K 63 -26.60 34.82 -4.69
N ALA K 64 -26.92 33.63 -4.19
CA ALA K 64 -26.01 32.50 -4.26
C ALA K 64 -25.98 31.85 -5.63
N LEU K 65 -26.60 32.50 -6.62
CA LEU K 65 -26.68 32.03 -8.00
C LEU K 65 -27.44 30.71 -8.08
N GLY L 2 -52.17 31.95 -7.50
CA GLY L 2 -52.82 31.45 -8.70
C GLY L 2 -52.58 29.98 -8.94
N ASP L 3 -51.57 29.67 -9.76
CA ASP L 3 -51.23 28.28 -10.04
C ASP L 3 -50.74 27.58 -8.78
N ALA L 4 -49.97 28.29 -7.96
CA ALA L 4 -49.52 27.74 -6.68
C ALA L 4 -50.70 27.43 -5.78
N GLY L 5 -51.71 28.28 -5.79
CA GLY L 5 -52.92 27.98 -5.04
C GLY L 5 -53.59 26.70 -5.51
N ILE L 6 -53.62 26.48 -6.82
CA ILE L 6 -54.17 25.24 -7.36
C ILE L 6 -53.36 24.05 -6.88
N VAL L 7 -52.04 24.17 -6.92
CA VAL L 7 -51.19 23.07 -6.48
C VAL L 7 -51.43 22.76 -5.00
N VAL L 8 -51.49 23.80 -4.17
CA VAL L 8 -51.69 23.60 -2.75
C VAL L 8 -53.05 22.98 -2.47
N ALA L 9 -54.09 23.46 -3.17
CA ALA L 9 -55.42 22.88 -3.00
C ALA L 9 -55.44 21.42 -3.41
N VAL L 10 -54.77 21.07 -4.52
CA VAL L 10 -54.74 19.69 -4.97
C VAL L 10 -54.00 18.82 -3.96
N LEU L 11 -52.87 19.31 -3.43
CA LEU L 11 -52.14 18.55 -2.42
C LEU L 11 -52.99 18.35 -1.17
N VAL L 12 -53.73 19.37 -0.75
CA VAL L 12 -54.58 19.24 0.43
C VAL L 12 -55.71 18.25 0.17
N ILE L 13 -56.30 18.29 -1.02
CA ILE L 13 -57.35 17.33 -1.37
C ILE L 13 -56.78 15.91 -1.38
N LEU L 14 -55.59 15.74 -1.94
CA LEU L 14 -54.96 14.43 -1.95
C LEU L 14 -54.67 13.95 -0.55
N ALA L 15 -54.24 14.85 0.34
CA ALA L 15 -53.99 14.49 1.73
C ALA L 15 -55.28 14.07 2.43
N ILE L 16 -56.37 14.79 2.17
CA ILE L 16 -57.64 14.47 2.82
C ILE L 16 -58.15 13.12 2.33
N LEU L 17 -58.16 12.92 1.01
CA LEU L 17 -58.67 11.67 0.45
C LEU L 17 -57.76 10.50 0.80
N GLY L 18 -56.46 10.74 0.85
CA GLY L 18 -55.49 9.73 1.19
C GLY L 18 -55.29 9.51 2.66
N TRP L 19 -55.99 10.25 3.51
CA TRP L 19 -55.92 10.00 4.94
C TRP L 19 -56.49 8.62 5.24
N PRO L 20 -55.87 7.87 6.16
CA PRO L 20 -56.32 6.49 6.41
C PRO L 20 -57.79 6.35 6.73
N ASN L 21 -58.38 7.29 7.47
CA ASN L 21 -59.80 7.21 7.78
C ASN L 21 -60.66 7.25 6.51
N ILE L 22 -60.15 7.87 5.45
CA ILE L 22 -60.85 7.95 4.18
C ILE L 22 -60.32 6.94 3.18
N SER L 23 -59.01 6.72 3.16
CA SER L 23 -58.43 5.72 2.26
C SER L 23 -58.97 4.33 2.57
N SER L 24 -59.10 4.02 3.83
CA SER L 24 -59.50 2.74 4.23
C SER L 24 -60.92 2.44 3.88
N THR L 25 -61.74 3.45 3.69
CA THR L 25 -63.13 3.22 3.30
C THR L 25 -63.22 2.47 1.97
N LEU L 26 -62.21 2.65 1.11
CA LEU L 26 -62.15 1.96 -0.17
C LEU L 26 -61.46 0.62 -0.07
N ARG L 27 -61.35 0.07 1.14
CA ARG L 27 -60.70 -1.22 1.33
C ARG L 27 -61.60 -2.33 0.82
N ARG L 28 -61.04 -3.24 0.04
CA ARG L 28 -61.81 -4.31 -0.59
C ARG L 28 -61.43 -5.71 -0.16
N TRP L 29 -60.21 -5.93 0.31
CA TRP L 29 -59.70 -7.26 0.63
C TRP L 29 -59.81 -8.19 -0.58
N MET M 1 -51.64 0.39 15.59
CA MET M 1 -50.62 -0.50 15.09
C MET M 1 -50.00 -1.35 16.19
N TRP M 2 -50.83 -1.84 17.11
CA TRP M 2 -50.30 -2.68 18.16
C TRP M 2 -49.89 -4.05 17.66
N LYS M 3 -50.37 -4.46 16.48
CA LYS M 3 -50.02 -5.76 15.92
C LYS M 3 -48.69 -5.73 15.17
N LEU M 4 -48.08 -4.56 15.02
CA LEU M 4 -46.79 -4.47 14.34
C LEU M 4 -45.74 -5.30 15.06
N TRP M 5 -45.86 -5.43 16.37
CA TRP M 5 -44.93 -6.21 17.17
C TRP M 5 -45.18 -7.71 17.07
N LYS M 6 -46.21 -8.12 16.34
CA LYS M 6 -46.34 -9.51 15.91
C LYS M 6 -45.41 -9.87 14.77
N PHE M 7 -44.88 -8.88 14.06
CA PHE M 7 -44.13 -9.14 12.84
C PHE M 7 -42.82 -8.36 12.82
N VAL M 8 -42.78 -7.24 13.54
CA VAL M 8 -41.62 -6.37 13.58
C VAL M 8 -41.09 -6.40 15.01
N ASP M 9 -39.79 -6.66 15.15
CA ASP M 9 -39.17 -6.76 16.47
C ASP M 9 -39.18 -5.40 17.13
N PHE M 10 -39.83 -5.30 18.29
CA PHE M 10 -39.93 -4.00 18.94
C PHE M 10 -38.59 -3.57 19.49
N ARG M 11 -37.77 -4.50 19.99
CA ARG M 11 -36.46 -4.12 20.49
C ARG M 11 -35.61 -3.53 19.39
N MET M 12 -35.60 -4.18 18.22
CA MET M 12 -34.87 -3.66 17.08
C MET M 12 -35.41 -2.30 16.68
N THR M 13 -36.73 -2.15 16.62
CA THR M 13 -37.32 -0.88 16.21
C THR M 13 -36.98 0.24 17.17
N ALA M 14 -37.14 -0.02 18.47
CA ALA M 14 -36.88 1.00 19.48
C ALA M 14 -35.40 1.37 19.52
N VAL M 15 -34.51 0.38 19.47
CA VAL M 15 -33.08 0.67 19.49
C VAL M 15 -32.68 1.45 18.24
N GLY M 16 -33.18 1.02 17.07
CA GLY M 16 -32.85 1.72 15.85
C GLY M 16 -33.40 3.13 15.82
N PHE M 17 -34.61 3.33 16.34
CA PHE M 17 -35.19 4.66 16.39
C PHE M 17 -34.44 5.56 17.35
N HIS M 18 -34.03 5.03 18.50
CA HIS M 18 -33.26 5.84 19.43
C HIS M 18 -31.89 6.19 18.87
N LEU M 19 -31.23 5.24 18.21
CA LEU M 19 -29.94 5.51 17.60
C LEU M 19 -30.07 6.54 16.48
N PHE M 20 -31.06 6.34 15.60
CA PHE M 20 -31.26 7.29 14.52
C PHE M 20 -31.66 8.65 15.05
N PHE M 21 -32.42 8.71 16.14
CA PHE M 21 -32.82 10.00 16.67
C PHE M 21 -31.68 10.68 17.41
N ALA M 22 -30.76 9.93 18.00
CA ALA M 22 -29.54 10.54 18.51
C ALA M 22 -28.74 11.16 17.38
N LEU M 23 -28.55 10.39 16.30
CA LEU M 23 -27.83 10.93 15.15
C LEU M 23 -28.59 12.10 14.52
N LEU M 24 -29.92 12.03 14.51
CA LEU M 24 -30.72 13.08 13.89
C LEU M 24 -30.78 14.32 14.73
N ALA M 25 -30.79 14.19 16.06
CA ALA M 25 -30.69 15.35 16.92
C ALA M 25 -29.34 16.02 16.76
N PHE M 26 -28.27 15.22 16.69
CA PHE M 26 -26.96 15.79 16.39
C PHE M 26 -26.98 16.52 15.05
N ALA M 27 -27.54 15.87 14.03
CA ALA M 27 -27.56 16.45 12.69
C ALA M 27 -28.38 17.73 12.64
N VAL M 28 -29.52 17.76 13.33
CA VAL M 28 -30.39 18.91 13.27
C VAL M 28 -29.82 20.07 14.09
N HIS M 29 -29.30 19.78 15.28
CA HIS M 29 -28.61 20.82 16.05
C HIS M 29 -27.41 21.35 15.26
N PHE M 30 -26.74 20.48 14.51
CA PHE M 30 -25.67 20.93 13.61
C PHE M 30 -26.22 21.83 12.52
N ALA M 31 -27.39 21.49 11.98
CA ALA M 31 -28.00 22.34 10.96
C ALA M 31 -28.30 23.72 11.51
N CYS M 32 -28.76 23.78 12.75
CA CYS M 32 -29.00 25.07 13.39
C CYS M 32 -27.70 25.84 13.60
N ILE M 33 -26.64 25.16 14.04
CA ILE M 33 -25.36 25.84 14.23
C ILE M 33 -24.81 26.33 12.90
N SER M 34 -25.02 25.57 11.83
CA SER M 34 -24.59 26.01 10.51
C SER M 34 -25.33 27.27 10.08
N SER M 35 -26.61 27.36 10.41
CA SER M 35 -27.40 28.52 10.04
C SER M 35 -26.98 29.72 10.89
N GLU M 36 -26.71 30.85 10.23
CA GLU M 36 -26.41 32.07 10.96
C GLU M 36 -27.60 32.52 11.78
N ARG M 37 -28.80 32.40 11.22
CA ARG M 37 -30.00 32.83 11.93
C ARG M 37 -30.22 32.01 13.18
N PHE M 38 -29.92 30.71 13.13
CA PHE M 38 -30.27 29.80 14.19
C PHE M 38 -29.10 29.38 15.06
N ASN M 39 -27.89 29.87 14.79
CA ASN M 39 -26.74 29.46 15.58
C ASN M 39 -26.73 30.27 16.88
N TRP M 40 -27.23 29.66 17.95
CA TRP M 40 -27.18 30.26 19.27
C TRP M 40 -25.76 30.31 19.83
N LEU M 41 -24.89 29.42 19.39
CA LEU M 41 -23.50 29.44 19.85
C LEU M 41 -22.78 30.69 19.38
N GLU M 42 -22.99 31.09 18.12
CA GLU M 42 -22.46 32.35 17.64
C GLU M 42 -23.34 33.53 18.02
N GLY M 43 -24.64 33.33 18.10
CA GLY M 43 -25.55 34.39 18.54
C GLY M 43 -25.69 35.57 17.62
N ALA M 44 -25.81 35.33 16.31
CA ALA M 44 -25.98 36.41 15.36
C ALA M 44 -27.35 37.06 15.53
N PRO M 45 -27.51 38.31 15.09
CA PRO M 45 -28.82 38.95 15.16
C PRO M 45 -29.80 38.32 14.17
N ALA M 46 -31.08 38.47 14.49
CA ALA M 46 -32.14 38.15 13.55
C ALA M 46 -32.38 39.35 12.63
N ALA M 47 -32.73 39.07 11.38
CA ALA M 47 -33.08 40.16 10.48
C ALA M 47 -34.35 40.88 10.93
N GLU M 48 -35.19 40.23 11.73
CA GLU M 48 -36.38 40.88 12.26
C GLU M 48 -36.03 42.01 13.21
N TYR M 49 -34.80 42.01 13.74
CA TYR M 49 -34.34 43.12 14.56
C TYR M 49 -34.31 44.41 13.76
N TYR M 50 -33.99 44.33 12.47
CA TYR M 50 -33.86 45.51 11.62
C TYR M 50 -35.06 45.71 10.70
N MET M 51 -36.02 44.79 10.70
CA MET M 51 -37.22 44.96 9.90
C MET M 51 -38.19 45.90 10.58
N ASP M 52 -38.84 46.74 9.79
CA ASP M 52 -39.90 47.61 10.28
C ASP M 52 -41.28 47.01 10.12
N GLU M 53 -41.37 45.79 9.58
CA GLU M 53 -42.64 45.10 9.42
C GLU M 53 -42.40 43.61 9.53
N ASP M 54 -43.47 42.89 9.81
CA ASP M 54 -43.37 41.44 9.93
C ASP M 54 -43.10 40.82 8.57
N PRO M 55 -42.02 40.06 8.40
CA PRO M 55 -41.80 39.39 7.11
C PRO M 55 -42.85 38.37 6.76
N GLY M 56 -43.45 37.72 7.75
CA GLY M 56 -44.37 36.64 7.51
C GLY M 56 -43.64 35.36 7.17
N ILE M 57 -44.43 34.36 6.77
CA ILE M 57 -43.89 33.13 6.20
C ILE M 57 -44.60 32.86 4.89
N TRP M 58 -45.93 32.80 4.95
CA TRP M 58 -46.76 32.69 3.77
C TRP M 58 -47.29 34.03 3.29
N LYS M 59 -46.95 35.11 3.99
CA LYS M 59 -47.49 36.42 3.65
C LYS M 59 -46.98 36.87 2.28
N ARG M 60 -47.89 37.42 1.46
CA ARG M 60 -47.55 37.81 0.10
C ARG M 60 -46.95 39.22 0.10
N THR M 61 -45.85 39.35 0.84
CA THR M 61 -45.14 40.61 0.93
C THR M 61 -44.45 40.93 -0.40
N SER M 62 -44.37 42.20 -0.72
CA SER M 62 -43.67 42.66 -1.92
C SER M 62 -42.68 43.74 -1.54
N TYR M 63 -41.52 43.76 -2.18
CA TYR M 63 -40.49 44.75 -1.91
C TYR M 63 -40.98 46.14 -2.14
N ILE N 4 -40.75 -11.96 9.97
CA ILE N 4 -41.73 -12.99 10.30
C ILE N 4 -42.29 -12.77 11.69
N ARG N 5 -42.96 -13.78 12.21
CA ARG N 5 -43.64 -13.67 13.50
C ARG N 5 -42.65 -13.48 14.63
N THR N 6 -42.91 -12.51 15.50
CA THR N 6 -42.11 -12.31 16.69
C THR N 6 -42.48 -13.25 17.82
N GLY N 7 -43.63 -13.92 17.72
CA GLY N 7 -44.07 -14.82 18.76
C GLY N 7 -44.74 -14.16 19.94
N LEU N 8 -44.88 -12.84 19.91
CA LEU N 8 -45.47 -12.11 21.02
C LEU N 8 -46.99 -12.25 21.00
N THR N 9 -47.56 -12.49 22.18
CA THR N 9 -49.00 -12.60 22.31
C THR N 9 -49.67 -11.25 22.08
N ASP N 10 -50.99 -11.28 21.94
CA ASP N 10 -51.73 -10.04 21.74
C ASP N 10 -51.57 -9.11 22.94
N GLU N 11 -51.58 -9.66 24.16
CA GLU N 11 -51.38 -8.83 25.35
C GLU N 11 -49.97 -8.25 25.39
N GLU N 12 -48.96 -9.05 25.02
CA GLU N 12 -47.60 -8.55 24.97
C GLU N 12 -47.46 -7.45 23.92
N CYS N 13 -48.06 -7.65 22.75
CA CYS N 13 -48.03 -6.62 21.72
C CYS N 13 -48.77 -5.36 22.18
N GLN N 14 -49.87 -5.54 22.91
CA GLN N 14 -50.64 -4.40 23.39
C GLN N 14 -49.87 -3.60 24.43
N GLU N 15 -49.14 -4.27 25.33
CA GLU N 15 -48.37 -3.53 26.32
C GLU N 15 -47.14 -2.89 25.70
N ILE N 16 -46.50 -3.60 24.75
CA ILE N 16 -45.45 -2.97 23.94
C ILE N 16 -46.00 -1.73 23.25
N HIS N 17 -47.22 -1.82 22.74
CA HIS N 17 -47.78 -0.73 21.96
C HIS N 17 -48.19 0.44 22.84
N GLU N 18 -48.71 0.18 24.04
CA GLU N 18 -49.03 1.30 24.92
C GLU N 18 -47.76 2.02 25.36
N MET N 19 -46.69 1.27 25.64
CA MET N 19 -45.41 1.92 25.91
C MET N 19 -44.89 2.65 24.68
N ASN N 20 -45.06 2.06 23.50
CA ASN N 20 -44.61 2.70 22.27
C ASN N 20 -45.37 3.98 21.99
N MET N 21 -46.69 3.96 22.19
CA MET N 21 -47.50 5.15 22.02
C MET N 21 -47.10 6.21 23.01
N LEU N 22 -46.86 5.82 24.27
CA LEU N 22 -46.44 6.79 25.27
C LEU N 22 -45.12 7.42 24.88
N GLY N 23 -44.13 6.61 24.50
CA GLY N 23 -42.84 7.15 24.13
C GLY N 23 -42.90 8.03 22.90
N MET N 24 -43.54 7.53 21.84
CA MET N 24 -43.61 8.29 20.60
C MET N 24 -44.35 9.60 20.79
N HIS N 25 -45.51 9.56 21.44
CA HIS N 25 -46.33 10.75 21.55
C HIS N 25 -45.81 11.72 22.59
N ALA N 26 -45.19 11.24 23.68
CA ALA N 26 -44.55 12.15 24.61
C ALA N 26 -43.37 12.85 23.95
N TYR N 27 -42.53 12.10 23.22
CA TYR N 27 -41.44 12.73 22.51
C TYR N 27 -41.95 13.70 21.47
N TRP N 28 -43.02 13.32 20.77
CA TRP N 28 -43.60 14.16 19.74
C TRP N 28 -44.16 15.45 20.31
N SER N 29 -44.83 15.38 21.46
CA SER N 29 -45.40 16.58 22.07
C SER N 29 -44.31 17.48 22.65
N ILE N 30 -43.32 16.90 23.32
CA ILE N 30 -42.21 17.70 23.82
C ILE N 30 -41.46 18.35 22.66
N GLY N 31 -41.28 17.60 21.57
CA GLY N 31 -40.62 18.17 20.39
C GLY N 31 -41.45 19.24 19.72
N LEU N 32 -42.77 19.10 19.72
CA LEU N 32 -43.63 20.14 19.19
C LEU N 32 -43.54 21.40 20.03
N ILE N 33 -43.51 21.25 21.35
CA ILE N 33 -43.35 22.41 22.21
C ILE N 33 -41.98 23.05 22.01
N ALA N 34 -40.95 22.22 21.86
CA ALA N 34 -39.61 22.73 21.62
C ALA N 34 -39.53 23.48 20.29
N ASN N 35 -40.13 22.93 19.24
CA ASN N 35 -40.14 23.59 17.94
C ASN N 35 -40.99 24.85 17.96
N ALA N 36 -42.09 24.85 18.70
CA ALA N 36 -42.87 26.07 18.85
C ALA N 36 -42.09 27.15 19.58
N LEU N 37 -41.36 26.76 20.62
CA LEU N 37 -40.53 27.73 21.34
C LEU N 37 -39.44 28.29 20.45
N ALA N 38 -38.74 27.43 19.72
CA ALA N 38 -37.69 27.88 18.83
C ALA N 38 -38.27 28.68 17.66
N TYR N 39 -39.51 28.42 17.29
CA TYR N 39 -40.14 29.16 16.21
C TYR N 39 -40.55 30.55 16.67
N ALA N 40 -41.05 30.65 17.90
CA ALA N 40 -41.34 31.96 18.46
C ALA N 40 -40.06 32.75 18.68
N TRP N 41 -38.98 32.06 19.05
CA TRP N 41 -37.69 32.72 19.24
C TRP N 41 -37.19 33.30 17.92
N ARG N 42 -37.13 32.47 16.89
CA ARG N 42 -36.77 32.88 15.53
C ARG N 42 -37.56 32.01 14.57
N PRO N 43 -38.55 32.57 13.88
CA PRO N 43 -39.37 31.77 12.96
C PRO N 43 -38.51 30.99 11.98
N PHE N 44 -38.84 29.70 11.83
CA PHE N 44 -37.97 28.77 11.12
C PHE N 44 -37.84 29.14 9.65
N HIS N 45 -38.91 29.66 9.07
CA HIS N 45 -39.00 29.82 7.63
C HIS N 45 -39.05 31.30 7.30
N GLN N 46 -38.15 31.72 6.41
CA GLN N 46 -38.06 33.12 6.07
C GLN N 46 -39.32 33.59 5.35
N GLY N 47 -39.64 34.86 5.54
CA GLY N 47 -40.68 35.49 4.77
C GLY N 47 -40.22 35.70 3.35
N ARG N 48 -41.15 36.15 2.52
CA ARG N 48 -40.81 36.38 1.12
C ARG N 48 -39.70 37.42 1.01
N ALA N 49 -39.60 38.34 1.98
CA ALA N 49 -38.48 39.25 2.05
C ALA N 49 -37.18 38.56 2.45
N GLY N 50 -37.25 37.33 2.96
CA GLY N 50 -36.10 36.67 3.50
C GLY N 50 -35.81 37.11 4.92
N ASN N 51 -34.76 36.53 5.50
CA ASN N 51 -34.29 36.98 6.80
C ASN N 51 -32.76 36.99 6.84
N ARG N 52 -32.12 37.15 5.69
CA ARG N 52 -30.68 37.34 5.65
C ARG N 52 -30.32 38.70 6.22
N LEU N 53 -29.32 38.73 7.11
CA LEU N 53 -28.90 40.00 7.69
C LEU N 53 -28.41 40.97 6.62
N GLU N 54 -27.80 40.46 5.55
CA GLU N 54 -27.29 41.32 4.50
C GLU N 54 -28.39 42.09 3.78
N ASP N 55 -29.63 41.65 3.89
CA ASP N 55 -30.74 42.30 3.21
C ASP N 55 -31.55 43.21 4.12
N HIS N 56 -31.36 43.13 5.42
CA HIS N 56 -32.12 43.94 6.36
C HIS N 56 -31.26 44.70 7.34
N ALA N 57 -30.14 44.14 7.77
CA ALA N 57 -29.25 44.82 8.68
C ALA N 57 -28.43 45.88 7.94
N PRO N 58 -27.94 46.89 8.66
CA PRO N 58 -27.03 47.86 8.03
C PRO N 58 -25.72 47.20 7.63
N ASP N 59 -24.93 47.97 6.88
CA ASP N 59 -23.72 47.42 6.27
C ASP N 59 -22.72 46.96 7.32
N TYR N 60 -22.59 47.71 8.42
CA TYR N 60 -21.62 47.37 9.45
C TYR N 60 -21.97 46.09 10.21
N VAL N 61 -23.19 45.59 10.08
CA VAL N 61 -23.57 44.35 10.76
C VAL N 61 -23.01 43.18 9.95
N ARG N 62 -22.03 42.48 10.51
CA ARG N 62 -21.39 41.40 9.79
C ARG N 62 -22.35 40.22 9.64
N SER N 63 -22.35 39.63 8.45
CA SER N 63 -23.13 38.45 8.16
C SER N 63 -22.21 37.39 7.58
N ALA N 64 -22.38 36.16 8.05
CA ALA N 64 -21.68 35.02 7.46
C ALA N 64 -22.28 34.62 6.12
N LEU N 65 -23.21 35.43 5.60
CA LEU N 65 -23.90 35.18 4.34
C LEU N 65 -24.69 33.88 4.41
N GLY O 2 -47.80 37.29 13.51
CA GLY O 2 -48.67 36.98 12.39
C GLY O 2 -48.65 35.51 12.01
N ASP O 3 -47.97 35.20 10.92
CA ASP O 3 -47.86 33.81 10.49
C ASP O 3 -47.08 32.99 11.50
N ALA O 4 -46.03 33.57 12.08
CA ALA O 4 -45.23 32.87 13.08
C ALA O 4 -46.07 32.50 14.30
N GLY O 5 -46.92 33.42 14.75
CA GLY O 5 -47.82 33.11 15.86
C GLY O 5 -48.77 31.98 15.51
N ILE O 6 -49.25 31.95 14.27
CA ILE O 6 -50.11 30.87 13.82
C ILE O 6 -49.37 29.54 13.86
N VAL O 7 -48.12 29.53 13.40
CA VAL O 7 -47.32 28.31 13.43
C VAL O 7 -47.12 27.84 14.86
N VAL O 8 -46.79 28.77 15.75
CA VAL O 8 -46.55 28.41 17.15
C VAL O 8 -47.83 27.86 17.77
N ALA O 9 -48.97 28.50 17.50
CA ALA O 9 -50.24 28.02 18.04
C ALA O 9 -50.58 26.64 17.50
N VAL O 10 -50.34 26.40 16.21
CA VAL O 10 -50.63 25.10 15.61
C VAL O 10 -49.75 24.03 16.23
N LEU O 11 -48.46 24.33 16.41
CA LEU O 11 -47.55 23.36 17.02
C LEU O 11 -47.96 23.07 18.46
N VAL O 12 -48.37 24.10 19.20
CA VAL O 12 -48.79 23.88 20.58
C VAL O 12 -50.07 23.04 20.63
N ILE O 13 -51.01 23.30 19.73
CA ILE O 13 -52.23 22.50 19.67
C ILE O 13 -51.91 21.06 19.33
N LEU O 14 -50.98 20.85 18.39
CA LEU O 14 -50.57 19.50 18.05
C LEU O 14 -49.92 18.80 19.24
N ALA O 15 -49.10 19.53 19.99
CA ALA O 15 -48.46 18.95 21.18
C ALA O 15 -49.49 18.59 22.23
N ILE O 16 -50.48 19.45 22.43
CA ILE O 16 -51.53 19.16 23.42
C ILE O 16 -52.33 17.95 22.99
N LEU O 17 -52.79 17.92 21.74
CA LEU O 17 -53.59 16.82 21.25
C LEU O 17 -52.75 15.55 21.12
N GLY O 18 -51.50 15.69 20.74
CA GLY O 18 -50.62 14.56 20.64
C GLY O 18 -50.05 14.06 21.94
N TRP O 19 -50.34 14.73 23.05
CA TRP O 19 -49.84 14.28 24.34
C TRP O 19 -50.45 12.93 24.69
N PRO O 20 -49.66 12.02 25.27
CA PRO O 20 -50.19 10.66 25.55
C PRO O 20 -51.47 10.65 26.36
N ASN O 21 -51.61 11.53 27.35
CA ASN O 21 -52.84 11.54 28.14
C ASN O 21 -54.05 11.89 27.29
N ILE O 22 -53.86 12.67 26.24
CA ILE O 22 -54.95 13.07 25.34
C ILE O 22 -55.03 12.18 24.12
N SER O 23 -53.87 11.87 23.51
CA SER O 23 -53.88 11.04 22.32
C SER O 23 -54.36 9.63 22.64
N SER O 24 -53.95 9.07 23.78
CA SER O 24 -54.27 7.71 24.15
C SER O 24 -55.76 7.50 24.39
N THR O 25 -56.53 8.58 24.54
CA THR O 25 -57.98 8.44 24.64
C THR O 25 -58.59 7.95 23.34
N LEU O 26 -57.83 7.98 22.25
CA LEU O 26 -58.29 7.52 20.94
C LEU O 26 -57.81 6.11 20.62
N ARG O 27 -57.32 5.36 21.60
CA ARG O 27 -56.98 3.96 21.38
C ARG O 27 -58.22 3.14 21.05
N ARG O 28 -58.08 2.21 20.11
CA ARG O 28 -59.15 1.31 19.74
C ARG O 28 -58.82 -0.15 19.92
N TRP O 29 -57.54 -0.50 20.06
CA TRP O 29 -57.09 -1.89 20.18
C TRP O 29 -57.63 -2.75 19.05
N MET P 1 -13.96 -1.21 52.21
CA MET P 1 -14.15 -1.77 50.88
C MET P 1 -13.59 -3.17 50.76
N TRP P 2 -13.44 -3.88 51.89
CA TRP P 2 -12.88 -5.22 51.80
C TRP P 2 -13.81 -6.20 51.11
N LYS P 3 -15.10 -5.87 51.02
CA LYS P 3 -16.03 -6.71 50.28
C LYS P 3 -15.79 -6.65 48.78
N LEU P 4 -15.02 -5.65 48.31
CA LEU P 4 -14.82 -5.45 46.88
C LEU P 4 -14.14 -6.65 46.23
N TRP P 5 -13.30 -7.35 46.97
CA TRP P 5 -12.59 -8.50 46.46
C TRP P 5 -13.42 -9.77 46.49
N LYS P 6 -14.66 -9.66 47.00
CA LYS P 6 -15.67 -10.66 46.72
C LYS P 6 -16.24 -10.54 45.31
N PHE P 7 -16.04 -9.39 44.67
CA PHE P 7 -16.69 -9.12 43.39
C PHE P 7 -15.76 -8.56 42.33
N VAL P 8 -14.65 -7.94 42.72
CA VAL P 8 -13.69 -7.37 41.78
C VAL P 8 -12.37 -8.08 41.98
N ASP P 9 -11.77 -8.55 40.89
CA ASP P 9 -10.54 -9.31 40.99
C ASP P 9 -9.41 -8.40 41.47
N PHE P 10 -8.86 -8.71 42.65
CA PHE P 10 -7.83 -7.87 43.22
C PHE P 10 -6.56 -7.89 42.38
N ARG P 11 -6.19 -9.05 41.85
CA ARG P 11 -4.95 -9.12 41.09
C ARG P 11 -4.99 -8.20 39.88
N MET P 12 -6.10 -8.24 39.13
CA MET P 12 -6.24 -7.35 37.99
C MET P 12 -6.35 -5.89 38.43
N THR P 13 -7.02 -5.62 39.54
CA THR P 13 -7.14 -4.24 40.02
C THR P 13 -5.79 -3.66 40.39
N ALA P 14 -4.97 -4.43 41.11
CA ALA P 14 -3.65 -3.95 41.51
C ALA P 14 -2.71 -3.86 40.32
N VAL P 15 -2.76 -4.83 39.41
CA VAL P 15 -1.94 -4.76 38.20
C VAL P 15 -2.34 -3.56 37.37
N GLY P 16 -3.65 -3.31 37.24
CA GLY P 16 -4.11 -2.19 36.46
C GLY P 16 -3.75 -0.86 37.07
N PHE P 17 -3.86 -0.74 38.39
CA PHE P 17 -3.41 0.48 39.05
C PHE P 17 -1.91 0.67 38.91
N HIS P 18 -1.12 -0.38 39.01
CA HIS P 18 0.32 -0.20 38.87
C HIS P 18 0.69 0.19 37.45
N LEU P 19 0.06 -0.44 36.45
CA LEU P 19 0.31 -0.07 35.07
C LEU P 19 -0.15 1.35 34.79
N PHE P 20 -1.36 1.70 35.24
CA PHE P 20 -1.88 3.03 35.00
C PHE P 20 -1.09 4.08 35.76
N PHE P 21 -0.52 3.72 36.91
CA PHE P 21 0.26 4.69 37.66
C PHE P 21 1.66 4.84 37.10
N ALA P 22 2.22 3.80 36.48
CA ALA P 22 3.42 3.99 35.69
C ALA P 22 3.15 4.93 34.51
N LEU P 23 2.05 4.67 33.80
CA LEU P 23 1.63 5.55 32.71
C LEU P 23 1.42 6.97 33.20
N LEU P 24 0.74 7.13 34.32
CA LEU P 24 0.39 8.46 34.83
C LEU P 24 1.58 9.17 35.44
N ALA P 25 2.50 8.42 36.05
CA ALA P 25 3.73 9.03 36.53
C ALA P 25 4.54 9.57 35.36
N PHE P 26 4.61 8.81 34.27
CA PHE P 26 5.26 9.32 33.06
C PHE P 26 4.53 10.56 32.54
N ALA P 27 3.20 10.51 32.50
CA ALA P 27 2.43 11.63 31.97
C ALA P 27 2.61 12.89 32.83
N VAL P 28 2.59 12.73 34.15
CA VAL P 28 2.68 13.86 35.05
C VAL P 28 4.09 14.43 35.07
N HIS P 29 5.10 13.56 35.07
CA HIS P 29 6.48 14.02 34.94
C HIS P 29 6.67 14.77 33.63
N PHE P 30 6.06 14.29 32.55
CA PHE P 30 6.10 15.02 31.30
C PHE P 30 5.42 16.37 31.43
N ALA P 31 4.29 16.42 32.12
CA ALA P 31 3.57 17.68 32.29
C ALA P 31 4.44 18.70 33.03
N CYS P 32 5.21 18.24 34.01
CA CYS P 32 6.18 19.11 34.65
C CYS P 32 7.27 19.53 33.67
N ILE P 33 7.76 18.60 32.85
CA ILE P 33 8.80 18.91 31.89
C ILE P 33 8.33 19.96 30.89
N SER P 34 7.07 19.83 30.45
CA SER P 34 6.51 20.74 29.46
C SER P 34 6.38 22.16 30.01
N SER P 35 6.29 22.30 31.33
CA SER P 35 6.23 23.61 31.95
C SER P 35 7.63 24.10 32.26
N GLU P 36 7.97 25.32 31.84
CA GLU P 36 9.30 25.84 32.15
C GLU P 36 9.43 26.14 33.63
N ARG P 37 8.34 26.51 34.29
CA ARG P 37 8.38 26.74 35.73
C ARG P 37 8.75 25.47 36.48
N PHE P 38 8.34 24.33 35.95
CA PHE P 38 8.46 23.06 36.66
C PHE P 38 9.45 22.10 36.01
N ASN P 39 10.00 22.44 34.85
CA ASN P 39 11.00 21.60 34.20
C ASN P 39 12.31 21.74 34.98
N TRP P 40 12.52 20.82 35.91
CA TRP P 40 13.78 20.76 36.65
C TRP P 40 14.95 20.43 35.75
N LEU P 41 14.70 19.68 34.67
CA LEU P 41 15.79 19.31 33.76
C LEU P 41 16.34 20.53 33.02
N GLU P 42 15.44 21.39 32.51
CA GLU P 42 15.88 22.64 31.92
C GLU P 42 16.25 23.66 32.98
N GLY P 43 15.64 23.60 34.16
CA GLY P 43 16.02 24.43 35.28
C GLY P 43 15.77 25.92 35.13
N ALA P 44 14.62 26.29 34.59
CA ALA P 44 14.30 27.70 34.40
C ALA P 44 14.02 28.38 35.74
N PRO P 45 14.18 29.69 35.82
CA PRO P 45 13.88 30.40 37.07
C PRO P 45 12.38 30.40 37.36
N ALA P 46 12.06 30.65 38.62
CA ALA P 46 10.69 30.88 39.05
C ALA P 46 10.41 32.36 39.03
N ALA P 47 9.20 32.73 38.62
CA ALA P 47 8.85 34.15 38.60
C ALA P 47 8.89 34.76 39.99
N GLU P 48 8.71 33.94 41.02
CA GLU P 48 8.81 34.41 42.39
C GLU P 48 10.19 34.97 42.71
N TYR P 49 11.22 34.56 41.96
CA TYR P 49 12.54 35.14 42.11
C TYR P 49 12.54 36.63 41.78
N TYR P 50 11.60 37.09 40.96
CA TYR P 50 11.55 38.47 40.52
C TYR P 50 10.35 39.22 41.08
N MET P 51 9.47 38.57 41.83
CA MET P 51 8.33 39.23 42.42
C MET P 51 8.74 39.96 43.70
N ASP P 52 8.13 41.12 43.92
CA ASP P 52 8.40 41.88 45.13
C ASP P 52 7.68 41.30 46.34
N GLU P 53 6.50 40.73 46.13
CA GLU P 53 5.71 40.13 47.21
C GLU P 53 5.30 38.72 46.80
N ASP P 54 4.63 38.04 47.72
CA ASP P 54 4.18 36.67 47.48
C ASP P 54 2.95 36.70 46.57
N PRO P 55 2.99 36.01 45.42
CA PRO P 55 1.82 36.02 44.53
C PRO P 55 0.59 35.38 45.15
N GLY P 56 0.76 34.40 46.03
CA GLY P 56 -0.36 33.68 46.60
C GLY P 56 -0.93 32.67 45.63
N ILE P 57 -1.99 32.02 46.07
CA ILE P 57 -2.77 31.15 45.19
C ILE P 57 -4.21 31.64 45.23
N TRP P 58 -4.70 31.93 46.44
CA TRP P 58 -6.02 32.53 46.64
C TRP P 58 -5.91 33.95 47.19
N LYS P 59 -4.74 34.58 47.10
CA LYS P 59 -4.47 35.78 47.87
C LYS P 59 -5.34 36.97 47.46
N ARG P 60 -6.04 36.89 46.33
CA ARG P 60 -6.88 37.97 45.85
C ARG P 60 -6.05 39.24 45.61
N THR P 61 -4.90 39.05 44.99
CA THR P 61 -4.00 40.15 44.70
C THR P 61 -4.56 41.04 43.59
N SER P 62 -4.07 42.27 43.55
CA SER P 62 -4.42 43.23 42.52
C SER P 62 -3.17 43.86 41.95
N TYR P 63 -3.23 44.21 40.67
CA TYR P 63 -2.09 44.82 39.99
C TYR P 63 -1.80 46.20 40.55
N ILE Q 4 -19.42 -10.78 38.95
CA ILE Q 4 -19.59 -12.12 39.49
C ILE Q 4 -18.67 -12.28 40.69
N ARG Q 5 -18.89 -13.35 41.46
CA ARG Q 5 -18.12 -13.59 42.66
C ARG Q 5 -16.70 -14.00 42.31
N THR Q 6 -15.74 -13.52 43.11
CA THR Q 6 -14.33 -13.86 42.90
C THR Q 6 -13.93 -15.16 43.57
N GLY Q 7 -14.78 -15.73 44.42
CA GLY Q 7 -14.45 -16.93 45.14
C GLY Q 7 -13.61 -16.72 46.38
N LEU Q 8 -13.23 -15.48 46.67
CA LEU Q 8 -12.44 -15.21 47.86
C LEU Q 8 -13.27 -15.37 49.12
N THR Q 9 -12.66 -15.94 50.14
CA THR Q 9 -13.31 -16.05 51.43
C THR Q 9 -13.27 -14.69 52.13
N ASP Q 10 -13.96 -14.61 53.27
CA ASP Q 10 -13.92 -13.40 54.07
C ASP Q 10 -12.50 -13.13 54.55
N GLU Q 11 -11.80 -14.17 54.99
CA GLU Q 11 -10.42 -14.00 55.45
C GLU Q 11 -9.52 -13.53 54.33
N GLU Q 12 -9.66 -14.12 53.14
CA GLU Q 12 -8.83 -13.71 52.01
C GLU Q 12 -9.13 -12.28 51.59
N CYS Q 13 -10.41 -11.90 51.57
CA CYS Q 13 -10.78 -10.53 51.24
C CYS Q 13 -10.21 -9.56 52.27
N GLN Q 14 -10.25 -9.93 53.55
CA GLN Q 14 -9.71 -9.05 54.58
C GLN Q 14 -8.20 -8.93 54.48
N GLU Q 15 -7.51 -10.03 54.15
CA GLU Q 15 -6.07 -9.96 53.95
C GLU Q 15 -5.71 -9.06 52.77
N ILE Q 16 -6.41 -9.25 51.65
CA ILE Q 16 -6.20 -8.39 50.49
C ILE Q 16 -6.51 -6.95 50.82
N HIS Q 17 -7.52 -6.71 51.66
CA HIS Q 17 -7.86 -5.34 51.99
C HIS Q 17 -6.84 -4.71 52.92
N GLU Q 18 -6.28 -5.47 53.86
CA GLU Q 18 -5.21 -4.93 54.68
C GLU Q 18 -4.01 -4.55 53.81
N MET Q 19 -3.63 -5.42 52.89
CA MET Q 19 -2.53 -5.11 51.99
C MET Q 19 -2.86 -3.93 51.09
N ASN Q 20 -4.11 -3.85 50.63
CA ASN Q 20 -4.55 -2.75 49.79
C ASN Q 20 -4.53 -1.43 50.54
N MET Q 21 -5.03 -1.43 51.78
CA MET Q 21 -5.00 -0.21 52.57
C MET Q 21 -3.57 0.23 52.80
N LEU Q 22 -2.68 -0.72 53.11
CA LEU Q 22 -1.28 -0.39 53.27
C LEU Q 22 -0.71 0.23 52.00
N GLY Q 23 -0.94 -0.42 50.85
CA GLY Q 23 -0.37 0.07 49.61
C GLY Q 23 -0.92 1.42 49.20
N MET Q 24 -2.25 1.52 49.15
CA MET Q 24 -2.88 2.78 48.74
C MET Q 24 -2.50 3.91 49.68
N HIS Q 25 -2.51 3.67 50.98
CA HIS Q 25 -2.29 4.76 51.92
C HIS Q 25 -0.82 5.11 52.07
N ALA Q 26 0.08 4.13 51.97
CA ALA Q 26 1.50 4.44 51.94
C ALA Q 26 1.85 5.23 50.70
N TYR Q 27 1.34 4.79 49.54
CA TYR Q 27 1.58 5.54 48.31
C TYR Q 27 0.94 6.92 48.40
N TRP Q 28 -0.23 7.01 49.02
CA TRP Q 28 -0.94 8.28 49.16
C TRP Q 28 -0.17 9.25 50.04
N SER Q 29 0.38 8.77 51.16
CA SER Q 29 1.15 9.64 52.04
C SER Q 29 2.48 10.03 51.44
N ILE Q 30 3.17 9.08 50.78
CA ILE Q 30 4.43 9.41 50.14
C ILE Q 30 4.21 10.41 49.00
N GLY Q 31 3.14 10.22 48.23
CA GLY Q 31 2.81 11.16 47.19
C GLY Q 31 2.39 12.52 47.72
N LEU Q 32 1.67 12.54 48.83
CA LEU Q 32 1.30 13.80 49.45
C LEU Q 32 2.52 14.55 49.96
N ILE Q 33 3.47 13.84 50.56
CA ILE Q 33 4.70 14.49 51.01
C ILE Q 33 5.52 14.95 49.83
N ALA Q 34 5.57 14.14 48.77
CA ALA Q 34 6.27 14.54 47.56
C ALA Q 34 5.67 15.79 46.95
N ASN Q 35 4.33 15.86 46.89
CA ASN Q 35 3.68 17.03 46.33
C ASN Q 35 3.81 18.23 47.25
N ALA Q 36 3.84 18.02 48.56
CA ALA Q 36 4.12 19.12 49.48
C ALA Q 36 5.54 19.66 49.28
N LEU Q 37 6.51 18.76 49.07
CA LEU Q 37 7.88 19.19 48.83
C LEU Q 37 7.99 19.96 47.52
N ALA Q 38 7.37 19.43 46.46
CA ALA Q 38 7.39 20.11 45.17
C ALA Q 38 6.60 21.42 45.22
N TYR Q 39 5.59 21.50 46.08
CA TYR Q 39 4.78 22.71 46.18
C TYR Q 39 5.54 23.78 46.95
N ALA Q 40 6.27 23.39 48.00
CA ALA Q 40 7.13 24.33 48.69
C ALA Q 40 8.28 24.78 47.80
N TRP Q 41 8.75 23.88 46.93
CA TRP Q 41 9.77 24.26 45.96
C TRP Q 41 9.25 25.30 44.99
N ARG Q 42 8.12 25.01 44.37
CA ARG Q 42 7.46 25.93 43.44
C ARG Q 42 5.97 25.66 43.50
N PRO Q 43 5.19 26.53 44.13
CA PRO Q 43 3.75 26.29 44.25
C PRO Q 43 3.12 26.01 42.90
N PHE Q 44 2.30 24.96 42.85
CA PHE Q 44 1.82 24.44 41.58
C PHE Q 44 0.87 25.41 40.90
N HIS Q 45 0.20 26.26 41.68
CA HIS Q 45 -0.91 27.04 41.18
C HIS Q 45 -0.53 28.51 41.27
N GLN Q 46 -0.59 29.20 40.14
CA GLN Q 46 -0.19 30.60 40.11
C GLN Q 46 -1.21 31.46 40.83
N GLY Q 47 -0.73 32.58 41.36
CA GLY Q 47 -1.60 33.58 41.91
C GLY Q 47 -2.25 34.39 40.81
N ARG Q 48 -3.02 35.39 41.22
CA ARG Q 48 -3.66 36.25 40.23
C ARG Q 48 -2.63 36.92 39.35
N ALA Q 49 -1.47 37.25 39.91
CA ALA Q 49 -0.37 37.80 39.13
C ALA Q 49 0.25 36.78 38.19
N GLY Q 50 -0.05 35.50 38.36
CA GLY Q 50 0.57 34.47 37.56
C GLY Q 50 2.00 34.23 38.01
N ASN Q 51 2.65 33.28 37.35
CA ASN Q 51 4.06 33.03 37.61
C ASN Q 51 4.82 32.85 36.30
N ARG Q 52 4.32 33.45 35.23
CA ARG Q 52 5.07 33.50 33.99
C ARG Q 52 6.30 34.38 34.16
N LEU Q 53 7.44 33.91 33.66
CA LEU Q 53 8.66 34.69 33.76
C LEU Q 53 8.56 36.00 32.99
N GLU Q 54 7.85 35.98 31.85
CA GLU Q 54 7.72 37.20 31.05
C GLU Q 54 7.03 38.32 31.81
N ASP Q 55 6.14 37.99 32.74
CA ASP Q 55 5.39 39.01 33.46
C ASP Q 55 6.11 39.52 34.69
N HIS Q 56 7.17 38.85 35.13
CA HIS Q 56 7.85 39.26 36.35
C HIS Q 56 9.34 39.44 36.18
N ALA Q 57 9.98 38.60 35.39
CA ALA Q 57 11.41 38.71 35.16
C ALA Q 57 11.71 39.84 34.20
N PRO Q 58 12.94 40.34 34.20
CA PRO Q 58 13.34 41.31 33.18
C PRO Q 58 13.34 40.69 31.79
N ASP Q 59 13.49 41.55 30.79
CA ASP Q 59 13.40 41.11 29.40
C ASP Q 59 14.53 40.14 29.04
N TYR Q 60 15.72 40.35 29.61
CA TYR Q 60 16.85 39.49 29.26
C TYR Q 60 16.70 38.08 29.79
N VAL Q 61 15.82 37.87 30.77
CA VAL Q 61 15.54 36.51 31.26
C VAL Q 61 14.70 35.81 30.20
N ARG Q 62 15.27 34.83 29.53
CA ARG Q 62 14.54 34.09 28.50
C ARG Q 62 13.46 33.24 29.13
N SER Q 63 12.30 33.20 28.47
CA SER Q 63 11.19 32.38 28.89
C SER Q 63 10.68 31.59 27.69
N ALA Q 64 10.36 30.32 27.92
CA ALA Q 64 9.76 29.51 26.87
C ALA Q 64 8.35 29.97 26.51
N LEU Q 65 7.78 30.88 27.31
CA LEU Q 65 6.46 31.45 27.07
C LEU Q 65 5.37 30.39 27.11
N GLY R 2 2.88 32.04 52.99
CA GLY R 2 1.67 32.43 52.29
C GLY R 2 0.74 31.26 52.06
N ASP R 3 -0.10 31.36 51.03
CA ASP R 3 -1.05 30.29 50.73
C ASP R 3 -0.33 28.99 50.40
N ALA R 4 0.86 29.07 49.81
CA ALA R 4 1.66 27.87 49.59
C ALA R 4 1.99 27.19 50.91
N GLY R 5 2.20 27.96 51.97
CA GLY R 5 2.43 27.36 53.28
C GLY R 5 1.24 26.57 53.77
N ILE R 6 0.03 27.12 53.61
CA ILE R 6 -1.18 26.39 54.00
C ILE R 6 -1.33 25.13 53.15
N VAL R 7 -1.06 25.23 51.84
CA VAL R 7 -1.20 24.05 50.99
C VAL R 7 -0.23 22.96 51.42
N VAL R 8 1.02 23.33 51.66
CA VAL R 8 2.02 22.35 52.05
C VAL R 8 1.67 21.74 53.41
N ALA R 9 1.21 22.56 54.35
CA ALA R 9 0.83 22.06 55.66
C ALA R 9 -0.35 21.10 55.55
N VAL R 10 -1.32 21.42 54.70
CA VAL R 10 -2.47 20.54 54.52
C VAL R 10 -2.04 19.22 53.88
N LEU R 11 -1.15 19.27 52.90
CA LEU R 11 -0.67 18.05 52.28
C LEU R 11 0.09 17.18 53.28
N VAL R 12 0.90 17.81 54.13
CA VAL R 12 1.64 17.06 55.15
C VAL R 12 0.67 16.46 56.18
N ILE R 13 -0.33 17.23 56.59
CA ILE R 13 -1.32 16.72 57.54
C ILE R 13 -2.08 15.54 56.94
N LEU R 14 -2.46 15.66 55.66
CA LEU R 14 -3.16 14.57 54.99
C LEU R 14 -2.29 13.34 54.87
N ALA R 15 -0.99 13.53 54.61
CA ALA R 15 -0.08 12.39 54.56
C ALA R 15 0.06 11.73 55.93
N ILE R 16 0.10 12.53 56.99
CA ILE R 16 0.19 11.98 58.34
C ILE R 16 -1.06 11.20 58.69
N LEU R 17 -2.23 11.78 58.42
CA LEU R 17 -3.49 11.13 58.76
C LEU R 17 -3.74 9.91 57.88
N GLY R 18 -3.34 9.97 56.62
CA GLY R 18 -3.49 8.90 55.67
C GLY R 18 -2.37 7.92 55.64
N TRP R 19 -1.38 8.08 56.50
CA TRP R 19 -0.34 7.06 56.63
C TRP R 19 -0.97 5.77 57.14
N PRO R 20 -0.58 4.62 56.61
CA PRO R 20 -1.21 3.35 57.02
C PRO R 20 -1.25 3.13 58.52
N ASN R 21 -0.17 3.49 59.24
CA ASN R 21 -0.17 3.29 60.69
C ASN R 21 -1.26 4.11 61.38
N ILE R 22 -1.61 5.27 60.82
CA ILE R 22 -2.64 6.13 61.39
C ILE R 22 -3.98 5.94 60.70
N SER R 23 -3.99 5.84 59.37
CA SER R 23 -5.25 5.65 58.67
C SER R 23 -5.88 4.30 58.99
N SER R 24 -5.06 3.29 59.28
CA SER R 24 -5.59 1.97 59.63
C SER R 24 -6.19 1.93 61.02
N THR R 25 -5.97 2.95 61.85
CA THR R 25 -6.63 2.99 63.15
C THR R 25 -8.14 3.19 63.03
N LEU R 26 -8.61 3.70 61.90
CA LEU R 26 -10.02 3.87 61.63
C LEU R 26 -10.62 2.68 60.90
N ARG R 27 -9.85 1.62 60.70
CA ARG R 27 -10.36 0.40 60.09
C ARG R 27 -11.44 -0.22 60.98
N ARG R 28 -12.59 -0.54 60.36
CA ARG R 28 -13.76 -1.00 61.09
C ARG R 28 -14.17 -2.43 60.75
N TRP R 29 -13.79 -2.95 59.58
CA TRP R 29 -14.27 -4.24 59.09
C TRP R 29 -15.79 -4.29 59.05
N MET S 1 3.05 -6.98 53.47
CA MET S 1 2.40 -7.54 52.29
C MET S 1 2.98 -8.89 51.88
N TRP S 2 3.32 -9.72 52.86
CA TRP S 2 3.79 -11.06 52.53
C TRP S 2 2.69 -11.95 51.98
N LYS S 3 1.42 -11.59 52.18
CA LYS S 3 0.32 -12.36 51.63
C LYS S 3 -0.01 -11.98 50.20
N LEU S 4 0.65 -10.96 49.64
CA LEU S 4 0.39 -10.57 48.27
C LEU S 4 0.67 -11.70 47.30
N TRP S 5 1.58 -12.59 47.65
CA TRP S 5 1.94 -13.70 46.80
C TRP S 5 1.01 -14.89 46.96
N LYS S 6 0.02 -14.78 47.84
CA LYS S 6 -1.12 -15.69 47.81
C LYS S 6 -2.09 -15.35 46.68
N PHE S 7 -2.05 -14.11 46.19
CA PHE S 7 -3.00 -13.63 45.20
C PHE S 7 -2.36 -13.01 43.97
N VAL S 8 -1.10 -12.59 44.04
CA VAL S 8 -0.39 -12.02 42.91
C VAL S 8 0.81 -12.91 42.62
N ASP S 9 0.97 -13.29 41.36
CA ASP S 9 2.09 -14.12 40.96
C ASP S 9 3.40 -13.36 41.17
N PHE S 10 4.30 -13.95 41.97
CA PHE S 10 5.54 -13.26 42.25
C PHE S 10 6.50 -13.27 41.06
N ARG S 11 6.54 -14.38 40.31
CA ARG S 11 7.40 -14.41 39.13
C ARG S 11 7.01 -13.32 38.15
N MET S 12 5.72 -13.20 37.84
CA MET S 12 5.26 -12.18 36.91
C MET S 12 5.55 -10.79 37.46
N THR S 13 5.30 -10.57 38.75
CA THR S 13 5.53 -9.27 39.36
C THR S 13 6.99 -8.88 39.29
N ALA S 14 7.88 -9.79 39.69
CA ALA S 14 9.31 -9.50 39.72
C ALA S 14 9.87 -9.32 38.31
N VAL S 15 9.43 -10.14 37.36
CA VAL S 15 9.90 -10.00 35.99
C VAL S 15 9.41 -8.67 35.39
N GLY S 16 8.14 -8.33 35.63
CA GLY S 16 7.63 -7.06 35.13
C GLY S 16 8.33 -5.87 35.76
N PHE S 17 8.61 -5.95 37.05
CA PHE S 17 9.35 -4.89 37.73
C PHE S 17 10.76 -4.75 37.20
N HIS S 18 11.44 -5.87 36.95
CA HIS S 18 12.79 -5.79 36.39
C HIS S 18 12.77 -5.24 34.98
N LEU S 19 11.80 -5.66 34.16
CA LEU S 19 11.70 -5.13 32.81
C LEU S 19 11.41 -3.64 32.82
N PHE S 20 10.44 -3.23 33.64
CA PHE S 20 10.07 -1.83 33.71
C PHE S 20 11.19 -1.00 34.29
N PHE S 21 11.96 -1.55 35.23
CA PHE S 21 13.04 -0.78 35.82
C PHE S 21 14.23 -0.70 34.88
N ALA S 22 14.45 -1.71 34.03
CA ALA S 22 15.44 -1.56 32.97
C ALA S 22 15.02 -0.45 32.02
N LEU S 23 13.77 -0.49 31.56
CA LEU S 23 13.27 0.52 30.64
C LEU S 23 13.29 1.90 31.28
N LEU S 24 12.96 1.98 32.56
CA LEU S 24 12.89 3.25 33.25
C LEU S 24 14.27 3.77 33.60
N ALA S 25 15.23 2.89 33.88
CA ALA S 25 16.61 3.34 34.05
C ALA S 25 17.14 3.91 32.75
N PHE S 26 16.82 3.28 31.61
CA PHE S 26 17.20 3.85 30.33
C PHE S 26 16.54 5.20 30.12
N ALA S 27 15.24 5.30 30.38
CA ALA S 27 14.51 6.54 30.16
C ALA S 27 15.03 7.65 31.07
N VAL S 28 15.33 7.33 32.32
CA VAL S 28 15.79 8.32 33.27
C VAL S 28 17.23 8.76 32.96
N HIS S 29 18.08 7.82 32.58
CA HIS S 29 19.43 8.17 32.17
C HIS S 29 19.40 9.08 30.94
N PHE S 30 18.51 8.80 30.00
CA PHE S 30 18.37 9.69 28.85
C PHE S 30 17.67 10.99 29.20
N ALA S 31 16.86 11.02 30.26
CA ALA S 31 16.33 12.28 30.77
C ALA S 31 17.45 13.15 31.32
N CYS S 32 18.42 12.54 32.00
CA CYS S 32 19.60 13.26 32.44
C CYS S 32 20.44 13.70 31.25
N ILE S 33 20.59 12.83 30.26
CA ILE S 33 21.34 13.19 29.06
C ILE S 33 20.70 14.37 28.35
N SER S 34 19.37 14.41 28.31
CA SER S 34 18.67 15.51 27.66
C SER S 34 18.94 16.83 28.38
N SER S 35 18.95 16.80 29.71
CA SER S 35 19.22 18.00 30.47
C SER S 35 20.67 18.43 30.28
N GLU S 36 20.86 19.70 29.94
CA GLU S 36 22.22 20.23 29.83
C GLU S 36 22.93 20.22 31.17
N ARG S 37 22.20 20.55 32.24
CA ARG S 37 22.78 20.54 33.58
C ARG S 37 23.28 19.16 33.96
N PHE S 38 22.54 18.12 33.55
CA PHE S 38 22.78 16.78 34.05
C PHE S 38 23.43 15.86 33.04
N ASN S 39 23.64 16.30 31.80
CA ASN S 39 24.31 15.46 30.83
C ASN S 39 25.78 15.33 31.17
N TRP S 40 26.13 14.28 31.89
CA TRP S 40 27.53 14.01 32.21
C TRP S 40 28.33 13.67 30.97
N LEU S 41 27.68 13.18 29.92
CA LEU S 41 28.39 12.83 28.70
C LEU S 41 28.87 14.07 27.96
N GLU S 42 28.08 15.15 27.98
CA GLU S 42 28.54 16.41 27.41
C GLU S 42 29.31 17.26 28.41
N GLY S 43 29.08 17.06 29.71
CA GLY S 43 29.87 17.73 30.73
C GLY S 43 29.72 19.24 30.79
N ALA S 44 28.49 19.74 30.64
CA ALA S 44 28.27 21.16 30.69
C ALA S 44 28.49 21.69 32.11
N PRO S 45 28.87 22.96 32.25
CA PRO S 45 29.03 23.52 33.59
C PRO S 45 27.70 23.65 34.31
N ALA S 46 27.76 23.57 35.63
CA ALA S 46 26.60 23.86 36.46
C ALA S 46 26.49 25.37 36.65
N ALA S 47 25.25 25.85 36.75
CA ALA S 47 25.04 27.27 36.96
C ALA S 47 25.59 27.74 38.31
N GLU S 48 25.71 26.84 39.28
CA GLU S 48 26.27 27.21 40.58
C GLU S 48 27.74 27.60 40.47
N TYR S 49 28.42 27.20 39.41
CA TYR S 49 29.80 27.63 39.19
C TYR S 49 29.89 29.14 39.04
N TYR S 50 28.86 29.75 38.46
CA TYR S 50 28.86 31.19 38.20
C TYR S 50 28.03 31.98 39.20
N MET S 51 27.17 31.33 39.96
CA MET S 51 26.41 32.04 40.98
C MET S 51 27.31 32.45 42.14
N ASP S 52 27.00 33.61 42.71
CA ASP S 52 27.74 34.07 43.88
C ASP S 52 27.35 33.29 45.13
N GLU S 53 26.06 33.02 45.30
CA GLU S 53 25.54 32.37 46.49
C GLU S 53 24.82 31.08 46.11
N ASP S 54 24.45 30.32 47.13
CA ASP S 54 23.71 29.08 46.93
C ASP S 54 22.32 29.39 46.44
N PRO S 55 21.90 28.86 45.28
CA PRO S 55 20.54 29.13 44.80
C PRO S 55 19.46 28.57 45.72
N GLY S 56 19.75 27.47 46.40
CA GLY S 56 18.74 26.79 47.19
C GLY S 56 17.83 25.95 46.32
N ILE S 57 16.86 25.32 46.99
CA ILE S 57 15.80 24.61 46.30
C ILE S 57 14.48 25.16 46.81
N TRP S 58 14.32 25.18 48.13
CA TRP S 58 13.15 25.77 48.77
C TRP S 58 13.42 27.15 49.35
N LYS S 59 14.65 27.66 49.20
CA LYS S 59 14.99 28.93 49.79
C LYS S 59 14.34 30.07 49.03
N ARG S 60 13.73 31.01 49.76
CA ARG S 60 12.97 32.10 49.17
C ARG S 60 13.93 33.19 48.68
N THR S 61 14.68 32.85 47.65
CA THR S 61 15.64 33.77 47.06
C THR S 61 14.94 34.80 46.18
N SER S 62 15.55 35.97 46.07
CA SER S 62 15.02 37.06 45.27
C SER S 62 16.11 37.65 44.40
N TYR S 63 15.69 38.22 43.28
CA TYR S 63 16.61 38.85 42.34
C TYR S 63 17.29 40.06 42.96
N ILE T 4 -7.10 -17.78 40.85
CA ILE T 4 -7.17 -16.44 41.41
C ILE T 4 -6.28 -16.42 42.66
N ARG T 5 -6.05 -17.60 43.22
CA ARG T 5 -5.03 -17.82 44.21
C ARG T 5 -3.80 -18.40 43.54
N THR T 6 -2.62 -17.95 43.98
CA THR T 6 -1.39 -18.48 43.40
C THR T 6 -1.11 -19.92 43.82
N GLY T 7 -1.72 -20.38 44.90
CA GLY T 7 -1.45 -21.70 45.41
C GLY T 7 -0.25 -21.81 46.31
N LEU T 8 0.51 -20.73 46.47
CA LEU T 8 1.67 -20.75 47.35
C LEU T 8 1.21 -20.81 48.80
N THR T 9 1.83 -21.69 49.58
CA THR T 9 1.49 -21.78 50.98
C THR T 9 1.97 -20.53 51.72
N ASP T 10 1.62 -20.44 53.00
CA ASP T 10 2.06 -19.32 53.80
C ASP T 10 3.59 -19.27 53.88
N GLU T 11 4.23 -20.43 54.01
CA GLU T 11 5.68 -20.48 54.10
C GLU T 11 6.36 -20.03 52.81
N GLU T 12 5.83 -20.47 51.66
CA GLU T 12 6.40 -20.04 50.39
C GLU T 12 6.23 -18.53 50.22
N CYS T 13 5.10 -17.99 50.67
CA CYS T 13 4.92 -16.54 50.66
C CYS T 13 5.90 -15.86 51.60
N GLN T 14 6.21 -16.50 52.73
CA GLN T 14 7.21 -15.96 53.65
C GLN T 14 8.57 -15.85 52.97
N GLU T 15 8.98 -16.91 52.28
CA GLU T 15 10.27 -16.91 51.59
C GLU T 15 10.28 -15.89 50.46
N ILE T 16 9.21 -15.88 49.66
CA ILE T 16 9.11 -14.91 48.58
C ILE T 16 9.15 -13.49 49.13
N HIS T 17 8.52 -13.26 50.27
CA HIS T 17 8.45 -11.90 50.79
C HIS T 17 9.75 -11.48 51.44
N GLU T 18 10.46 -12.40 52.09
CA GLU T 18 11.77 -12.01 52.61
C GLU T 18 12.73 -11.69 51.48
N MET T 19 12.70 -12.47 50.39
CA MET T 19 13.51 -12.12 49.23
C MET T 19 13.02 -10.83 48.58
N ASN T 20 11.71 -10.62 48.56
CA ASN T 20 11.14 -9.43 47.95
C ASN T 20 11.51 -8.18 48.75
N MET T 21 11.46 -8.25 50.06
CA MET T 21 11.91 -7.16 50.90
C MET T 21 13.39 -6.90 50.71
N LEU T 22 14.20 -7.96 50.67
CA LEU T 22 15.62 -7.79 50.44
C LEU T 22 15.87 -7.06 49.13
N GLY T 23 15.29 -7.55 48.03
CA GLY T 23 15.55 -6.95 46.74
C GLY T 23 15.03 -5.53 46.65
N MET T 24 13.78 -5.32 47.09
CA MET T 24 13.17 -4.01 46.99
C MET T 24 13.91 -2.99 47.83
N HIS T 25 14.22 -3.33 49.08
CA HIS T 25 14.83 -2.36 49.97
C HIS T 25 16.32 -2.18 49.68
N ALA T 26 17.01 -3.21 49.19
CA ALA T 26 18.38 -3.02 48.76
C ALA T 26 18.46 -2.12 47.54
N TYR T 27 17.60 -2.36 46.54
CA TYR T 27 17.54 -1.46 45.40
C TYR T 27 17.15 -0.06 45.83
N TRP T 28 16.21 0.03 46.79
CA TRP T 28 15.74 1.31 47.28
C TRP T 28 16.86 2.10 47.95
N SER T 29 17.64 1.45 48.81
CA SER T 29 18.70 2.15 49.54
C SER T 29 19.87 2.48 48.62
N ILE T 30 20.22 1.56 47.72
CA ILE T 30 21.26 1.86 46.74
C ILE T 30 20.83 3.03 45.87
N GLY T 31 19.55 3.07 45.49
CA GLY T 31 19.04 4.19 44.72
C GLY T 31 19.01 5.49 45.49
N LEU T 32 18.67 5.42 46.78
CA LEU T 32 18.70 6.63 47.58
C LEU T 32 20.11 7.16 47.73
N ILE T 33 21.09 6.28 47.94
CA ILE T 33 22.48 6.70 48.00
C ILE T 33 22.92 7.29 46.66
N ALA T 34 22.52 6.64 45.57
CA ALA T 34 22.88 7.12 44.24
C ALA T 34 22.26 8.48 43.95
N ASN T 35 21.00 8.67 44.32
CA ASN T 35 20.35 9.95 44.10
C ASN T 35 20.89 11.03 45.02
N ALA T 36 21.29 10.66 46.24
CA ALA T 36 21.97 11.61 47.11
C ALA T 36 23.31 12.02 46.52
N LEU T 37 24.05 11.07 45.96
CA LEU T 37 25.33 11.40 45.33
C LEU T 37 25.13 12.29 44.11
N ALA T 38 24.12 12.00 43.30
CA ALA T 38 23.86 12.83 42.13
C ALA T 38 23.29 14.19 42.53
N TYR T 39 22.59 14.25 43.66
CA TYR T 39 22.03 15.51 44.12
C TYR T 39 23.10 16.39 44.72
N ALA T 40 24.08 15.78 45.40
CA ALA T 40 25.22 16.51 45.90
C ALA T 40 26.14 16.93 44.76
N TRP T 41 26.22 16.13 43.71
CA TRP T 41 26.96 16.52 42.53
C TRP T 41 26.30 17.72 41.87
N ARG T 42 25.00 17.62 41.59
CA ARG T 42 24.21 18.71 41.03
C ARG T 42 22.78 18.57 41.52
N PRO T 43 22.33 19.44 42.42
CA PRO T 43 20.96 19.32 42.94
C PRO T 43 19.94 19.27 41.81
N PHE T 44 18.99 18.35 41.94
CA PHE T 44 18.09 18.06 40.84
C PHE T 44 17.14 19.22 40.56
N HIS T 45 16.82 19.99 41.59
CA HIS T 45 15.75 20.96 41.51
C HIS T 45 16.33 22.34 41.68
N GLN T 46 16.06 23.20 40.71
CA GLN T 46 16.62 24.55 40.71
C GLN T 46 15.96 25.38 41.80
N GLY T 47 16.69 26.41 42.24
CA GLY T 47 16.13 27.41 43.11
C GLY T 47 15.26 28.37 42.34
N ARG T 48 14.76 29.37 43.05
CA ARG T 48 13.94 30.39 42.41
C ARG T 48 14.72 31.10 41.30
N ALA T 49 16.03 31.27 41.49
CA ALA T 49 16.89 31.80 40.44
C ALA T 49 17.00 30.85 39.25
N GLY T 50 16.72 29.58 39.44
CA GLY T 50 16.94 28.59 38.40
C GLY T 50 18.39 28.19 38.34
N ASN T 51 18.68 27.24 37.44
CA ASN T 51 20.06 26.84 37.19
C ASN T 51 20.34 26.78 35.70
N ARG T 52 19.63 27.58 34.91
CA ARG T 52 19.96 27.72 33.50
C ARG T 52 21.26 28.49 33.36
N LEU T 53 22.16 27.99 32.51
CA LEU T 53 23.44 28.65 32.34
C LEU T 53 23.29 30.06 31.78
N GLU T 54 22.31 30.28 30.89
CA GLU T 54 22.17 31.59 30.27
C GLU T 54 21.72 32.66 31.27
N ASP T 55 21.18 32.26 32.41
CA ASP T 55 20.86 33.23 33.45
C ASP T 55 22.02 33.50 34.40
N HIS T 56 23.03 32.65 34.41
CA HIS T 56 24.11 32.80 35.38
C HIS T 56 25.49 32.87 34.75
N ALA T 57 25.73 32.10 33.70
CA ALA T 57 27.03 32.08 33.06
C ALA T 57 27.21 33.31 32.17
N PRO T 58 28.45 33.73 31.94
CA PRO T 58 28.68 34.85 31.01
C PRO T 58 28.30 34.51 29.58
N ASP T 59 28.44 35.49 28.69
CA ASP T 59 27.94 35.35 27.33
C ASP T 59 28.67 34.23 26.58
N TYR T 60 29.97 34.08 26.83
CA TYR T 60 30.76 33.12 26.06
C TYR T 60 30.42 31.68 26.41
N VAL T 61 29.97 31.42 27.64
CA VAL T 61 29.64 30.07 28.06
C VAL T 61 28.44 29.59 27.26
N ARG T 62 28.64 28.59 26.41
CA ARG T 62 27.57 28.11 25.56
C ARG T 62 26.53 27.36 26.39
N SER T 63 25.27 27.63 26.12
CA SER T 63 24.15 26.93 26.74
C SER T 63 23.33 26.28 25.65
N ALA T 64 23.08 24.97 25.80
CA ALA T 64 22.27 24.24 24.84
C ALA T 64 20.80 24.62 24.90
N LEU T 65 20.39 25.35 25.92
CA LEU T 65 18.99 25.76 26.07
C LEU T 65 18.68 26.96 25.20
N GLY U 2 22.95 24.02 53.25
CA GLY U 2 21.98 24.42 52.25
C GLY U 2 20.86 23.43 52.10
N ASP U 3 19.92 23.73 51.20
CA ASP U 3 18.80 22.83 50.95
C ASP U 3 19.26 21.54 50.30
N ALA U 4 20.26 21.62 49.42
CA ALA U 4 20.78 20.41 48.80
C ALA U 4 21.42 19.48 49.82
N GLY U 5 22.13 20.06 50.81
CA GLY U 5 22.67 19.26 51.88
C GLY U 5 21.58 18.55 52.67
N ILE U 6 20.47 19.24 52.92
CA ILE U 6 19.34 18.62 53.61
C ILE U 6 18.76 17.49 52.77
N VAL U 7 18.65 17.68 51.46
CA VAL U 7 18.14 16.64 50.59
C VAL U 7 19.04 15.41 50.64
N VAL U 8 20.35 15.62 50.53
CA VAL U 8 21.29 14.51 50.54
C VAL U 8 21.23 13.80 51.89
N ALA U 9 21.17 14.56 52.98
CA ALA U 9 21.09 13.95 54.30
C ALA U 9 19.81 13.12 54.45
N VAL U 10 18.68 13.64 53.99
CA VAL U 10 17.43 12.91 54.10
C VAL U 10 17.46 11.64 53.25
N LEU U 11 18.00 11.73 52.04
CA LEU U 11 18.09 10.53 51.20
C LEU U 11 18.99 9.48 51.84
N VAL U 12 20.09 9.91 52.46
CA VAL U 12 20.99 8.96 53.10
C VAL U 12 20.32 8.34 54.33
N ILE U 13 19.58 9.14 55.10
CA ILE U 13 18.85 8.60 56.24
C ILE U 13 17.81 7.59 55.79
N LEU U 14 17.12 7.88 54.69
CA LEU U 14 16.14 6.93 54.16
C LEU U 14 16.83 5.65 53.70
N ALA U 15 18.01 5.78 53.10
CA ALA U 15 18.75 4.60 52.65
C ALA U 15 19.22 3.76 53.83
N ILE U 16 19.69 4.41 54.89
CA ILE U 16 20.15 3.67 56.07
C ILE U 16 18.97 2.99 56.76
N LEU U 17 17.88 3.72 56.96
CA LEU U 17 16.70 3.14 57.58
C LEU U 17 16.04 2.13 56.66
N GLY U 18 16.02 2.41 55.35
CA GLY U 18 15.45 1.51 54.38
C GLY U 18 16.34 0.38 53.94
N TRP U 19 17.57 0.30 54.45
CA TRP U 19 18.43 -0.82 54.13
C TRP U 19 17.83 -2.11 54.71
N PRO U 20 17.91 -3.22 53.97
CA PRO U 20 17.27 -4.46 54.46
C PRO U 20 17.67 -4.85 55.87
N ASN U 21 18.93 -4.67 56.26
CA ASN U 21 19.34 -5.04 57.60
C ASN U 21 18.66 -4.21 58.68
N ILE U 22 18.15 -3.03 58.34
CA ILE U 22 17.43 -2.19 59.28
C ILE U 22 15.93 -2.22 59.04
N SER U 23 15.51 -2.12 57.77
CA SER U 23 14.08 -2.14 57.47
C SER U 23 13.46 -3.49 57.80
N SER U 24 14.24 -4.57 57.74
CA SER U 24 13.74 -5.89 58.07
C SER U 24 13.69 -6.14 59.58
N THR U 25 14.18 -5.20 60.36
CA THR U 25 14.08 -5.33 61.79
C THR U 25 12.67 -4.96 62.17
N LEU U 26 11.95 -4.25 61.31
CA LEU U 26 10.55 -3.91 61.52
C LEU U 26 9.61 -4.94 60.92
N ARG U 27 10.13 -6.05 60.41
CA ARG U 27 9.28 -7.09 59.86
C ARG U 27 8.43 -7.71 60.96
N ARG U 28 7.13 -7.84 60.69
CA ARG U 28 6.19 -8.36 61.67
C ARG U 28 5.42 -9.58 61.20
N TRP U 29 5.54 -9.95 59.93
CA TRP U 29 4.78 -11.06 59.35
C TRP U 29 3.29 -10.90 59.55
N MET V 1 31.94 -23.49 38.24
CA MET V 1 30.53 -23.52 37.86
C MET V 1 30.18 -24.69 36.96
N TRP V 2 30.65 -25.89 37.29
CA TRP V 2 30.24 -27.05 36.50
C TRP V 2 28.75 -27.34 36.69
N LYS V 3 28.24 -27.11 37.90
CA LYS V 3 26.84 -27.40 38.18
C LYS V 3 25.91 -26.54 37.33
N LEU V 4 26.42 -25.46 36.72
CA LEU V 4 25.61 -24.67 35.81
C LEU V 4 25.04 -25.51 34.69
N TRP V 5 25.73 -26.58 34.32
CA TRP V 5 25.25 -27.42 33.23
C TRP V 5 24.19 -28.41 33.67
N LYS V 6 23.87 -28.46 34.97
CA LYS V 6 22.70 -29.19 35.42
C LYS V 6 21.42 -28.40 35.24
N PHE V 7 21.51 -27.09 35.03
CA PHE V 7 20.33 -26.25 34.99
C PHE V 7 20.29 -25.41 33.73
N VAL V 8 21.45 -25.12 33.18
CA VAL V 8 21.57 -24.31 31.97
C VAL V 8 22.19 -25.18 30.89
N ASP V 9 21.51 -25.29 29.76
CA ASP V 9 22.00 -26.11 28.65
C ASP V 9 23.33 -25.57 28.17
N PHE V 10 24.36 -26.44 28.20
CA PHE V 10 25.65 -26.00 27.73
C PHE V 10 25.67 -25.78 26.23
N ARG V 11 24.94 -26.60 25.48
CA ARG V 11 24.89 -26.40 24.03
C ARG V 11 24.32 -25.02 23.71
N MET V 12 23.25 -24.64 24.40
CA MET V 12 22.71 -23.29 24.26
C MET V 12 23.76 -22.24 24.56
N THR V 13 24.43 -22.37 25.70
CA THR V 13 25.39 -21.35 26.11
C THR V 13 26.54 -21.24 25.13
N ALA V 14 27.11 -22.38 24.71
CA ALA V 14 28.26 -22.36 23.83
C ALA V 14 27.88 -21.86 22.44
N VAL V 15 26.76 -22.33 21.88
CA VAL V 15 26.35 -21.89 20.56
C VAL V 15 26.03 -20.40 20.58
N GLY V 16 25.29 -19.95 21.59
CA GLY V 16 24.96 -18.54 21.69
C GLY V 16 26.18 -17.68 21.91
N PHE V 17 27.14 -18.16 22.70
CA PHE V 17 28.35 -17.40 22.94
C PHE V 17 29.20 -17.31 21.69
N HIS V 18 29.28 -18.38 20.90
CA HIS V 18 30.01 -18.31 19.65
C HIS V 18 29.32 -17.38 18.65
N LEU V 19 27.99 -17.43 18.57
CA LEU V 19 27.27 -16.51 17.72
C LEU V 19 27.47 -15.07 18.15
N PHE V 20 27.36 -14.82 19.45
CA PHE V 20 27.52 -13.46 19.97
C PHE V 20 28.94 -12.97 19.80
N PHE V 21 29.92 -13.87 19.91
CA PHE V 21 31.29 -13.43 19.78
C PHE V 21 31.68 -13.23 18.32
N ALA V 22 31.06 -13.94 17.38
CA ALA V 22 31.18 -13.56 15.98
C ALA V 22 30.61 -12.16 15.77
N LEU V 23 29.40 -11.94 16.29
CA LEU V 23 28.79 -10.62 16.28
C LEU V 23 29.74 -9.57 16.85
N LEU V 24 30.34 -9.87 18.00
CA LEU V 24 31.12 -8.92 18.77
C LEU V 24 32.49 -8.68 18.16
N ALA V 25 33.08 -9.71 17.55
CA ALA V 25 34.30 -9.50 16.79
C ALA V 25 34.05 -8.58 15.62
N PHE V 26 32.95 -8.78 14.90
CA PHE V 26 32.59 -7.85 13.85
C PHE V 26 32.37 -6.45 14.40
N ALA V 27 31.67 -6.36 15.53
CA ALA V 27 31.37 -5.06 16.15
C ALA V 27 32.65 -4.33 16.54
N VAL V 28 33.59 -5.04 17.14
CA VAL V 28 34.79 -4.41 17.68
C VAL V 28 35.78 -4.09 16.57
N HIS V 29 35.90 -4.95 15.56
CA HIS V 29 36.70 -4.62 14.40
C HIS V 29 36.10 -3.41 13.67
N PHE V 30 34.76 -3.32 13.67
CA PHE V 30 34.08 -2.15 13.14
C PHE V 30 34.43 -0.90 13.94
N ALA V 31 34.48 -1.03 15.26
CA ALA V 31 34.87 0.09 16.10
C ALA V 31 36.29 0.55 15.80
N CYS V 32 37.21 -0.40 15.62
CA CYS V 32 38.58 -0.05 15.26
C CYS V 32 38.64 0.63 13.89
N ILE V 33 37.90 0.10 12.92
CA ILE V 33 37.84 0.71 11.60
C ILE V 33 37.25 2.11 11.68
N SER V 34 36.26 2.30 12.55
CA SER V 34 35.63 3.60 12.70
C SER V 34 36.53 4.61 13.40
N SER V 35 37.65 4.18 13.96
CA SER V 35 38.58 5.07 14.62
C SER V 35 39.75 5.36 13.70
N GLU V 36 40.04 6.65 13.49
CA GLU V 36 41.19 7.03 12.68
C GLU V 36 42.48 6.50 13.28
N ARG V 37 42.61 6.61 14.60
CA ARG V 37 43.79 6.10 15.28
C ARG V 37 43.94 4.61 15.08
N PHE V 38 42.83 3.89 15.04
CA PHE V 38 42.85 2.43 15.05
C PHE V 38 42.52 1.80 13.72
N ASN V 39 42.19 2.59 12.70
CA ASN V 39 41.90 2.04 11.38
C ASN V 39 43.22 1.65 10.74
N TRP V 40 43.59 0.37 10.91
CA TRP V 40 44.76 -0.18 10.25
C TRP V 40 44.56 -0.29 8.75
N LEU V 41 43.30 -0.37 8.31
CA LEU V 41 43.03 -0.48 6.88
C LEU V 41 43.38 0.81 6.15
N GLU V 42 43.20 1.96 6.80
CA GLU V 42 43.61 3.23 6.23
C GLU V 42 44.97 3.69 6.71
N GLY V 43 45.43 3.20 7.86
CA GLY V 43 46.79 3.43 8.32
C GLY V 43 47.15 4.87 8.63
N ALA V 44 46.29 5.57 9.35
CA ALA V 44 46.58 6.93 9.75
C ALA V 44 47.70 6.96 10.79
N PRO V 45 48.48 8.03 10.85
CA PRO V 45 49.53 8.13 11.86
C PRO V 45 48.93 8.24 13.26
N ALA V 46 49.69 7.74 14.23
CA ALA V 46 49.32 7.94 15.62
C ALA V 46 49.81 9.30 16.09
N ALA V 47 49.01 9.93 16.95
CA ALA V 47 49.40 11.22 17.51
C ALA V 47 50.70 11.14 18.30
N GLU V 48 51.06 9.95 18.79
CA GLU V 48 52.33 9.77 19.48
C GLU V 48 53.51 10.00 18.55
N TYR V 49 53.33 9.77 17.26
CA TYR V 49 54.38 10.04 16.28
C TYR V 49 54.77 11.51 16.25
N TYR V 50 53.84 12.40 16.58
CA TYR V 50 54.11 13.83 16.56
C TYR V 50 54.25 14.44 17.94
N MET V 51 53.85 13.72 18.98
CA MET V 51 54.08 14.18 20.34
C MET V 51 55.52 13.92 20.75
N ASP V 52 55.98 14.70 21.73
CA ASP V 52 57.31 14.54 22.29
C ASP V 52 57.30 13.70 23.56
N GLU V 53 56.47 14.05 24.52
CA GLU V 53 56.35 13.30 25.75
C GLU V 53 55.28 12.23 25.62
N ASP V 54 55.36 11.22 26.48
CA ASP V 54 54.35 10.17 26.51
C ASP V 54 53.02 10.78 26.97
N PRO V 55 51.95 10.64 26.19
CA PRO V 55 50.66 11.21 26.61
C PRO V 55 50.14 10.59 27.90
N GLY V 56 50.44 9.33 28.15
CA GLY V 56 49.89 8.63 29.29
C GLY V 56 48.46 8.21 29.04
N ILE V 57 47.87 7.58 30.06
CA ILE V 57 46.45 7.22 30.03
C ILE V 57 45.81 7.77 31.29
N TRP V 58 46.35 7.42 32.45
CA TRP V 58 45.93 7.99 33.72
C TRP V 58 46.85 9.11 34.19
N LYS V 59 47.89 9.43 33.44
CA LYS V 59 48.83 10.45 33.88
C LYS V 59 48.19 11.82 33.85
N ARG V 60 48.36 12.57 34.93
CA ARG V 60 47.77 13.90 35.06
C ARG V 60 48.64 14.88 34.28
N THR V 61 48.28 15.11 33.02
CA THR V 61 49.04 16.01 32.15
C THR V 61 48.30 17.34 32.00
N SER V 62 49.07 18.39 31.77
CA SER V 62 48.53 19.72 31.62
C SER V 62 49.09 20.38 30.37
N TYR V 63 48.30 21.27 29.79
CA TYR V 63 48.69 21.99 28.59
C TYR V 63 49.73 23.07 28.91
N ILE W 4 13.54 -27.80 33.71
CA ILE W 4 14.21 -27.01 34.73
C ILE W 4 15.60 -27.56 34.96
N ARG W 5 15.78 -28.85 34.69
CA ARG W 5 17.05 -29.53 34.82
C ARG W 5 17.47 -30.08 33.46
N THR W 6 18.76 -29.97 33.15
CA THR W 6 19.25 -30.47 31.87
C THR W 6 19.33 -31.99 31.84
N GLY W 7 19.36 -32.64 33.00
CA GLY W 7 19.46 -34.08 33.06
C GLY W 7 20.87 -34.63 32.94
N LEU W 8 21.87 -33.77 32.84
CA LEU W 8 23.25 -34.23 32.75
C LEU W 8 23.73 -34.72 34.10
N THR W 9 24.52 -35.79 34.08
CA THR W 9 25.12 -36.29 35.30
C THR W 9 26.22 -35.34 35.77
N ASP W 10 26.71 -35.60 36.99
CA ASP W 10 27.81 -34.81 37.50
C ASP W 10 29.06 -34.98 36.64
N GLU W 11 29.32 -36.21 36.19
CA GLU W 11 30.48 -36.46 35.33
C GLU W 11 30.33 -35.76 34.00
N GLU W 12 29.14 -35.80 33.40
CA GLU W 12 28.91 -35.08 32.15
C GLU W 12 29.06 -33.58 32.34
N CYS W 13 28.55 -33.04 33.45
CA CYS W 13 28.72 -31.62 33.73
C CYS W 13 30.18 -31.26 33.93
N GLN W 14 30.94 -32.14 34.58
CA GLN W 14 32.35 -31.84 34.84
C GLN W 14 33.17 -31.89 33.56
N GLU W 15 32.85 -32.82 32.65
CA GLU W 15 33.58 -32.82 31.38
C GLU W 15 33.17 -31.63 30.51
N ILE W 16 31.88 -31.29 30.53
CA ILE W 16 31.45 -30.06 29.86
C ILE W 16 32.16 -28.87 30.45
N HIS W 17 32.34 -28.85 31.77
CA HIS W 17 32.97 -27.70 32.42
C HIS W 17 34.45 -27.65 32.13
N GLU W 18 35.13 -28.79 32.05
CA GLU W 18 36.54 -28.76 31.73
C GLU W 18 36.75 -28.28 30.29
N MET W 19 35.88 -28.71 29.37
CA MET W 19 35.93 -28.14 28.03
C MET W 19 35.60 -26.66 28.04
N ASN W 20 34.61 -26.26 28.84
CA ASN W 20 34.18 -24.87 28.89
C ASN W 20 35.27 -23.99 29.47
N MET W 21 35.95 -24.47 30.52
CA MET W 21 37.07 -23.74 31.08
C MET W 21 38.21 -23.64 30.10
N LEU W 22 38.53 -24.74 29.43
CA LEU W 22 39.63 -24.70 28.47
C LEU W 22 39.33 -23.70 27.36
N GLY W 23 38.13 -23.77 26.79
CA GLY W 23 37.78 -22.85 25.72
C GLY W 23 37.70 -21.41 26.19
N MET W 24 37.02 -21.17 27.30
CA MET W 24 36.86 -19.81 27.81
C MET W 24 38.20 -19.19 28.14
N HIS W 25 39.06 -19.93 28.82
CA HIS W 25 40.32 -19.36 29.27
C HIS W 25 41.37 -19.32 28.17
N ALA W 26 41.32 -20.24 27.21
CA ALA W 26 42.17 -20.11 26.04
C ALA W 26 41.78 -18.88 25.24
N TYR W 27 40.49 -18.68 25.00
CA TYR W 27 40.05 -17.48 24.31
C TYR W 27 40.41 -16.23 25.11
N TRP W 28 40.24 -16.29 26.43
CA TRP W 28 40.54 -15.17 27.30
C TRP W 28 42.01 -14.78 27.21
N SER W 29 42.90 -15.77 27.26
CA SER W 29 44.34 -15.49 27.25
C SER W 29 44.81 -15.05 25.87
N ILE W 30 44.29 -15.68 24.81
CA ILE W 30 44.66 -15.26 23.47
C ILE W 30 44.15 -13.85 23.20
N GLY W 31 42.94 -13.53 23.68
CA GLY W 31 42.44 -12.18 23.53
C GLY W 31 43.21 -11.18 24.36
N LEU W 32 43.66 -11.58 25.55
CA LEU W 32 44.48 -10.69 26.37
C LEU W 32 45.81 -10.40 25.69
N ILE W 33 46.43 -11.43 25.11
CA ILE W 33 47.68 -11.21 24.38
C ILE W 33 47.43 -10.35 23.16
N ALA W 34 46.32 -10.58 22.46
CA ALA W 34 45.99 -9.78 21.29
C ALA W 34 45.76 -8.32 21.67
N ASN W 35 45.07 -8.08 22.78
CA ASN W 35 44.80 -6.72 23.23
C ASN W 35 46.05 -6.06 23.76
N ALA W 36 46.96 -6.82 24.38
CA ALA W 36 48.25 -6.26 24.76
C ALA W 36 49.06 -5.87 23.53
N LEU W 37 49.02 -6.71 22.48
CA LEU W 37 49.74 -6.38 21.26
C LEU W 37 49.16 -5.14 20.59
N ALA W 38 47.84 -5.06 20.52
CA ALA W 38 47.20 -3.89 19.93
C ALA W 38 47.39 -2.65 20.79
N TYR W 39 47.53 -2.83 22.11
CA TYR W 39 47.71 -1.69 22.99
C TYR W 39 49.14 -1.16 22.89
N ALA W 40 50.12 -2.07 22.80
CA ALA W 40 51.49 -1.66 22.57
C ALA W 40 51.65 -1.05 21.18
N TRP W 41 50.84 -1.51 20.22
CA TRP W 41 50.84 -0.89 18.90
C TRP W 41 50.32 0.53 18.97
N ARG W 42 49.17 0.72 19.59
CA ARG W 42 48.57 2.03 19.81
C ARG W 42 47.73 1.98 21.07
N PRO W 43 48.16 2.61 22.16
CA PRO W 43 47.38 2.57 23.39
C PRO W 43 45.94 3.00 23.16
N PHE W 44 45.02 2.21 23.70
CA PHE W 44 43.61 2.36 23.35
C PHE W 44 43.03 3.65 23.88
N HIS W 45 43.52 4.13 25.02
CA HIS W 45 42.90 5.21 25.74
C HIS W 45 43.82 6.41 25.71
N GLN W 46 43.28 7.56 25.28
CA GLN W 46 44.07 8.76 25.18
C GLN W 46 44.37 9.33 26.57
N GLY W 47 45.49 10.02 26.67
CA GLY W 47 45.79 10.82 27.84
C GLY W 47 44.94 12.07 27.85
N ARG W 48 45.17 12.89 28.87
CA ARG W 48 44.41 14.13 28.98
C ARG W 48 44.60 15.01 27.74
N ALA W 49 45.78 14.95 27.13
CA ALA W 49 46.05 15.66 25.88
C ALA W 49 45.27 15.08 24.70
N GLY W 50 44.72 13.89 24.83
CA GLY W 50 44.09 13.22 23.71
C GLY W 50 45.12 12.60 22.80
N ASN W 51 44.62 11.94 21.75
CA ASN W 51 45.48 11.42 20.70
C ASN W 51 44.93 11.78 19.33
N ARG W 52 44.18 12.87 19.24
CA ARG W 52 43.72 13.35 17.95
C ARG W 52 44.89 13.91 17.16
N LEU W 53 44.94 13.59 15.87
CA LEU W 53 46.03 14.08 15.04
C LEU W 53 45.97 15.59 14.86
N GLU W 54 44.77 16.17 14.88
CA GLU W 54 44.66 17.62 14.74
C GLU W 54 45.34 18.35 15.88
N ASP W 55 45.37 17.76 17.07
CA ASP W 55 45.95 18.40 18.24
C ASP W 55 47.45 18.15 18.37
N HIS W 56 48.02 17.24 17.61
CA HIS W 56 49.44 16.97 17.75
C HIS W 56 50.20 17.00 16.44
N ALA W 57 49.61 16.53 15.35
CA ALA W 57 50.27 16.58 14.06
C ALA W 57 50.23 17.99 13.49
N PRO W 58 51.18 18.33 12.60
CA PRO W 58 51.15 19.66 11.98
C PRO W 58 49.93 19.85 11.09
N ASP W 59 49.78 21.07 10.55
CA ASP W 59 48.60 21.38 9.76
C ASP W 59 48.53 20.55 8.48
N TYR W 60 49.68 20.28 7.86
CA TYR W 60 49.67 19.57 6.58
C TYR W 60 49.29 18.10 6.73
N VAL W 61 49.39 17.54 7.94
CA VAL W 61 48.96 16.17 8.16
C VAL W 61 47.44 16.16 8.20
N ARG W 62 46.83 15.55 7.20
CA ARG W 62 45.37 15.47 7.16
C ARG W 62 44.87 14.49 8.21
N SER W 63 43.76 14.85 8.84
CA SER W 63 43.10 13.98 9.80
C SER W 63 41.66 13.80 9.36
N ALA W 64 41.17 12.56 9.44
CA ALA W 64 39.77 12.28 9.20
C ALA W 64 38.89 12.73 10.36
N LEU W 65 39.46 13.49 11.28
CA LEU W 65 38.79 14.10 12.42
C LEU W 65 38.42 13.03 13.44
N GLY X 2 55.21 3.79 29.68
CA GLY X 2 54.64 4.38 30.89
C GLY X 2 53.38 3.67 31.34
N ASP X 3 52.25 4.38 31.29
CA ASP X 3 50.97 3.74 31.60
C ASP X 3 50.64 2.65 30.60
N ALA X 4 51.00 2.87 29.33
CA ALA X 4 50.76 1.87 28.30
C ALA X 4 51.52 0.59 28.58
N GLY X 5 52.79 0.70 29.01
CA GLY X 5 53.54 -0.48 29.38
C GLY X 5 52.93 -1.22 30.54
N ILE X 6 52.40 -0.48 31.52
CA ILE X 6 51.72 -1.09 32.65
C ILE X 6 50.49 -1.85 32.18
N VAL X 7 49.73 -1.26 31.26
CA VAL X 7 48.54 -1.93 30.74
C VAL X 7 48.93 -3.21 30.02
N VAL X 8 49.98 -3.14 29.20
CA VAL X 8 50.42 -4.31 28.45
C VAL X 8 50.89 -5.40 29.41
N ALA X 9 51.65 -5.02 30.44
CA ALA X 9 52.11 -6.00 31.43
C ALA X 9 50.94 -6.62 32.17
N VAL X 10 49.93 -5.82 32.53
CA VAL X 10 48.77 -6.36 33.23
C VAL X 10 48.02 -7.35 32.34
N LEU X 11 47.81 -7.00 31.07
CA LEU X 11 47.12 -7.90 30.15
C LEU X 11 47.91 -9.18 29.95
N VAL X 12 49.24 -9.08 29.83
CA VAL X 12 50.06 -10.27 29.64
C VAL X 12 50.04 -11.14 30.89
N ILE X 13 50.09 -10.53 32.07
CA ILE X 13 50.05 -11.29 33.31
C ILE X 13 48.71 -12.00 33.45
N LEU X 14 47.62 -11.33 33.09
CA LEU X 14 46.32 -11.97 33.13
C LEU X 14 46.25 -13.12 32.13
N ALA X 15 46.83 -12.94 30.94
CA ALA X 15 46.85 -14.02 29.95
C ALA X 15 47.61 -15.23 30.46
N ILE X 16 48.77 -15.01 31.09
CA ILE X 16 49.55 -16.11 31.63
C ILE X 16 48.81 -16.79 32.77
N LEU X 17 48.28 -16.00 33.70
CA LEU X 17 47.55 -16.56 34.83
C LEU X 17 46.22 -17.16 34.38
N GLY X 18 45.55 -16.53 33.44
CA GLY X 18 44.29 -17.03 32.94
C GLY X 18 44.40 -18.12 31.90
N TRP X 19 45.61 -18.52 31.52
CA TRP X 19 45.77 -19.60 30.56
C TRP X 19 45.28 -20.90 31.16
N PRO X 20 44.63 -21.76 30.36
CA PRO X 20 44.07 -23.01 30.91
C PRO X 20 45.06 -23.86 31.67
N ASN X 21 46.31 -23.96 31.22
CA ASN X 21 47.28 -24.77 31.94
C ASN X 21 47.61 -24.20 33.31
N ILE X 22 47.37 -22.91 33.53
CA ILE X 22 47.57 -22.28 34.82
C ILE X 22 46.25 -22.08 35.55
N SER X 23 45.22 -21.61 34.85
CA SER X 23 43.94 -21.37 35.48
C SER X 23 43.28 -22.66 35.96
N SER X 24 43.51 -23.77 35.24
CA SER X 24 42.95 -25.05 35.65
C SER X 24 43.61 -25.64 36.88
N THR X 25 44.76 -25.10 37.31
CA THR X 25 45.37 -25.57 38.55
C THR X 25 44.54 -25.16 39.76
N LEU X 26 43.78 -24.07 39.65
CA LEU X 26 42.92 -23.61 40.73
C LEU X 26 41.53 -24.24 40.67
N ARG X 27 41.32 -25.21 39.79
CA ARG X 27 40.07 -25.94 39.75
C ARG X 27 39.82 -26.66 41.07
N ARG X 28 38.61 -26.52 41.60
CA ARG X 28 38.24 -27.16 42.86
C ARG X 28 37.12 -28.17 42.73
N TRP X 29 36.42 -28.21 41.61
CA TRP X 29 35.21 -29.00 41.43
C TRP X 29 34.17 -28.67 42.51
N MET Y 1 40.31 -36.95 6.75
CA MET Y 1 38.87 -36.74 6.76
C MET Y 1 38.10 -37.89 6.18
N TRP Y 2 38.74 -39.05 6.07
CA TRP Y 2 38.07 -40.16 5.41
C TRP Y 2 36.87 -40.68 6.19
N LYS Y 3 36.75 -40.35 7.47
CA LYS Y 3 35.61 -40.73 8.27
C LYS Y 3 34.52 -39.67 8.32
N LEU Y 4 34.70 -38.55 7.60
CA LEU Y 4 33.72 -37.46 7.68
C LEU Y 4 32.37 -37.90 7.18
N TRP Y 5 32.34 -38.77 6.18
CA TRP Y 5 31.10 -39.21 5.57
C TRP Y 5 30.35 -40.21 6.42
N LYS Y 6 31.00 -40.79 7.44
CA LYS Y 6 30.25 -41.54 8.43
C LYS Y 6 29.33 -40.63 9.23
N PHE Y 7 29.64 -39.34 9.29
CA PHE Y 7 28.91 -38.37 10.09
C PHE Y 7 28.22 -37.30 9.26
N VAL Y 8 28.94 -36.66 8.36
CA VAL Y 8 28.39 -35.57 7.55
C VAL Y 8 28.05 -36.13 6.18
N ASP Y 9 26.86 -35.79 5.68
CA ASP Y 9 26.40 -36.32 4.41
C ASP Y 9 27.28 -35.82 3.27
N PHE Y 10 27.82 -36.76 2.49
CA PHE Y 10 28.69 -36.38 1.38
C PHE Y 10 27.91 -35.71 0.27
N ARG Y 11 26.67 -36.13 0.03
CA ARG Y 11 25.87 -35.48 -1.00
C ARG Y 11 25.69 -34.00 -0.68
N MET Y 12 25.32 -33.70 0.57
CA MET Y 12 25.19 -32.32 1.00
C MET Y 12 26.50 -31.56 0.81
N THR Y 13 27.60 -32.15 1.26
CA THR Y 13 28.89 -31.47 1.23
C THR Y 13 29.32 -31.19 -0.21
N ALA Y 14 29.25 -32.20 -1.07
CA ALA Y 14 29.67 -32.05 -2.46
C ALA Y 14 28.79 -31.04 -3.19
N VAL Y 15 27.47 -31.15 -3.02
CA VAL Y 15 26.58 -30.23 -3.72
C VAL Y 15 26.77 -28.81 -3.23
N GLY Y 16 26.85 -28.62 -1.92
CA GLY Y 16 27.04 -27.28 -1.39
C GLY Y 16 28.38 -26.69 -1.78
N PHE Y 17 29.42 -27.52 -1.81
CA PHE Y 17 30.72 -27.03 -2.26
C PHE Y 17 30.69 -26.65 -3.73
N HIS Y 18 30.02 -27.45 -4.56
CA HIS Y 18 29.90 -27.11 -5.97
C HIS Y 18 29.11 -25.84 -6.18
N LEU Y 19 28.02 -25.66 -5.44
CA LEU Y 19 27.23 -24.44 -5.55
C LEU Y 19 28.00 -23.22 -5.06
N PHE Y 20 28.67 -23.35 -3.92
CA PHE Y 20 29.44 -22.23 -3.40
C PHE Y 20 30.62 -21.90 -4.30
N PHE Y 21 31.23 -22.92 -4.91
CA PHE Y 21 32.34 -22.65 -5.81
C PHE Y 21 31.86 -22.08 -7.14
N ALA Y 22 30.66 -22.44 -7.57
CA ALA Y 22 30.07 -21.75 -8.72
C ALA Y 22 29.87 -20.28 -8.42
N LEU Y 23 29.28 -19.99 -7.26
CA LEU Y 23 29.10 -18.60 -6.84
C LEU Y 23 30.44 -17.89 -6.69
N LEU Y 24 31.42 -18.57 -6.11
CA LEU Y 24 32.72 -17.96 -5.83
C LEU Y 24 33.53 -17.76 -7.11
N ALA Y 25 33.42 -18.68 -8.06
CA ALA Y 25 34.09 -18.50 -9.34
C ALA Y 25 33.47 -17.35 -10.11
N PHE Y 26 32.14 -17.23 -10.05
CA PHE Y 26 31.50 -16.04 -10.60
C PHE Y 26 32.03 -14.78 -9.92
N ALA Y 27 32.09 -14.80 -8.59
CA ALA Y 27 32.52 -13.63 -7.84
C ALA Y 27 33.96 -13.27 -8.15
N VAL Y 28 34.82 -14.27 -8.36
CA VAL Y 28 36.23 -14.00 -8.58
C VAL Y 28 36.50 -13.57 -10.01
N HIS Y 29 35.84 -14.20 -10.99
CA HIS Y 29 35.95 -13.72 -12.35
C HIS Y 29 35.42 -12.28 -12.46
N PHE Y 30 34.33 -11.97 -11.73
CA PHE Y 30 33.84 -10.60 -11.68
C PHE Y 30 34.77 -9.68 -10.91
N ALA Y 31 35.50 -10.20 -9.91
CA ALA Y 31 36.47 -9.38 -9.20
C ALA Y 31 37.64 -9.01 -10.09
N CYS Y 32 38.08 -9.94 -10.94
CA CYS Y 32 39.06 -9.61 -11.96
C CYS Y 32 38.51 -8.58 -12.93
N ILE Y 33 37.25 -8.75 -13.36
CA ILE Y 33 36.63 -7.79 -14.26
C ILE Y 33 36.58 -6.42 -13.62
N SER Y 34 36.30 -6.36 -12.32
CA SER Y 34 36.23 -5.09 -11.61
C SER Y 34 37.60 -4.41 -11.52
N SER Y 35 38.67 -5.20 -11.56
CA SER Y 35 40.02 -4.64 -11.48
C SER Y 35 40.47 -4.19 -12.86
N GLU Y 36 40.99 -2.96 -12.94
CA GLU Y 36 41.54 -2.49 -14.20
C GLU Y 36 42.71 -3.35 -14.65
N ARG Y 37 43.59 -3.71 -13.72
CA ARG Y 37 44.76 -4.51 -14.06
C ARG Y 37 44.36 -5.90 -14.52
N PHE Y 38 43.27 -6.43 -13.99
CA PHE Y 38 42.90 -7.81 -14.19
C PHE Y 38 41.66 -8.00 -15.06
N ASN Y 39 41.04 -6.92 -15.52
CA ASN Y 39 39.91 -7.02 -16.43
C ASN Y 39 40.45 -7.40 -17.79
N TRP Y 40 40.52 -8.71 -18.04
CA TRP Y 40 40.97 -9.19 -19.33
C TRP Y 40 40.03 -8.83 -20.46
N LEU Y 41 38.76 -8.55 -20.16
CA LEU Y 41 37.80 -8.18 -21.19
C LEU Y 41 38.14 -6.83 -21.80
N GLU Y 42 38.41 -5.84 -20.95
CA GLU Y 42 38.80 -4.52 -21.46
C GLU Y 42 40.25 -4.52 -21.92
N GLY Y 43 41.10 -5.31 -21.27
CA GLY Y 43 42.50 -5.41 -21.66
C GLY Y 43 43.31 -4.15 -21.42
N ALA Y 44 43.16 -3.53 -20.27
CA ALA Y 44 43.98 -2.37 -19.94
C ALA Y 44 45.43 -2.79 -19.80
N PRO Y 45 46.38 -1.90 -20.10
CA PRO Y 45 47.79 -2.25 -19.94
C PRO Y 45 48.14 -2.49 -18.48
N ALA Y 46 49.12 -3.37 -18.28
CA ALA Y 46 49.69 -3.55 -16.95
C ALA Y 46 50.73 -2.47 -16.70
N ALA Y 47 50.85 -2.06 -15.43
CA ALA Y 47 51.86 -1.07 -15.07
C ALA Y 47 53.26 -1.57 -15.34
N GLU Y 48 53.46 -2.88 -15.44
CA GLU Y 48 54.76 -3.43 -15.80
C GLU Y 48 55.18 -3.03 -17.20
N TYR Y 49 54.23 -2.64 -18.06
CA TYR Y 49 54.60 -2.15 -19.38
C TYR Y 49 55.42 -0.88 -19.29
N TYR Y 50 55.13 -0.02 -18.33
CA TYR Y 50 55.70 1.31 -18.25
C TYR Y 50 56.81 1.42 -17.21
N MET Y 51 57.20 0.32 -16.58
CA MET Y 51 58.29 0.33 -15.62
C MET Y 51 59.39 -0.61 -16.11
N ASP Y 52 60.62 -0.12 -16.11
CA ASP Y 52 61.74 -0.94 -16.57
C ASP Y 52 62.06 -2.04 -15.56
N GLU Y 53 62.10 -1.70 -14.28
CA GLU Y 53 62.46 -2.66 -13.25
C GLU Y 53 61.25 -3.54 -12.89
N ASP Y 54 61.54 -4.70 -12.32
CA ASP Y 54 60.51 -5.58 -11.83
C ASP Y 54 59.95 -5.03 -10.52
N PRO Y 55 58.64 -4.77 -10.43
CA PRO Y 55 58.10 -4.19 -9.19
C PRO Y 55 58.26 -5.10 -7.99
N GLY Y 56 58.20 -6.41 -8.18
CA GLY Y 56 58.23 -7.34 -7.08
C GLY Y 56 56.88 -7.42 -6.38
N ILE Y 57 56.83 -8.27 -5.37
CA ILE Y 57 55.68 -8.36 -4.48
C ILE Y 57 56.15 -8.12 -3.06
N TRP Y 58 57.14 -8.90 -2.63
CA TRP Y 58 57.77 -8.71 -1.33
C TRP Y 58 59.08 -7.94 -1.42
N LYS Y 59 59.47 -7.51 -2.61
CA LYS Y 59 60.71 -6.77 -2.76
C LYS Y 59 60.60 -5.42 -2.08
N ARG Y 60 61.63 -5.08 -1.31
CA ARG Y 60 61.64 -3.85 -0.51
C ARG Y 60 62.12 -2.68 -1.37
N THR Y 61 61.33 -2.38 -2.41
CA THR Y 61 61.65 -1.31 -3.33
C THR Y 61 61.36 0.05 -2.71
N SER Y 62 62.05 1.07 -3.21
CA SER Y 62 61.89 2.44 -2.73
C SER Y 62 61.78 3.39 -3.89
N TYR Y 63 61.14 4.53 -3.64
CA TYR Y 63 60.93 5.54 -4.67
C TYR Y 63 62.24 6.16 -5.13
N ILE Z 4 19.61 -47.12 4.38
CA ILE Z 4 20.07 -46.23 5.43
C ILE Z 4 19.76 -46.79 6.80
N ARG Z 5 19.19 -48.00 6.84
CA ARG Z 5 18.95 -48.65 8.11
C ARG Z 5 20.25 -48.95 8.84
N THR Z 6 21.37 -48.92 8.14
CA THR Z 6 22.70 -48.92 8.72
C THR Z 6 23.47 -47.70 8.22
N GLY Z 7 24.45 -47.28 8.99
CA GLY Z 7 25.29 -46.17 8.58
C GLY Z 7 26.30 -46.58 7.52
N LEU Z 8 27.12 -45.62 7.10
CA LEU Z 8 28.16 -45.91 6.13
C LEU Z 8 29.17 -46.90 6.71
N THR Z 9 29.51 -47.91 5.93
CA THR Z 9 30.59 -48.79 6.31
C THR Z 9 31.93 -48.10 6.07
N ASP Z 10 32.99 -48.66 6.67
CA ASP Z 10 34.32 -48.13 6.41
C ASP Z 10 34.67 -48.25 4.94
N GLU Z 11 34.18 -49.30 4.28
CA GLU Z 11 34.40 -49.44 2.84
C GLU Z 11 33.63 -48.38 2.05
N GLU Z 12 32.35 -48.18 2.40
CA GLU Z 12 31.56 -47.16 1.72
C GLU Z 12 32.14 -45.77 1.95
N CYS Z 13 32.52 -45.48 3.19
CA CYS Z 13 33.08 -44.18 3.51
C CYS Z 13 34.43 -43.99 2.83
N GLN Z 14 35.22 -45.06 2.74
CA GLN Z 14 36.52 -44.98 2.07
C GLN Z 14 36.37 -44.76 0.57
N GLU Z 15 35.38 -45.40 -0.06
CA GLU Z 15 35.21 -45.18 -1.49
C GLU Z 15 34.60 -43.81 -1.77
N ILE Z 16 33.81 -43.28 -0.83
CA ILE Z 16 33.40 -41.88 -0.97
C ILE Z 16 34.60 -40.96 -0.84
N HIS Z 17 35.49 -41.23 0.12
CA HIS Z 17 36.62 -40.34 0.33
C HIS Z 17 37.64 -40.44 -0.79
N GLU Z 18 37.73 -41.60 -1.46
CA GLU Z 18 38.61 -41.68 -2.63
C GLU Z 18 38.20 -40.68 -3.68
N MET Z 19 36.90 -40.65 -4.02
CA MET Z 19 36.39 -39.66 -4.97
C MET Z 19 36.49 -38.26 -4.41
N ASN Z 20 36.25 -38.10 -3.12
CA ASN Z 20 36.41 -36.81 -2.45
C ASN Z 20 37.80 -36.26 -2.67
N MET Z 21 38.82 -37.06 -2.37
CA MET Z 21 40.19 -36.60 -2.48
C MET Z 21 40.57 -36.38 -3.93
N LEU Z 22 40.12 -37.25 -4.82
CA LEU Z 22 40.35 -37.03 -6.24
C LEU Z 22 39.79 -35.70 -6.69
N GLY Z 23 38.52 -35.44 -6.39
CA GLY Z 23 37.90 -34.20 -6.83
C GLY Z 23 38.53 -32.98 -6.20
N MET Z 24 38.72 -33.00 -4.87
CA MET Z 24 39.28 -31.84 -4.19
C MET Z 24 40.69 -31.54 -4.67
N HIS Z 25 41.53 -32.57 -4.77
CA HIS Z 25 42.92 -32.32 -5.12
C HIS Z 25 43.10 -32.05 -6.60
N ALA Z 26 42.27 -32.63 -7.47
CA ALA Z 26 42.30 -32.26 -8.87
C ALA Z 26 41.88 -30.82 -9.07
N TYR Z 27 40.80 -30.40 -8.40
CA TYR Z 27 40.41 -29.00 -8.48
C TYR Z 27 41.49 -28.11 -7.90
N TRP Z 28 42.12 -28.54 -6.81
CA TRP Z 28 43.17 -27.76 -6.16
C TRP Z 28 44.36 -27.57 -7.10
N SER Z 29 44.81 -28.64 -7.74
CA SER Z 29 45.97 -28.54 -8.62
C SER Z 29 45.64 -27.78 -9.90
N ILE Z 30 44.46 -28.01 -10.47
CA ILE Z 30 44.09 -27.28 -11.68
C ILE Z 30 43.91 -25.80 -11.36
N GLY Z 31 43.37 -25.48 -10.18
CA GLY Z 31 43.26 -24.09 -9.78
C GLY Z 31 44.61 -23.46 -9.50
N LEU Z 32 45.53 -24.22 -8.92
CA LEU Z 32 46.88 -23.72 -8.70
C LEU Z 32 47.57 -23.43 -10.03
N ILE Z 33 47.41 -24.32 -11.00
CA ILE Z 33 47.99 -24.08 -12.31
C ILE Z 33 47.34 -22.87 -12.99
N ALA Z 34 46.01 -22.75 -12.87
CA ALA Z 34 45.32 -21.61 -13.45
C ALA Z 34 45.76 -20.30 -12.81
N ASN Z 35 45.91 -20.30 -11.48
CA ASN Z 35 46.35 -19.11 -10.78
C ASN Z 35 47.80 -18.80 -11.07
N ALA Z 36 48.64 -19.82 -11.24
CA ALA Z 36 50.02 -19.59 -11.64
C ALA Z 36 50.09 -18.99 -13.03
N LEU Z 37 49.24 -19.47 -13.94
CA LEU Z 37 49.19 -18.90 -15.29
C LEU Z 37 48.73 -17.45 -15.25
N ALA Z 38 47.69 -17.16 -14.47
CA ALA Z 38 47.22 -15.79 -14.37
C ALA Z 38 48.22 -14.91 -13.63
N TYR Z 39 49.05 -15.50 -12.77
CA TYR Z 39 50.05 -14.74 -12.04
C TYR Z 39 51.24 -14.41 -12.91
N ALA Z 40 51.65 -15.36 -13.75
CA ALA Z 40 52.67 -15.09 -14.75
C ALA Z 40 52.16 -14.12 -15.80
N TRP Z 41 50.86 -14.15 -16.08
CA TRP Z 41 50.26 -13.15 -16.95
C TRP Z 41 50.38 -11.76 -16.33
N ARG Z 42 49.74 -11.57 -15.18
CA ARG Z 42 49.85 -10.33 -14.44
C ARG Z 42 49.88 -10.66 -12.96
N PRO Z 43 51.03 -10.47 -12.30
CA PRO Z 43 51.13 -10.81 -10.87
C PRO Z 43 50.03 -10.16 -10.06
N PHE Z 44 49.42 -10.95 -9.18
CA PHE Z 44 48.19 -10.53 -8.51
C PHE Z 44 48.45 -9.41 -7.53
N HIS Z 45 49.61 -9.44 -6.91
CA HIS Z 45 49.90 -8.53 -5.76
C HIS Z 45 50.91 -7.47 -6.14
N GLN Z 46 50.53 -6.21 -5.97
CA GLN Z 46 51.38 -5.11 -6.36
C GLN Z 46 52.59 -5.02 -5.44
N GLY Z 47 53.71 -4.56 -6.00
CA GLY Z 47 54.87 -4.24 -5.22
C GLY Z 47 54.67 -2.95 -4.47
N ARG Z 48 55.71 -2.55 -3.74
CA ARG Z 48 55.64 -1.30 -3.00
C ARG Z 48 55.34 -0.12 -3.92
N ALA Z 49 55.88 -0.16 -5.14
CA ALA Z 49 55.55 0.86 -6.14
C ALA Z 49 54.10 0.81 -6.58
N GLY Z 50 53.39 -0.28 -6.29
CA GLY Z 50 52.04 -0.46 -6.79
C GLY Z 50 52.06 -0.90 -8.24
N ASN Z 51 50.87 -1.05 -8.80
CA ASN Z 51 50.76 -1.29 -10.24
C ASN Z 51 49.60 -0.51 -10.84
N ARG Z 52 49.24 0.62 -10.22
CA ARG Z 52 48.29 1.53 -10.83
C ARG Z 52 48.91 2.15 -12.08
N LEU Z 53 48.12 2.23 -13.16
CA LEU Z 53 48.62 2.85 -14.38
C LEU Z 53 48.90 4.32 -14.17
N GLU Z 54 48.05 5.00 -13.40
CA GLU Z 54 48.26 6.42 -13.12
C GLU Z 54 49.60 6.69 -12.46
N ASP Z 55 50.16 5.71 -11.76
CA ASP Z 55 51.45 5.87 -11.11
C ASP Z 55 52.63 5.49 -12.00
N HIS Z 56 52.38 4.80 -13.10
CA HIS Z 56 53.47 4.35 -13.96
C HIS Z 56 53.29 4.74 -15.42
N ALA Z 57 52.06 4.73 -15.92
CA ALA Z 57 51.81 5.07 -17.30
C ALA Z 57 51.87 6.57 -17.51
N PRO Z 58 52.14 7.02 -18.74
CA PRO Z 58 52.08 8.46 -19.02
C PRO Z 58 50.67 9.01 -18.88
N ASP Z 59 50.52 10.34 -19.02
CA ASP Z 59 49.23 10.97 -18.80
C ASP Z 59 48.20 10.52 -19.83
N TYR Z 60 48.62 10.31 -21.07
CA TYR Z 60 47.66 9.97 -22.12
C TYR Z 60 47.09 8.57 -21.95
N VAL Z 61 47.68 7.73 -21.12
CA VAL Z 61 47.14 6.39 -20.87
C VAL Z 61 46.02 6.52 -19.85
N ARG Z 62 44.78 6.42 -20.33
CA ARG Z 62 43.63 6.55 -19.45
C ARG Z 62 43.58 5.41 -18.45
N SER Z 63 43.16 5.71 -17.23
CA SER Z 63 43.06 4.73 -16.17
C SER Z 63 41.67 4.76 -15.58
N ALA Z 64 41.16 3.59 -15.21
CA ALA Z 64 39.89 3.49 -14.50
C ALA Z 64 40.05 3.74 -13.02
N LEU Z 65 41.27 4.02 -12.55
CA LEU Z 65 41.58 4.23 -11.14
C LEU Z 65 41.27 2.96 -10.33
N GLY AA 2 62.49 -13.46 -9.93
CA GLY AA 2 61.68 -12.42 -9.32
C GLY AA 2 60.65 -12.97 -8.36
N ASP AA 3 59.99 -12.09 -7.62
CA ASP AA 3 58.96 -12.52 -6.67
C ASP AA 3 57.80 -13.21 -7.39
N ALA AA 4 57.39 -12.65 -8.54
CA ALA AA 4 56.31 -13.27 -9.30
C ALA AA 4 56.71 -14.64 -9.82
N GLY AA 5 57.96 -14.77 -10.29
CA GLY AA 5 58.43 -16.08 -10.71
C GLY AA 5 58.43 -17.08 -9.57
N ILE AA 6 58.80 -16.62 -8.37
CA ILE AA 6 58.76 -17.50 -7.20
C ILE AA 6 57.34 -17.92 -6.90
N VAL AA 7 56.38 -16.99 -6.98
CA VAL AA 7 54.99 -17.33 -6.71
C VAL AA 7 54.49 -18.36 -7.71
N VAL AA 8 54.78 -18.13 -9.00
CA VAL AA 8 54.32 -19.04 -10.04
C VAL AA 8 54.94 -20.42 -9.86
N ALA AA 9 56.25 -20.47 -9.55
CA ALA AA 9 56.90 -21.75 -9.32
C ALA AA 9 56.31 -22.46 -8.11
N VAL AA 10 56.04 -21.72 -7.03
CA VAL AA 10 55.47 -22.31 -5.83
C VAL AA 10 54.08 -22.86 -6.10
N LEU AA 11 53.26 -22.11 -6.85
CA LEU AA 11 51.92 -22.58 -7.19
C LEU AA 11 51.99 -23.82 -8.05
N VAL AA 12 52.92 -23.87 -9.01
CA VAL AA 12 53.09 -25.04 -9.85
C VAL AA 12 53.52 -26.24 -9.01
N ILE AA 13 54.44 -26.01 -8.06
CA ILE AA 13 54.91 -27.10 -7.20
C ILE AA 13 53.79 -27.62 -6.32
N LEU AA 14 52.97 -26.71 -5.79
CA LEU AA 14 51.81 -27.13 -5.00
C LEU AA 14 50.83 -27.93 -5.84
N ALA AA 15 50.63 -27.51 -7.10
CA ALA AA 15 49.74 -28.23 -7.99
C ALA AA 15 50.28 -29.63 -8.30
N ILE AA 16 51.59 -29.75 -8.49
CA ILE AA 16 52.18 -31.06 -8.74
C ILE AA 16 52.06 -31.93 -7.51
N LEU AA 17 52.44 -31.40 -6.34
CA LEU AA 17 52.39 -32.19 -5.12
C LEU AA 17 50.96 -32.46 -4.69
N GLY AA 18 50.07 -31.50 -4.89
CA GLY AA 18 48.68 -31.68 -4.57
C GLY AA 18 47.88 -32.42 -5.63
N TRP AA 19 48.51 -32.84 -6.71
CA TRP AA 19 47.81 -33.61 -7.72
C TRP AA 19 47.38 -34.95 -7.12
N PRO AA 20 46.16 -35.42 -7.44
CA PRO AA 20 45.67 -36.66 -6.82
C PRO AA 20 46.59 -37.84 -6.97
N ASN AA 21 47.22 -38.02 -8.12
CA ASN AA 21 48.14 -39.14 -8.29
C ASN AA 21 49.36 -39.04 -7.40
N ILE AA 22 49.64 -37.86 -6.85
CA ILE AA 22 50.78 -37.64 -5.98
C ILE AA 22 50.34 -37.42 -4.53
N SER AA 23 49.28 -36.64 -4.32
CA SER AA 23 48.76 -36.46 -2.96
C SER AA 23 48.20 -37.76 -2.40
N SER AA 24 47.63 -38.61 -3.25
CA SER AA 24 47.08 -39.88 -2.80
C SER AA 24 48.15 -40.88 -2.39
N THR AA 25 49.41 -40.63 -2.75
CA THR AA 25 50.49 -41.49 -2.27
C THR AA 25 50.67 -41.38 -0.77
N LEU AA 26 50.13 -40.34 -0.15
CA LEU AA 26 50.26 -40.10 1.28
C LEU AA 26 49.04 -40.58 2.06
N ARG AA 27 48.15 -41.34 1.42
CA ARG AA 27 46.99 -41.89 2.11
C ARG AA 27 47.43 -42.86 3.21
N ARG AA 28 46.83 -42.71 4.38
CA ARG AA 28 47.11 -43.57 5.53
C ARG AA 28 45.78 -43.98 6.13
N TRP AA 29 45.33 -45.18 5.82
CA TRP AA 29 44.03 -45.67 6.29
C TRP AA 29 44.21 -46.85 7.25
N MET BA 1 26.88 -42.75 -28.41
CA MET BA 1 25.93 -42.46 -27.35
C MET BA 1 24.54 -42.96 -27.74
N TRP BA 2 24.49 -44.15 -28.32
CA TRP BA 2 23.23 -44.70 -28.78
C TRP BA 2 22.27 -44.96 -27.62
N LYS BA 3 22.79 -45.45 -26.49
CA LYS BA 3 21.96 -45.88 -25.38
C LYS BA 3 21.62 -44.75 -24.42
N LEU BA 4 21.99 -43.51 -24.75
CA LEU BA 4 21.68 -42.38 -23.89
C LEU BA 4 20.18 -42.28 -23.62
N TRP BA 5 19.38 -42.44 -24.66
CA TRP BA 5 17.93 -42.35 -24.50
C TRP BA 5 17.36 -43.53 -23.73
N LYS BA 6 18.10 -44.64 -23.63
CA LYS BA 6 17.70 -45.70 -22.71
C LYS BA 6 17.70 -45.21 -21.28
N PHE BA 7 18.61 -44.28 -20.95
CA PHE BA 7 18.76 -43.79 -19.59
C PHE BA 7 18.11 -42.42 -19.41
N VAL BA 8 18.51 -41.44 -20.21
CA VAL BA 8 17.92 -40.11 -20.16
C VAL BA 8 16.65 -40.10 -21.01
N ASP BA 9 15.56 -39.59 -20.45
CA ASP BA 9 14.29 -39.52 -21.17
C ASP BA 9 14.41 -38.63 -22.39
N PHE BA 10 14.34 -39.24 -23.58
CA PHE BA 10 14.46 -38.47 -24.81
C PHE BA 10 13.27 -37.54 -25.02
N ARG BA 11 12.07 -37.96 -24.63
CA ARG BA 11 10.88 -37.20 -24.95
C ARG BA 11 10.92 -35.83 -24.29
N MET BA 12 11.20 -35.79 -22.99
CA MET BA 12 11.31 -34.51 -22.33
C MET BA 12 12.59 -33.77 -22.71
N THR BA 13 13.65 -34.51 -23.05
CA THR BA 13 14.84 -33.83 -23.55
C THR BA 13 14.53 -33.05 -24.82
N ALA BA 14 13.77 -33.65 -25.72
CA ALA BA 14 13.38 -32.97 -26.96
C ALA BA 14 12.41 -31.85 -26.71
N VAL BA 15 11.45 -32.04 -25.80
CA VAL BA 15 10.50 -30.97 -25.48
C VAL BA 15 11.25 -29.77 -24.89
N GLY BA 16 12.15 -30.04 -23.95
CA GLY BA 16 12.91 -28.97 -23.33
C GLY BA 16 13.85 -28.30 -24.30
N PHE BA 17 14.45 -29.06 -25.21
CA PHE BA 17 15.31 -28.45 -26.21
C PHE BA 17 14.49 -27.60 -27.18
N HIS BA 18 13.26 -28.01 -27.47
CA HIS BA 18 12.41 -27.18 -28.32
C HIS BA 18 12.05 -25.86 -27.63
N LEU BA 19 11.67 -25.92 -26.36
CA LEU BA 19 11.38 -24.69 -25.62
C LEU BA 19 12.62 -23.80 -25.52
N PHE BA 20 13.75 -24.40 -25.16
CA PHE BA 20 14.98 -23.65 -25.00
C PHE BA 20 15.46 -23.08 -26.32
N PHE BA 21 15.23 -23.78 -27.43
CA PHE BA 21 15.63 -23.27 -28.73
C PHE BA 21 14.68 -22.20 -29.24
N ALA BA 22 13.40 -22.26 -28.87
CA ALA BA 22 12.53 -21.12 -29.14
C ALA BA 22 13.04 -19.89 -28.42
N LEU BA 23 13.38 -20.04 -27.14
CA LEU BA 23 13.93 -18.93 -26.37
C LEU BA 23 15.26 -18.46 -26.97
N LEU BA 24 16.11 -19.40 -27.38
CA LEU BA 24 17.41 -19.08 -27.92
C LEU BA 24 17.31 -18.41 -29.28
N ALA BA 25 16.38 -18.85 -30.12
CA ALA BA 25 16.16 -18.19 -31.41
C ALA BA 25 15.67 -16.77 -31.21
N PHE BA 26 14.74 -16.58 -30.26
CA PHE BA 26 14.31 -15.22 -29.94
C PHE BA 26 15.49 -14.37 -29.47
N ALA BA 27 16.31 -14.91 -28.56
CA ALA BA 27 17.42 -14.16 -28.02
C ALA BA 27 18.43 -13.82 -29.11
N VAL BA 28 18.74 -14.77 -29.98
CA VAL BA 28 19.76 -14.55 -30.99
C VAL BA 28 19.27 -13.59 -32.07
N HIS BA 29 18.01 -13.73 -32.50
CA HIS BA 29 17.45 -12.77 -33.42
C HIS BA 29 17.42 -11.37 -32.81
N PHE BA 30 17.15 -11.28 -31.51
CA PHE BA 30 17.19 -9.98 -30.84
C PHE BA 30 18.61 -9.42 -30.78
N ALA BA 31 19.59 -10.30 -30.61
CA ALA BA 31 20.98 -9.85 -30.66
C ALA BA 31 21.32 -9.29 -32.03
N CYS BA 32 20.84 -9.95 -33.08
CA CYS BA 32 21.04 -9.44 -34.44
C CYS BA 32 20.32 -8.12 -34.65
N ILE BA 33 19.10 -8.00 -34.13
CA ILE BA 33 18.34 -6.75 -34.26
C ILE BA 33 19.05 -5.62 -33.54
N SER BA 34 19.60 -5.90 -32.36
CA SER BA 34 20.35 -4.89 -31.63
C SER BA 34 21.59 -4.44 -32.38
N SER BA 35 22.15 -5.32 -33.20
CA SER BA 35 23.36 -5.00 -33.95
C SER BA 35 23.01 -4.15 -35.16
N GLU BA 36 23.69 -3.01 -35.30
CA GLU BA 36 23.50 -2.19 -36.48
C GLU BA 36 23.97 -2.92 -37.73
N ARG BA 37 25.05 -3.68 -37.62
CA ARG BA 37 25.57 -4.41 -38.78
C ARG BA 37 24.58 -5.48 -39.23
N PHE BA 38 23.82 -6.04 -38.31
CA PHE BA 38 23.02 -7.23 -38.59
C PHE BA 38 21.53 -7.00 -38.46
N ASN BA 39 21.08 -5.80 -38.11
CA ASN BA 39 19.65 -5.50 -38.06
C ASN BA 39 19.14 -5.39 -39.48
N TRP BA 40 18.59 -6.49 -39.99
CA TRP BA 40 17.95 -6.47 -41.29
C TRP BA 40 16.71 -5.59 -41.28
N LEU BA 41 16.09 -5.41 -40.11
CA LEU BA 41 14.88 -4.60 -40.02
C LEU BA 41 15.17 -3.12 -40.25
N GLU BA 42 16.33 -2.64 -39.80
CA GLU BA 42 16.72 -1.26 -40.07
C GLU BA 42 17.54 -1.14 -41.36
N GLY BA 43 18.22 -2.20 -41.75
CA GLY BA 43 18.92 -2.20 -43.02
C GLY BA 43 20.11 -1.25 -43.13
N ALA BA 44 20.89 -1.14 -42.07
CA ALA BA 44 22.05 -0.27 -42.11
C ALA BA 44 23.10 -0.80 -43.08
N PRO BA 45 23.89 0.09 -43.68
CA PRO BA 45 24.96 -0.36 -44.58
C PRO BA 45 26.02 -1.15 -43.83
N ALA BA 46 26.69 -2.03 -44.57
CA ALA BA 46 27.86 -2.71 -44.03
C ALA BA 46 29.07 -1.82 -44.20
N ALA BA 47 30.01 -1.92 -43.24
CA ALA BA 47 31.26 -1.20 -43.35
C ALA BA 47 32.07 -1.66 -44.56
N GLU BA 48 31.83 -2.88 -45.04
CA GLU BA 48 32.49 -3.36 -46.24
C GLU BA 48 32.14 -2.54 -47.47
N TYR BA 49 30.98 -1.87 -47.45
CA TYR BA 49 30.59 -1.00 -48.55
C TYR BA 49 31.57 0.14 -48.72
N TYR BA 50 32.01 0.73 -47.61
CA TYR BA 50 32.77 1.97 -47.63
C TYR BA 50 34.26 1.77 -47.48
N MET BA 51 34.75 0.53 -47.42
CA MET BA 51 36.17 0.27 -47.30
C MET BA 51 36.66 -0.40 -48.57
N ASP BA 52 37.80 0.08 -49.08
CA ASP BA 52 38.34 -0.47 -50.32
C ASP BA 52 38.88 -1.88 -50.12
N GLU BA 53 39.65 -2.08 -49.07
CA GLU BA 53 40.25 -3.38 -48.80
C GLU BA 53 39.29 -4.29 -48.06
N ASP BA 54 39.46 -5.59 -48.25
CA ASP BA 54 38.71 -6.57 -47.50
C ASP BA 54 39.09 -6.50 -46.03
N PRO BA 55 38.13 -6.43 -45.11
CA PRO BA 55 38.51 -6.42 -43.69
C PRO BA 55 39.05 -7.75 -43.23
N GLY BA 56 38.44 -8.84 -43.67
CA GLY BA 56 38.91 -10.16 -43.34
C GLY BA 56 38.60 -10.54 -41.90
N ILE BA 57 38.94 -11.78 -41.59
CA ILE BA 57 38.93 -12.31 -40.24
C ILE BA 57 40.23 -13.08 -40.08
N TRP BA 58 40.90 -12.90 -38.93
CA TRP BA 58 42.24 -13.44 -38.72
C TRP BA 58 43.26 -12.89 -39.72
N LYS BA 59 42.96 -11.76 -40.36
CA LYS BA 59 43.77 -11.28 -41.47
C LYS BA 59 45.03 -10.55 -41.01
N ARG BA 60 45.15 -10.23 -39.73
CA ARG BA 60 46.29 -9.50 -39.20
C ARG BA 60 46.49 -8.17 -39.95
N THR BA 61 45.38 -7.49 -40.20
CA THR BA 61 45.42 -6.22 -40.92
C THR BA 61 46.05 -5.13 -40.06
N SER BA 62 46.64 -4.14 -40.71
CA SER BA 62 47.31 -3.04 -40.05
C SER BA 62 46.80 -1.72 -40.59
N TYR BA 63 46.84 -0.69 -39.76
CA TYR BA 63 46.42 0.65 -40.15
C TYR BA 63 47.35 1.24 -41.20
N GLY CA 7 9.63 -49.79 -19.20
CA GLY CA 7 10.88 -49.19 -19.66
C GLY CA 7 10.97 -49.09 -21.18
N LEU CA 8 12.04 -48.46 -21.66
CA LEU CA 8 12.26 -48.29 -23.09
C LEU CA 8 12.88 -49.56 -23.66
N THR CA 9 12.22 -50.15 -24.65
CA THR CA 9 12.73 -51.38 -25.25
C THR CA 9 13.85 -51.07 -26.22
N ASP CA 10 14.54 -52.13 -26.64
CA ASP CA 10 15.69 -51.98 -27.54
C ASP CA 10 15.26 -51.36 -28.87
N GLU CA 11 14.16 -51.85 -29.45
CA GLU CA 11 13.68 -51.30 -30.72
C GLU CA 11 13.08 -49.92 -30.53
N GLU CA 12 12.45 -49.65 -29.38
CA GLU CA 12 11.93 -48.31 -29.14
C GLU CA 12 13.05 -47.30 -29.00
N CYS CA 13 14.14 -47.68 -28.32
CA CYS CA 13 15.32 -46.81 -28.30
C CYS CA 13 15.91 -46.67 -29.69
N GLN CA 14 15.84 -47.71 -30.51
CA GLN CA 14 16.30 -47.59 -31.89
C GLN CA 14 15.51 -46.52 -32.63
N GLU CA 15 14.18 -46.60 -32.57
CA GLU CA 15 13.33 -45.62 -33.25
C GLU CA 15 13.57 -44.22 -32.72
N ILE CA 16 13.69 -44.08 -31.40
CA ILE CA 16 14.00 -42.78 -30.82
C ILE CA 16 15.35 -42.28 -31.32
N HIS CA 17 16.31 -43.18 -31.50
CA HIS CA 17 17.62 -42.78 -31.98
C HIS CA 17 17.56 -42.27 -33.42
N GLU CA 18 16.85 -42.99 -34.30
CA GLU CA 18 16.74 -42.47 -35.67
C GLU CA 18 16.00 -41.14 -35.69
N MET CA 19 14.93 -41.01 -34.90
CA MET CA 19 14.20 -39.75 -34.88
C MET CA 19 15.07 -38.62 -34.35
N ASN CA 20 15.84 -38.88 -33.30
CA ASN CA 20 16.73 -37.86 -32.74
C ASN CA 20 17.82 -37.49 -33.72
N MET CA 21 18.43 -38.48 -34.37
CA MET CA 21 19.45 -38.18 -35.38
C MET CA 21 18.87 -37.35 -36.51
N LEU CA 22 17.69 -37.73 -37.02
CA LEU CA 22 17.08 -36.97 -38.09
C LEU CA 22 16.78 -35.54 -37.64
N GLY CA 23 16.16 -35.37 -36.48
CA GLY CA 23 15.82 -34.03 -36.03
C GLY CA 23 17.05 -33.16 -35.81
N MET CA 24 18.02 -33.68 -35.05
CA MET CA 24 19.21 -32.88 -34.74
C MET CA 24 20.01 -32.59 -35.99
N HIS CA 25 20.20 -33.58 -36.87
CA HIS CA 25 21.04 -33.38 -38.03
C HIS CA 25 20.35 -32.50 -39.07
N ALA CA 26 19.03 -32.64 -39.22
CA ALA CA 26 18.31 -31.74 -40.11
C ALA CA 26 18.39 -30.31 -39.61
N TYR CA 27 18.15 -30.07 -38.34
CA TYR CA 27 18.23 -28.76 -37.80
C TYR CA 27 19.64 -28.23 -37.88
N TRP CA 28 20.61 -29.05 -37.56
CA TRP CA 28 22.01 -28.66 -37.60
C TRP CA 28 22.43 -28.25 -39.01
N SER CA 29 22.05 -29.02 -40.02
CA SER CA 29 22.44 -28.70 -41.39
C SER CA 29 21.69 -27.47 -41.90
N ILE CA 30 20.40 -27.36 -41.58
CA ILE CA 30 19.66 -26.17 -41.99
C ILE CA 30 20.23 -24.94 -41.33
N GLY CA 31 20.58 -25.03 -40.04
CA GLY CA 31 21.16 -23.91 -39.34
C GLY CA 31 22.58 -23.60 -39.78
N LEU CA 32 23.32 -24.61 -40.21
CA LEU CA 32 24.64 -24.35 -40.78
C LEU CA 32 24.52 -23.62 -42.11
N ILE CA 33 23.55 -24.02 -42.93
CA ILE CA 33 23.30 -23.29 -44.18
C ILE CA 33 22.83 -21.88 -43.87
N ALA CA 34 21.97 -21.73 -42.86
CA ALA CA 34 21.49 -20.40 -42.47
C ALA CA 34 22.63 -19.51 -41.99
N ASN CA 35 23.53 -20.06 -41.18
CA ASN CA 35 24.66 -19.28 -40.69
C ASN CA 35 25.66 -19.00 -41.80
N ALA CA 36 25.84 -19.95 -42.72
CA ALA CA 36 26.70 -19.70 -43.87
C ALA CA 36 26.14 -18.59 -44.75
N LEU CA 37 24.83 -18.58 -44.94
CA LEU CA 37 24.20 -17.53 -45.74
C LEU CA 37 24.27 -16.18 -45.05
N ALA CA 38 24.02 -16.15 -43.74
CA ALA CA 38 24.11 -14.89 -43.00
C ALA CA 38 25.54 -14.39 -42.93
N TYR CA 39 26.51 -15.31 -42.93
CA TYR CA 39 27.92 -14.95 -42.90
C TYR CA 39 28.39 -14.43 -44.26
N ALA CA 40 27.93 -15.08 -45.34
CA ALA CA 40 28.23 -14.58 -46.67
C ALA CA 40 27.58 -13.23 -46.91
N TRP CA 41 26.38 -13.05 -46.36
CA TRP CA 41 25.71 -11.75 -46.44
C TRP CA 41 26.52 -10.69 -45.72
N ARG CA 42 26.84 -10.94 -44.45
CA ARG CA 42 27.68 -10.07 -43.64
C ARG CA 42 28.44 -10.93 -42.64
N PRO CA 43 29.75 -11.14 -42.85
CA PRO CA 43 30.50 -11.99 -41.92
C PRO CA 43 30.40 -11.50 -40.49
N PHE CA 44 30.23 -12.44 -39.58
CA PHE CA 44 29.79 -12.13 -38.23
C PHE CA 44 30.88 -11.41 -37.44
N HIS CA 45 32.13 -11.73 -37.71
CA HIS CA 45 33.22 -11.35 -36.83
C HIS CA 45 34.07 -10.31 -37.55
N GLN CA 46 34.29 -9.18 -36.90
CA GLN CA 46 34.97 -8.07 -37.54
C GLN CA 46 36.47 -8.36 -37.63
N GLY CA 47 37.10 -7.77 -38.64
CA GLY CA 47 38.53 -7.80 -38.74
C GLY CA 47 39.15 -6.84 -37.76
N ARG CA 48 40.48 -6.81 -37.77
CA ARG CA 48 41.21 -5.93 -36.86
C ARG CA 48 40.77 -4.48 -37.01
N ALA CA 49 40.45 -4.08 -38.25
CA ALA CA 49 39.90 -2.74 -38.50
C ALA CA 49 38.48 -2.59 -37.97
N GLY CA 50 37.83 -3.67 -37.57
CA GLY CA 50 36.44 -3.61 -37.18
C GLY CA 50 35.54 -3.49 -38.39
N ASN CA 51 34.25 -3.42 -38.13
CA ASN CA 51 33.29 -3.14 -39.18
C ASN CA 51 32.23 -2.15 -38.71
N ARG CA 52 32.62 -1.25 -37.81
CA ARG CA 52 31.74 -0.15 -37.43
C ARG CA 52 31.62 0.83 -38.58
N LEU CA 53 30.40 1.28 -38.84
CA LEU CA 53 30.18 2.21 -39.95
C LEU CA 53 30.93 3.51 -39.72
N GLU CA 54 30.97 3.98 -38.47
CA GLU CA 54 31.59 5.26 -38.16
C GLU CA 54 33.06 5.29 -38.54
N ASP CA 55 33.73 4.14 -38.50
CA ASP CA 55 35.15 4.09 -38.84
C ASP CA 55 35.42 3.99 -40.33
N HIS CA 56 34.40 3.69 -41.15
CA HIS CA 56 34.64 3.44 -42.56
C HIS CA 56 33.75 4.27 -43.47
N ALA CA 57 32.55 4.58 -43.01
CA ALA CA 57 31.63 5.38 -43.81
C ALA CA 57 32.11 6.83 -43.89
N PRO CA 58 31.72 7.56 -44.94
CA PRO CA 58 32.29 8.90 -45.15
C PRO CA 58 31.66 10.01 -44.32
N ASP CA 59 31.45 9.77 -43.03
CA ASP CA 59 31.14 10.76 -42.01
C ASP CA 59 29.77 11.41 -42.17
N TYR CA 60 29.05 11.15 -43.26
CA TYR CA 60 27.66 11.58 -43.38
C TYR CA 60 26.69 10.42 -43.32
N VAL CA 61 27.19 9.19 -43.40
CA VAL CA 61 26.38 8.01 -43.14
C VAL CA 61 26.17 7.90 -41.64
N ARG CA 62 24.91 8.00 -41.22
CA ARG CA 62 24.60 7.93 -39.80
C ARG CA 62 24.86 6.53 -39.27
N SER CA 63 25.43 6.46 -38.08
CA SER CA 63 25.68 5.20 -37.39
C SER CA 63 24.86 5.15 -36.11
N ALA CA 64 24.09 4.08 -35.94
CA ALA CA 64 23.32 3.91 -34.72
C ALA CA 64 24.23 3.72 -33.52
N LEU CA 65 25.43 3.17 -33.75
CA LEU CA 65 26.38 2.93 -32.68
C LEU CA 65 26.88 4.23 -32.08
N GLY DA 2 37.93 -12.73 -48.45
CA GLY DA 2 39.09 -13.35 -47.85
C GLY DA 2 38.75 -14.59 -47.04
N ASP DA 3 38.88 -14.49 -45.72
CA ASP DA 3 38.57 -15.60 -44.83
C ASP DA 3 37.07 -15.75 -44.58
N ALA DA 4 36.27 -14.75 -44.95
CA ALA DA 4 34.82 -14.90 -44.87
C ALA DA 4 34.34 -16.00 -45.78
N GLY DA 5 34.89 -16.07 -46.99
CA GLY DA 5 34.59 -17.20 -47.87
C GLY DA 5 35.04 -18.52 -47.28
N ILE DA 6 36.15 -18.50 -46.54
CA ILE DA 6 36.61 -19.72 -45.87
C ILE DA 6 35.59 -20.18 -44.84
N VAL DA 7 35.07 -19.26 -44.03
CA VAL DA 7 34.08 -19.64 -43.04
C VAL DA 7 32.80 -20.13 -43.70
N VAL DA 8 32.38 -19.45 -44.77
CA VAL DA 8 31.17 -19.88 -45.48
C VAL DA 8 31.37 -21.28 -46.05
N ALA DA 9 32.53 -21.55 -46.64
CA ALA DA 9 32.80 -22.87 -47.20
C ALA DA 9 32.85 -23.94 -46.10
N VAL DA 10 33.44 -23.61 -44.95
CA VAL DA 10 33.50 -24.56 -43.85
C VAL DA 10 32.09 -24.88 -43.36
N LEU DA 11 31.25 -23.86 -43.20
CA LEU DA 11 29.88 -24.07 -42.75
C LEU DA 11 29.09 -24.89 -43.76
N VAL DA 12 29.27 -24.60 -45.06
CA VAL DA 12 28.57 -25.36 -46.09
C VAL DA 12 29.02 -26.82 -46.10
N ILE DA 13 30.32 -27.05 -45.96
CA ILE DA 13 30.84 -28.42 -45.93
C ILE DA 13 30.28 -29.16 -44.72
N LEU DA 14 30.25 -28.49 -43.56
CA LEU DA 14 29.68 -29.11 -42.36
C LEU DA 14 28.20 -29.42 -42.55
N ALA DA 15 27.45 -28.52 -43.18
CA ALA DA 15 26.03 -28.76 -43.43
C ALA DA 15 25.83 -29.94 -44.36
N ILE DA 16 26.63 -30.03 -45.42
CA ILE DA 16 26.50 -31.14 -46.37
C ILE DA 16 26.84 -32.45 -45.68
N LEU DA 17 27.92 -32.47 -44.91
CA LEU DA 17 28.32 -33.71 -44.23
C LEU DA 17 27.30 -34.13 -43.19
N GLY DA 18 26.77 -33.18 -42.42
CA GLY DA 18 25.82 -33.48 -41.35
C GLY DA 18 24.39 -33.65 -41.77
N TRP DA 19 24.09 -33.48 -43.06
CA TRP DA 19 22.72 -33.69 -43.53
C TRP DA 19 22.32 -35.14 -43.35
N PRO DA 20 21.08 -35.41 -42.91
CA PRO DA 20 20.67 -36.80 -42.64
C PRO DA 20 20.92 -37.79 -43.77
N ASN DA 21 20.70 -37.37 -45.02
CA ASN DA 21 20.93 -38.31 -46.13
C ASN DA 21 22.38 -38.74 -46.22
N ILE DA 22 23.30 -37.92 -45.71
CA ILE DA 22 24.70 -38.31 -45.62
C ILE DA 22 25.10 -38.66 -44.19
N SER DA 23 24.49 -38.03 -43.19
CA SER DA 23 24.79 -38.38 -41.79
C SER DA 23 24.47 -39.83 -41.50
N SER DA 24 23.41 -40.36 -42.13
CA SER DA 24 23.05 -41.77 -41.94
C SER DA 24 23.99 -42.70 -42.68
N THR DA 25 24.62 -42.24 -43.76
CA THR DA 25 25.56 -43.11 -44.49
C THR DA 25 26.77 -43.48 -43.64
N LEU DA 26 27.12 -42.65 -42.65
CA LEU DA 26 28.22 -42.93 -41.74
C LEU DA 26 27.71 -43.33 -40.36
N ARG DA 27 26.54 -43.95 -40.30
CA ARG DA 27 25.95 -44.37 -39.03
C ARG DA 27 26.72 -45.56 -38.43
N MET EA 1 10.08 -40.27 -38.83
CA MET EA 1 9.72 -39.49 -37.66
C MET EA 1 8.21 -39.65 -37.38
N TRP EA 2 7.60 -40.61 -38.06
CA TRP EA 2 6.21 -40.94 -37.78
C TRP EA 2 6.01 -41.56 -36.41
N LYS EA 3 7.07 -42.06 -35.79
CA LYS EA 3 6.96 -42.77 -34.52
C LYS EA 3 7.05 -41.85 -33.31
N LEU EA 4 7.24 -40.54 -33.52
CA LEU EA 4 7.34 -39.61 -32.40
C LEU EA 4 6.09 -39.65 -31.53
N TRP EA 5 4.96 -40.00 -32.12
CA TRP EA 5 3.70 -40.02 -31.39
C TRP EA 5 3.52 -41.30 -30.60
N LYS EA 6 4.38 -42.30 -30.79
CA LYS EA 6 4.46 -43.38 -29.83
C LYS EA 6 5.14 -42.95 -28.53
N PHE EA 7 5.76 -41.79 -28.52
CA PHE EA 7 6.52 -41.31 -27.36
C PHE EA 7 6.09 -39.92 -26.90
N VAL EA 8 5.79 -39.01 -27.82
CA VAL EA 8 5.45 -37.64 -27.49
C VAL EA 8 3.98 -37.41 -27.79
N ASP EA 9 3.26 -36.80 -26.85
CA ASP EA 9 1.85 -36.52 -27.04
C ASP EA 9 1.65 -35.58 -28.22
N PHE EA 10 0.92 -36.04 -29.23
CA PHE EA 10 0.67 -35.18 -30.38
C PHE EA 10 -0.31 -34.07 -30.09
N ARG EA 11 -1.29 -34.32 -29.23
CA ARG EA 11 -2.27 -33.29 -28.92
C ARG EA 11 -1.60 -32.06 -28.32
N MET EA 12 -0.80 -32.27 -27.27
CA MET EA 12 -0.15 -31.12 -26.64
C MET EA 12 0.97 -30.57 -27.48
N THR EA 13 1.63 -31.40 -28.29
CA THR EA 13 2.63 -30.88 -29.24
C THR EA 13 1.98 -29.92 -30.23
N ALA EA 14 0.86 -30.34 -30.83
CA ALA EA 14 0.17 -29.49 -31.79
C ALA EA 14 -0.42 -28.25 -31.13
N VAL EA 15 -0.96 -28.39 -29.92
CA VAL EA 15 -1.52 -27.24 -29.21
C VAL EA 15 -0.43 -26.23 -28.88
N GLY EA 16 0.71 -26.71 -28.37
CA GLY EA 16 1.80 -25.82 -28.07
C GLY EA 16 2.38 -25.18 -29.31
N PHE EA 17 2.45 -25.94 -30.41
CA PHE EA 17 2.93 -25.36 -31.66
C PHE EA 17 1.99 -24.29 -32.18
N HIS EA 18 0.68 -24.52 -32.08
CA HIS EA 18 -0.28 -23.51 -32.54
C HIS EA 18 -0.24 -22.27 -31.66
N LEU EA 19 -0.13 -22.44 -30.34
CA LEU EA 19 0.00 -21.29 -29.46
C LEU EA 19 1.28 -20.51 -29.72
N PHE EA 20 2.40 -21.23 -29.83
CA PHE EA 20 3.67 -20.57 -30.07
C PHE EA 20 3.67 -19.88 -31.43
N PHE EA 21 3.01 -20.47 -32.42
CA PHE EA 21 2.98 -19.85 -33.74
C PHE EA 21 2.02 -18.68 -33.80
N ALA EA 22 0.95 -18.68 -33.02
CA ALA EA 22 0.15 -17.46 -32.90
C ALA EA 22 0.99 -16.35 -32.28
N LEU EA 23 1.69 -16.66 -31.19
CA LEU EA 23 2.55 -15.66 -30.56
C LEU EA 23 3.66 -15.21 -31.49
N LEU EA 24 4.23 -16.13 -32.26
CA LEU EA 24 5.33 -15.81 -33.15
C LEU EA 24 4.86 -15.05 -34.37
N ALA EA 25 3.67 -15.37 -34.88
CA ALA EA 25 3.10 -14.58 -35.97
C ALA EA 25 2.85 -13.14 -35.51
N PHE EA 26 2.32 -12.97 -34.30
CA PHE EA 26 2.20 -11.62 -33.76
C PHE EA 26 3.56 -10.96 -33.61
N ALA EA 27 4.54 -11.66 -33.05
CA ALA EA 27 5.84 -11.07 -32.81
C ALA EA 27 6.53 -10.68 -34.10
N VAL EA 28 6.42 -11.52 -35.13
CA VAL EA 28 7.09 -11.25 -36.40
C VAL EA 28 6.38 -10.15 -37.17
N HIS EA 29 5.05 -10.15 -37.15
CA HIS EA 29 4.31 -9.04 -37.74
C HIS EA 29 4.64 -7.73 -37.04
N PHE EA 30 4.81 -7.76 -35.73
CA PHE EA 30 5.21 -6.56 -35.00
C PHE EA 30 6.65 -6.17 -35.31
N ALA EA 31 7.50 -7.15 -35.60
CA ALA EA 31 8.86 -6.84 -36.05
C ALA EA 31 8.82 -6.13 -37.39
N CYS EA 32 7.95 -6.57 -38.29
CA CYS EA 32 7.81 -5.90 -39.59
C CYS EA 32 7.23 -4.50 -39.43
N ILE EA 33 6.24 -4.34 -38.54
CA ILE EA 33 5.69 -3.02 -38.26
C ILE EA 33 6.76 -2.11 -37.66
N SER EA 34 7.58 -2.65 -36.77
CA SER EA 34 8.66 -1.88 -36.17
C SER EA 34 9.66 -1.42 -37.22
N SER EA 35 9.90 -2.25 -38.22
CA SER EA 35 10.83 -1.89 -39.29
C SER EA 35 10.22 -0.80 -40.16
N GLU EA 36 10.96 0.29 -40.34
CA GLU EA 36 10.52 1.36 -41.23
C GLU EA 36 10.42 0.89 -42.67
N ARG EA 37 11.35 0.03 -43.09
CA ARG EA 37 11.33 -0.47 -44.46
C ARG EA 37 10.14 -1.41 -44.70
N PHE EA 38 9.75 -2.17 -43.69
CA PHE EA 38 8.78 -3.23 -43.84
C PHE EA 38 7.41 -2.90 -43.27
N ASN EA 39 7.23 -1.72 -42.70
CA ASN EA 39 5.93 -1.32 -42.15
C ASN EA 39 5.01 -0.98 -43.32
N TRP EA 40 4.16 -1.94 -43.69
CA TRP EA 40 3.18 -1.71 -44.74
C TRP EA 40 2.04 -0.81 -44.26
N LEU EA 41 1.81 -0.77 -42.95
CA LEU EA 41 0.77 0.11 -42.41
C LEU EA 41 1.14 1.57 -42.60
N GLU EA 42 2.40 1.93 -42.38
CA GLU EA 42 2.85 3.28 -42.67
C GLU EA 42 3.23 3.46 -44.13
N GLY EA 43 3.67 2.39 -44.79
CA GLY EA 43 3.93 2.44 -46.22
C GLY EA 43 5.09 3.32 -46.66
N ALA EA 44 6.21 3.27 -45.94
CA ALA EA 44 7.37 4.06 -46.31
C ALA EA 44 7.99 3.53 -47.60
N PRO EA 45 8.66 4.40 -48.36
CA PRO EA 45 9.33 3.94 -49.58
C PRO EA 45 10.48 3.01 -49.30
N ALA EA 46 10.81 2.20 -50.29
CA ALA EA 46 11.98 1.34 -50.23
C ALA EA 46 13.18 2.09 -50.76
N ALA EA 47 14.35 1.86 -50.14
CA ALA EA 47 15.56 2.50 -50.62
C ALA EA 47 15.87 2.10 -52.06
N GLU EA 48 15.42 0.92 -52.49
CA GLU EA 48 15.61 0.49 -53.86
C GLU EA 48 14.92 1.41 -54.86
N TYR EA 49 13.90 2.15 -54.42
CA TYR EA 49 13.28 3.15 -55.26
C TYR EA 49 14.25 4.26 -55.64
N TYR EA 50 15.11 4.65 -54.70
CA TYR EA 50 16.05 5.73 -54.94
C TYR EA 50 17.42 5.27 -55.40
N MET EA 51 17.72 3.98 -55.24
CA MET EA 51 18.97 3.43 -55.77
C MET EA 51 18.92 3.38 -57.29
N ASP EA 52 20.07 3.64 -57.91
CA ASP EA 52 20.21 3.48 -59.35
C ASP EA 52 20.82 2.14 -59.75
N GLU EA 53 21.10 1.26 -58.80
CA GLU EA 53 21.51 -0.10 -59.11
C GLU EA 53 20.94 -1.04 -58.05
N ASP EA 54 20.94 -2.32 -58.39
CA ASP EA 54 20.46 -3.35 -57.47
C ASP EA 54 21.43 -3.46 -56.29
N PRO EA 55 20.98 -3.25 -55.05
CA PRO EA 55 21.90 -3.43 -53.91
C PRO EA 55 22.39 -4.86 -53.76
N GLY EA 56 21.58 -5.84 -54.15
CA GLY EA 56 21.91 -7.22 -53.88
C GLY EA 56 21.73 -7.54 -52.41
N ILE EA 57 22.06 -8.79 -52.06
CA ILE EA 57 22.13 -9.24 -50.68
C ILE EA 57 23.51 -9.79 -50.36
N TRP EA 58 24.04 -10.66 -51.23
CA TRP EA 58 25.40 -11.15 -51.13
C TRP EA 58 26.32 -10.51 -52.15
N LYS EA 59 25.80 -9.57 -52.94
CA LYS EA 59 26.64 -8.92 -53.93
C LYS EA 59 27.70 -8.08 -53.24
N ARG EA 60 28.94 -8.18 -53.73
CA ARG EA 60 30.06 -7.47 -53.12
C ARG EA 60 30.13 -6.05 -53.67
N THR EA 61 29.15 -5.25 -53.26
CA THR EA 61 29.03 -3.88 -53.71
C THR EA 61 29.98 -2.97 -52.93
N SER EA 62 30.41 -1.90 -53.58
CA SER EA 62 31.28 -0.91 -52.98
C SER EA 62 30.75 0.49 -53.28
N TYR EA 63 31.10 1.44 -52.42
CA TYR EA 63 30.64 2.82 -52.57
C TYR EA 63 31.12 3.45 -53.86
N ILE FA 4 8.49 -44.15 -21.34
CA ILE FA 4 7.07 -44.48 -21.31
C ILE FA 4 6.42 -43.99 -22.61
N ARG FA 5 5.39 -44.70 -23.06
CA ARG FA 5 4.75 -44.42 -24.34
C ARG FA 5 3.47 -43.62 -24.15
N THR FA 6 2.88 -43.22 -25.28
CA THR FA 6 1.61 -42.53 -25.29
C THR FA 6 0.42 -43.47 -25.41
N GLY FA 7 0.67 -44.77 -25.61
CA GLY FA 7 -0.40 -45.72 -25.79
C GLY FA 7 -0.98 -45.78 -27.18
N LEU FA 8 -0.48 -44.95 -28.10
CA LEU FA 8 -1.01 -44.94 -29.46
C LEU FA 8 -0.46 -46.12 -30.24
N THR FA 9 -1.33 -46.74 -31.03
CA THR FA 9 -0.92 -47.85 -31.86
C THR FA 9 -0.14 -47.34 -33.08
N ASP FA 10 0.45 -48.29 -33.81
CA ASP FA 10 1.19 -47.92 -35.01
C ASP FA 10 0.29 -47.25 -36.03
N GLU FA 11 -0.93 -47.78 -36.22
CA GLU FA 11 -1.87 -47.18 -37.15
C GLU FA 11 -2.28 -45.79 -36.71
N GLU FA 12 -2.55 -45.61 -35.42
CA GLU FA 12 -2.92 -44.29 -34.92
C GLU FA 12 -1.78 -43.29 -35.09
N CYS FA 13 -0.55 -43.73 -34.84
CA CYS FA 13 0.60 -42.86 -35.04
C CYS FA 13 0.80 -42.54 -36.51
N GLN FA 14 0.50 -43.48 -37.42
CA GLN FA 14 0.60 -43.20 -38.84
C GLN FA 14 -0.46 -42.20 -39.29
N GLU FA 15 -1.68 -42.31 -38.76
CA GLU FA 15 -2.69 -41.31 -39.06
C GLU FA 15 -2.28 -39.94 -38.53
N ILE FA 16 -1.79 -39.90 -37.29
CA ILE FA 16 -1.31 -38.65 -36.72
C ILE FA 16 -0.18 -38.09 -37.54
N HIS FA 17 0.72 -38.95 -38.03
CA HIS FA 17 1.87 -38.47 -38.79
C HIS FA 17 1.46 -37.97 -40.15
N GLU FA 18 0.49 -38.61 -40.80
CA GLU FA 18 0.04 -38.09 -42.09
C GLU FA 18 -0.63 -36.73 -41.91
N MET FA 19 -1.44 -36.59 -40.86
CA MET FA 19 -2.02 -35.27 -40.58
C MET FA 19 -0.94 -34.26 -40.21
N ASN FA 20 0.06 -34.68 -39.44
CA ASN FA 20 1.12 -33.78 -39.01
C ASN FA 20 1.98 -33.34 -40.18
N MET FA 21 2.31 -34.27 -41.07
CA MET FA 21 3.03 -33.91 -42.28
C MET FA 21 2.21 -32.97 -43.13
N LEU FA 22 0.92 -33.24 -43.28
CA LEU FA 22 0.07 -32.34 -44.04
C LEU FA 22 0.08 -30.93 -43.44
N GLY FA 23 -0.13 -30.83 -42.13
CA GLY FA 23 -0.16 -29.52 -41.51
C GLY FA 23 1.17 -28.80 -41.57
N MET FA 24 2.25 -29.49 -41.17
CA MET FA 24 3.56 -28.88 -41.17
C MET FA 24 3.99 -28.45 -42.56
N HIS FA 25 3.79 -29.32 -43.56
CA HIS FA 25 4.28 -29.03 -44.89
C HIS FA 25 3.39 -28.05 -45.64
N ALA FA 26 2.07 -28.08 -45.42
CA ALA FA 26 1.22 -27.06 -45.99
C ALA FA 26 1.55 -25.70 -45.40
N TYR FA 27 1.77 -25.61 -44.12
CA TYR FA 27 2.14 -24.35 -43.51
C TYR FA 27 3.50 -23.94 -43.98
N TRP FA 28 4.39 -24.88 -44.11
CA TRP FA 28 5.74 -24.59 -44.56
C TRP FA 28 5.75 -24.05 -45.98
N SER FA 29 4.96 -24.64 -46.87
CA SER FA 29 4.93 -24.18 -48.26
C SER FA 29 4.20 -22.85 -48.39
N ILE FA 30 3.10 -22.66 -47.66
CA ILE FA 30 2.43 -21.37 -47.71
C ILE FA 30 3.31 -20.29 -47.10
N GLY FA 31 4.06 -20.62 -46.05
CA GLY FA 31 4.99 -19.67 -45.48
C GLY FA 31 6.16 -19.36 -46.40
N LEU FA 32 6.65 -20.36 -47.11
CA LEU FA 32 7.70 -20.10 -48.09
C LEU FA 32 7.19 -19.23 -49.23
N ILE FA 33 5.96 -19.47 -49.69
CA ILE FA 33 5.39 -18.62 -50.73
C ILE FA 33 5.17 -17.21 -50.19
N ALA FA 34 4.72 -17.09 -48.94
CA ALA FA 34 4.50 -15.79 -48.35
C ALA FA 34 5.82 -15.03 -48.19
N ASN FA 35 6.88 -15.73 -47.77
CA ASN FA 35 8.17 -15.09 -47.63
C ASN FA 35 8.79 -14.77 -48.98
N ALA FA 36 8.56 -15.60 -49.99
CA ALA FA 36 9.01 -15.27 -51.34
C ALA FA 36 8.30 -14.04 -51.86
N LEU FA 37 6.99 -13.91 -51.60
CA LEU FA 37 6.24 -12.75 -52.04
C LEU FA 37 6.69 -11.50 -51.30
N ALA FA 38 6.91 -11.60 -49.99
CA ALA FA 38 7.39 -10.46 -49.23
C ALA FA 38 8.82 -10.11 -49.58
N TYR FA 39 9.61 -11.08 -50.03
CA TYR FA 39 10.99 -10.83 -50.39
C TYR FA 39 11.08 -10.18 -51.76
N ALA FA 40 10.28 -10.65 -52.71
CA ALA FA 40 10.20 -9.98 -54.00
C ALA FA 40 9.58 -8.61 -53.86
N TRP FA 41 8.72 -8.42 -52.86
CA TRP FA 41 8.19 -7.11 -52.56
C TRP FA 41 9.29 -6.20 -52.05
N ARG FA 42 9.90 -6.57 -50.93
CA ARG FA 42 11.05 -5.89 -50.36
C ARG FA 42 12.00 -6.94 -49.78
N PRO FA 43 13.14 -7.20 -50.44
CA PRO FA 43 14.07 -8.20 -49.92
C PRO FA 43 14.47 -7.93 -48.48
N PHE FA 44 14.40 -8.97 -47.66
CA PHE FA 44 14.48 -8.81 -46.21
C PHE FA 44 15.85 -8.33 -45.78
N HIS FA 45 16.89 -8.69 -46.52
CA HIS FA 45 18.26 -8.49 -46.09
C HIS FA 45 18.90 -7.44 -46.97
N GLN FA 46 19.42 -6.39 -46.35
CA GLN FA 46 20.03 -5.30 -47.09
C GLN FA 46 21.33 -5.76 -47.73
N GLY FA 47 21.70 -5.08 -48.80
CA GLY FA 47 23.00 -5.24 -49.38
C GLY FA 47 24.04 -4.51 -48.56
N ARG FA 48 25.27 -4.54 -49.06
CA ARG FA 48 26.34 -3.81 -48.38
C ARG FA 48 26.03 -2.33 -48.30
N ALA FA 49 25.28 -1.80 -49.28
CA ALA FA 49 24.86 -0.41 -49.25
C ALA FA 49 23.81 -0.14 -48.19
N GLY FA 50 23.09 -1.15 -47.75
CA GLY FA 50 22.03 -0.97 -46.77
C GLY FA 50 20.67 -0.76 -47.40
N ASN FA 51 19.67 -0.67 -46.53
CA ASN FA 51 18.29 -0.42 -46.92
C ASN FA 51 17.75 0.89 -46.39
N ARG FA 52 18.55 1.66 -45.67
CA ARG FA 52 18.05 2.84 -44.99
C ARG FA 52 17.72 3.94 -46.00
N LEU FA 53 16.55 4.55 -45.84
CA LEU FA 53 16.15 5.63 -46.72
C LEU FA 53 17.09 6.82 -46.60
N GLU FA 54 17.65 7.04 -45.41
CA GLU FA 54 18.55 8.18 -45.21
C GLU FA 54 19.75 8.12 -46.13
N ASP FA 55 20.29 6.91 -46.37
CA ASP FA 55 21.48 6.76 -47.18
C ASP FA 55 21.20 6.77 -48.68
N HIS FA 56 19.96 6.61 -49.10
CA HIS FA 56 19.63 6.52 -50.51
C HIS FA 56 18.60 7.53 -50.97
N ALA FA 57 17.57 7.79 -50.18
CA ALA FA 57 16.58 8.78 -50.54
C ALA FA 57 17.13 10.18 -50.34
N PRO FA 58 16.58 11.17 -51.06
CA PRO FA 58 17.01 12.56 -50.84
C PRO FA 58 16.66 13.05 -49.44
N ASP FA 59 17.11 14.26 -49.10
CA ASP FA 59 16.95 14.76 -47.74
C ASP FA 59 15.48 14.95 -47.37
N TYR FA 60 14.66 15.39 -48.33
CA TYR FA 60 13.27 15.69 -48.03
C TYR FA 60 12.44 14.43 -47.78
N VAL FA 61 12.94 13.26 -48.14
CA VAL FA 61 12.22 12.01 -47.89
C VAL FA 61 12.42 11.65 -46.42
N ARG FA 62 11.37 11.81 -45.62
CA ARG FA 62 11.47 11.55 -44.20
C ARG FA 62 11.68 10.07 -43.92
N SER FA 63 12.57 9.80 -42.97
CA SER FA 63 12.85 8.43 -42.54
C SER FA 63 12.68 8.34 -41.03
N ALA FA 64 12.08 7.25 -40.58
CA ALA FA 64 11.97 6.96 -39.16
C ALA FA 64 13.19 6.24 -38.61
N LEU FA 65 14.32 6.33 -39.31
CA LEU FA 65 15.57 5.66 -38.94
C LEU FA 65 15.42 4.15 -38.90
N GLY GA 2 18.21 -10.03 -59.23
CA GLY GA 2 19.54 -10.27 -58.69
C GLY GA 2 19.57 -11.30 -57.60
N ASP GA 3 20.20 -10.96 -56.47
CA ASP GA 3 20.22 -11.88 -55.33
C ASP GA 3 18.82 -12.10 -54.77
N ALA GA 4 18.00 -11.05 -54.76
CA ALA GA 4 16.63 -11.19 -54.30
C ALA GA 4 15.85 -12.17 -55.19
N GLY GA 5 16.08 -12.10 -56.50
CA GLY GA 5 15.44 -13.06 -57.39
C GLY GA 5 15.85 -14.49 -57.08
N ILE GA 6 17.13 -14.70 -56.79
CA ILE GA 6 17.60 -16.04 -56.43
C ILE GA 6 16.93 -16.51 -55.14
N VAL GA 7 16.82 -15.62 -54.15
CA VAL GA 7 16.19 -16.01 -52.89
C VAL GA 7 14.73 -16.36 -53.11
N VAL GA 8 14.02 -15.56 -53.90
CA VAL GA 8 12.61 -15.81 -54.16
C VAL GA 8 12.43 -17.11 -54.91
N ALA GA 9 13.28 -17.37 -55.90
CA ALA GA 9 13.21 -18.63 -56.64
C ALA GA 9 13.48 -19.82 -55.74
N VAL GA 10 14.46 -19.71 -54.84
CA VAL GA 10 14.77 -20.81 -53.93
C VAL GA 10 13.61 -21.05 -52.98
N LEU GA 11 13.02 -19.99 -52.44
CA LEU GA 11 11.89 -20.15 -51.55
C LEU GA 11 10.71 -20.80 -52.26
N VAL GA 12 10.45 -20.38 -53.51
CA VAL GA 12 9.35 -20.95 -54.28
C VAL GA 12 9.62 -22.42 -54.58
N ILE GA 13 10.85 -22.77 -54.94
CA ILE GA 13 11.20 -24.16 -55.20
C ILE GA 13 11.02 -24.99 -53.94
N LEU GA 14 11.46 -24.47 -52.80
CA LEU GA 14 11.28 -25.19 -51.54
C LEU GA 14 9.81 -25.36 -51.21
N ALA GA 15 8.99 -24.34 -51.48
CA ALA GA 15 7.55 -24.45 -51.23
C ALA GA 15 6.92 -25.50 -52.14
N ILE GA 16 7.32 -25.55 -53.40
CA ILE GA 16 6.77 -26.53 -54.33
C ILE GA 16 7.18 -27.94 -53.90
N LEU GA 17 8.46 -28.12 -53.58
CA LEU GA 17 8.94 -29.44 -53.19
C LEU GA 17 8.34 -29.89 -51.88
N GLY GA 18 8.21 -28.97 -50.92
CA GLY GA 18 7.68 -29.24 -49.61
C GLY GA 18 6.19 -29.19 -49.50
N TRP GA 19 5.48 -28.96 -50.59
CA TRP GA 19 4.03 -29.04 -50.55
C TRP GA 19 3.61 -30.46 -50.24
N PRO GA 20 2.57 -30.65 -49.42
CA PRO GA 20 2.18 -32.02 -49.04
C PRO GA 20 1.99 -32.97 -50.21
N ASN GA 21 1.38 -32.52 -51.30
CA ASN GA 21 1.17 -33.39 -52.45
C ASN GA 21 2.49 -33.88 -53.05
N ILE GA 22 3.54 -33.05 -52.97
CA ILE GA 22 4.85 -33.42 -53.48
C ILE GA 22 5.76 -33.94 -52.38
N SER GA 23 5.74 -33.31 -51.21
CA SER GA 23 6.62 -33.74 -50.13
C SER GA 23 6.25 -35.14 -49.64
N SER GA 24 4.96 -35.45 -49.57
CA SER GA 24 4.52 -36.77 -49.10
C SER GA 24 4.80 -37.88 -50.10
N THR GA 25 5.19 -37.55 -51.34
CA THR GA 25 5.60 -38.59 -52.27
C THR GA 25 6.87 -39.29 -51.82
N LEU GA 26 7.61 -38.70 -50.88
CA LEU GA 26 8.81 -39.29 -50.32
C LEU GA 26 8.55 -39.94 -48.96
N ARG GA 27 7.29 -40.17 -48.63
CA ARG GA 27 6.94 -40.74 -47.33
C ARG GA 27 7.38 -42.19 -47.24
N ARG GA 28 8.08 -42.53 -46.17
CA ARG GA 28 8.48 -43.90 -45.87
C ARG GA 28 8.13 -44.19 -44.42
N TRP GA 29 7.48 -45.33 -44.19
CA TRP GA 29 7.10 -45.72 -42.84
C TRP GA 29 8.22 -46.51 -42.17
N MET HA 1 -7.68 -34.26 -42.68
CA MET HA 1 -7.45 -34.28 -41.25
C MET HA 1 -8.70 -34.58 -40.45
N TRP HA 2 -9.57 -35.42 -41.00
CA TRP HA 2 -10.76 -35.81 -40.26
C TRP HA 2 -10.42 -36.65 -39.03
N LYS HA 3 -9.24 -37.25 -39.00
CA LYS HA 3 -8.82 -38.08 -37.89
C LYS HA 3 -8.24 -37.27 -36.73
N LEU HA 4 -8.02 -35.98 -36.93
CA LEU HA 4 -7.48 -35.14 -35.86
C LEU HA 4 -8.36 -35.15 -34.63
N TRP HA 5 -9.66 -35.32 -34.82
CA TRP HA 5 -10.61 -35.32 -33.72
C TRP HA 5 -10.63 -36.64 -32.97
N LYS HA 6 -9.92 -37.66 -33.46
CA LYS HA 6 -9.66 -38.82 -32.63
C LYS HA 6 -8.60 -38.55 -31.59
N PHE HA 7 -7.85 -37.46 -31.74
CA PHE HA 7 -6.69 -37.19 -30.91
C PHE HA 7 -6.68 -35.80 -30.30
N VAL HA 8 -7.32 -34.82 -30.94
CA VAL HA 8 -7.41 -33.46 -30.43
C VAL HA 8 -8.88 -33.14 -30.25
N ASP HA 9 -9.22 -32.60 -29.08
CA ASP HA 9 -10.61 -32.24 -28.81
C ASP HA 9 -11.06 -31.16 -29.78
N PHE HA 10 -12.16 -31.42 -30.48
CA PHE HA 10 -12.64 -30.43 -31.44
C PHE HA 10 -13.30 -29.26 -30.74
N ARG HA 11 -14.00 -29.52 -29.64
CA ARG HA 11 -14.65 -28.43 -28.92
C ARG HA 11 -13.60 -27.43 -28.42
N MET HA 12 -12.53 -27.94 -27.82
CA MET HA 12 -11.45 -27.06 -27.39
C MET HA 12 -10.83 -26.32 -28.57
N THR HA 13 -10.57 -27.03 -29.66
CA THR HA 13 -9.92 -26.43 -30.82
C THR HA 13 -10.78 -25.31 -31.41
N ALA HA 14 -12.06 -25.60 -31.64
CA ALA HA 14 -12.95 -24.62 -32.25
C ALA HA 14 -13.19 -23.43 -31.32
N VAL HA 15 -13.36 -23.69 -30.02
CA VAL HA 15 -13.57 -22.59 -29.08
C VAL HA 15 -12.34 -21.70 -29.01
N GLY HA 16 -11.16 -22.32 -28.94
CA GLY HA 16 -9.93 -21.55 -28.92
C GLY HA 16 -9.73 -20.77 -30.20
N PHE HA 17 -10.07 -21.37 -31.34
CA PHE HA 17 -9.92 -20.68 -32.61
C PHE HA 17 -10.88 -19.51 -32.71
N HIS HA 18 -12.10 -19.66 -32.18
CA HIS HA 18 -13.06 -18.56 -32.22
C HIS HA 18 -12.63 -17.42 -31.30
N LEU HA 19 -12.15 -17.76 -30.10
CA LEU HA 19 -11.63 -16.73 -29.20
C LEU HA 19 -10.44 -16.02 -29.83
N PHE HA 20 -9.49 -16.80 -30.36
CA PHE HA 20 -8.31 -16.19 -30.93
C PHE HA 20 -8.62 -15.40 -32.19
N PHE HA 21 -9.62 -15.81 -32.96
CA PHE HA 21 -9.98 -15.04 -34.15
C PHE HA 21 -10.76 -13.80 -33.80
N ALA HA 22 -11.56 -13.81 -32.73
CA ALA HA 22 -12.14 -12.57 -32.25
C ALA HA 22 -11.05 -11.61 -31.81
N LEU HA 23 -10.07 -12.11 -31.06
CA LEU HA 23 -8.95 -11.28 -30.63
C LEU HA 23 -8.15 -10.77 -31.82
N LEU HA 24 -7.89 -11.64 -32.80
CA LEU HA 24 -7.09 -11.28 -33.94
C LEU HA 24 -7.83 -10.34 -34.89
N ALA HA 25 -9.15 -10.48 -35.00
CA ALA HA 25 -9.93 -9.53 -35.77
C ALA HA 25 -9.89 -8.16 -35.11
N PHE HA 26 -9.98 -8.12 -33.78
CA PHE HA 26 -9.81 -6.86 -33.07
C PHE HA 26 -8.42 -6.28 -33.32
N ALA HA 27 -7.38 -7.10 -33.24
CA ALA HA 27 -6.01 -6.64 -33.43
C ALA HA 27 -5.78 -6.15 -34.85
N VAL HA 28 -6.34 -6.85 -35.83
CA VAL HA 28 -6.13 -6.48 -37.22
C VAL HA 28 -6.91 -5.21 -37.56
N HIS HA 29 -8.15 -5.09 -37.09
CA HIS HA 29 -8.90 -3.86 -37.26
C HIS HA 29 -8.19 -2.70 -36.59
N PHE HA 30 -7.57 -2.94 -35.43
CA PHE HA 30 -6.78 -1.92 -34.78
C PHE HA 30 -5.56 -1.56 -35.60
N ALA HA 31 -4.93 -2.55 -36.24
CA ALA HA 31 -3.79 -2.28 -37.10
C ALA HA 31 -4.18 -1.41 -38.28
N CYS HA 32 -5.35 -1.67 -38.85
CA CYS HA 32 -5.85 -0.84 -39.95
C CYS HA 32 -6.17 0.57 -39.47
N ILE HA 33 -6.77 0.70 -38.29
CA ILE HA 33 -7.10 2.01 -37.75
C ILE HA 33 -5.83 2.80 -37.45
N SER HA 34 -4.80 2.13 -36.92
CA SER HA 34 -3.55 2.80 -36.63
C SER HA 34 -2.83 3.23 -37.90
N SER HA 35 -3.18 2.66 -39.04
CA SER HA 35 -2.60 3.06 -40.31
C SER HA 35 -3.40 4.22 -40.88
N GLU HA 36 -2.72 5.31 -41.21
CA GLU HA 36 -3.40 6.43 -41.84
C GLU HA 36 -3.94 6.03 -43.21
N ARG HA 37 -3.18 5.23 -43.95
CA ARG HA 37 -3.64 4.78 -45.26
C ARG HA 37 -4.89 3.94 -45.15
N PHE HA 38 -5.03 3.19 -44.06
CA PHE HA 38 -6.07 2.18 -43.94
C PHE HA 38 -7.16 2.55 -42.95
N ASN HA 39 -7.01 3.63 -42.21
CA ASN HA 39 -8.04 4.07 -41.27
C ASN HA 39 -9.22 4.59 -42.05
N TRP HA 40 -10.26 3.77 -42.18
CA TRP HA 40 -11.49 4.20 -42.83
C TRP HA 40 -12.27 5.17 -41.95
N LEU HA 41 -12.09 5.10 -40.64
CA LEU HA 41 -12.82 5.96 -39.73
C LEU HA 41 -12.40 7.41 -39.86
N GLU HA 42 -11.09 7.66 -40.01
CA GLU HA 42 -10.62 9.00 -40.27
C GLU HA 42 -10.61 9.34 -41.75
N GLY HA 43 -10.53 8.34 -42.62
CA GLY HA 43 -10.74 8.55 -44.04
C GLY HA 43 -9.69 9.39 -44.73
N ALA HA 44 -8.41 9.12 -44.45
CA ALA HA 44 -7.33 9.86 -45.10
C ALA HA 44 -7.26 9.51 -46.58
N PRO HA 45 -6.67 10.38 -47.39
CA PRO HA 45 -6.48 10.05 -48.80
C PRO HA 45 -5.48 8.92 -48.99
N ALA HA 46 -5.58 8.27 -50.14
CA ALA HA 46 -4.58 7.32 -50.57
C ALA HA 46 -3.49 8.06 -51.34
N ALA HA 47 -2.25 7.61 -51.18
CA ALA HA 47 -1.16 8.24 -51.90
C ALA HA 47 -1.31 8.06 -53.41
N GLU HA 48 -1.98 6.98 -53.84
CA GLU HA 48 -2.24 6.77 -55.25
C GLU HA 48 -3.14 7.85 -55.84
N TYR HA 49 -3.90 8.55 -55.01
CA TYR HA 49 -4.66 9.71 -55.47
C TYR HA 49 -3.73 10.78 -56.04
N TYR HA 50 -2.49 10.83 -55.55
CA TYR HA 50 -1.55 11.88 -55.91
C TYR HA 50 -0.40 11.38 -56.78
N MET HA 51 -0.44 10.13 -57.23
CA MET HA 51 0.60 9.60 -58.12
C MET HA 51 0.12 9.60 -59.55
N ASP HA 52 1.03 9.93 -60.46
CA ASP HA 52 0.75 9.87 -61.89
C ASP HA 52 0.86 8.46 -62.45
N GLU HA 53 1.44 7.53 -61.70
CA GLU HA 53 1.63 6.16 -62.16
C GLU HA 53 1.27 5.20 -61.05
N ASP HA 54 0.93 3.98 -61.43
CA ASP HA 54 0.62 2.93 -60.48
C ASP HA 54 1.89 2.56 -59.70
N PRO HA 55 1.90 2.68 -58.37
CA PRO HA 55 3.11 2.32 -57.62
C PRO HA 55 3.47 0.85 -57.74
N GLY HA 56 2.49 -0.03 -57.89
CA GLY HA 56 2.75 -1.46 -57.90
C GLY HA 56 3.04 -1.96 -56.49
N ILE HA 57 3.35 -3.25 -56.42
CA ILE HA 57 3.79 -3.87 -55.18
C ILE HA 57 5.16 -4.48 -55.42
N TRP HA 58 5.24 -5.37 -56.39
CA TRP HA 58 6.50 -5.96 -56.81
C TRP HA 58 7.11 -5.26 -58.01
N LYS HA 59 6.44 -4.24 -58.54
CA LYS HA 59 6.97 -3.52 -59.69
C LYS HA 59 8.25 -2.80 -59.29
N ARG HA 60 9.29 -2.93 -60.12
CA ARG HA 60 10.59 -2.33 -59.83
C ARG HA 60 10.57 -0.85 -60.25
N THR HA 61 9.79 -0.07 -59.51
CA THR HA 61 9.70 1.35 -59.76
C THR HA 61 10.95 2.05 -59.27
N SER HA 62 11.35 3.11 -59.98
CA SER HA 62 12.52 3.89 -59.62
C SER HA 62 12.14 5.36 -59.53
N TYR HA 63 12.88 6.10 -58.72
CA TYR HA 63 12.64 7.52 -58.53
C TYR HA 63 13.17 8.34 -59.71
N ILE IA 4 -3.48 -39.88 -25.39
CA ILE IA 4 -4.85 -40.29 -25.10
C ILE IA 4 -5.78 -39.82 -26.21
N ARG IA 5 -6.77 -40.65 -26.54
CA ARG IA 5 -7.73 -40.34 -27.58
C ARG IA 5 -8.84 -39.45 -27.03
N THR IA 6 -9.83 -39.18 -27.88
CA THR IA 6 -10.99 -38.39 -27.48
C THR IA 6 -12.25 -39.22 -27.32
N GLY IA 7 -12.23 -40.50 -27.71
CA GLY IA 7 -13.40 -41.33 -27.64
C GLY IA 7 -14.38 -41.16 -28.78
N LEU IA 8 -14.05 -40.33 -29.76
CA LEU IA 8 -14.94 -40.06 -30.88
C LEU IA 8 -14.86 -41.18 -31.90
N THR IA 9 -16.01 -41.62 -32.40
CA THR IA 9 -16.03 -42.65 -33.42
C THR IA 9 -15.55 -42.08 -34.76
N ASP IA 10 -15.34 -42.97 -35.72
CA ASP IA 10 -14.99 -42.52 -37.06
C ASP IA 10 -16.10 -41.67 -37.65
N GLU IA 11 -17.35 -42.04 -37.40
CA GLU IA 11 -18.49 -41.28 -37.90
C GLU IA 11 -18.58 -39.91 -37.25
N GLU IA 12 -18.40 -39.84 -35.93
CA GLU IA 12 -18.44 -38.56 -35.24
C GLU IA 12 -17.28 -37.68 -35.68
N CYS IA 13 -16.09 -38.26 -35.86
CA CYS IA 13 -14.96 -37.49 -36.36
C CYS IA 13 -15.21 -36.99 -37.77
N GLN IA 14 -15.86 -37.80 -38.60
CA GLN IA 14 -16.20 -37.35 -39.96
C GLN IA 14 -17.22 -36.23 -39.95
N GLU IA 15 -18.22 -36.32 -39.06
CA GLU IA 15 -19.18 -35.23 -38.93
C GLU IA 15 -18.52 -33.95 -38.47
N ILE IA 16 -17.64 -34.05 -37.47
CA ILE IA 16 -16.90 -32.89 -37.00
C ILE IA 16 -16.03 -32.33 -38.11
N HIS IA 17 -15.41 -33.21 -38.91
CA HIS IA 17 -14.57 -32.74 -39.99
C HIS IA 17 -15.39 -32.07 -41.08
N GLU IA 18 -16.57 -32.58 -41.37
CA GLU IA 18 -17.43 -31.91 -42.34
C GLU IA 18 -17.77 -30.50 -41.87
N MET IA 19 -18.20 -30.37 -40.61
CA MET IA 19 -18.50 -29.05 -40.07
C MET IA 19 -17.26 -28.17 -40.02
N ASN IA 20 -16.12 -28.76 -39.67
CA ASN IA 20 -14.88 -28.00 -39.55
C ASN IA 20 -14.40 -27.52 -40.91
N MET IA 21 -14.46 -28.37 -41.92
CA MET IA 21 -14.12 -27.95 -43.27
C MET IA 21 -15.06 -26.85 -43.73
N LEU IA 22 -16.36 -27.02 -43.49
CA LEU IA 22 -17.31 -26.01 -43.94
C LEU IA 22 -17.04 -24.68 -43.27
N GLY IA 23 -16.87 -24.68 -41.95
CA GLY IA 23 -16.64 -23.42 -41.25
C GLY IA 23 -15.32 -22.78 -41.61
N MET IA 24 -14.24 -23.57 -41.59
CA MET IA 24 -12.92 -23.04 -41.90
C MET IA 24 -12.87 -22.50 -43.33
N HIS IA 25 -13.40 -23.25 -44.29
CA HIS IA 25 -13.30 -22.83 -45.67
C HIS IA 25 -14.29 -21.74 -46.02
N ALA IA 26 -15.45 -21.70 -45.38
CA ALA IA 26 -16.36 -20.58 -45.56
C ALA IA 26 -15.75 -19.30 -45.02
N TYR IA 27 -15.18 -19.32 -43.85
CA TYR IA 27 -14.52 -18.17 -43.35
C TYR IA 27 -13.38 -17.81 -44.24
N TRP IA 28 -12.60 -18.80 -44.61
CA TRP IA 28 -11.43 -18.56 -45.45
C TRP IA 28 -11.81 -17.87 -46.75
N SER IA 29 -12.90 -18.31 -47.39
CA SER IA 29 -13.31 -17.70 -48.65
C SER IA 29 -13.91 -16.32 -48.43
N ILE IA 30 -14.72 -16.14 -47.38
CA ILE IA 30 -15.24 -14.81 -47.09
C ILE IA 30 -14.11 -13.86 -46.74
N GLY IA 31 -13.10 -14.35 -46.02
CA GLY IA 31 -11.94 -13.53 -45.71
C GLY IA 31 -11.11 -13.20 -46.93
N LEU IA 32 -11.01 -14.14 -47.86
CA LEU IA 32 -10.29 -13.87 -49.11
C LEU IA 32 -11.03 -12.84 -49.94
N ILE IA 33 -12.36 -12.94 -50.02
CA ILE IA 33 -13.14 -11.91 -50.70
C ILE IA 33 -12.97 -10.56 -50.01
N ALA IA 34 -13.03 -10.56 -48.67
CA ALA IA 34 -12.89 -9.32 -47.92
C ALA IA 34 -11.52 -8.69 -48.13
N ASN IA 35 -10.47 -9.52 -48.14
CA ASN IA 35 -9.12 -9.02 -48.34
C ASN IA 35 -8.89 -8.58 -49.78
N ALA IA 36 -9.51 -9.26 -50.74
CA ALA IA 36 -9.46 -8.79 -52.12
C ALA IA 36 -10.16 -7.44 -52.27
N LEU IA 37 -11.31 -7.29 -51.61
CA LEU IA 37 -12.03 -6.01 -51.66
C LEU IA 37 -11.21 -4.90 -51.02
N ALA IA 38 -10.64 -5.15 -49.84
CA ALA IA 38 -9.84 -4.13 -49.18
C ALA IA 38 -8.54 -3.87 -49.91
N TYR IA 39 -8.03 -4.86 -50.66
CA TYR IA 39 -6.80 -4.68 -51.41
C TYR IA 39 -7.05 -3.87 -52.66
N ALA IA 40 -8.19 -4.10 -53.32
CA ALA IA 40 -8.56 -3.28 -54.46
C ALA IA 40 -8.91 -1.87 -54.01
N TRP IA 41 -9.51 -1.73 -52.83
CA TRP IA 41 -9.77 -0.43 -52.27
C TRP IA 41 -8.48 0.33 -52.01
N ARG IA 42 -7.57 -0.29 -51.28
CA ARG IA 42 -6.24 0.24 -51.02
C ARG IA 42 -5.27 -0.93 -50.91
N PRO IA 43 -4.40 -1.13 -51.90
CA PRO IA 43 -3.45 -2.24 -51.83
C PRO IA 43 -2.64 -2.21 -50.54
N PHE IA 44 -2.55 -3.38 -49.91
CA PHE IA 44 -2.00 -3.45 -48.56
C PHE IA 44 -0.53 -3.14 -48.54
N HIS IA 45 0.17 -3.43 -49.63
CA HIS IA 45 1.63 -3.42 -49.65
C HIS IA 45 2.09 -2.32 -50.58
N GLN IA 46 2.86 -1.38 -50.06
CA GLN IA 46 3.30 -0.25 -50.84
C GLN IA 46 4.33 -0.68 -51.88
N GLY IA 47 4.39 0.08 -52.96
CA GLY IA 47 5.44 -0.07 -53.93
C GLY IA 47 6.72 0.56 -53.42
N ARG IA 48 7.75 0.48 -54.25
CA ARG IA 48 9.04 1.06 -53.88
C ARG IA 48 8.91 2.55 -53.60
N ALA IA 49 7.98 3.23 -54.27
CA ALA IA 49 7.69 4.63 -53.98
C ALA IA 49 6.98 4.82 -52.65
N GLY IA 50 6.47 3.75 -52.04
CA GLY IA 50 5.70 3.88 -50.83
C GLY IA 50 4.30 4.37 -51.11
N ASN IA 51 3.52 4.47 -50.04
CA ASN IA 51 2.20 5.09 -50.15
C ASN IA 51 1.97 6.05 -48.99
N ARG IA 52 3.03 6.72 -48.54
CA ARG IA 52 2.89 7.77 -47.56
C ARG IA 52 2.41 9.05 -48.22
N LEU IA 53 1.45 9.72 -47.58
CA LEU IA 53 0.93 10.97 -48.14
C LEU IA 53 2.02 12.03 -48.22
N GLU IA 54 2.91 12.10 -47.23
CA GLU IA 54 3.95 13.11 -47.22
C GLU IA 54 4.90 12.98 -48.41
N ASP IA 55 4.94 11.81 -49.06
CA ASP IA 55 5.84 11.59 -50.17
C ASP IA 55 5.20 11.82 -51.52
N HIS IA 56 3.87 11.81 -51.61
CA HIS IA 56 3.17 11.96 -52.86
C HIS IA 56 2.17 13.10 -52.86
N ALA IA 57 1.48 13.31 -51.75
CA ALA IA 57 0.52 14.40 -51.66
C ALA IA 57 1.25 15.74 -51.52
N PRO IA 58 0.61 16.83 -51.92
CA PRO IA 58 1.20 18.16 -51.69
C PRO IA 58 1.35 18.46 -50.21
N ASP IA 59 2.00 19.59 -49.93
CA ASP IA 59 2.29 19.96 -48.54
C ASP IA 59 1.02 20.24 -47.76
N TYR IA 60 0.00 20.82 -48.40
CA TYR IA 60 -1.22 21.16 -47.68
C TYR IA 60 -2.04 19.95 -47.28
N VAL IA 61 -1.74 18.77 -47.83
CA VAL IA 61 -2.43 17.55 -47.42
C VAL IA 61 -1.81 17.06 -46.12
N ARG IA 62 -2.62 17.00 -45.07
CA ARG IA 62 -2.14 16.60 -43.76
C ARG IA 62 -1.93 15.10 -43.71
N SER IA 63 -0.77 14.70 -43.18
CA SER IA 63 -0.44 13.29 -42.97
C SER IA 63 -0.16 13.08 -41.50
N ALA IA 64 -0.76 12.04 -40.93
CA ALA IA 64 -0.57 11.74 -39.51
C ALA IA 64 0.82 11.22 -39.20
N LEU IA 65 1.64 10.92 -40.20
CA LEU IA 65 2.94 10.34 -39.99
C LEU IA 65 4.01 11.42 -39.77
N GLY JA 2 -2.44 -3.06 -61.58
CA GLY JA 2 -1.38 -3.90 -62.10
C GLY JA 2 -1.04 -5.04 -61.17
N ASP JA 3 -0.07 -4.82 -60.28
CA ASP JA 3 0.25 -5.81 -59.26
C ASP JA 3 -0.92 -6.02 -58.31
N ALA JA 4 -1.59 -4.92 -57.96
CA ALA JA 4 -2.75 -5.00 -57.08
C ALA JA 4 -3.87 -5.80 -57.72
N GLY JA 5 -4.09 -5.61 -59.02
CA GLY JA 5 -5.11 -6.39 -59.71
C GLY JA 5 -4.81 -7.86 -59.71
N ILE JA 6 -3.54 -8.22 -59.89
CA ILE JA 6 -3.14 -9.62 -59.82
C ILE JA 6 -3.39 -10.18 -58.42
N VAL JA 7 -3.05 -9.41 -57.38
CA VAL JA 7 -3.29 -9.88 -56.02
C VAL JA 7 -4.77 -10.09 -55.77
N VAL JA 8 -5.60 -9.13 -56.20
CA VAL JA 8 -7.04 -9.23 -55.99
C VAL JA 8 -7.61 -10.43 -56.72
N ALA JA 9 -7.18 -10.64 -57.97
CA ALA JA 9 -7.66 -11.79 -58.74
C ALA JA 9 -7.24 -13.09 -58.08
N VAL JA 10 -6.00 -13.16 -57.58
CA VAL JA 10 -5.55 -14.38 -56.92
C VAL JA 10 -6.35 -14.64 -55.66
N LEU JA 11 -6.63 -13.60 -54.88
CA LEU JA 11 -7.43 -13.77 -53.67
C LEU JA 11 -8.84 -14.23 -54.01
N VAL JA 12 -9.43 -13.67 -55.07
CA VAL JA 12 -10.77 -14.09 -55.48
C VAL JA 12 -10.77 -15.53 -55.95
N ILE JA 13 -9.76 -15.93 -56.72
CA ILE JA 13 -9.68 -17.31 -57.19
C ILE JA 13 -9.48 -18.26 -56.02
N LEU JA 14 -8.68 -17.85 -55.03
CA LEU JA 14 -8.50 -18.68 -53.84
C LEU JA 14 -9.79 -18.81 -53.07
N ALA JA 15 -10.59 -17.74 -53.00
CA ALA JA 15 -11.88 -17.82 -52.33
C ALA JA 15 -12.85 -18.73 -53.08
N ILE JA 16 -12.81 -18.68 -54.42
CA ILE JA 16 -13.70 -19.51 -55.21
C ILE JA 16 -13.33 -20.98 -55.08
N LEU JA 17 -12.03 -21.29 -55.20
CA LEU JA 17 -11.59 -22.67 -55.11
C LEU JA 17 -11.71 -23.20 -53.69
N GLY JA 18 -11.50 -22.35 -52.70
CA GLY JA 18 -11.59 -22.72 -51.31
C GLY JA 18 -12.96 -22.62 -50.70
N TRP JA 19 -13.96 -22.23 -51.48
CA TRP JA 19 -15.31 -22.22 -50.98
C TRP JA 19 -15.76 -23.65 -50.69
N PRO JA 20 -16.49 -23.88 -49.60
CA PRO JA 20 -16.84 -25.26 -49.23
C PRO JA 20 -17.51 -26.06 -50.34
N ASN JA 21 -18.39 -25.46 -51.13
CA ASN JA 21 -19.00 -26.18 -52.24
C ASN JA 21 -17.99 -26.59 -53.29
N ILE JA 22 -16.84 -25.93 -53.34
CA ILE JA 22 -15.79 -26.26 -54.29
C ILE JA 22 -14.68 -27.08 -53.64
N SER JA 23 -14.20 -26.64 -52.48
CA SER JA 23 -13.09 -27.33 -51.83
C SER JA 23 -13.53 -28.66 -51.24
N SER JA 24 -14.82 -28.85 -50.98
CA SER JA 24 -15.32 -30.11 -50.45
C SER JA 24 -15.48 -31.17 -51.52
N THR JA 25 -15.49 -30.78 -52.81
CA THR JA 25 -15.49 -31.77 -53.87
C THR JA 25 -14.17 -32.51 -53.96
N LEU JA 26 -13.14 -32.02 -53.25
CA LEU JA 26 -11.85 -32.68 -53.16
C LEU JA 26 -11.71 -33.50 -51.89
N ARG JA 27 -12.81 -33.71 -51.16
CA ARG JA 27 -12.76 -34.42 -49.90
C ARG JA 27 -12.50 -35.90 -50.12
N ARG JA 28 -11.53 -36.44 -49.40
CA ARG JA 28 -11.23 -37.86 -49.40
C ARG JA 28 -11.22 -38.36 -47.97
N TRP JA 29 -11.89 -39.48 -47.71
CA TRP JA 29 -11.93 -40.05 -46.37
C TRP JA 29 -10.81 -41.05 -46.17
N MET KA 1 -24.57 -27.43 -40.00
CA MET KA 1 -23.86 -27.66 -38.76
C MET KA 1 -24.78 -27.94 -37.58
N TRP KA 2 -25.84 -28.70 -37.82
CA TRP KA 2 -26.71 -29.09 -36.72
C TRP KA 2 -26.04 -30.09 -35.79
N LYS KA 3 -24.99 -30.77 -36.26
CA LYS KA 3 -24.28 -31.73 -35.44
C LYS KA 3 -23.28 -31.06 -34.49
N LEU KA 4 -23.06 -29.75 -34.63
CA LEU KA 4 -22.10 -29.07 -33.77
C LEU KA 4 -22.49 -29.19 -32.30
N TRP KA 5 -23.80 -29.18 -32.03
CA TRP KA 5 -24.29 -29.27 -30.67
C TRP KA 5 -24.15 -30.67 -30.07
N LYS KA 6 -23.83 -31.66 -30.90
CA LYS KA 6 -23.39 -32.94 -30.34
C LYS KA 6 -22.06 -32.80 -29.62
N PHE KA 7 -21.28 -31.77 -29.91
CA PHE KA 7 -19.94 -31.63 -29.38
C PHE KA 7 -19.69 -30.29 -28.69
N VAL KA 8 -20.25 -29.21 -29.21
CA VAL KA 8 -20.06 -27.88 -28.66
C VAL KA 8 -21.35 -27.47 -27.97
N ASP KA 9 -21.23 -27.01 -26.73
CA ASP KA 9 -22.42 -26.66 -25.96
C ASP KA 9 -23.10 -25.44 -26.58
N PHE KA 10 -24.37 -25.58 -26.92
CA PHE KA 10 -25.08 -24.48 -27.57
C PHE KA 10 -25.34 -23.35 -26.60
N ARG KA 11 -25.69 -23.66 -25.35
CA ARG KA 11 -26.00 -22.60 -24.40
C ARG KA 11 -24.76 -21.76 -24.13
N MET KA 12 -23.62 -22.42 -23.94
CA MET KA 12 -22.36 -21.69 -23.76
C MET KA 12 -22.03 -20.86 -24.99
N THR KA 13 -22.20 -21.43 -26.18
CA THR KA 13 -21.89 -20.70 -27.40
C THR KA 13 -22.79 -19.48 -27.56
N ALA KA 14 -24.09 -19.65 -27.33
CA ALA KA 14 -25.03 -18.55 -27.52
C ALA KA 14 -24.85 -17.47 -26.46
N VAL KA 15 -24.60 -17.84 -25.21
CA VAL KA 15 -24.37 -16.84 -24.18
C VAL KA 15 -23.09 -16.08 -24.47
N GLY KA 16 -22.03 -16.79 -24.86
CA GLY KA 16 -20.79 -16.11 -25.21
C GLY KA 16 -20.96 -15.19 -26.41
N PHE KA 17 -21.68 -15.66 -27.43
CA PHE KA 17 -21.93 -14.83 -28.60
C PHE KA 17 -22.72 -13.59 -28.23
N HIS KA 18 -23.69 -13.73 -27.33
CA HIS KA 18 -24.51 -12.57 -26.97
C HIS KA 18 -23.72 -11.56 -26.14
N LEU KA 19 -22.92 -12.03 -25.18
CA LEU KA 19 -22.08 -11.11 -24.41
C LEU KA 19 -21.06 -10.43 -25.33
N PHE KA 20 -20.41 -11.22 -26.18
CA PHE KA 20 -19.43 -10.69 -27.11
C PHE KA 20 -20.06 -9.69 -28.06
N PHE KA 21 -21.28 -9.96 -28.54
CA PHE KA 21 -21.92 -9.07 -29.49
C PHE KA 21 -22.45 -7.82 -28.83
N ALA KA 22 -22.89 -7.90 -27.57
CA ALA KA 22 -23.26 -6.69 -26.85
C ALA KA 22 -22.05 -5.77 -26.71
N LEU KA 23 -20.95 -6.31 -26.20
CA LEU KA 23 -19.78 -5.47 -25.99
C LEU KA 23 -19.13 -5.06 -27.31
N LEU KA 24 -19.29 -5.87 -28.36
CA LEU KA 24 -18.77 -5.51 -29.67
C LEU KA 24 -19.65 -4.49 -30.37
N ALA KA 25 -20.96 -4.52 -30.14
CA ALA KA 25 -21.82 -3.45 -30.61
C ALA KA 25 -21.43 -2.14 -29.94
N PHE KA 26 -21.12 -2.20 -28.65
CA PHE KA 26 -20.58 -1.03 -27.98
C PHE KA 26 -19.28 -0.58 -28.64
N ALA KA 27 -18.38 -1.51 -28.93
CA ALA KA 27 -17.10 -1.17 -29.54
C ALA KA 27 -17.28 -0.53 -30.92
N VAL KA 28 -18.20 -1.06 -31.71
CA VAL KA 28 -18.39 -0.57 -33.07
C VAL KA 28 -19.10 0.78 -33.06
N HIS KA 29 -20.07 0.96 -32.17
CA HIS KA 29 -20.69 2.27 -32.02
C HIS KA 29 -19.67 3.29 -31.55
N PHE KA 30 -18.73 2.87 -30.68
CA PHE KA 30 -17.63 3.76 -30.31
C PHE KA 30 -16.70 4.03 -31.47
N ALA KA 31 -16.53 3.06 -32.37
CA ALA KA 31 -15.73 3.32 -33.58
C ALA KA 31 -16.40 4.39 -34.44
N CYS KA 32 -17.72 4.33 -34.54
CA CYS KA 32 -18.46 5.37 -35.25
C CYS KA 32 -18.34 6.72 -34.56
N ILE KA 33 -18.45 6.73 -33.23
CA ILE KA 33 -18.37 7.98 -32.47
C ILE KA 33 -16.97 8.59 -32.60
N SER KA 34 -15.94 7.75 -32.59
CA SER KA 34 -14.57 8.24 -32.75
C SER KA 34 -14.33 8.86 -34.13
N SER KA 35 -15.18 8.53 -35.10
CA SER KA 35 -15.02 9.03 -36.46
C SER KA 35 -15.77 10.35 -36.61
N GLU KA 36 -15.07 11.39 -37.08
CA GLU KA 36 -15.75 12.64 -37.40
C GLU KA 36 -16.79 12.42 -38.48
N ARG KA 37 -16.47 11.61 -39.49
CA ARG KA 37 -17.40 11.34 -40.57
C ARG KA 37 -18.64 10.61 -40.08
N PHE KA 38 -18.48 9.73 -39.10
CA PHE KA 38 -19.52 8.80 -38.73
C PHE KA 38 -20.18 9.12 -37.40
N ASN KA 39 -19.68 10.12 -36.67
CA ASN KA 39 -20.30 10.47 -35.39
C ASN KA 39 -21.61 11.18 -35.66
N TRP KA 40 -22.70 10.42 -35.59
CA TRP KA 40 -24.03 11.02 -35.68
C TRP KA 40 -24.33 11.89 -34.46
N LEU KA 41 -23.69 11.60 -33.32
CA LEU KA 41 -23.93 12.38 -32.11
C LEU KA 41 -23.46 13.82 -32.28
N GLU KA 42 -22.32 14.03 -32.95
CA GLU KA 42 -21.85 15.37 -33.23
C GLU KA 42 -22.28 15.89 -34.60
N GLY KA 43 -22.61 15.00 -35.54
CA GLY KA 43 -23.22 15.40 -36.78
C GLY KA 43 -22.37 16.26 -37.71
N ALA KA 44 -21.10 15.88 -37.87
CA ALA KA 44 -20.22 16.61 -38.77
C ALA KA 44 -20.63 16.39 -40.23
N PRO KA 45 -20.28 17.31 -41.12
CA PRO KA 45 -20.56 17.09 -42.54
C PRO KA 45 -19.72 15.97 -43.12
N ALA KA 46 -20.21 15.42 -44.23
CA ALA KA 46 -19.45 14.48 -45.01
C ALA KA 46 -18.65 15.22 -46.07
N ALA KA 47 -17.46 14.70 -46.38
CA ALA KA 47 -16.65 15.33 -47.42
C ALA KA 47 -17.33 15.28 -48.77
N GLU KA 48 -18.27 14.36 -48.98
CA GLU KA 48 -19.04 14.32 -50.21
C GLU KA 48 -19.91 15.55 -50.40
N TYR KA 49 -20.25 16.24 -49.30
CA TYR KA 49 -20.99 17.48 -49.41
C TYR KA 49 -20.21 18.53 -50.18
N TYR KA 50 -18.91 18.61 -49.92
CA TYR KA 50 -18.05 19.61 -50.53
C TYR KA 50 -17.29 19.07 -51.75
N MET KA 51 -17.60 17.86 -52.18
CA MET KA 51 -16.96 17.25 -53.33
C MET KA 51 -17.86 17.44 -54.55
N ASP KA 52 -17.24 17.80 -55.67
CA ASP KA 52 -17.97 17.99 -56.92
C ASP KA 52 -18.13 16.70 -57.72
N GLU KA 53 -17.56 15.60 -57.25
CA GLU KA 53 -17.71 14.31 -57.92
C GLU KA 53 -17.74 13.20 -56.88
N ASP KA 54 -18.22 12.05 -57.30
CA ASP KA 54 -18.30 10.90 -56.41
C ASP KA 54 -16.91 10.40 -56.06
N PRO KA 55 -16.53 10.35 -54.79
CA PRO KA 55 -15.19 9.85 -54.45
C PRO KA 55 -14.98 8.40 -54.81
N GLY KA 56 -16.03 7.59 -54.76
CA GLY KA 56 -15.88 6.17 -55.01
C GLY KA 56 -15.26 5.47 -53.82
N ILE KA 57 -15.05 4.17 -53.98
CA ILE KA 57 -14.35 3.37 -52.98
C ILE KA 57 -13.19 2.66 -53.67
N TRP KA 58 -13.50 1.91 -54.72
CA TRP KA 58 -12.49 1.26 -55.55
C TRP KA 58 -12.18 2.05 -56.80
N LYS KA 59 -12.87 3.16 -57.03
CA LYS KA 59 -12.66 3.95 -58.23
C LYS KA 59 -11.28 4.62 -58.17
N ARG KA 60 -10.50 4.42 -59.23
CA ARG KA 60 -9.14 4.94 -59.27
C ARG KA 60 -9.13 6.43 -59.60
N THR KA 61 -9.39 7.25 -58.60
CA THR KA 61 -9.41 8.70 -58.79
C THR KA 61 -8.01 9.27 -58.62
N SER KA 62 -7.75 10.39 -59.29
CA SER KA 62 -6.46 11.06 -59.23
C SER KA 62 -6.66 12.54 -58.99
N TYR KA 63 -5.65 13.15 -58.37
CA TYR KA 63 -5.70 14.58 -58.06
C TYR KA 63 -5.40 15.43 -59.29
N ILE LA 4 -15.65 -34.93 -26.02
CA ILE LA 4 -16.78 -35.51 -25.32
C ILE LA 4 -18.08 -34.93 -25.89
N ARG LA 5 -19.07 -35.80 -26.05
CA ARG LA 5 -20.38 -35.36 -26.53
C ARG LA 5 -21.09 -34.50 -25.49
N THR LA 6 -21.92 -33.59 -25.99
CA THR LA 6 -22.69 -32.72 -25.13
C THR LA 6 -23.86 -33.46 -24.53
N GLY LA 7 -24.30 -34.50 -25.19
CA GLY LA 7 -25.40 -35.30 -24.73
C GLY LA 7 -26.71 -35.06 -25.46
N LEU LA 8 -26.81 -34.01 -26.25
CA LEU LA 8 -28.05 -33.73 -26.98
C LEU LA 8 -28.30 -34.80 -28.02
N THR LA 9 -29.56 -35.22 -28.12
CA THR LA 9 -29.95 -36.15 -29.17
C THR LA 9 -29.90 -35.46 -30.53
N ASP LA 10 -30.08 -36.25 -31.59
CA ASP LA 10 -30.12 -35.69 -32.92
C ASP LA 10 -31.27 -34.70 -33.05
N GLU LA 11 -32.44 -35.04 -32.51
CA GLU LA 11 -33.59 -34.14 -32.58
C GLU LA 11 -33.35 -32.86 -31.81
N GLU LA 12 -32.76 -32.95 -30.63
CA GLU LA 12 -32.43 -31.76 -29.86
C GLU LA 12 -31.43 -30.88 -30.60
N CYS LA 13 -30.43 -31.51 -31.21
CA CYS LA 13 -29.46 -30.75 -32.01
C CYS LA 13 -30.13 -30.10 -33.20
N GLN LA 14 -31.08 -30.78 -33.84
CA GLN LA 14 -31.79 -30.21 -34.98
C GLN LA 14 -32.64 -29.02 -34.57
N GLU LA 15 -33.33 -29.10 -33.44
CA GLU LA 15 -34.15 -27.96 -33.02
C GLU LA 15 -33.27 -26.80 -32.54
N ILE LA 16 -32.15 -27.12 -31.88
CA ILE LA 16 -31.18 -26.09 -31.53
C ILE LA 16 -30.65 -25.42 -32.78
N HIS LA 17 -30.38 -26.20 -33.82
CA HIS LA 17 -29.85 -25.65 -35.06
C HIS LA 17 -30.89 -24.82 -35.78
N GLU LA 18 -32.16 -25.21 -35.73
CA GLU LA 18 -33.21 -24.38 -36.29
C GLU LA 18 -33.24 -23.02 -35.60
N MET LA 19 -33.20 -23.03 -34.26
CA MET LA 19 -33.17 -21.76 -33.54
C MET LA 19 -31.90 -20.98 -33.84
N ASN LA 20 -30.77 -21.67 -33.97
CA ASN LA 20 -29.51 -21.00 -34.24
C ASN LA 20 -29.49 -20.40 -35.64
N MET LA 21 -29.98 -21.12 -36.63
CA MET LA 21 -30.06 -20.57 -37.97
C MET LA 21 -30.99 -19.36 -37.99
N LEU LA 22 -32.12 -19.46 -37.29
CA LEU LA 22 -33.02 -18.32 -37.23
C LEU LA 22 -32.32 -17.12 -36.60
N GLY LA 23 -31.67 -17.32 -35.45
CA GLY LA 23 -31.03 -16.21 -34.77
C GLY LA 23 -29.89 -15.61 -35.57
N MET LA 24 -28.95 -16.46 -36.01
CA MET LA 24 -27.81 -15.95 -36.74
C MET LA 24 -28.22 -15.28 -38.04
N HIS LA 25 -29.14 -15.89 -38.79
CA HIS LA 25 -29.47 -15.33 -40.09
C HIS LA 25 -30.38 -14.13 -39.98
N ALA LA 26 -31.28 -14.08 -38.99
CA ALA LA 26 -32.06 -12.88 -38.78
C ALA LA 26 -31.18 -11.72 -38.34
N TYR LA 27 -30.26 -11.98 -37.39
CA TYR LA 27 -29.33 -10.93 -36.99
C TYR LA 27 -28.45 -10.52 -38.15
N TRP LA 28 -28.02 -11.49 -38.96
CA TRP LA 28 -27.17 -11.23 -40.10
C TRP LA 28 -27.87 -10.36 -41.13
N SER LA 29 -29.13 -10.65 -41.42
CA SER LA 29 -29.87 -9.87 -42.41
C SER LA 29 -30.23 -8.48 -41.89
N ILE LA 30 -30.63 -8.38 -40.62
CA ILE LA 30 -30.93 -7.07 -40.06
C ILE LA 30 -29.65 -6.23 -40.01
N GLY LA 31 -28.53 -6.84 -39.64
CA GLY LA 31 -27.28 -6.13 -39.63
C GLY LA 31 -26.81 -5.74 -41.01
N LEU LA 32 -27.07 -6.58 -42.01
CA LEU LA 32 -26.72 -6.25 -43.38
C LEU LA 32 -27.55 -5.08 -43.88
N ILE LA 33 -28.85 -5.06 -43.56
CA ILE LA 33 -29.69 -3.92 -43.92
C ILE LA 33 -29.22 -2.67 -43.20
N ALA LA 34 -28.86 -2.80 -41.94
CA ALA LA 34 -28.35 -1.66 -41.18
C ALA LA 34 -27.05 -1.13 -41.76
N ASN LA 35 -26.15 -2.03 -42.17
CA ASN LA 35 -24.90 -1.61 -42.77
C ASN LA 35 -25.12 -1.02 -44.15
N ALA LA 36 -26.10 -1.54 -44.89
CA ALA LA 36 -26.45 -0.95 -46.17
C ALA LA 36 -27.02 0.45 -45.99
N LEU LA 37 -27.86 0.64 -44.98
CA LEU LA 37 -28.41 1.97 -44.69
C LEU LA 37 -27.32 2.93 -44.26
N ALA LA 38 -26.43 2.49 -43.38
CA ALA LA 38 -25.33 3.35 -42.95
C ALA LA 38 -24.35 3.62 -44.08
N TYR LA 39 -24.22 2.69 -45.03
CA TYR LA 39 -23.31 2.89 -46.15
C TYR LA 39 -23.90 3.85 -47.17
N ALA LA 40 -25.20 3.73 -47.42
CA ALA LA 40 -25.88 4.68 -48.30
C ALA LA 40 -25.92 6.06 -47.66
N TRP LA 41 -26.05 6.11 -46.33
CA TRP LA 41 -25.99 7.37 -45.62
C TRP LA 41 -24.61 8.00 -45.74
N ARG LA 42 -23.58 7.24 -45.39
CA ARG LA 42 -22.19 7.64 -45.55
C ARG LA 42 -21.34 6.40 -45.80
N PRO LA 43 -20.86 6.21 -47.03
CA PRO LA 43 -20.04 5.02 -47.32
C PRO LA 43 -18.83 4.94 -46.40
N PHE LA 44 -18.57 3.72 -45.94
CA PHE LA 44 -17.62 3.52 -44.84
C PHE LA 44 -16.18 3.72 -45.27
N HIS LA 45 -15.90 3.54 -46.55
CA HIS LA 45 -14.54 3.51 -47.06
C HIS LA 45 -14.31 4.69 -47.98
N GLN LA 46 -13.21 5.40 -47.77
CA GLN LA 46 -13.10 6.80 -48.16
C GLN LA 46 -12.89 6.98 -49.66
N GLY LA 47 -12.25 6.06 -50.33
CA GLY LA 47 -11.82 6.31 -51.69
C GLY LA 47 -10.50 7.04 -51.70
N ARG LA 48 -9.89 7.09 -52.88
CA ARG LA 48 -8.51 7.56 -52.99
C ARG LA 48 -8.39 9.03 -52.57
N ALA LA 49 -9.38 9.85 -52.92
CA ALA LA 49 -9.37 11.24 -52.47
C ALA LA 49 -9.52 11.35 -50.97
N GLY LA 50 -9.97 10.31 -50.29
CA GLY LA 50 -10.28 10.39 -48.88
C GLY LA 50 -11.64 11.02 -48.68
N ASN LA 51 -12.04 11.08 -47.41
CA ASN LA 51 -13.25 11.80 -47.05
C ASN LA 51 -13.03 12.72 -45.85
N ARG LA 52 -11.79 13.13 -45.61
CA ARG LA 52 -11.50 14.08 -44.56
C ARG LA 52 -12.03 15.46 -44.95
N LEU LA 53 -12.68 16.13 -43.98
CA LEU LA 53 -13.21 17.46 -44.26
C LEU LA 53 -12.11 18.45 -44.60
N GLU LA 54 -10.94 18.31 -43.97
CA GLU LA 54 -9.84 19.22 -44.25
C GLU LA 54 -9.37 19.14 -45.70
N ASP LA 55 -9.58 18.00 -46.35
CA ASP LA 55 -9.15 17.84 -47.73
C ASP LA 55 -10.21 18.26 -48.73
N HIS LA 56 -11.44 18.45 -48.31
CA HIS LA 56 -12.52 18.75 -49.25
C HIS LA 56 -13.33 19.98 -48.86
N ALA LA 57 -13.58 20.19 -47.58
CA ALA LA 57 -14.38 21.32 -47.13
C ALA LA 57 -13.56 22.60 -47.16
N PRO LA 58 -14.22 23.76 -47.24
CA PRO LA 58 -13.49 25.03 -47.16
C PRO LA 58 -12.81 25.18 -45.81
N ASP LA 59 -11.92 26.18 -45.75
CA ASP LA 59 -11.09 26.38 -44.56
C ASP LA 59 -11.91 26.71 -43.33
N TYR LA 60 -13.11 27.27 -43.51
CA TYR LA 60 -13.94 27.65 -42.38
C TYR LA 60 -14.76 26.49 -41.82
N VAL LA 61 -14.77 25.34 -42.48
CA VAL LA 61 -15.44 24.16 -41.94
C VAL LA 61 -14.50 23.49 -40.95
N ARG LA 62 -14.85 23.54 -39.67
CA ARG LA 62 -14.00 22.94 -38.65
C ARG LA 62 -13.96 21.43 -38.80
N SER LA 63 -12.77 20.87 -38.69
CA SER LA 63 -12.57 19.44 -38.74
C SER LA 63 -11.89 18.99 -37.46
N ALA LA 64 -12.40 17.90 -36.87
CA ALA LA 64 -11.84 17.39 -35.63
C ALA LA 64 -10.44 16.80 -35.84
N LEU LA 65 -10.01 16.61 -37.07
CA LEU LA 65 -8.72 16.01 -37.38
C LEU LA 65 -7.62 17.06 -37.42
N GLY MA 2 -21.96 5.49 -57.13
CA GLY MA 2 -21.42 4.41 -57.94
C GLY MA 2 -21.02 3.19 -57.14
N ASP MA 3 -19.78 3.22 -56.63
CA ASP MA 3 -19.27 2.10 -55.84
C ASP MA 3 -20.09 1.91 -54.56
N ALA MA 4 -20.46 3.02 -53.91
CA ALA MA 4 -21.28 2.94 -52.70
C ALA MA 4 -22.64 2.34 -53.01
N GLY MA 5 -23.23 2.71 -54.14
CA GLY MA 5 -24.50 2.12 -54.53
C GLY MA 5 -24.38 0.62 -54.74
N ILE MA 6 -23.29 0.18 -55.37
CA ILE MA 6 -23.06 -1.24 -55.56
C ILE MA 6 -22.91 -1.95 -54.22
N VAL MA 7 -22.19 -1.34 -53.28
CA VAL MA 7 -22.02 -1.94 -51.96
C VAL MA 7 -23.36 -2.08 -51.27
N VAL MA 8 -24.18 -1.03 -51.32
CA VAL MA 8 -25.49 -1.08 -50.68
C VAL MA 8 -26.35 -2.14 -51.33
N ALA MA 9 -26.32 -2.23 -52.66
CA ALA MA 9 -27.09 -3.25 -53.35
C ALA MA 9 -26.65 -4.66 -52.96
N VAL MA 10 -25.34 -4.87 -52.88
CA VAL MA 10 -24.82 -6.19 -52.51
C VAL MA 10 -25.23 -6.53 -51.09
N LEU MA 11 -25.12 -5.57 -50.16
CA LEU MA 11 -25.52 -5.82 -48.78
C LEU MA 11 -27.00 -6.13 -48.67
N VAL MA 12 -27.84 -5.41 -49.43
CA VAL MA 12 -29.27 -5.68 -49.41
C VAL MA 12 -29.57 -7.06 -49.98
N ILE MA 13 -28.90 -7.43 -51.07
CA ILE MA 13 -29.11 -8.75 -51.66
C ILE MA 13 -28.67 -9.84 -50.69
N LEU MA 14 -27.55 -9.63 -50.01
CA LEU MA 14 -27.08 -10.58 -49.01
C LEU MA 14 -28.07 -10.69 -47.86
N ALA MA 15 -28.64 -9.57 -47.42
CA ALA MA 15 -29.62 -9.59 -46.34
C ALA MA 15 -30.88 -10.34 -46.76
N ILE MA 16 -31.32 -10.14 -47.99
CA ILE MA 16 -32.51 -10.84 -48.46
C ILE MA 16 -32.25 -12.33 -48.59
N LEU MA 17 -31.12 -12.70 -49.19
CA LEU MA 17 -30.81 -14.12 -49.40
C LEU MA 17 -30.55 -14.83 -48.08
N GLY MA 18 -29.88 -14.17 -47.15
CA GLY MA 18 -29.58 -14.72 -45.85
C GLY MA 18 -30.68 -14.58 -44.84
N TRP MA 19 -31.82 -14.01 -45.22
CA TRP MA 19 -32.95 -13.96 -44.31
C TRP MA 19 -33.41 -15.38 -43.99
N PRO MA 20 -33.81 -15.66 -42.76
CA PRO MA 20 -34.15 -17.04 -42.39
C PRO MA 20 -35.17 -17.71 -43.30
N ASN MA 21 -36.19 -16.98 -43.76
CA ASN MA 21 -37.18 -17.58 -44.64
C ASN MA 21 -36.56 -18.04 -45.95
N ILE MA 22 -35.62 -17.28 -46.49
CA ILE MA 22 -35.00 -17.62 -47.76
C ILE MA 22 -33.77 -18.49 -47.56
N SER MA 23 -32.96 -18.22 -46.54
CA SER MA 23 -31.76 -19.02 -46.33
C SER MA 23 -32.11 -20.42 -45.84
N SER MA 24 -33.27 -20.59 -45.25
CA SER MA 24 -33.60 -21.86 -44.65
C SER MA 24 -34.10 -22.78 -45.64
N THR MA 25 -34.57 -22.25 -46.73
CA THR MA 25 -34.99 -23.12 -47.81
C THR MA 25 -33.84 -23.99 -48.31
N LEU MA 26 -32.60 -23.60 -48.04
CA LEU MA 26 -31.42 -24.36 -48.41
C LEU MA 26 -31.02 -25.37 -47.34
N ARG MA 27 -31.80 -25.48 -46.27
CA ARG MA 27 -31.52 -26.44 -45.22
C ARG MA 27 -31.63 -27.86 -45.73
N ARG MA 28 -30.69 -28.71 -45.33
CA ARG MA 28 -30.64 -30.09 -45.80
C ARG MA 28 -30.61 -31.14 -44.69
N TRP MA 29 -30.22 -30.77 -43.47
CA TRP MA 29 -30.00 -31.72 -42.38
C TRP MA 29 -28.98 -32.78 -42.77
N MET NA 1 -38.60 -19.81 -31.58
CA MET NA 1 -37.56 -20.14 -30.62
C MET NA 1 -38.13 -20.50 -29.25
N TRP NA 2 -39.33 -21.07 -29.22
CA TRP NA 2 -39.89 -21.48 -27.93
C TRP NA 2 -39.10 -22.61 -27.31
N LYS NA 3 -38.34 -23.35 -28.10
CA LYS NA 3 -37.52 -24.45 -27.58
C LYS NA 3 -36.22 -23.98 -26.95
N LEU NA 4 -35.88 -22.69 -27.07
CA LEU NA 4 -34.65 -22.17 -26.49
C LEU NA 4 -34.61 -22.37 -24.99
N TRP NA 5 -35.76 -22.32 -24.33
CA TRP NA 5 -35.84 -22.50 -22.89
C TRP NA 5 -35.69 -23.95 -22.47
N LYS NA 6 -35.66 -24.87 -23.44
CA LYS NA 6 -35.21 -26.24 -23.19
C LYS NA 6 -33.72 -26.32 -22.99
N PHE NA 7 -32.97 -25.31 -23.44
CA PHE NA 7 -31.51 -25.35 -23.42
C PHE NA 7 -30.87 -24.11 -22.83
N VAL NA 8 -31.61 -23.01 -22.69
CA VAL NA 8 -31.10 -21.79 -22.09
C VAL NA 8 -32.05 -21.39 -20.98
N ASP NA 9 -31.50 -21.11 -19.80
CA ASP NA 9 -32.33 -20.69 -18.67
C ASP NA 9 -33.06 -19.40 -19.02
N PHE NA 10 -34.39 -19.45 -18.98
CA PHE NA 10 -35.15 -18.23 -19.29
C PHE NA 10 -34.99 -17.19 -18.21
N ARG NA 11 -34.95 -17.61 -16.94
CA ARG NA 11 -34.76 -16.64 -15.88
C ARG NA 11 -33.43 -15.93 -16.03
N MET NA 12 -32.37 -16.69 -16.30
CA MET NA 12 -31.06 -16.08 -16.55
C MET NA 12 -31.12 -15.13 -17.74
N THR NA 13 -31.75 -15.57 -18.84
CA THR NA 13 -31.80 -14.75 -20.04
C THR NA 13 -32.57 -13.46 -19.80
N ALA NA 14 -33.76 -13.56 -19.22
CA ALA NA 14 -34.60 -12.39 -19.00
C ALA NA 14 -33.98 -11.44 -17.98
N VAL NA 15 -33.40 -11.98 -16.91
CA VAL NA 15 -32.75 -11.13 -15.92
C VAL NA 15 -31.55 -10.42 -16.52
N GLY NA 16 -30.73 -11.16 -17.26
CA GLY NA 16 -29.58 -10.54 -17.90
C GLY NA 16 -29.99 -9.51 -18.93
N PHE NA 17 -31.08 -9.75 -19.63
CA PHE NA 17 -31.57 -8.79 -20.60
C PHE NA 17 -32.08 -7.53 -19.93
N HIS NA 18 -32.77 -7.67 -18.79
CA HIS NA 18 -33.24 -6.49 -18.08
C HIS NA 18 -32.07 -5.71 -17.48
N LEU NA 19 -31.08 -6.41 -16.93
CA LEU NA 19 -29.88 -5.74 -16.43
C LEU NA 19 -29.15 -5.02 -17.55
N PHE NA 20 -28.91 -5.71 -18.67
CA PHE NA 20 -28.19 -5.10 -19.77
C PHE NA 20 -28.98 -3.97 -20.40
N PHE NA 21 -30.31 -4.06 -20.41
CA PHE NA 21 -31.10 -3.00 -21.01
C PHE NA 21 -31.24 -1.81 -20.09
N ALA NA 22 -31.24 -2.00 -18.78
CA ALA NA 22 -31.10 -0.85 -17.88
C ALA NA 22 -29.76 -0.17 -18.10
N LEU NA 23 -28.68 -0.95 -18.18
CA LEU NA 23 -27.37 -0.39 -18.43
C LEU NA 23 -27.32 0.33 -19.78
N LEU NA 24 -27.89 -0.28 -20.82
CA LEU NA 24 -27.86 0.29 -22.15
C LEU NA 24 -28.78 1.49 -22.27
N ALA NA 25 -29.91 1.50 -21.57
CA ALA NA 25 -30.75 2.68 -21.55
C ALA NA 25 -30.02 3.84 -20.91
N PHE NA 26 -29.32 3.58 -19.81
CA PHE NA 26 -28.48 4.62 -19.21
C PHE NA 26 -27.41 5.08 -20.18
N ALA NA 27 -26.74 4.13 -20.84
CA ALA NA 27 -25.66 4.47 -21.76
C ALA NA 27 -26.16 5.29 -22.94
N VAL NA 28 -27.31 4.93 -23.48
CA VAL NA 28 -27.87 5.64 -24.63
C VAL NA 28 -28.37 7.02 -24.22
N HIS NA 29 -29.00 7.12 -23.05
CA HIS NA 29 -29.42 8.43 -22.57
C HIS NA 29 -28.20 9.33 -22.32
N PHE NA 30 -27.12 8.76 -21.81
CA PHE NA 30 -25.89 9.52 -21.65
C PHE NA 30 -25.27 9.89 -22.98
N ALA NA 31 -25.44 9.05 -24.00
CA ALA NA 31 -24.98 9.37 -25.35
C ALA NA 31 -25.77 10.54 -25.91
N CYS NA 32 -27.07 10.59 -25.64
CA CYS NA 32 -27.88 11.73 -26.06
C CYS NA 32 -27.48 12.99 -25.30
N ILE NA 33 -27.21 12.87 -24.01
CA ILE NA 33 -26.76 14.01 -23.22
C ILE NA 33 -25.42 14.51 -23.74
N SER NA 34 -24.54 13.58 -24.14
CA SER NA 34 -23.25 13.97 -24.69
C SER NA 34 -23.40 14.76 -25.97
N SER NA 35 -24.43 14.46 -26.75
CA SER NA 35 -24.64 15.11 -28.03
C SER NA 35 -25.31 16.46 -27.84
N GLU NA 36 -24.72 17.51 -28.41
CA GLU NA 36 -25.34 18.83 -28.34
C GLU NA 36 -26.66 18.84 -29.09
N ARG NA 37 -26.73 18.15 -30.23
CA ARG NA 37 -27.97 18.08 -30.98
C ARG NA 37 -29.08 17.39 -30.20
N PHE NA 38 -28.73 16.46 -29.34
CA PHE NA 38 -29.69 15.59 -28.67
C PHE NA 38 -29.79 15.82 -27.18
N ASN NA 39 -28.96 16.68 -26.60
CA ASN NA 39 -29.06 16.95 -25.17
C ASN NA 39 -30.30 17.77 -24.87
N TRP NA 40 -31.39 17.10 -24.53
CA TRP NA 40 -32.64 17.77 -24.20
C TRP NA 40 -32.51 18.58 -22.92
N LEU NA 41 -31.61 18.19 -22.02
CA LEU NA 41 -31.46 18.90 -20.76
C LEU NA 41 -30.81 20.27 -20.95
N GLU NA 42 -29.80 20.34 -21.82
CA GLU NA 42 -29.22 21.64 -22.16
C GLU NA 42 -30.09 22.39 -23.17
N GLY NA 43 -30.82 21.68 -24.02
CA GLY NA 43 -31.77 22.30 -24.93
C GLY NA 43 -31.17 23.13 -26.05
N ALA NA 44 -30.08 22.64 -26.65
CA ALA NA 44 -29.43 23.38 -27.72
C ALA NA 44 -30.31 23.39 -28.97
N PRO NA 45 -30.15 24.40 -29.83
CA PRO NA 45 -30.94 24.43 -31.07
C PRO NA 45 -30.52 23.32 -32.02
N ALA NA 46 -31.39 23.06 -32.98
CA ALA NA 46 -31.10 22.15 -34.07
C ALA NA 46 -30.51 22.95 -35.23
N ALA NA 47 -29.51 22.38 -35.89
CA ALA NA 47 -28.96 23.04 -37.07
C ALA NA 47 -30.01 23.21 -38.16
N GLU NA 48 -31.02 22.34 -38.19
CA GLU NA 48 -32.12 22.50 -39.14
C GLU NA 48 -32.87 23.80 -38.94
N TYR NA 49 -32.88 24.35 -37.72
CA TYR NA 49 -33.51 25.63 -37.46
C TYR NA 49 -32.87 26.75 -38.29
N TYR NA 50 -31.62 26.59 -38.69
CA TYR NA 50 -30.90 27.59 -39.45
C TYR NA 50 -30.67 27.19 -40.90
N MET NA 51 -30.90 25.94 -41.24
CA MET NA 51 -30.77 25.49 -42.62
C MET NA 51 -31.91 26.03 -43.46
N ASP NA 52 -31.62 26.35 -44.72
CA ASP NA 52 -32.65 26.80 -45.64
C ASP NA 52 -33.39 25.63 -46.29
N GLU NA 53 -32.79 24.45 -46.34
CA GLU NA 53 -33.39 23.28 -46.97
C GLU NA 53 -33.27 22.09 -46.03
N ASP NA 54 -33.94 21.01 -46.41
CA ASP NA 54 -33.85 19.76 -45.66
C ASP NA 54 -32.48 19.15 -45.88
N PRO NA 55 -31.68 18.92 -44.83
CA PRO NA 55 -30.38 18.26 -45.03
C PRO NA 55 -30.52 16.84 -45.55
N GLY NA 56 -31.59 16.15 -45.18
CA GLY NA 56 -31.72 14.75 -45.50
C GLY NA 56 -30.87 13.89 -44.60
N ILE NA 57 -30.90 12.59 -44.90
CA ILE NA 57 -30.01 11.64 -44.24
C ILE NA 57 -29.24 10.90 -45.34
N TRP NA 58 -29.98 10.32 -46.27
CA TRP NA 58 -29.39 9.69 -47.45
C TRP NA 58 -29.41 10.62 -48.66
N LYS NA 59 -29.98 11.81 -48.53
CA LYS NA 59 -30.07 12.73 -49.65
C LYS NA 59 -28.68 13.15 -50.10
N ARG NA 60 -28.45 13.09 -51.41
CA ARG NA 60 -27.15 13.45 -51.99
C ARG NA 60 -27.09 14.96 -52.22
N THR NA 61 -26.97 15.68 -51.11
CA THR NA 61 -26.84 17.13 -51.16
C THR NA 61 -25.40 17.52 -51.46
N SER NA 62 -25.25 18.65 -52.15
CA SER NA 62 -23.94 19.24 -52.41
C SER NA 62 -23.88 20.61 -51.76
N TYR NA 63 -22.69 21.04 -51.37
CA TYR NA 63 -22.56 22.36 -50.79
C TYR NA 63 -22.94 23.40 -51.81
N ILE OA 4 -27.22 -29.32 -19.32
CA ILE OA 4 -27.35 -29.34 -20.77
C ILE OA 4 -28.79 -28.98 -21.16
N ARG OA 5 -29.75 -29.39 -20.34
CA ARG OA 5 -31.15 -29.08 -20.55
C ARG OA 5 -31.71 -28.43 -19.29
N THR OA 6 -32.71 -27.58 -19.47
CA THR OA 6 -33.32 -26.88 -18.33
C THR OA 6 -34.40 -27.70 -17.66
N GLY OA 7 -34.88 -28.76 -18.30
CA GLY OA 7 -35.90 -29.60 -17.71
C GLY OA 7 -37.31 -29.09 -17.87
N LEU OA 8 -37.50 -27.91 -18.45
CA LEU OA 8 -38.84 -27.38 -18.67
C LEU OA 8 -39.57 -28.21 -19.71
N THR OA 9 -40.84 -28.47 -19.46
CA THR OA 9 -41.66 -29.22 -20.40
C THR OA 9 -41.95 -28.37 -21.64
N ASP OA 10 -42.56 -29.00 -22.63
CA ASP OA 10 -42.93 -28.27 -23.84
C ASP OA 10 -43.91 -27.16 -23.53
N GLU OA 11 -44.92 -27.43 -22.70
CA GLU OA 11 -45.91 -26.40 -22.39
C GLU OA 11 -45.33 -25.29 -21.54
N GLU OA 12 -44.43 -25.63 -20.61
CA GLU OA 12 -43.74 -24.60 -19.83
C GLU OA 12 -42.88 -23.73 -20.73
N CYS OA 13 -42.17 -24.33 -21.68
CA CYS OA 13 -41.38 -23.55 -22.63
C CYS OA 13 -42.27 -22.70 -23.52
N GLN OA 14 -43.43 -23.23 -23.91
CA GLN OA 14 -44.36 -22.48 -24.74
C GLN OA 14 -44.92 -21.27 -24.02
N GLU OA 15 -45.26 -21.42 -22.74
CA GLU OA 15 -45.80 -20.27 -22.01
C GLU OA 15 -44.69 -19.27 -21.66
N ILE OA 16 -43.48 -19.77 -21.38
CA ILE OA 16 -42.33 -18.89 -21.22
C ILE OA 16 -42.11 -18.10 -22.49
N HIS OA 17 -42.21 -18.77 -23.65
CA HIS OA 17 -42.02 -18.10 -24.92
C HIS OA 17 -43.14 -17.11 -25.21
N GLU OA 18 -44.37 -17.44 -24.82
CA GLU OA 18 -45.45 -16.49 -24.99
C GLU OA 18 -45.17 -15.21 -24.22
N MET OA 19 -44.74 -15.34 -22.97
CA MET OA 19 -44.38 -14.16 -22.19
C MET OA 19 -43.16 -13.47 -22.78
N ASN OA 20 -42.21 -14.25 -23.30
CA ASN OA 20 -40.99 -13.67 -23.85
C ASN OA 20 -41.26 -12.88 -25.12
N MET OA 21 -42.08 -13.43 -26.01
CA MET OA 21 -42.51 -12.70 -27.19
C MET OA 21 -43.30 -11.47 -26.82
N LEU OA 22 -44.19 -11.60 -25.83
CA LEU OA 22 -44.97 -10.46 -25.39
C LEU OA 22 -44.06 -9.34 -24.91
N GLY OA 23 -43.13 -9.66 -24.00
CA GLY OA 23 -42.26 -8.64 -23.46
C GLY OA 23 -41.33 -8.05 -24.51
N MET OA 24 -40.70 -8.92 -25.30
CA MET OA 24 -39.74 -8.44 -26.29
C MET OA 24 -40.41 -7.59 -27.36
N HIS OA 25 -41.57 -8.01 -27.86
CA HIS OA 25 -42.21 -7.26 -28.92
C HIS OA 25 -42.93 -6.02 -28.41
N ALA OA 26 -43.45 -6.04 -27.19
CA ALA OA 26 -43.97 -4.82 -26.60
C ALA OA 26 -42.86 -3.79 -26.41
N TYR OA 27 -41.72 -4.23 -25.85
CA TYR OA 27 -40.58 -3.33 -25.72
C TYR OA 27 -40.11 -2.85 -27.09
N TRP OA 28 -40.08 -3.75 -28.07
CA TRP OA 28 -39.62 -3.41 -29.41
C TRP OA 28 -40.52 -2.36 -30.06
N SER OA 29 -41.84 -2.53 -29.94
CA SER OA 29 -42.75 -1.58 -30.56
C SER OA 29 -42.74 -0.25 -29.82
N ILE OA 30 -42.70 -0.28 -28.49
CA ILE OA 30 -42.62 0.96 -27.73
C ILE OA 30 -41.32 1.69 -28.05
N GLY OA 31 -40.22 0.95 -28.17
CA GLY OA 31 -38.95 1.56 -28.54
C GLY OA 31 -38.94 2.09 -29.96
N LEU OA 32 -39.61 1.41 -30.88
CA LEU OA 32 -39.72 1.92 -32.24
C LEU OA 32 -40.55 3.20 -32.27
N ILE OA 33 -41.64 3.24 -31.51
CA ILE OA 33 -42.43 4.47 -31.45
C ILE OA 33 -41.63 5.58 -30.81
N ALA OA 34 -40.89 5.27 -29.74
CA ALA OA 34 -40.08 6.27 -29.07
C ALA OA 34 -38.98 6.79 -29.98
N ASN OA 35 -38.33 5.89 -30.72
CA ASN OA 35 -37.27 6.30 -31.63
C ASN OA 35 -37.82 7.06 -32.83
N ALA OA 36 -39.00 6.70 -33.31
CA ALA OA 36 -39.64 7.47 -34.36
C ALA OA 36 -40.00 8.86 -33.88
N LEU OA 37 -40.49 8.98 -32.65
CA LEU OA 37 -40.82 10.29 -32.10
C LEU OA 37 -39.56 11.13 -31.91
N ALA OA 38 -38.49 10.54 -31.39
CA ALA OA 38 -37.24 11.26 -31.24
C ALA OA 38 -36.63 11.60 -32.59
N TYR OA 39 -36.89 10.77 -33.61
CA TYR OA 39 -36.34 11.01 -34.93
C TYR OA 39 -37.08 12.14 -35.62
N ALA OA 40 -38.41 12.17 -35.48
CA ALA OA 40 -39.19 13.28 -35.99
C ALA OA 40 -38.86 14.57 -35.25
N TRP OA 41 -38.57 14.46 -33.95
CA TRP OA 41 -38.14 15.62 -33.19
C TRP OA 41 -36.81 16.16 -33.71
N ARG OA 42 -35.81 15.29 -33.81
CA ARG OA 42 -34.51 15.61 -34.37
C ARG OA 42 -33.93 14.36 -35.01
N PRO OA 43 -33.86 14.30 -36.34
CA PRO OA 43 -33.34 13.10 -37.00
C PRO OA 43 -31.95 12.76 -36.51
N PHE OA 44 -31.72 11.46 -36.27
CA PHE OA 44 -30.53 11.02 -35.58
C PHE OA 44 -29.28 11.16 -36.45
N HIS OA 45 -29.45 11.06 -37.76
CA HIS OA 45 -28.33 10.96 -38.68
C HIS OA 45 -28.26 12.21 -39.53
N GLN OA 46 -27.13 12.88 -39.49
CA GLN OA 46 -26.95 14.11 -40.22
C GLN OA 46 -26.86 13.84 -41.71
N GLY OA 47 -27.26 14.83 -42.51
CA GLY OA 47 -27.08 14.75 -43.94
C GLY OA 47 -25.65 15.04 -44.32
N ARG OA 48 -25.41 15.06 -45.63
CA ARG OA 48 -24.05 15.34 -46.12
C ARG OA 48 -23.56 16.68 -45.60
N ALA OA 49 -24.46 17.64 -45.43
CA ALA OA 49 -24.14 18.92 -44.81
C ALA OA 49 -23.81 18.81 -43.34
N GLY OA 50 -24.17 17.69 -42.70
CA GLY OA 50 -24.06 17.59 -41.27
C GLY OA 50 -25.20 18.33 -40.59
N ASN OA 51 -25.15 18.33 -39.26
CA ASN OA 51 -26.07 19.14 -38.49
C ASN OA 51 -25.38 19.80 -37.31
N ARG OA 52 -24.10 20.10 -37.44
CA ARG OA 52 -23.41 20.90 -36.43
C ARG OA 52 -23.92 22.34 -36.49
N LEU OA 53 -24.13 22.93 -35.31
CA LEU OA 53 -24.59 24.31 -35.25
C LEU OA 53 -23.57 25.25 -35.90
N GLU OA 54 -22.28 24.99 -35.66
CA GLU OA 54 -21.23 25.87 -36.16
C GLU OA 54 -21.22 25.93 -37.68
N ASP OA 55 -21.78 24.93 -38.35
CA ASP OA 55 -21.81 24.90 -39.81
C ASP OA 55 -23.06 25.55 -40.40
N HIS OA 56 -24.10 25.78 -39.60
CA HIS OA 56 -25.36 26.27 -40.15
C HIS OA 56 -25.89 27.48 -39.40
N ALA OA 57 -25.61 27.55 -38.10
CA ALA OA 57 -26.09 28.66 -37.29
C ALA OA 57 -25.20 29.88 -37.48
N PRO OA 58 -25.72 31.07 -37.19
CA PRO OA 58 -24.86 32.26 -37.17
C PRO OA 58 -23.77 32.14 -36.13
N ASP OA 59 -22.82 33.08 -36.19
CA ASP OA 59 -21.65 33.02 -35.33
C ASP OA 59 -22.01 33.17 -33.86
N TYR OA 60 -23.01 34.00 -33.57
CA TYR OA 60 -23.36 34.25 -32.17
C TYR OA 60 -24.06 33.07 -31.51
N VAL OA 61 -24.51 32.09 -32.28
CA VAL OA 61 -25.14 30.90 -31.72
C VAL OA 61 -24.04 29.99 -31.20
N ARG OA 62 -23.90 29.90 -29.89
CA ARG OA 62 -22.82 29.12 -29.29
C ARG OA 62 -23.02 27.64 -29.57
N SER OA 63 -21.92 26.96 -29.88
CA SER OA 63 -21.92 25.52 -30.13
C SER OA 63 -20.89 24.87 -29.21
N ALA OA 64 -21.27 23.74 -28.62
CA ALA OA 64 -20.40 23.02 -27.70
C ALA OA 64 -19.26 22.31 -28.40
N LEU OA 65 -19.26 22.26 -29.73
CA LEU OA 65 -18.18 21.63 -30.48
C LEU OA 65 -17.12 22.65 -30.86
N GLY PA 2 -38.75 14.62 -45.31
CA GLY PA 2 -38.26 13.86 -46.43
C GLY PA 2 -37.72 12.50 -46.04
N ASP PA 3 -36.40 12.39 -45.93
CA ASP PA 3 -35.78 11.14 -45.48
C ASP PA 3 -36.16 10.83 -44.04
N ALA PA 4 -36.19 11.86 -43.20
CA ALA PA 4 -36.57 11.67 -41.80
C ALA PA 4 -38.02 11.20 -41.69
N GLY PA 5 -38.90 11.73 -42.55
CA GLY PA 5 -40.26 11.24 -42.57
C GLY PA 5 -40.34 9.78 -42.97
N ILE PA 6 -39.51 9.35 -43.92
CA ILE PA 6 -39.48 7.96 -44.30
C ILE PA 6 -38.99 7.10 -43.14
N VAL PA 7 -37.98 7.57 -42.42
CA VAL PA 7 -37.48 6.83 -41.26
C VAL PA 7 -38.57 6.68 -40.22
N VAL PA 8 -39.27 7.77 -39.92
CA VAL PA 8 -40.33 7.73 -38.91
C VAL PA 8 -41.45 6.79 -39.35
N ALA PA 9 -41.83 6.85 -40.63
CA ALA PA 9 -42.88 5.97 -41.13
C ALA PA 9 -42.46 4.51 -41.03
N VAL PA 10 -41.20 4.20 -41.38
CA VAL PA 10 -40.73 2.82 -41.32
C VAL PA 10 -40.69 2.34 -39.87
N LEU PA 11 -40.22 3.19 -38.95
CA LEU PA 11 -40.19 2.80 -37.54
C LEU PA 11 -41.59 2.57 -37.00
N VAL PA 12 -42.54 3.43 -37.38
CA VAL PA 12 -43.93 3.26 -36.92
C VAL PA 12 -44.52 1.99 -37.50
N ILE PA 13 -44.24 1.70 -38.76
CA ILE PA 13 -44.74 0.47 -39.38
C ILE PA 13 -44.15 -0.74 -38.68
N LEU PA 14 -42.86 -0.71 -38.36
CA LEU PA 14 -42.24 -1.82 -37.64
C LEU PA 14 -42.85 -1.99 -36.25
N ALA PA 15 -43.15 -0.87 -35.59
CA ALA PA 15 -43.79 -0.95 -34.27
C ALA PA 15 -45.19 -1.54 -34.37
N ILE PA 16 -45.95 -1.16 -35.40
CA ILE PA 16 -47.29 -1.69 -35.58
C ILE PA 16 -47.24 -3.17 -35.89
N LEU PA 17 -46.40 -3.57 -36.86
CA LEU PA 17 -46.28 -4.96 -37.24
C LEU PA 17 -45.62 -5.78 -36.14
N GLY PA 18 -44.63 -5.20 -35.47
CA GLY PA 18 -43.97 -5.87 -34.38
C GLY PA 18 -44.72 -5.87 -33.07
N TRP PA 19 -45.86 -5.21 -33.00
CA TRP PA 19 -46.63 -5.20 -31.77
C TRP PA 19 -47.12 -6.61 -31.46
N PRO PA 20 -47.13 -7.02 -30.18
CA PRO PA 20 -47.52 -8.39 -29.84
C PRO PA 20 -48.86 -8.84 -30.42
N ASN PA 21 -49.88 -7.98 -30.42
CA ASN PA 21 -51.17 -8.38 -30.97
C ASN PA 21 -51.09 -8.74 -32.44
N ILE PA 22 -50.15 -8.14 -33.17
CA ILE PA 22 -49.95 -8.44 -34.57
C ILE PA 22 -48.83 -9.45 -34.78
N SER PA 23 -47.72 -9.29 -34.06
CA SER PA 23 -46.59 -10.19 -34.24
C SER PA 23 -46.94 -11.61 -33.83
N SER PA 24 -47.80 -11.76 -32.86
CA SER PA 24 -48.15 -13.06 -32.36
C SER PA 24 -49.07 -13.79 -33.28
N THR PA 25 -49.72 -13.09 -34.18
CA THR PA 25 -50.53 -13.76 -35.19
C THR PA 25 -49.70 -14.67 -36.08
N LEU PA 26 -48.39 -14.49 -36.09
CA LEU PA 26 -47.48 -15.32 -36.87
C LEU PA 26 -46.87 -16.46 -36.06
N ARG PA 27 -47.37 -16.71 -34.85
CA ARG PA 27 -46.94 -17.88 -34.10
C ARG PA 27 -47.31 -19.15 -34.84
N ARG PA 28 -46.41 -20.11 -34.75
CA ARG PA 28 -46.65 -21.33 -35.44
C ARG PA 28 -46.23 -22.47 -34.59
N TRP PA 29 -45.37 -22.25 -33.61
CA TRP PA 29 -44.81 -23.29 -32.75
C TRP PA 29 -43.94 -24.27 -33.53
N MET QA 1 -48.16 -11.67 -18.35
CA MET QA 1 -46.98 -12.15 -17.65
C MET QA 1 -47.31 -12.86 -16.36
N TRP QA 2 -48.56 -13.25 -16.17
CA TRP QA 2 -48.94 -13.82 -14.88
C TRP QA 2 -48.25 -15.15 -14.60
N LYS QA 3 -47.79 -15.85 -15.64
CA LYS QA 3 -47.01 -17.06 -15.47
C LYS QA 3 -45.53 -16.79 -15.25
N LEU QA 4 -45.09 -15.53 -15.33
CA LEU QA 4 -43.69 -15.22 -15.11
C LEU QA 4 -43.23 -15.61 -13.71
N TRP QA 5 -44.14 -15.59 -12.75
CA TRP QA 5 -43.81 -15.96 -11.39
C TRP QA 5 -43.72 -17.47 -11.20
N LYS QA 6 -44.05 -18.23 -12.23
CA LYS QA 6 -43.75 -19.65 -12.25
C LYS QA 6 -42.27 -19.93 -12.46
N PHE QA 7 -41.52 -18.95 -12.96
CA PHE QA 7 -40.14 -19.19 -13.36
C PHE QA 7 -39.20 -18.13 -12.78
N VAL QA 8 -39.73 -16.94 -12.52
CA VAL QA 8 -38.95 -15.82 -12.02
C VAL QA 8 -39.49 -15.45 -10.66
N ASP QA 9 -38.60 -15.37 -9.67
CA ASP QA 9 -39.02 -15.06 -8.32
C ASP QA 9 -39.56 -13.63 -8.25
N PHE QA 10 -40.77 -13.48 -7.72
CA PHE QA 10 -41.37 -12.15 -7.66
C PHE QA 10 -40.74 -11.31 -6.57
N ARG QA 11 -40.32 -11.91 -5.47
CA ARG QA 11 -39.62 -11.16 -4.44
C ARG QA 11 -38.38 -10.50 -5.02
N MET QA 12 -37.58 -11.29 -5.76
CA MET QA 12 -36.38 -10.75 -6.39
C MET QA 12 -36.73 -9.63 -7.36
N THR QA 13 -37.70 -9.85 -8.25
CA THR QA 13 -38.04 -8.87 -9.26
C THR QA 13 -38.53 -7.58 -8.62
N ALA QA 14 -39.43 -7.69 -7.65
CA ALA QA 14 -40.00 -6.51 -7.01
C ALA QA 14 -38.94 -5.75 -6.22
N VAL QA 15 -38.09 -6.45 -5.48
CA VAL QA 15 -37.07 -5.77 -4.69
C VAL QA 15 -36.06 -5.08 -5.61
N GLY QA 16 -35.63 -5.77 -6.66
CA GLY QA 16 -34.71 -5.17 -7.59
C GLY QA 16 -35.30 -3.98 -8.30
N PHE QA 17 -36.56 -4.07 -8.70
CA PHE QA 17 -37.21 -2.94 -9.35
C PHE QA 17 -37.34 -1.76 -8.40
N HIS QA 18 -37.69 -2.01 -7.14
CA HIS QA 18 -37.84 -0.91 -6.20
C HIS QA 18 -36.51 -0.24 -5.90
N LEU QA 19 -35.43 -1.03 -5.74
CA LEU QA 19 -34.12 -0.44 -5.53
C LEU QA 19 -33.64 0.32 -6.77
N PHE QA 20 -33.80 -0.28 -7.94
CA PHE QA 20 -33.39 0.37 -9.18
C PHE QA 20 -34.17 1.65 -9.40
N PHE QA 21 -35.47 1.64 -9.10
CA PHE QA 21 -36.27 2.84 -9.30
C PHE QA 21 -35.99 3.89 -8.24
N ALA QA 22 -35.60 3.49 -7.03
CA ALA QA 22 -35.16 4.48 -6.04
C ALA QA 22 -33.94 5.23 -6.55
N LEU QA 23 -32.91 4.49 -6.96
CA LEU QA 23 -31.71 5.16 -7.42
C LEU QA 23 -31.89 5.80 -8.80
N LEU QA 24 -32.84 5.31 -9.60
CA LEU QA 24 -33.13 5.93 -10.88
C LEU QA 24 -33.94 7.21 -10.72
N ALA QA 25 -34.83 7.25 -9.72
CA ALA QA 25 -35.47 8.51 -9.37
C ALA QA 25 -34.46 9.51 -8.89
N PHE QA 26 -33.50 9.06 -8.07
CA PHE QA 26 -32.39 9.94 -7.69
C PHE QA 26 -31.67 10.46 -8.93
N ALA QA 27 -31.34 9.56 -9.86
CA ALA QA 27 -30.61 9.94 -11.06
C ALA QA 27 -31.40 10.92 -11.92
N VAL QA 28 -32.70 10.66 -12.10
CA VAL QA 28 -33.50 11.51 -12.99
C VAL QA 28 -33.74 12.87 -12.36
N HIS QA 29 -34.04 12.90 -11.06
CA HIS QA 29 -34.14 14.17 -10.37
C HIS QA 29 -32.84 14.95 -10.47
N PHE QA 30 -31.71 14.28 -10.31
CA PHE QA 30 -30.45 14.98 -10.44
C PHE QA 30 -30.19 15.44 -11.87
N ALA QA 31 -30.67 14.68 -12.86
CA ALA QA 31 -30.54 15.11 -14.24
C ALA QA 31 -31.33 16.38 -14.49
N CYS QA 32 -32.52 16.48 -13.90
CA CYS QA 32 -33.27 17.73 -13.95
C CYS QA 32 -32.53 18.85 -13.23
N ILE QA 33 -31.91 18.54 -12.10
CA ILE QA 33 -31.13 19.54 -11.36
C ILE QA 33 -29.97 20.04 -12.20
N SER QA 34 -29.27 19.14 -12.87
CA SER QA 34 -28.12 19.51 -13.69
C SER QA 34 -28.53 20.39 -14.86
N SER QA 35 -29.73 20.19 -15.38
CA SER QA 35 -30.24 21.04 -16.43
C SER QA 35 -30.66 22.39 -15.87
N GLU QA 36 -30.18 23.47 -16.49
CA GLU QA 36 -30.59 24.80 -16.07
C GLU QA 36 -32.08 25.02 -16.31
N ARG QA 37 -32.59 24.53 -17.43
CA ARG QA 37 -33.99 24.70 -17.76
C ARG QA 37 -34.89 24.03 -16.73
N PHE QA 38 -34.46 22.88 -16.22
CA PHE QA 38 -35.31 22.06 -15.38
C PHE QA 38 -34.95 22.10 -13.90
N ASN QA 39 -33.89 22.83 -13.53
CA ASN QA 39 -33.51 22.89 -12.12
C ASN QA 39 -34.48 23.81 -11.40
N TRP QA 40 -35.50 23.21 -10.78
CA TRP QA 40 -36.42 23.95 -9.93
C TRP QA 40 -35.72 24.47 -8.68
N LEU QA 41 -34.66 23.80 -8.24
CA LEU QA 41 -33.93 24.25 -7.06
C LEU QA 41 -33.22 25.57 -7.32
N GLU QA 42 -32.70 25.77 -8.53
CA GLU QA 42 -32.15 27.07 -8.88
C GLU QA 42 -33.18 27.98 -9.54
N GLY QA 43 -34.19 27.40 -10.19
CA GLY QA 43 -35.30 28.19 -10.70
C GLY QA 43 -34.96 29.19 -11.78
N ALA QA 44 -34.21 28.77 -12.79
CA ALA QA 44 -33.84 29.65 -13.88
C ALA QA 44 -35.05 29.92 -14.77
N PRO QA 45 -35.06 31.04 -15.48
CA PRO QA 45 -36.16 31.31 -16.43
C PRO QA 45 -36.18 30.30 -17.56
N ALA QA 46 -37.38 30.06 -18.08
CA ALA QA 46 -37.52 29.26 -19.29
C ALA QA 46 -37.33 30.14 -20.51
N ALA QA 47 -36.78 29.54 -21.57
CA ALA QA 47 -36.58 30.30 -22.80
C ALA QA 47 -37.91 30.75 -23.39
N GLU QA 48 -38.98 29.99 -23.16
CA GLU QA 48 -40.31 30.37 -23.63
C GLU QA 48 -40.76 31.70 -23.05
N TYR QA 49 -40.18 32.12 -21.93
CA TYR QA 49 -40.48 33.45 -21.39
C TYR QA 49 -40.03 34.54 -22.36
N TYR QA 50 -38.89 34.34 -23.02
CA TYR QA 50 -38.32 35.32 -23.92
C TYR QA 50 -38.56 34.99 -25.39
N MET QA 51 -39.42 34.03 -25.68
CA MET QA 51 -39.73 33.65 -27.05
C MET QA 51 -40.97 34.38 -27.53
N ASP QA 52 -40.90 34.93 -28.74
CA ASP QA 52 -42.06 35.60 -29.31
C ASP QA 52 -43.12 34.62 -29.79
N GLU QA 53 -42.73 33.41 -30.16
CA GLU QA 53 -43.63 32.40 -30.67
C GLU QA 53 -43.39 31.08 -29.96
N ASP QA 54 -44.30 30.14 -30.17
CA ASP QA 54 -44.19 28.82 -29.57
C ASP QA 54 -43.06 28.05 -30.23
N PRO QA 55 -42.04 27.60 -29.48
CA PRO QA 55 -40.93 26.88 -30.11
C PRO QA 55 -41.33 25.57 -30.75
N GLY QA 56 -42.31 24.87 -30.17
CA GLY QA 56 -42.67 23.55 -30.64
C GLY QA 56 -41.69 22.50 -30.16
N ILE QA 57 -41.96 21.27 -30.54
CA ILE QA 57 -41.05 20.17 -30.29
C ILE QA 57 -40.75 19.49 -31.62
N TRP QA 58 -41.79 19.03 -32.30
CA TRP QA 58 -41.67 18.52 -33.65
C TRP QA 58 -41.96 19.58 -34.70
N LYS QA 59 -42.41 20.76 -34.30
CA LYS QA 59 -42.77 21.79 -35.25
C LYS QA 59 -41.52 22.25 -35.99
N ARG QA 60 -41.58 22.22 -37.32
CA ARG QA 60 -40.42 22.51 -38.16
C ARG QA 60 -40.23 24.02 -38.27
N THR QA 61 -39.79 24.61 -37.17
CA THR QA 61 -39.52 26.03 -37.11
C THR QA 61 -38.22 26.37 -37.81
N SER QA 62 -38.13 27.60 -38.31
CA SER QA 62 -36.94 28.08 -39.00
C SER QA 62 -36.54 29.43 -38.44
N TYR QA 63 -35.23 29.70 -38.48
CA TYR QA 63 -34.70 30.97 -38.02
C TYR QA 63 -35.19 32.12 -38.91
N ILE RA 4 -35.59 -23.93 -10.76
CA ILE RA 4 -35.92 -23.30 -12.03
C ILE RA 4 -37.39 -22.89 -12.03
N ARG RA 5 -38.17 -23.58 -11.21
CA ARG RA 5 -39.57 -23.25 -10.98
C ARG RA 5 -39.71 -22.70 -9.56
N THR RA 6 -40.37 -21.56 -9.43
CA THR RA 6 -40.55 -20.94 -8.12
C THR RA 6 -41.42 -21.78 -7.19
N GLY RA 7 -42.17 -22.75 -7.73
CA GLY RA 7 -43.08 -23.53 -6.93
C GLY RA 7 -44.39 -22.85 -6.63
N LEU RA 8 -44.60 -21.64 -7.12
CA LEU RA 8 -45.86 -20.93 -6.90
C LEU RA 8 -46.98 -21.62 -7.66
N THR RA 9 -48.13 -21.73 -7.03
CA THR RA 9 -49.27 -22.38 -7.65
C THR RA 9 -49.89 -21.46 -8.70
N ASP RA 10 -50.99 -21.94 -9.29
CA ASP RA 10 -51.71 -21.13 -10.26
C ASP RA 10 -52.26 -19.87 -9.61
N GLU RA 11 -52.99 -20.04 -8.50
CA GLU RA 11 -53.64 -18.91 -7.86
C GLU RA 11 -52.62 -17.97 -7.21
N GLU RA 12 -51.52 -18.52 -6.69
CA GLU RA 12 -50.49 -17.65 -6.13
C GLU RA 12 -49.85 -16.80 -7.20
N CYS RA 13 -49.56 -17.39 -8.37
CA CYS RA 13 -49.03 -16.61 -9.48
C CYS RA 13 -50.03 -15.57 -9.95
N GLN RA 14 -51.32 -15.92 -10.01
CA GLN RA 14 -52.33 -14.97 -10.43
C GLN RA 14 -52.48 -13.82 -9.46
N GLU RA 15 -52.39 -14.08 -8.15
CA GLU RA 15 -52.53 -12.98 -7.20
C GLU RA 15 -51.27 -12.12 -7.13
N ILE RA 16 -50.09 -12.75 -7.27
CA ILE RA 16 -48.88 -11.96 -7.45
C ILE RA 16 -49.00 -11.08 -8.68
N HIS RA 17 -49.57 -11.62 -9.76
CA HIS RA 17 -49.73 -10.82 -10.98
C HIS RA 17 -50.74 -9.71 -10.78
N GLU RA 18 -51.80 -9.96 -10.03
CA GLU RA 18 -52.77 -8.90 -9.74
C GLU RA 18 -52.08 -7.75 -9.00
N MET RA 19 -51.31 -8.08 -7.96
CA MET RA 19 -50.61 -7.03 -7.23
C MET RA 19 -49.55 -6.37 -8.09
N ASN RA 20 -48.86 -7.15 -8.92
CA ASN RA 20 -47.82 -6.61 -9.77
C ASN RA 20 -48.39 -5.68 -10.83
N MET RA 21 -49.52 -6.06 -11.42
CA MET RA 21 -50.21 -5.18 -12.35
C MET RA 21 -50.67 -3.91 -11.66
N LEU RA 22 -51.21 -4.04 -10.45
CA LEU RA 22 -51.64 -2.86 -9.70
C LEU RA 22 -50.46 -1.92 -9.46
N GLY RA 23 -49.37 -2.45 -8.92
CA GLY RA 23 -48.23 -1.60 -8.62
C GLY RA 23 -47.61 -1.01 -9.87
N MET RA 24 -47.40 -1.84 -10.89
CA MET RA 24 -46.77 -1.38 -12.12
C MET RA 24 -47.61 -0.31 -12.78
N HIS RA 25 -48.91 -0.55 -12.95
CA HIS RA 25 -49.75 0.38 -13.68
C HIS RA 25 -50.12 1.61 -12.87
N ALA RA 26 -50.22 1.49 -11.54
CA ALA RA 26 -50.43 2.67 -10.72
C ALA RA 26 -49.21 3.57 -10.78
N TYR RA 27 -48.01 2.99 -10.62
CA TYR RA 27 -46.80 3.77 -10.77
C TYR RA 27 -46.70 4.38 -12.16
N TRP RA 28 -47.06 3.59 -13.17
CA TRP RA 28 -47.00 4.05 -14.56
C TRP RA 28 -47.95 5.23 -14.80
N SER RA 29 -49.17 5.15 -14.29
CA SER RA 29 -50.14 6.21 -14.50
C SER RA 29 -49.78 7.46 -13.70
N ILE RA 30 -49.38 7.29 -12.45
CA ILE RA 30 -48.95 8.44 -11.64
C ILE RA 30 -47.73 9.09 -12.27
N GLY RA 31 -46.81 8.28 -12.78
CA GLY RA 31 -45.64 8.84 -13.45
C GLY RA 31 -45.98 9.52 -14.76
N LEU RA 32 -46.96 9.00 -15.50
CA LEU RA 32 -47.39 9.68 -16.72
C LEU RA 32 -48.03 11.02 -16.38
N ILE RA 33 -48.83 11.08 -15.32
CA ILE RA 33 -49.41 12.35 -14.90
C ILE RA 33 -48.33 13.30 -14.43
N ALA RA 34 -47.34 12.77 -13.71
CA ALA RA 34 -46.24 13.61 -13.24
C ALA RA 34 -45.42 14.15 -14.41
N ASN RA 35 -45.17 13.33 -15.41
CA ASN RA 35 -44.43 13.78 -16.58
C ASN RA 35 -45.26 14.72 -17.43
N ALA RA 36 -46.58 14.53 -17.46
CA ALA RA 36 -47.46 15.48 -18.13
C ALA RA 36 -47.43 16.83 -17.42
N LEU RA 37 -47.43 16.82 -16.09
CA LEU RA 37 -47.37 18.06 -15.32
C LEU RA 37 -46.04 18.77 -15.54
N ALA RA 38 -44.93 18.03 -15.44
CA ALA RA 38 -43.62 18.64 -15.66
C ALA RA 38 -43.43 19.05 -17.11
N TYR RA 39 -44.14 18.42 -18.05
CA TYR RA 39 -44.02 18.80 -19.45
C TYR RA 39 -44.82 20.06 -19.72
N ALA RA 40 -46.01 20.17 -19.13
CA ALA RA 40 -46.79 21.39 -19.25
C ALA RA 40 -46.12 22.55 -18.55
N TRP RA 41 -45.38 22.27 -17.48
CA TRP RA 41 -44.62 23.31 -16.79
C TRP RA 41 -43.46 23.77 -17.66
N ARG RA 42 -42.69 22.85 -18.18
CA ARG RA 42 -41.55 23.13 -19.05
C ARG RA 42 -41.36 21.95 -19.98
N PRO RA 43 -41.74 22.05 -21.25
CA PRO RA 43 -41.62 20.91 -22.16
C PRO RA 43 -40.21 20.35 -22.19
N PHE RA 44 -40.13 19.02 -22.17
CA PHE RA 44 -38.85 18.36 -21.97
C PHE RA 44 -37.93 18.52 -23.16
N HIS RA 45 -38.48 18.49 -24.36
CA HIS RA 45 -37.71 18.40 -25.59
C HIS RA 45 -37.76 19.73 -26.30
N GLN RA 46 -36.59 20.28 -26.61
CA GLN RA 46 -36.49 21.58 -27.24
C GLN RA 46 -36.91 21.50 -28.70
N GLY RA 47 -37.49 22.59 -29.20
CA GLY RA 47 -37.76 22.70 -30.60
C GLY RA 47 -36.49 22.96 -31.37
N ARG RA 48 -36.66 23.18 -32.68
CA ARG RA 48 -35.50 23.45 -33.52
C ARG RA 48 -34.78 24.71 -33.05
N ALA RA 49 -35.52 25.69 -32.55
CA ALA RA 49 -34.92 26.88 -31.97
C ALA RA 49 -34.14 26.57 -30.70
N GLY RA 50 -34.40 25.43 -30.06
CA GLY RA 50 -33.81 25.13 -28.79
C GLY RA 50 -34.52 25.89 -27.68
N ASN RA 51 -34.04 25.70 -26.46
CA ASN RA 51 -34.55 26.49 -25.35
C ASN RA 51 -33.43 26.92 -24.41
N ARG RA 52 -32.23 27.08 -24.93
CA ARG RA 52 -31.15 27.67 -24.14
C ARG RA 52 -31.46 29.13 -23.88
N LEU RA 53 -31.24 29.58 -22.66
CA LEU RA 53 -31.48 30.98 -22.33
C LEU RA 53 -30.57 31.90 -23.12
N GLU RA 54 -29.36 31.44 -23.43
CA GLU RA 54 -28.42 32.26 -24.19
C GLU RA 54 -28.96 32.61 -25.57
N ASP RA 55 -29.75 31.73 -26.18
CA ASP RA 55 -30.25 31.93 -27.52
C ASP RA 55 -31.56 32.70 -27.57
N HIS RA 56 -32.23 32.89 -26.44
CA HIS RA 56 -33.54 33.55 -26.48
C HIS RA 56 -33.65 34.71 -25.50
N ALA RA 57 -33.05 34.59 -24.32
CA ALA RA 57 -33.10 35.64 -23.33
C ALA RA 57 -32.20 36.80 -23.72
N PRO RA 58 -32.45 37.99 -23.17
CA PRO RA 58 -31.49 39.09 -23.34
C PRO RA 58 -30.17 38.77 -22.68
N ASP RA 59 -29.18 39.64 -22.96
CA ASP RA 59 -27.82 39.37 -22.50
C ASP RA 59 -27.71 39.39 -20.99
N TYR RA 60 -28.46 40.27 -20.32
CA TYR RA 60 -28.35 40.39 -18.87
C TYR RA 60 -28.89 39.17 -18.14
N VAL RA 61 -29.67 38.32 -18.81
CA VAL RA 61 -30.15 37.08 -18.21
C VAL RA 61 -29.00 36.09 -18.22
N ARG RA 62 -28.40 35.87 -17.05
CA ARG RA 62 -27.28 34.94 -16.96
C ARG RA 62 -27.76 33.51 -17.19
N SER RA 63 -26.94 32.74 -17.89
CA SER RA 63 -27.22 31.34 -18.12
C SER RA 63 -26.03 30.50 -17.65
N ALA RA 64 -26.34 29.35 -17.06
CA ALA RA 64 -25.31 28.38 -16.73
C ALA RA 64 -24.87 27.56 -17.93
N LEU RA 65 -25.26 27.98 -19.13
CA LEU RA 65 -24.95 27.29 -20.39
C LEU RA 65 -25.50 25.86 -20.37
N GLY SA 2 -50.32 23.58 -28.83
CA GLY SA 2 -49.08 23.29 -29.54
C GLY SA 2 -48.63 21.85 -29.38
N ASP SA 3 -47.37 21.58 -29.72
CA ASP SA 3 -46.85 20.23 -29.60
C ASP SA 3 -46.83 19.77 -28.14
N ALA SA 4 -46.46 20.67 -27.24
CA ALA SA 4 -46.40 20.32 -25.82
C ALA SA 4 -47.78 19.95 -25.29
N GLY SA 5 -48.82 20.66 -25.72
CA GLY SA 5 -50.17 20.29 -25.34
C GLY SA 5 -50.54 18.91 -25.83
N ILE SA 6 -50.11 18.56 -27.04
CA ILE SA 6 -50.36 17.21 -27.57
C ILE SA 6 -49.64 16.17 -26.73
N VAL SA 7 -48.40 16.45 -26.35
CA VAL SA 7 -47.65 15.51 -25.51
C VAL SA 7 -48.35 15.32 -24.18
N VAL SA 8 -48.79 16.42 -23.56
CA VAL SA 8 -49.47 16.34 -22.27
C VAL SA 8 -50.76 15.55 -22.40
N ALA SA 9 -51.54 15.80 -23.45
CA ALA SA 9 -52.78 15.08 -23.65
C ALA SA 9 -52.53 13.59 -23.87
N VAL SA 10 -51.50 13.25 -24.64
CA VAL SA 10 -51.18 11.85 -24.89
C VAL SA 10 -50.75 11.17 -23.60
N LEU SA 11 -49.92 11.83 -22.80
CA LEU SA 11 -49.48 11.26 -21.53
C LEU SA 11 -50.64 11.09 -20.57
N VAL SA 12 -51.57 12.04 -20.54
CA VAL SA 12 -52.73 11.94 -19.67
C VAL SA 12 -53.64 10.80 -20.13
N ILE SA 13 -53.84 10.67 -21.43
CA ILE SA 13 -54.64 9.56 -21.96
C ILE SA 13 -54.00 8.24 -21.62
N LEU SA 14 -52.68 8.15 -21.75
CA LEU SA 14 -51.96 6.93 -21.40
C LEU SA 14 -52.10 6.61 -19.91
N ALA SA 15 -52.06 7.65 -19.07
CA ALA SA 15 -52.24 7.44 -17.64
C ALA SA 15 -53.64 6.95 -17.32
N ILE SA 16 -54.64 7.50 -17.99
CA ILE SA 16 -56.02 7.07 -17.77
C ILE SA 16 -56.20 5.63 -18.22
N LEU SA 17 -55.77 5.31 -19.44
CA LEU SA 17 -55.97 3.98 -19.98
C LEU SA 17 -55.15 2.93 -19.25
N GLY SA 18 -53.95 3.30 -18.82
CA GLY SA 18 -53.08 2.43 -18.06
C GLY SA 18 -53.31 2.45 -16.58
N TRP SA 19 -54.28 3.20 -16.09
CA TRP SA 19 -54.61 3.16 -14.67
C TRP SA 19 -55.13 1.77 -14.32
N PRO SA 20 -54.75 1.22 -13.16
CA PRO SA 20 -55.14 -0.17 -12.84
C PRO SA 20 -56.62 -0.46 -12.96
N ASN SA 21 -57.50 0.48 -12.58
CA ASN SA 21 -58.92 0.22 -12.69
C ASN SA 21 -59.34 0.01 -14.15
N ILE SA 22 -58.79 0.81 -15.06
CA ILE SA 22 -59.09 0.64 -16.48
C ILE SA 22 -58.16 -0.37 -17.15
N SER SA 23 -56.87 -0.37 -16.77
CA SER SA 23 -55.93 -1.30 -17.39
C SER SA 23 -56.30 -2.74 -17.09
N SER SA 24 -56.77 -3.02 -15.89
CA SER SA 24 -57.17 -4.34 -15.48
C SER SA 24 -58.45 -4.81 -16.15
N THR SA 25 -59.25 -3.91 -16.66
CA THR SA 25 -60.43 -4.34 -17.41
C THR SA 25 -60.05 -5.15 -18.64
N LEU SA 26 -58.82 -4.98 -19.12
CA LEU SA 26 -58.30 -5.72 -20.26
C LEU SA 26 -57.49 -6.93 -19.83
N ARG SA 27 -57.64 -7.36 -18.57
CA ARG SA 27 -56.88 -8.49 -18.05
C ARG SA 27 -57.52 -9.80 -18.52
N ARG SA 28 -56.77 -10.55 -19.34
CA ARG SA 28 -57.19 -11.86 -19.79
C ARG SA 28 -56.25 -12.89 -19.19
N TRP SA 29 -56.79 -13.83 -18.43
CA TRP SA 29 -55.96 -14.87 -17.81
C TRP SA 29 -55.54 -15.89 -18.86
N MET TA 1 -43.66 2.87 31.74
CA MET TA 1 -42.72 2.09 30.95
C MET TA 1 -42.11 0.94 31.74
N TRP TA 2 -42.70 0.58 32.87
CA TRP TA 2 -42.10 -0.46 33.68
C TRP TA 2 -42.11 -1.82 33.00
N LYS TA 3 -43.00 -2.01 32.01
CA LYS TA 3 -43.02 -3.25 31.25
C LYS TA 3 -42.00 -3.29 30.13
N LEU TA 4 -41.29 -2.18 29.89
CA LEU TA 4 -40.34 -2.16 28.78
C LEU TA 4 -39.22 -3.15 29.00
N TRP TA 5 -38.88 -3.41 30.25
CA TRP TA 5 -37.85 -4.37 30.57
C TRP TA 5 -38.31 -5.81 30.45
N LYS TA 6 -39.58 -6.03 30.10
CA LYS TA 6 -40.01 -7.34 29.63
C LYS TA 6 -39.62 -7.59 28.18
N PHE TA 7 -39.30 -6.54 27.43
CA PHE TA 7 -39.06 -6.69 25.99
C PHE TA 7 -37.77 -6.02 25.57
N VAL TA 8 -37.35 -5.00 26.30
CA VAL TA 8 -36.14 -4.25 26.00
C VAL TA 8 -35.13 -4.52 27.10
N ASP TA 9 -33.92 -4.88 26.70
CA ASP TA 9 -32.88 -5.24 27.65
C ASP TA 9 -32.41 -4.01 28.42
N PHE TA 10 -32.63 -4.03 29.74
CA PHE TA 10 -32.21 -2.90 30.56
C PHE TA 10 -30.69 -2.84 30.67
N ARG TA 11 -30.02 -3.98 30.57
CA ARG TA 11 -28.56 -3.97 30.49
C ARG TA 11 -28.08 -3.06 29.38
N MET TA 12 -28.46 -3.36 28.13
CA MET TA 12 -27.98 -2.55 27.02
C MET TA 12 -28.55 -1.16 27.05
N THR TA 13 -29.80 -1.00 27.48
CA THR TA 13 -30.38 0.33 27.57
C THR TA 13 -29.56 1.20 28.52
N ALA TA 14 -29.32 0.72 29.74
CA ALA TA 14 -28.58 1.51 30.72
C ALA TA 14 -27.14 1.74 30.29
N VAL TA 15 -26.46 0.70 29.80
CA VAL TA 15 -25.07 0.85 29.40
C VAL TA 15 -24.96 1.81 28.23
N GLY TA 16 -25.79 1.64 27.21
CA GLY TA 16 -25.75 2.51 26.05
C GLY TA 16 -26.15 3.93 26.39
N PHE TA 17 -27.10 4.10 27.31
CA PHE TA 17 -27.49 5.45 27.69
C PHE TA 17 -26.39 6.14 28.47
N HIS TA 18 -25.68 5.42 29.35
CA HIS TA 18 -24.57 6.03 30.05
C HIS TA 18 -23.42 6.35 29.10
N LEU TA 19 -23.10 5.42 28.19
CA LEU TA 19 -22.06 5.67 27.21
C LEU TA 19 -22.43 6.85 26.31
N PHE TA 20 -23.68 6.89 25.84
CA PHE TA 20 -24.10 7.97 24.97
C PHE TA 20 -24.17 9.29 25.70
N PHE TA 21 -24.53 9.29 26.98
CA PHE TA 21 -24.57 10.55 27.70
C PHE TA 21 -23.17 11.02 28.08
N ALA TA 22 -22.21 10.12 28.27
CA ALA TA 22 -20.83 10.55 28.36
C ALA TA 22 -20.39 11.21 27.05
N LEU TA 23 -20.68 10.54 25.93
CA LEU TA 23 -20.32 11.09 24.62
C LEU TA 23 -21.02 12.42 24.37
N LEU TA 24 -22.28 12.52 24.78
CA LEU TA 24 -23.07 13.73 24.56
C LEU TA 24 -22.65 14.84 25.51
N ALA TA 25 -22.26 14.51 26.73
CA ALA TA 25 -21.72 15.53 27.62
C ALA TA 25 -20.44 16.11 27.06
N PHE TA 26 -19.59 15.25 26.51
CA PHE TA 26 -18.40 15.75 25.83
C PHE TA 26 -18.78 16.59 24.61
N ALA TA 27 -19.76 16.14 23.83
CA ALA TA 27 -20.18 16.87 22.65
C ALA TA 27 -20.71 18.25 23.01
N VAL TA 28 -21.52 18.32 24.05
CA VAL TA 28 -22.13 19.58 24.45
C VAL TA 28 -21.08 20.50 25.05
N HIS TA 29 -20.15 19.96 25.83
CA HIS TA 29 -19.06 20.78 26.33
C HIS TA 29 -18.18 21.28 25.19
N PHE TA 30 -18.02 20.48 24.14
CA PHE TA 30 -17.32 20.94 22.95
C PHE TA 30 -18.07 22.07 22.26
N ALA TA 31 -19.39 21.95 22.18
CA ALA TA 31 -20.18 23.00 21.56
C ALA TA 31 -20.07 24.31 22.33
N CYS TA 32 -20.05 24.21 23.66
CA CYS TA 32 -19.83 25.40 24.50
C CYS TA 32 -18.43 25.96 24.29
N ILE TA 33 -17.42 25.08 24.22
CA ILE TA 33 -16.05 25.52 24.04
C ILE TA 33 -15.89 26.25 22.72
N SER TA 34 -16.49 25.72 21.65
CA SER TA 34 -16.39 26.33 20.34
C SER TA 34 -17.10 27.67 20.27
N SER TA 35 -17.99 27.95 21.22
CA SER TA 35 -18.73 29.21 21.23
C SER TA 35 -17.95 30.25 22.02
N GLU TA 36 -17.73 31.41 21.41
CA GLU TA 36 -17.05 32.50 22.10
C GLU TA 36 -17.84 32.96 23.30
N ARG TA 37 -19.16 33.05 23.17
CA ARG TA 37 -20.00 33.49 24.27
C ARG TA 37 -19.93 32.51 25.44
N PHE TA 38 -19.85 31.23 25.15
CA PHE TA 38 -20.03 30.19 26.15
C PHE TA 38 -18.75 29.47 26.53
N ASN TA 39 -17.64 29.74 25.91
CA ASN TA 39 -16.40 29.16 26.32
C ASN TA 39 -15.94 29.82 27.60
N TRP TA 40 -16.10 29.14 28.70
CA TRP TA 40 -15.62 29.58 30.00
C TRP TA 40 -14.11 29.47 30.10
N LEU TA 41 -13.50 28.57 29.34
CA LEU TA 41 -12.06 28.42 29.35
C LEU TA 41 -11.39 29.59 28.64
N GLU TA 42 -11.97 30.06 27.54
CA GLU TA 42 -11.54 31.30 26.90
C GLU TA 42 -11.87 32.50 27.78
N GLY TA 43 -13.06 32.50 28.38
CA GLY TA 43 -13.51 33.60 29.22
C GLY TA 43 -13.81 34.89 28.49
N ALA TA 44 -14.40 34.80 27.30
CA ALA TA 44 -14.73 35.99 26.55
C ALA TA 44 -15.89 36.74 27.21
N PRO TA 45 -15.97 38.05 27.03
CA PRO TA 45 -17.09 38.81 27.59
C PRO TA 45 -18.40 38.44 26.93
N ALA TA 46 -19.48 38.54 27.71
CA ALA TA 46 -20.81 38.44 27.14
C ALA TA 46 -21.19 39.76 26.50
N ALA TA 47 -21.90 39.68 25.37
CA ALA TA 47 -22.34 40.90 24.70
C ALA TA 47 -23.26 41.71 25.60
N GLU TA 48 -23.99 41.06 26.50
CA GLU TA 48 -24.84 41.76 27.45
C GLU TA 48 -24.05 42.73 28.32
N TYR TA 49 -22.76 42.48 28.53
CA TYR TA 49 -21.92 43.42 29.24
C TYR TA 49 -21.89 44.78 28.55
N TYR TA 50 -22.09 44.81 27.24
CA TYR TA 50 -22.03 46.03 26.46
C TYR TA 50 -23.37 46.55 26.00
N MET TA 51 -24.41 45.70 25.97
CA MET TA 51 -25.73 46.21 25.65
C MET TA 51 -26.25 47.07 26.79
N ASP TA 52 -26.96 48.13 26.41
CA ASP TA 52 -27.59 49.04 27.36
C ASP TA 52 -28.96 48.58 27.82
N GLU TA 53 -29.44 47.45 27.30
CA GLU TA 53 -30.78 46.96 27.60
C GLU TA 53 -30.79 45.44 27.54
N ASP TA 54 -31.89 44.86 27.97
CA ASP TA 54 -32.04 43.40 27.96
C ASP TA 54 -32.33 42.93 26.55
N PRO TA 55 -31.47 42.09 25.95
CA PRO TA 55 -31.77 41.58 24.61
C PRO TA 55 -33.02 40.72 24.55
N GLY TA 56 -33.31 39.99 25.63
CA GLY TA 56 -34.42 39.05 25.60
C GLY TA 56 -34.06 37.83 24.77
N ILE TA 57 -35.07 36.96 24.63
CA ILE TA 57 -34.96 35.79 23.76
C ILE TA 57 -36.13 35.84 22.80
N TRP TA 58 -37.33 36.01 23.33
CA TRP TA 58 -38.54 36.23 22.55
C TRP TA 58 -39.02 37.67 22.64
N LYS TA 59 -38.16 38.59 23.09
CA LYS TA 59 -38.60 39.93 23.44
C LYS TA 59 -39.08 40.74 22.24
N ARG TA 60 -38.78 40.29 21.02
CA ARG TA 60 -39.22 40.97 19.80
C ARG TA 60 -38.69 42.40 19.75
N THR TA 61 -37.39 42.54 20.04
CA THR TA 61 -36.75 43.84 20.05
C THR TA 61 -36.54 44.34 18.63
N SER TA 62 -36.37 45.66 18.51
CA SER TA 62 -36.15 46.30 17.21
C SER TA 62 -34.95 47.23 17.31
N TYR TA 63 -34.24 47.35 16.19
CA TYR TA 63 -33.05 48.19 16.12
C TYR TA 63 -33.39 49.66 16.33
N ILE UA 4 -36.48 -10.96 21.67
CA ILE UA 4 -37.85 -11.11 22.16
C ILE UA 4 -37.96 -10.69 23.62
N ARG UA 5 -38.73 -11.45 24.39
CA ARG UA 5 -38.88 -11.17 25.81
C ARG UA 5 -37.55 -11.32 26.54
N THR UA 6 -37.30 -10.43 27.49
CA THR UA 6 -36.07 -10.49 28.28
C THR UA 6 -36.14 -11.53 29.38
N GLY UA 7 -37.31 -12.09 29.67
CA GLY UA 7 -37.45 -13.09 30.70
C GLY UA 7 -37.57 -12.55 32.11
N LEU UA 8 -37.53 -11.24 32.29
CA LEU UA 8 -37.67 -10.66 33.62
C LEU UA 8 -39.12 -10.72 34.06
N THR UA 9 -39.32 -11.01 35.35
CA THR UA 9 -40.66 -11.05 35.89
C THR UA 9 -41.18 -9.63 36.10
N ASP UA 10 -42.44 -9.53 36.50
CA ASP UA 10 -43.03 -8.21 36.76
C ASP UA 10 -42.31 -7.51 37.90
N GLU UA 11 -41.94 -8.23 38.95
CA GLU UA 11 -41.27 -7.62 40.09
C GLU UA 11 -39.87 -7.11 39.72
N GLU UA 12 -39.11 -7.91 38.96
CA GLU UA 12 -37.80 -7.46 38.53
C GLU UA 12 -37.90 -6.27 37.60
N CYS UA 13 -38.88 -6.27 36.69
CA CYS UA 13 -39.07 -5.12 35.82
C CYS UA 13 -39.50 -3.89 36.62
N GLN UA 14 -40.33 -4.08 37.64
CA GLN UA 14 -40.78 -2.97 38.46
C GLN UA 14 -39.63 -2.36 39.25
N GLU UA 15 -38.73 -3.19 39.78
CA GLU UA 15 -37.61 -2.63 40.54
C GLU UA 15 -36.55 -2.03 39.61
N ILE UA 16 -36.35 -2.63 38.44
CA ILE UA 16 -35.55 -1.98 37.40
C ILE UA 16 -36.13 -0.62 37.07
N HIS UA 17 -37.46 -0.53 36.97
CA HIS UA 17 -38.08 0.74 36.61
C HIS UA 17 -38.04 1.72 37.76
N GLU UA 18 -38.10 1.26 39.01
CA GLU UA 18 -37.85 2.16 40.13
C GLU UA 18 -36.49 2.81 39.99
N MET UA 19 -35.46 1.99 39.79
CA MET UA 19 -34.11 2.53 39.65
C MET UA 19 -33.97 3.39 38.41
N ASN UA 20 -34.63 3.00 37.32
CA ASN UA 20 -34.56 3.75 36.08
C ASN UA 20 -35.26 5.09 36.19
N MET UA 21 -36.42 5.12 36.84
CA MET UA 21 -37.10 6.38 37.12
C MET UA 21 -36.23 7.27 38.00
N LEU UA 22 -35.64 6.70 39.05
CA LEU UA 22 -34.76 7.47 39.91
C LEU UA 22 -33.60 8.06 39.12
N GLY UA 23 -32.92 7.22 38.33
CA GLY UA 23 -31.76 7.69 37.61
C GLY UA 23 -32.10 8.75 36.58
N MET UA 24 -33.10 8.47 35.73
CA MET UA 24 -33.47 9.42 34.69
C MET UA 24 -33.99 10.72 35.28
N HIS UA 25 -34.82 10.66 36.31
CA HIS UA 25 -35.41 11.89 36.84
C HIS UA 25 -34.43 12.67 37.71
N ALA UA 26 -33.56 11.99 38.46
CA ALA UA 26 -32.52 12.70 39.18
C ALA UA 26 -31.57 13.39 38.21
N TYR UA 27 -31.17 12.70 37.14
CA TYR UA 27 -30.35 13.33 36.13
C TYR UA 27 -31.08 14.47 35.45
N TRP UA 28 -32.38 14.28 35.20
CA TRP UA 28 -33.20 15.31 34.57
C TRP UA 28 -33.25 16.57 35.42
N SER UA 29 -33.49 16.41 36.72
CA SER UA 29 -33.57 17.56 37.60
C SER UA 29 -32.22 18.23 37.80
N ILE UA 30 -31.16 17.43 37.96
CA ILE UA 30 -29.82 18.00 38.09
C ILE UA 30 -29.43 18.73 36.82
N GLY UA 31 -29.76 18.17 35.66
CA GLY UA 31 -29.48 18.85 34.41
C GLY UA 31 -30.30 20.11 34.22
N LEU UA 32 -31.56 20.09 34.66
CA LEU UA 32 -32.37 21.29 34.57
C LEU UA 32 -31.81 22.39 35.46
N ILE UA 33 -31.35 22.02 36.66
CA ILE UA 33 -30.75 23.00 37.55
C ILE UA 33 -29.45 23.53 36.95
N ALA UA 34 -28.63 22.64 36.40
CA ALA UA 34 -27.38 23.06 35.79
C ALA UA 34 -27.61 23.96 34.60
N ASN UA 35 -28.60 23.64 33.76
CA ASN UA 35 -28.91 24.48 32.62
C ASN UA 35 -29.52 25.80 33.04
N ALA UA 36 -30.30 25.80 34.13
CA ALA UA 36 -30.80 27.06 34.67
C ALA UA 36 -29.66 27.95 35.15
N LEU UA 37 -28.69 27.34 35.85
CA LEU UA 37 -27.53 28.10 36.32
C LEU UA 37 -26.73 28.65 35.15
N ALA UA 38 -26.49 27.82 34.12
CA ALA UA 38 -25.74 28.28 32.96
C ALA UA 38 -26.53 29.30 32.15
N TYR UA 39 -27.86 29.23 32.18
CA TYR UA 39 -28.68 30.16 31.43
C TYR UA 39 -28.71 31.52 32.13
N ALA UA 40 -28.78 31.50 33.46
CA ALA UA 40 -28.68 32.74 34.22
C ALA UA 40 -27.30 33.35 34.08
N TRP UA 41 -26.26 32.50 33.99
CA TRP UA 41 -24.92 32.99 33.74
C TRP UA 41 -24.82 33.66 32.38
N ARG UA 42 -25.29 32.98 31.35
CA ARG UA 42 -25.32 33.50 29.99
C ARG UA 42 -26.49 32.85 29.26
N PRO UA 43 -27.56 33.60 29.00
CA PRO UA 43 -28.71 33.02 28.31
C PRO UA 43 -28.33 32.35 27.00
N PHE UA 44 -28.80 31.13 26.82
CA PHE UA 44 -28.31 30.29 25.74
C PHE UA 44 -28.71 30.84 24.38
N HIS UA 45 -29.82 31.54 24.32
CA HIS UA 45 -30.44 31.90 23.06
C HIS UA 45 -30.43 33.41 22.93
N GLN UA 46 -29.88 33.90 21.82
CA GLN UA 46 -29.76 35.32 21.62
C GLN UA 46 -31.13 35.94 21.32
N GLY UA 47 -31.24 37.22 21.64
CA GLY UA 47 -32.39 38.00 21.23
C GLY UA 47 -32.26 38.39 19.77
N ARG UA 48 -33.22 39.19 19.32
CA ARG UA 48 -33.17 39.66 17.94
C ARG UA 48 -31.90 40.46 17.67
N ALA UA 49 -31.44 41.21 18.67
CA ALA UA 49 -30.17 41.91 18.54
C ALA UA 49 -28.97 40.96 18.51
N GLY UA 50 -29.18 39.69 18.84
CA GLY UA 50 -28.08 38.76 18.96
C GLY UA 50 -27.30 38.99 20.22
N ASN UA 51 -26.20 38.24 20.34
CA ASN UA 51 -25.25 38.47 21.42
C ASN UA 51 -23.82 38.32 20.93
N ARG UA 52 -23.60 38.60 19.64
CA ARG UA 52 -22.24 38.69 19.13
C ARG UA 52 -21.56 39.92 19.71
N LEU UA 53 -20.32 39.74 20.16
CA LEU UA 53 -19.58 40.86 20.73
C LEU UA 53 -19.37 41.96 19.69
N GLU UA 54 -19.06 41.56 18.45
CA GLU UA 54 -18.79 42.54 17.40
C GLU UA 54 -19.96 43.49 17.20
N ASP UA 55 -21.18 43.05 17.49
CA ASP UA 55 -22.35 43.89 17.33
C ASP UA 55 -22.65 44.74 18.56
N HIS UA 56 -21.96 44.53 19.68
CA HIS UA 56 -22.26 45.27 20.89
C HIS UA 56 -21.01 45.87 21.53
N ALA UA 57 -19.86 45.21 21.38
CA ALA UA 57 -18.65 45.64 22.04
C ALA UA 57 -18.11 46.92 21.40
N PRO UA 58 -17.27 47.67 22.12
CA PRO UA 58 -16.78 48.95 21.60
C PRO UA 58 -15.71 48.83 20.52
N ASP UA 59 -15.56 47.62 19.96
CA ASP UA 59 -14.78 47.25 18.78
C ASP UA 59 -13.28 47.21 19.00
N TYR UA 60 -12.79 47.66 20.15
CA TYR UA 60 -11.45 47.27 20.58
C TYR UA 60 -11.47 45.97 21.36
N VAL UA 61 -12.65 45.48 21.71
CA VAL UA 61 -12.80 44.17 22.33
C VAL UA 61 -12.62 43.11 21.25
N ARG UA 62 -11.70 42.19 21.48
CA ARG UA 62 -11.42 41.18 20.49
C ARG UA 62 -12.57 40.17 20.44
N SER UA 63 -13.15 39.99 19.27
CA SER UA 63 -14.16 38.98 19.03
C SER UA 63 -13.58 37.94 18.09
N ALA UA 64 -13.58 36.68 18.54
CA ALA UA 64 -13.01 35.58 17.79
C ALA UA 64 -14.03 34.88 16.91
N LEU UA 65 -15.00 35.64 16.40
CA LEU UA 65 -16.19 35.05 15.81
C LEU UA 65 -16.28 35.36 14.33
N GLY VA 2 -35.62 39.22 32.31
CA GLY VA 2 -36.64 39.26 31.28
C GLY VA 2 -37.08 37.87 30.86
N ASP VA 3 -36.85 37.54 29.59
CA ASP VA 3 -37.14 36.19 29.12
C ASP VA 3 -36.18 35.18 29.72
N ALA VA 4 -34.94 35.60 30.01
CA ALA VA 4 -33.99 34.69 30.63
C ALA VA 4 -34.43 34.26 32.01
N GLY VA 5 -35.01 35.19 32.78
CA GLY VA 5 -35.56 34.81 34.07
C GLY VA 5 -36.71 33.83 33.95
N ILE VA 6 -37.53 34.00 32.90
CA ILE VA 6 -38.62 33.06 32.66
C ILE VA 6 -38.06 31.68 32.34
N VAL VA 7 -37.02 31.61 31.52
CA VAL VA 7 -36.43 30.32 31.18
C VAL VA 7 -35.84 29.66 32.42
N VAL VA 8 -35.12 30.44 33.24
CA VAL VA 8 -34.52 29.89 34.44
C VAL VA 8 -35.59 29.37 35.39
N ALA VA 9 -36.66 30.15 35.57
CA ALA VA 9 -37.75 29.72 36.45
C ALA VA 9 -38.42 28.47 35.92
N VAL VA 10 -38.61 28.37 34.60
CA VAL VA 10 -39.23 27.19 34.02
C VAL VA 10 -38.35 25.97 34.22
N LEU VA 11 -37.05 26.11 33.99
CA LEU VA 11 -36.14 25.00 34.20
C LEU VA 11 -36.11 24.56 35.67
N VAL VA 12 -36.12 25.53 36.59
CA VAL VA 12 -36.14 25.19 38.01
C VAL VA 12 -37.44 24.48 38.37
N ILE VA 13 -38.56 24.95 37.83
CA ILE VA 13 -39.85 24.33 38.11
C ILE VA 13 -39.88 22.90 37.58
N LEU VA 14 -39.35 22.69 36.38
CA LEU VA 14 -39.29 21.34 35.82
C LEU VA 14 -38.38 20.45 36.64
N ALA VA 15 -37.26 21.00 37.14
CA ALA VA 15 -36.38 20.23 38.01
C ALA VA 15 -37.06 19.84 39.31
N ILE VA 16 -37.85 20.75 39.88
CA ILE VA 16 -38.57 20.43 41.11
C ILE VA 16 -39.63 19.38 40.85
N LEU VA 17 -40.44 19.57 39.81
CA LEU VA 17 -41.48 18.60 39.48
C LEU VA 17 -40.87 17.30 38.97
N GLY VA 18 -39.77 17.37 38.24
CA GLY VA 18 -39.12 16.19 37.73
C GLY VA 18 -38.23 15.47 38.70
N TRP VA 19 -38.07 15.98 39.92
CA TRP VA 19 -37.25 15.30 40.89
C TRP VA 19 -37.92 14.00 41.32
N PRO VA 20 -37.14 12.93 41.54
CA PRO VA 20 -37.75 11.63 41.88
C PRO VA 20 -38.74 11.67 43.04
N ASN VA 21 -38.45 12.43 44.10
CA ASN VA 21 -39.41 12.53 45.20
C ASN VA 21 -40.72 13.15 44.77
N ILE VA 22 -40.71 14.01 43.76
CA ILE VA 22 -41.93 14.62 43.23
C ILE VA 22 -42.46 13.85 42.03
N SER VA 23 -41.58 13.47 41.11
CA SER VA 23 -42.03 12.80 39.90
C SER VA 23 -42.60 11.41 40.20
N SER VA 24 -41.98 10.68 41.14
CA SER VA 24 -42.41 9.33 41.45
C SER VA 24 -43.75 9.29 42.19
N THR VA 25 -44.24 10.42 42.68
CA THR VA 25 -45.59 10.46 43.25
C THR VA 25 -46.65 10.23 42.19
N LEU VA 26 -46.32 10.44 40.92
CA LEU VA 26 -47.22 10.19 39.81
C LEU VA 26 -47.10 8.77 39.26
N ARG VA 27 -46.24 7.95 39.87
CA ARG VA 27 -46.14 6.55 39.48
C ARG VA 27 -47.46 5.84 39.75
N ARG VA 28 -47.94 5.08 38.76
CA ARG VA 28 -49.23 4.43 38.85
C ARG VA 28 -49.11 2.92 39.00
N TRP VA 29 -48.50 2.26 38.03
CA TRP VA 29 -48.31 0.80 38.03
C TRP VA 29 -49.58 0.04 38.41
N MET WA 1 -30.16 2.75 44.77
CA MET WA 1 -30.30 1.67 43.80
C MET WA 1 -29.44 0.46 44.14
N TRP WA 2 -29.62 -0.10 45.33
CA TRP WA 2 -28.88 -1.30 45.69
C TRP WA 2 -29.32 -2.51 44.88
N LYS WA 3 -30.50 -2.46 44.26
CA LYS WA 3 -30.97 -3.56 43.44
C LYS WA 3 -30.39 -3.53 42.03
N LEU WA 4 -29.65 -2.48 41.68
CA LEU WA 4 -29.06 -2.40 40.34
C LEU WA 4 -28.12 -3.54 40.07
N TRP WA 5 -27.50 -4.08 41.12
CA TRP WA 5 -26.56 -5.18 40.99
C TRP WA 5 -27.26 -6.52 40.84
N LYS WA 6 -28.58 -6.54 40.97
CA LYS WA 6 -29.35 -7.70 40.53
C LYS WA 6 -29.44 -7.79 39.02
N PHE WA 7 -29.20 -6.67 38.31
CA PHE WA 7 -29.39 -6.60 36.87
C PHE WA 7 -28.22 -5.97 36.14
N VAL WA 8 -27.37 -5.21 36.79
CA VAL WA 8 -26.19 -4.62 36.18
C VAL WA 8 -24.97 -5.20 36.87
N ASP WA 9 -24.03 -5.70 36.08
CA ASP WA 9 -22.81 -6.27 36.63
C ASP WA 9 -21.98 -5.17 37.29
N PHE WA 10 -21.84 -5.26 38.62
CA PHE WA 10 -21.14 -4.20 39.35
C PHE WA 10 -19.67 -4.16 38.99
N ARG WA 11 -19.06 -5.30 38.69
CA ARG WA 11 -17.66 -5.31 38.30
C ARG WA 11 -17.45 -4.47 37.05
N MET WA 12 -18.28 -4.67 36.03
CA MET WA 12 -18.21 -3.84 34.84
C MET WA 12 -18.43 -2.38 35.19
N THR WA 13 -19.45 -2.08 35.99
CA THR WA 13 -19.80 -0.70 36.26
C THR WA 13 -18.67 0.02 36.99
N ALA WA 14 -18.12 -0.60 38.04
CA ALA WA 14 -17.07 0.03 38.81
C ALA WA 14 -15.79 0.17 38.00
N VAL WA 15 -15.38 -0.89 37.30
CA VAL WA 15 -14.13 -0.82 36.55
C VAL WA 15 -14.28 0.15 35.38
N GLY WA 16 -15.44 0.16 34.73
CA GLY WA 16 -15.66 1.08 33.64
C GLY WA 16 -15.74 2.52 34.09
N PHE WA 17 -16.34 2.76 35.25
CA PHE WA 17 -16.33 4.11 35.79
C PHE WA 17 -14.92 4.54 36.15
N HIS WA 18 -14.11 3.63 36.66
CA HIS WA 18 -12.71 3.99 36.95
C HIS WA 18 -11.94 4.29 35.67
N LEU WA 19 -12.14 3.48 34.63
CA LEU WA 19 -11.47 3.72 33.36
C LEU WA 19 -11.93 5.04 32.75
N PHE WA 20 -13.25 5.27 32.74
CA PHE WA 20 -13.77 6.49 32.16
C PHE WA 20 -13.39 7.70 32.97
N PHE WA 21 -13.20 7.55 34.28
CA PHE WA 21 -12.77 8.68 35.07
C PHE WA 21 -11.28 8.94 34.92
N ALA WA 22 -10.47 7.91 34.65
CA ALA WA 22 -9.10 8.18 34.24
C ALA WA 22 -9.09 8.96 32.93
N LEU WA 23 -9.89 8.51 31.96
CA LEU WA 23 -9.99 9.20 30.68
C LEU WA 23 -10.50 10.61 30.85
N LEU WA 24 -11.50 10.80 31.71
CA LEU WA 24 -12.10 12.10 31.91
C LEU WA 24 -11.20 13.01 32.74
N ALA WA 25 -10.42 12.46 33.65
CA ALA WA 25 -9.45 13.26 34.38
C ALA WA 25 -8.37 13.78 33.44
N PHE WA 26 -7.89 12.93 32.53
CA PHE WA 26 -6.99 13.41 31.50
C PHE WA 26 -7.67 14.46 30.62
N ALA WA 27 -8.91 14.21 30.21
CA ALA WA 27 -9.61 15.15 29.34
C ALA WA 27 -9.78 16.51 30.00
N VAL WA 28 -10.18 16.51 31.27
CA VAL WA 28 -10.46 17.75 31.98
C VAL WA 28 -9.18 18.49 32.34
N HIS WA 29 -8.15 17.75 32.79
CA HIS WA 29 -6.87 18.38 33.07
C HIS WA 29 -6.28 18.99 31.81
N PHE WA 30 -6.37 18.28 30.68
CA PHE WA 30 -5.90 18.81 29.40
C PHE WA 30 -6.72 20.00 28.96
N ALA WA 31 -8.02 20.00 29.25
CA ALA WA 31 -8.85 21.16 28.97
C ALA WA 31 -8.40 22.37 29.76
N CYS WA 32 -8.04 22.16 31.04
CA CYS WA 32 -7.54 23.26 31.87
C CYS WA 32 -6.21 23.77 31.35
N ILE WA 33 -5.31 22.87 30.96
CA ILE WA 33 -4.03 23.29 30.40
C ILE WA 33 -4.24 24.07 29.10
N SER WA 34 -5.20 23.62 28.28
CA SER WA 34 -5.49 24.30 27.02
C SER WA 34 -6.12 25.67 27.24
N SER WA 35 -6.52 26.00 28.46
CA SER WA 35 -7.05 27.31 28.79
C SER WA 35 -5.94 28.16 29.37
N GLU WA 36 -5.79 29.39 28.85
CA GLU WA 36 -4.78 30.29 29.40
C GLU WA 36 -5.05 30.60 30.86
N ARG WA 37 -6.31 30.89 31.20
CA ARG WA 37 -6.65 31.26 32.56
C ARG WA 37 -6.36 30.13 33.54
N PHE WA 38 -6.54 28.89 33.08
CA PHE WA 38 -6.49 27.73 33.96
C PHE WA 38 -5.25 26.87 33.75
N ASN WA 39 -4.32 27.30 32.89
CA ASN WA 39 -3.08 26.58 32.69
C ASN WA 39 -2.14 26.94 33.83
N TRP WA 40 -2.15 26.10 34.87
CA TRP WA 40 -1.19 26.26 35.96
C TRP WA 40 0.22 25.91 35.52
N LEU WA 41 0.35 25.09 34.48
CA LEU WA 41 1.67 24.75 33.96
C LEU WA 41 2.36 25.97 33.36
N GLU WA 42 1.61 26.82 32.66
CA GLU WA 42 2.16 28.05 32.13
C GLU WA 42 2.05 29.20 33.13
N GLY WA 43 1.05 29.19 33.99
CA GLY WA 43 0.92 30.18 35.04
C GLY WA 43 0.64 31.60 34.58
N ALA WA 44 -0.28 31.77 33.64
CA ALA WA 44 -0.67 33.09 33.19
C ALA WA 44 -1.41 33.83 34.30
N PRO WA 45 -1.40 35.17 34.27
CA PRO WA 45 -2.15 35.92 35.27
C PRO WA 45 -3.65 35.78 35.07
N ALA WA 46 -4.39 35.98 36.16
CA ALA WA 46 -5.83 36.07 36.07
C ALA WA 46 -6.24 37.50 35.75
N ALA WA 47 -7.32 37.64 34.98
CA ALA WA 47 -7.85 38.98 34.69
C ALA WA 47 -8.31 39.67 35.97
N GLU WA 48 -8.65 38.90 37.01
CA GLU WA 48 -9.00 39.47 38.29
C GLU WA 48 -7.84 40.23 38.92
N TYR WA 49 -6.60 39.90 38.54
CA TYR WA 49 -5.45 40.67 38.97
C TYR WA 49 -5.48 42.10 38.45
N TYR WA 50 -6.11 42.32 37.30
CA TYR WA 50 -6.13 43.63 36.67
C TYR WA 50 -7.50 44.29 36.72
N MET WA 51 -8.52 43.62 37.23
CA MET WA 51 -9.84 44.21 37.38
C MET WA 51 -9.98 44.88 38.74
N ASP WA 52 -10.55 46.08 38.74
CA ASP WA 52 -10.79 46.83 39.97
C ASP WA 52 -12.11 46.47 40.63
N GLU WA 53 -12.95 45.68 39.96
CA GLU WA 53 -14.21 45.22 40.53
C GLU WA 53 -14.33 43.73 40.30
N ASP WA 54 -15.10 43.08 41.17
CA ASP WA 54 -15.32 41.64 41.04
C ASP WA 54 -16.19 41.39 39.81
N PRO WA 55 -15.72 40.60 38.83
CA PRO WA 55 -16.54 40.37 37.63
C PRO WA 55 -17.84 39.65 37.92
N GLY WA 56 -17.88 38.82 38.95
CA GLY WA 56 -19.05 38.01 39.21
C GLY WA 56 -19.13 36.86 38.22
N ILE WA 57 -20.23 36.11 38.34
CA ILE WA 57 -20.55 35.05 37.38
C ILE WA 57 -21.95 35.30 36.86
N TRP WA 58 -22.91 35.45 37.77
CA TRP WA 58 -24.26 35.84 37.42
C TRP WA 58 -24.52 37.32 37.67
N LYS WA 59 -23.54 38.04 38.18
CA LYS WA 59 -23.72 39.46 38.45
C LYS WA 59 -23.95 40.20 37.14
N ARG WA 60 -25.08 40.91 37.06
CA ARG WA 60 -25.46 41.62 35.84
C ARG WA 60 -24.66 42.91 35.71
N THR WA 61 -23.38 42.74 35.45
CA THR WA 61 -22.47 43.85 35.25
C THR WA 61 -22.65 44.45 33.86
N SER WA 62 -22.31 45.73 33.74
CA SER WA 62 -22.39 46.42 32.46
C SER WA 62 -21.13 47.24 32.28
N TYR WA 63 -20.70 47.36 31.02
CA TYR WA 63 -19.58 48.20 30.65
C TYR WA 63 -19.89 49.68 30.92
N ILE XA 4 -29.77 -8.95 32.12
CA ILE XA 4 -29.99 -10.29 32.63
C ILE XA 4 -29.63 -10.30 34.12
N ARG XA 5 -30.15 -11.28 34.84
CA ARG XA 5 -29.87 -11.38 36.26
C ARG XA 5 -28.40 -11.67 36.50
N THR XA 6 -27.79 -10.91 37.41
CA THR XA 6 -26.39 -11.13 37.75
C THR XA 6 -26.20 -12.30 38.70
N GLY XA 7 -27.27 -12.80 39.30
CA GLY XA 7 -27.18 -13.89 40.24
C GLY XA 7 -26.80 -13.48 41.64
N LEU XA 8 -26.58 -12.19 41.88
CA LEU XA 8 -26.19 -11.73 43.21
C LEU XA 8 -27.39 -11.71 44.14
N THR XA 9 -27.16 -12.16 45.37
CA THR XA 9 -28.20 -12.17 46.38
C THR XA 9 -28.48 -10.74 46.85
N ASP XA 10 -29.54 -10.60 47.65
CA ASP XA 10 -29.88 -9.28 48.19
C ASP XA 10 -28.77 -8.76 49.08
N GLU XA 11 -28.19 -9.63 49.91
CA GLU XA 11 -27.12 -9.20 50.81
C GLU XA 11 -25.86 -8.86 50.05
N GLU XA 12 -25.54 -9.63 49.01
CA GLU XA 12 -24.40 -9.31 48.17
C GLU XA 12 -24.60 -8.00 47.42
N CYS XA 13 -25.81 -7.78 46.90
CA CYS XA 13 -26.13 -6.51 46.27
C CYS XA 13 -26.03 -5.37 47.26
N GLN XA 14 -26.41 -5.60 48.52
CA GLN XA 14 -26.37 -4.54 49.51
C GLN XA 14 -24.95 -4.21 49.94
N GLU XA 15 -24.07 -5.21 50.04
CA GLU XA 15 -22.68 -4.89 50.35
C GLU XA 15 -21.99 -4.23 49.17
N ILE XA 16 -22.31 -4.68 47.94
CA ILE XA 16 -21.84 -3.99 46.75
C ILE XA 16 -22.31 -2.54 46.76
N HIS XA 17 -23.57 -2.31 47.11
CA HIS XA 17 -24.10 -0.95 47.10
C HIS XA 17 -23.53 -0.12 48.24
N GLU XA 18 -23.22 -0.72 49.38
CA GLU XA 18 -22.54 0.00 50.44
C GLU XA 18 -21.20 0.49 49.96
N MET XA 19 -20.41 -0.39 49.33
CA MET XA 19 -19.14 0.03 48.78
C MET XA 19 -19.33 1.05 47.66
N ASN XA 20 -20.36 0.87 46.84
CA ASN XA 20 -20.59 1.77 45.73
C ASN XA 20 -20.99 3.16 46.23
N MET XA 21 -21.85 3.23 47.24
CA MET XA 21 -22.19 4.51 47.83
C MET XA 21 -20.96 5.15 48.46
N LEU XA 22 -20.15 4.36 49.15
CA LEU XA 22 -18.93 4.90 49.75
C LEU XA 22 -18.02 5.50 48.67
N GLY XA 23 -17.71 4.71 47.64
CA GLY XA 23 -16.81 5.20 46.61
C GLY XA 23 -17.37 6.39 45.86
N MET XA 24 -18.63 6.28 45.44
CA MET XA 24 -19.25 7.35 44.67
C MET XA 24 -19.31 8.64 45.47
N HIS XA 25 -19.79 8.58 46.71
CA HIS XA 25 -19.98 9.79 47.48
C HIS XA 25 -18.68 10.34 48.04
N ALA XA 26 -17.70 9.47 48.35
CA ALA XA 26 -16.39 9.97 48.75
C ALA XA 26 -15.69 10.67 47.60
N TYR XA 27 -15.70 10.05 46.42
CA TYR XA 27 -15.14 10.72 45.25
C TYR XA 27 -15.89 12.00 44.94
N TRP XA 28 -17.21 11.97 45.09
CA TRP XA 28 -18.03 13.14 44.81
C TRP XA 28 -17.71 14.28 45.75
N SER XA 29 -17.57 14.00 47.05
CA SER XA 29 -17.26 15.04 48.02
C SER XA 29 -15.84 15.56 47.83
N ILE XA 30 -14.88 14.66 47.58
CA ILE XA 30 -13.52 15.09 47.34
C ILE XA 30 -13.45 15.96 46.10
N GLY XA 31 -14.17 15.57 45.05
CA GLY XA 31 -14.21 16.38 43.84
C GLY XA 31 -14.91 17.70 44.03
N LEU XA 32 -15.94 17.74 44.87
CA LEU XA 32 -16.59 19.01 45.17
C LEU XA 32 -15.64 19.94 45.92
N ILE XA 33 -14.87 19.39 46.86
CA ILE XA 33 -13.89 20.20 47.57
C ILE XA 33 -12.79 20.65 46.62
N ALA XA 34 -12.35 19.77 45.73
CA ALA XA 34 -11.31 20.13 44.76
C ALA XA 34 -11.80 21.22 43.81
N ASN XA 35 -13.04 21.10 43.34
CA ASN XA 35 -13.59 22.11 42.46
C ASN XA 35 -13.86 23.41 43.19
N ALA XA 36 -14.25 23.34 44.47
CA ALA XA 36 -14.39 24.55 45.26
C ALA XA 36 -13.04 25.24 45.45
N LEU XA 37 -11.99 24.47 45.68
CA LEU XA 37 -10.65 25.05 45.82
C LEU XA 37 -10.18 25.67 44.52
N ALA XA 38 -10.38 24.97 43.40
CA ALA XA 38 -9.98 25.52 42.11
C ALA XA 38 -10.85 26.71 41.71
N TYR XA 39 -12.09 26.76 42.19
CA TYR XA 39 -12.97 27.87 41.89
C TYR XA 39 -12.57 29.10 42.70
N ALA XA 40 -12.23 28.89 43.99
CA ALA XA 40 -11.73 29.97 44.81
C ALA XA 40 -10.39 30.48 44.27
N TRP XA 41 -9.58 29.58 43.73
CA TRP XA 41 -8.33 29.97 43.10
C TRP XA 41 -8.61 30.84 41.88
N ARG XA 42 -9.44 30.35 40.96
CA ARG XA 42 -9.86 31.09 39.78
C ARG XA 42 -11.26 30.65 39.41
N PRO XA 43 -12.27 31.49 39.60
CA PRO XA 43 -13.65 31.09 39.27
C PRO XA 43 -13.75 30.58 37.85
N PHE XA 44 -14.42 29.44 37.69
CA PHE XA 44 -14.42 28.74 36.41
C PHE XA 44 -15.16 29.53 35.35
N HIS XA 45 -16.17 30.29 35.74
CA HIS XA 45 -17.09 30.93 34.83
C HIS XA 45 -16.89 32.44 34.88
N GLN XA 46 -16.64 33.03 33.72
CA GLN XA 46 -16.37 34.45 33.64
C GLN XA 46 -17.65 35.25 33.85
N GLY XA 47 -17.49 36.49 34.27
CA GLY XA 47 -18.59 37.42 34.32
C GLY XA 47 -18.91 37.96 32.95
N ARG XA 48 -19.91 38.83 32.91
CA ARG XA 48 -20.28 39.46 31.65
C ARG XA 48 -19.10 40.20 31.03
N ALA XA 49 -18.23 40.76 31.88
CA ALA XA 49 -17.00 41.38 31.39
C ALA XA 49 -16.00 40.34 30.87
N GLY XA 50 -16.18 39.07 31.20
CA GLY XA 50 -15.21 38.07 30.85
C GLY XA 50 -14.01 38.10 31.77
N ASN XA 51 -13.08 37.19 31.53
CA ASN XA 51 -11.83 37.19 32.27
C ASN XA 51 -10.66 36.94 31.32
N ARG XA 52 -10.76 37.49 30.11
CA ARG XA 52 -9.64 37.47 29.18
C ARG XA 52 -8.64 38.55 29.58
N LEU XA 53 -7.36 38.19 29.53
CA LEU XA 53 -6.32 39.15 29.90
C LEU XA 53 -6.31 40.35 28.99
N GLU XA 54 -6.61 40.16 27.70
CA GLU XA 54 -6.58 41.26 26.75
C GLU XA 54 -7.59 42.35 27.10
N ASP XA 55 -8.71 41.97 27.70
CA ASP XA 55 -9.75 42.94 28.03
C ASP XA 55 -9.49 43.67 29.33
N HIS XA 56 -8.59 43.19 30.17
CA HIS XA 56 -8.40 43.77 31.48
C HIS XA 56 -6.94 44.12 31.77
N ALA XA 57 -6.00 43.30 31.33
CA ALA XA 57 -4.60 43.55 31.59
C ALA XA 57 -4.08 44.65 30.66
N PRO XA 58 -3.00 45.32 31.04
CA PRO XA 58 -2.36 46.27 30.13
C PRO XA 58 -1.86 45.58 28.87
N ASP XA 59 -1.43 46.40 27.91
CA ASP XA 59 -0.99 45.87 26.62
C ASP XA 59 0.25 45.01 26.75
N TYR XA 60 1.12 45.29 27.72
CA TYR XA 60 2.38 44.54 27.82
C TYR XA 60 2.18 43.15 28.42
N VAL XA 61 1.01 42.84 28.97
CA VAL XA 61 0.75 41.50 29.51
C VAL XA 61 0.34 40.60 28.35
N ARG XA 62 1.24 39.72 27.93
CA ARG XA 62 0.97 38.84 26.81
C ARG XA 62 -0.12 37.85 27.17
N SER XA 63 -1.06 37.65 26.25
CA SER XA 63 -2.14 36.69 26.39
C SER XA 63 -2.01 35.65 25.29
N ALA XA 64 -2.10 34.37 25.67
CA ALA XA 64 -2.12 33.29 24.68
C ALA XA 64 -3.36 33.36 23.80
N LEU XA 65 -4.43 33.99 24.27
CA LEU XA 65 -5.65 34.12 23.50
C LEU XA 65 -5.46 35.11 22.36
N GLY YA 2 -17.72 37.19 45.98
CA GLY YA 2 -19.08 37.45 45.54
C GLY YA 2 -19.78 36.21 45.04
N ASP YA 3 -20.06 36.17 43.74
CA ASP YA 3 -20.67 34.98 43.16
C ASP YA 3 -19.74 33.78 43.26
N ALA YA 4 -18.43 34.02 43.15
CA ALA YA 4 -17.46 32.95 43.33
C ALA YA 4 -17.50 32.40 44.75
N GLY YA 5 -17.63 33.28 45.74
CA GLY YA 5 -17.75 32.82 47.11
C GLY YA 5 -19.00 31.99 47.34
N ILE YA 6 -20.11 32.41 46.73
CA ILE YA 6 -21.34 31.61 46.80
C ILE YA 6 -21.13 30.24 46.18
N VAL YA 7 -20.48 30.19 45.01
CA VAL YA 7 -20.23 28.92 44.36
C VAL YA 7 -19.36 28.02 45.22
N VAL YA 8 -18.30 28.58 45.82
CA VAL YA 8 -17.42 27.79 46.67
C VAL YA 8 -18.19 27.28 47.89
N ALA YA 9 -19.00 28.13 48.50
CA ALA YA 9 -19.78 27.70 49.66
C ALA YA 9 -20.76 26.60 49.30
N VAL YA 10 -21.42 26.72 48.14
CA VAL YA 10 -22.36 25.69 47.71
C VAL YA 10 -21.64 24.37 47.44
N LEU YA 11 -20.48 24.43 46.79
CA LEU YA 11 -19.73 23.21 46.53
C LEU YA 11 -19.26 22.56 47.83
N VAL YA 12 -18.84 23.37 48.81
CA VAL YA 12 -18.41 22.84 50.09
C VAL YA 12 -19.57 22.22 50.84
N ILE YA 13 -20.74 22.87 50.82
CA ILE YA 13 -21.92 22.32 51.47
C ILE YA 13 -22.34 21.02 50.81
N LEU YA 14 -22.27 20.97 49.47
CA LEU YA 14 -22.59 19.74 48.76
C LEU YA 14 -21.61 18.64 49.09
N ALA YA 15 -20.33 18.99 49.27
CA ALA YA 15 -19.34 17.99 49.67
C ALA YA 15 -19.61 17.47 51.07
N ILE YA 16 -19.99 18.36 51.98
CA ILE YA 16 -20.28 17.95 53.35
C ILE YA 16 -21.50 17.03 53.38
N LEU YA 17 -22.58 17.46 52.73
CA LEU YA 17 -23.81 16.66 52.71
C LEU YA 17 -23.59 15.34 51.99
N GLY YA 18 -22.87 15.36 50.88
CA GLY YA 18 -22.61 14.20 50.08
C GLY YA 18 -21.50 13.31 50.58
N TRP YA 19 -20.89 13.66 51.70
CA TRP YA 19 -19.89 12.79 52.29
C TRP YA 19 -20.55 11.49 52.74
N PRO YA 20 -19.89 10.34 52.55
CA PRO YA 20 -20.54 9.07 52.89
C PRO YA 20 -21.05 8.98 54.32
N ASN YA 21 -20.35 9.55 55.29
CA ASN YA 21 -20.85 9.53 56.67
C ASN YA 21 -22.20 10.23 56.78
N ILE YA 22 -22.44 11.24 55.95
CA ILE YA 22 -23.70 11.97 56.01
C ILE YA 22 -24.70 11.48 54.97
N SER YA 23 -24.24 11.10 53.77
CA SER YA 23 -25.14 10.54 52.77
C SER YA 23 -25.73 9.22 53.25
N SER YA 24 -24.92 8.37 53.88
CA SER YA 24 -25.38 7.08 54.35
C SER YA 24 -26.39 7.19 55.49
N THR YA 25 -26.51 8.36 56.11
CA THR YA 25 -27.58 8.57 57.07
C THR YA 25 -28.94 8.62 56.38
N LEU YA 26 -28.97 9.01 55.12
CA LEU YA 26 -30.18 9.04 54.31
C LEU YA 26 -30.44 7.72 53.61
N ARG YA 27 -29.62 6.70 53.87
CA ARG YA 27 -29.78 5.40 53.24
C ARG YA 27 -30.96 4.68 53.87
N ARG YA 28 -32.00 4.43 53.07
CA ARG YA 28 -33.14 3.64 53.49
C ARG YA 28 -33.19 2.36 52.67
N TRP YA 29 -33.24 1.23 53.36
CA TRP YA 29 -33.32 -0.06 52.68
C TRP YA 29 -34.55 -0.84 53.16
N MET ZA 1 18.79 -14.54 48.33
CA MET ZA 1 17.94 -14.86 47.19
C MET ZA 1 18.07 -16.31 46.77
N TRP ZA 2 18.63 -17.15 47.62
CA TRP ZA 2 18.85 -18.54 47.21
C TRP ZA 2 17.55 -19.28 47.00
N LYS ZA 3 16.47 -18.83 47.64
CA LYS ZA 3 15.17 -19.45 47.44
C LYS ZA 3 14.45 -18.90 46.21
N LEU ZA 4 15.00 -17.89 45.55
CA LEU ZA 4 14.36 -17.33 44.37
C LEU ZA 4 14.23 -18.37 43.26
N TRP ZA 5 15.12 -19.34 43.24
CA TRP ZA 5 15.08 -20.40 42.24
C TRP ZA 5 14.07 -21.48 42.59
N LYS ZA 6 13.46 -21.41 43.78
CA LYS ZA 6 12.26 -22.18 44.06
C LYS ZA 6 11.05 -21.62 43.35
N PHE ZA 7 11.10 -20.37 42.92
CA PHE ZA 7 9.95 -19.69 42.34
C PHE ZA 7 10.23 -19.00 41.03
N VAL ZA 8 11.47 -18.63 40.74
CA VAL ZA 8 11.84 -17.95 39.50
C VAL ZA 8 12.80 -18.85 38.75
N ASP ZA 9 12.53 -19.06 37.47
CA ASP ZA 9 13.35 -19.93 36.65
C ASP ZA 9 14.76 -19.35 36.53
N PHE ZA 10 15.76 -20.12 36.94
CA PHE ZA 10 17.12 -19.59 36.93
C PHE ZA 10 17.67 -19.48 35.52
N ARG ZA 11 17.39 -20.45 34.66
CA ARG ZA 11 17.90 -20.36 33.29
C ARG ZA 11 17.28 -19.17 32.56
N MET ZA 12 15.98 -18.93 32.78
CA MET ZA 12 15.35 -17.74 32.23
C MET ZA 12 16.02 -16.48 32.76
N THR ZA 13 16.25 -16.41 34.07
CA THR ZA 13 16.85 -15.22 34.67
C THR ZA 13 18.27 -14.99 34.14
N ALA ZA 14 19.08 -16.05 34.12
CA ALA ZA 14 20.48 -15.92 33.73
C ALA ZA 14 20.61 -15.60 32.24
N VAL ZA 15 19.82 -16.26 31.40
CA VAL ZA 15 19.86 -15.96 29.97
C VAL ZA 15 19.37 -14.55 29.72
N GLY ZA 16 18.30 -14.13 30.40
CA GLY ZA 16 17.80 -12.78 30.25
C GLY ZA 16 18.80 -11.74 30.70
N PHE ZA 17 19.50 -12.02 31.80
CA PHE ZA 17 20.49 -11.07 32.29
C PHE ZA 17 21.71 -11.02 31.38
N HIS ZA 18 22.10 -12.16 30.81
CA HIS ZA 18 23.22 -12.15 29.87
C HIS ZA 18 22.86 -11.41 28.59
N LEU ZA 19 21.64 -11.63 28.08
CA LEU ZA 19 21.20 -10.88 26.90
C LEU ZA 19 21.12 -9.38 27.22
N PHE ZA 20 20.52 -9.04 28.37
CA PHE ZA 20 20.37 -7.64 28.71
C PHE ZA 20 21.70 -6.98 28.95
N PHE ZA 21 22.65 -7.69 29.56
CA PHE ZA 21 23.96 -7.10 29.78
C PHE ZA 21 24.79 -7.05 28.52
N ALA ZA 22 24.55 -7.94 27.56
CA ALA ZA 22 25.16 -7.75 26.25
C ALA ZA 22 24.66 -6.48 25.60
N LEU ZA 23 23.33 -6.29 25.58
CA LEU ZA 23 22.78 -5.05 25.04
C LEU ZA 23 23.25 -3.84 25.82
N LEU ZA 24 23.35 -3.95 27.13
CA LEU ZA 24 23.72 -2.81 27.96
C LEU ZA 24 25.20 -2.50 27.85
N ALA ZA 25 26.05 -3.52 27.73
CA ALA ZA 25 27.46 -3.26 27.46
C ALA ZA 25 27.63 -2.57 26.13
N PHE ZA 26 26.89 -3.01 25.11
CA PHE ZA 26 26.91 -2.31 23.84
C PHE ZA 26 26.46 -0.86 24.01
N ALA ZA 27 25.31 -0.66 24.66
CA ALA ZA 27 24.73 0.66 24.78
C ALA ZA 27 25.61 1.58 25.63
N VAL ZA 28 26.34 1.03 26.59
CA VAL ZA 28 27.14 1.87 27.48
C VAL ZA 28 28.47 2.21 26.83
N HIS ZA 29 29.13 1.23 26.19
CA HIS ZA 29 30.27 1.56 25.36
C HIS ZA 29 29.89 2.59 24.31
N PHE ZA 30 28.67 2.49 23.80
CA PHE ZA 30 28.14 3.46 22.85
C PHE ZA 30 27.96 4.84 23.48
N ALA ZA 31 27.40 4.88 24.69
CA ALA ZA 31 27.25 6.15 25.40
C ALA ZA 31 28.61 6.80 25.62
N CYS ZA 32 29.63 6.00 25.87
CA CYS ZA 32 30.99 6.53 25.94
C CYS ZA 32 31.43 7.09 24.59
N ILE ZA 33 31.13 6.37 23.51
CA ILE ZA 33 31.46 6.88 22.18
C ILE ZA 33 30.71 8.17 21.89
N SER ZA 34 29.48 8.27 22.39
CA SER ZA 34 28.68 9.47 22.18
C SER ZA 34 29.26 10.70 22.88
N SER ZA 35 30.20 10.51 23.80
CA SER ZA 35 30.78 11.59 24.56
C SER ZA 35 32.14 11.97 23.98
N GLU ZA 36 32.34 13.27 23.76
CA GLU ZA 36 33.64 13.74 23.32
C GLU ZA 36 34.70 13.47 24.39
N ARG ZA 37 34.35 13.65 25.65
CA ARG ZA 37 35.27 13.36 26.75
C ARG ZA 37 35.62 11.88 26.78
N PHE ZA 38 34.71 11.02 26.34
CA PHE ZA 38 34.83 9.59 26.60
C PHE ZA 38 34.98 8.75 25.34
N ASN ZA 39 34.93 9.33 24.16
CA ASN ZA 39 35.15 8.58 22.92
C ASN ZA 39 36.65 8.29 22.80
N TRP ZA 40 37.06 7.10 23.23
CA TRP ZA 40 38.44 6.70 23.09
C TRP ZA 40 38.81 6.44 21.64
N LEU ZA 41 37.82 6.10 20.80
CA LEU ZA 41 38.09 5.86 19.40
C LEU ZA 41 38.46 7.14 18.67
N GLU ZA 42 37.87 8.26 19.07
CA GLU ZA 42 38.23 9.54 18.48
C GLU ZA 42 39.35 10.22 19.25
N GLY ZA 43 39.45 9.97 20.55
CA GLY ZA 43 40.58 10.42 21.34
C GLY ZA 43 40.71 11.92 21.56
N ALA ZA 44 39.60 12.60 21.83
CA ALA ZA 44 39.65 14.02 22.10
C ALA ZA 44 40.34 14.28 23.44
N PRO ZA 45 40.92 15.47 23.62
CA PRO ZA 45 41.54 15.79 24.90
C PRO ZA 45 40.51 15.95 26.01
N ALA ZA 46 40.97 15.78 27.23
CA ALA ZA 46 40.15 16.03 28.40
C ALA ZA 46 40.28 17.49 28.81
N ALA ZA 47 39.18 18.08 29.29
CA ALA ZA 47 39.22 19.46 29.71
C ALA ZA 47 40.16 19.68 30.88
N GLU ZA 48 40.42 18.65 31.69
CA GLU ZA 48 41.39 18.75 32.76
C GLU ZA 48 42.80 19.02 32.24
N TYR ZA 49 43.07 18.64 30.99
CA TYR ZA 49 44.37 18.88 30.39
C TYR ZA 49 44.65 20.37 30.22
N TYR ZA 50 43.61 21.19 30.14
CA TYR ZA 50 43.76 22.61 29.88
C TYR ZA 50 43.53 23.49 31.10
N MET ZA 51 42.69 23.07 32.03
CA MET ZA 51 42.49 23.81 33.26
C MET ZA 51 43.54 23.40 34.30
N ASP ZA 52 44.04 24.38 35.04
CA ASP ZA 52 45.17 24.21 35.93
C ASP ZA 52 44.78 23.72 37.32
N GLU ZA 53 43.49 23.56 37.59
CA GLU ZA 53 43.02 23.11 38.89
C GLU ZA 53 42.11 21.91 38.71
N ASP ZA 54 42.00 21.11 39.76
CA ASP ZA 54 41.11 19.96 39.72
C ASP ZA 54 39.67 20.45 39.71
N PRO ZA 55 38.88 20.12 38.69
CA PRO ZA 55 37.47 20.57 38.69
C PRO ZA 55 36.67 20.01 39.84
N GLY ZA 56 37.00 18.81 40.31
CA GLY ZA 56 36.20 18.13 41.31
C GLY ZA 56 34.96 17.52 40.68
N ILE ZA 57 34.16 16.91 41.54
CA ILE ZA 57 32.85 16.40 41.14
C ILE ZA 57 31.82 17.02 42.07
N TRP ZA 58 31.98 16.80 43.37
CA TRP ZA 58 31.15 17.43 44.39
C TRP ZA 58 31.78 18.68 44.96
N LYS ZA 59 32.97 19.05 44.50
CA LYS ZA 59 33.63 20.23 45.03
C LYS ZA 59 32.87 21.48 44.60
N ARG ZA 60 32.63 22.37 45.56
CA ARG ZA 60 31.78 23.54 45.34
C ARG ZA 60 32.62 24.67 44.75
N THR ZA 61 33.07 24.45 43.53
CA THR ZA 61 33.92 25.41 42.85
C THR ZA 61 33.12 26.62 42.37
N SER ZA 62 33.82 27.73 42.14
CA SER ZA 62 33.21 28.94 41.63
C SER ZA 62 34.06 29.51 40.51
N TYR ZA 63 33.39 30.15 39.57
CA TYR ZA 63 34.04 30.74 38.41
C TYR ZA 63 34.93 31.92 38.79
N ILE AB 4 4.18 -21.71 39.47
CA ILE AB 4 5.10 -20.78 40.13
C ILE AB 4 6.33 -21.49 40.67
N ARG AB 5 6.13 -22.66 41.28
CA ARG AB 5 7.25 -23.41 41.81
C ARG AB 5 8.07 -24.00 40.67
N THR AB 6 9.38 -23.82 40.73
CA THR AB 6 10.27 -24.37 39.71
C THR AB 6 10.46 -25.87 39.85
N GLY AB 7 10.18 -26.43 41.03
CA GLY AB 7 10.42 -27.83 41.28
C GLY AB 7 11.82 -28.16 41.76
N LEU AB 8 12.70 -27.17 41.86
CA LEU AB 8 14.05 -27.42 42.34
C LEU AB 8 14.05 -27.66 43.84
N THR AB 9 14.94 -28.55 44.27
CA THR AB 9 15.10 -28.81 45.69
C THR AB 9 15.89 -27.67 46.35
N ASP AB 10 15.98 -27.71 47.67
CA ASP AB 10 16.74 -26.70 48.39
C ASP AB 10 18.22 -26.77 48.02
N GLU AB 11 18.77 -27.98 47.90
CA GLU AB 11 20.18 -28.12 47.56
C GLU AB 11 20.46 -27.63 46.14
N GLU AB 12 19.59 -27.94 45.19
CA GLU AB 12 19.76 -27.45 43.84
C GLU AB 12 19.67 -25.93 43.78
N CYS AB 13 18.71 -25.36 44.51
CA CYS AB 13 18.62 -23.90 44.59
C CYS AB 13 19.87 -23.32 45.23
N GLN AB 14 20.42 -23.99 46.22
CA GLN AB 14 21.62 -23.50 46.90
C GLN AB 14 22.84 -23.54 45.98
N GLU AB 15 22.97 -24.59 45.17
CA GLU AB 15 24.12 -24.64 44.27
C GLU AB 15 23.94 -23.67 43.10
N ILE AB 16 22.71 -23.52 42.60
CA ILE AB 16 22.41 -22.45 41.66
C ILE AB 16 22.77 -21.11 42.26
N HIS AB 17 22.46 -20.91 43.54
CA HIS AB 17 22.74 -19.64 44.19
C HIS AB 17 24.23 -19.43 44.39
N GLU AB 18 24.97 -20.50 44.67
CA GLU AB 18 26.42 -20.36 44.76
C GLU AB 18 26.99 -19.88 43.43
N MET AB 19 26.55 -20.50 42.34
CA MET AB 19 27.01 -20.05 41.02
C MET AB 19 26.50 -18.66 40.70
N ASN AB 20 25.27 -18.34 41.11
CA ASN AB 20 24.71 -17.02 40.84
C ASN AB 20 25.48 -15.94 41.59
N MET AB 21 25.81 -16.20 42.86
CA MET AB 21 26.63 -15.27 43.62
C MET AB 21 28.00 -15.13 43.00
N LEU AB 22 28.61 -16.24 42.60
CA LEU AB 22 29.92 -16.17 41.97
C LEU AB 22 29.87 -15.30 40.71
N GLY AB 23 28.93 -15.59 39.82
CA GLY AB 23 28.85 -14.83 38.58
C GLY AB 23 28.51 -13.37 38.81
N MET AB 24 27.47 -13.10 39.60
CA MET AB 24 27.05 -11.73 39.84
C MET AB 24 28.15 -10.92 40.49
N HIS AB 25 28.76 -11.46 41.55
CA HIS AB 25 29.74 -10.69 42.31
C HIS AB 25 31.09 -10.62 41.61
N ALA AB 26 31.47 -11.64 40.83
CA ALA AB 26 32.67 -11.54 40.04
C ALA AB 26 32.52 -10.50 38.95
N TYR AB 27 31.40 -10.55 38.22
CA TYR AB 27 31.14 -9.51 37.23
C TYR AB 27 31.07 -8.14 37.88
N TRP AB 28 30.47 -8.07 39.07
CA TRP AB 28 30.29 -6.80 39.77
C TRP AB 28 31.63 -6.22 40.21
N SER AB 29 32.53 -7.05 40.74
CA SER AB 29 33.83 -6.57 41.15
C SER AB 29 34.71 -6.21 39.96
N ILE AB 30 34.67 -7.02 38.90
CA ILE AB 30 35.41 -6.70 37.70
C ILE AB 30 34.91 -5.40 37.10
N GLY AB 31 33.59 -5.21 37.10
CA GLY AB 31 33.02 -3.98 36.59
C GLY AB 31 33.33 -2.78 37.46
N LEU AB 32 33.37 -2.96 38.78
CA LEU AB 32 33.77 -1.88 39.66
C LEU AB 32 35.21 -1.48 39.42
N ILE AB 33 36.09 -2.47 39.22
CA ILE AB 33 37.48 -2.18 38.91
C ILE AB 33 37.59 -1.47 37.57
N ALA AB 34 36.81 -1.93 36.58
CA ALA AB 34 36.84 -1.30 35.27
C ALA AB 34 36.32 0.13 35.32
N ASN AB 35 35.25 0.36 36.09
CA ASN AB 35 34.73 1.71 36.23
C ASN AB 35 35.67 2.59 37.03
N ALA AB 36 36.39 2.03 38.01
CA ALA AB 36 37.41 2.81 38.70
C ALA AB 36 38.55 3.17 37.77
N LEU AB 37 38.95 2.24 36.90
CA LEU AB 37 39.99 2.52 35.92
C LEU AB 37 39.56 3.60 34.94
N ALA AB 38 38.32 3.52 34.47
CA ALA AB 38 37.81 4.54 33.55
C ALA AB 38 37.60 5.87 34.25
N TYR AB 39 37.31 5.84 35.55
CA TYR AB 39 37.09 7.08 36.29
C TYR AB 39 38.42 7.76 36.59
N ALA AB 40 39.45 6.96 36.88
CA ALA AB 40 40.80 7.51 37.03
C ALA AB 40 41.33 8.01 35.70
N TRP AB 41 40.98 7.34 34.61
CA TRP AB 41 41.36 7.82 33.29
C TRP AB 41 40.69 9.15 33.00
N ARG AB 42 39.37 9.22 33.12
CA ARG AB 42 38.61 10.45 32.97
C ARG AB 42 37.40 10.40 33.88
N PRO AB 43 37.36 11.19 34.94
CA PRO AB 43 36.22 11.15 35.86
C PRO AB 43 34.91 11.36 35.13
N PHE AB 44 33.92 10.53 35.48
CA PHE AB 44 32.70 10.44 34.69
C PHE AB 44 31.85 11.69 34.81
N HIS AB 45 31.97 12.38 35.94
CA HIS AB 45 31.04 13.44 36.28
C HIS AB 45 31.79 14.75 36.37
N GLN AB 46 31.33 15.74 35.60
CA GLN AB 46 31.99 17.02 35.56
C GLN AB 46 31.81 17.75 36.88
N GLY AB 47 32.77 18.60 37.20
CA GLY AB 47 32.61 19.54 38.27
C GLY AB 47 31.70 20.67 37.85
N ARG AB 48 31.58 21.66 38.75
CA ARG AB 48 30.75 22.81 38.44
C ARG AB 48 31.25 23.55 37.20
N ALA AB 49 32.56 23.55 36.97
CA ALA AB 49 33.11 24.15 35.77
C ALA AB 49 32.78 23.37 34.51
N GLY AB 50 32.32 22.12 34.66
CA GLY AB 50 32.12 21.26 33.52
C GLY AB 50 33.44 20.69 33.04
N ASN AB 51 33.35 19.88 31.98
CA ASN AB 51 34.54 19.39 31.32
C ASN AB 51 34.40 19.44 29.81
N ARG AB 52 33.60 20.37 29.30
CA ARG AB 52 33.57 20.64 27.88
C ARG AB 52 34.89 21.28 27.45
N LEU AB 53 35.42 20.81 26.32
CA LEU AB 53 36.65 21.41 25.80
C LEU AB 53 36.45 22.87 25.43
N GLU AB 54 35.25 23.23 24.98
CA GLU AB 54 34.97 24.61 24.61
C GLU AB 54 35.05 25.56 25.79
N ASP AB 55 34.94 25.06 27.01
CA ASP AB 55 34.99 25.91 28.19
C ASP AB 55 36.39 26.03 28.79
N HIS AB 56 37.28 25.11 28.45
CA HIS AB 56 38.60 25.08 29.07
C HIS AB 56 39.75 25.06 28.08
N ALA AB 57 39.59 24.36 26.96
CA ALA AB 57 40.64 24.32 25.96
C ALA AB 57 40.70 25.65 25.21
N PRO AB 58 41.85 25.98 24.64
CA PRO AB 58 41.94 27.16 23.78
C PRO AB 58 41.06 26.99 22.56
N ASP AB 59 40.73 28.13 21.93
CA ASP AB 59 39.76 28.12 20.84
C ASP AB 59 40.22 27.29 19.65
N TYR AB 60 41.54 27.12 19.47
CA TYR AB 60 42.02 26.31 18.35
C TYR AB 60 41.87 24.82 18.60
N VAL AB 61 41.71 24.41 19.86
CA VAL AB 61 41.45 23.01 20.16
C VAL AB 61 40.01 22.71 19.76
N ARG AB 62 39.84 21.84 18.77
CA ARG AB 62 38.51 21.60 18.22
C ARG AB 62 37.63 20.84 19.20
N SER AB 63 36.40 21.30 19.37
CA SER AB 63 35.36 20.60 20.12
C SER AB 63 34.18 20.38 19.20
N ALA AB 64 33.64 19.17 19.20
CA ALA AB 64 32.46 18.86 18.39
C ALA AB 64 31.16 19.16 19.12
N LEU AB 65 31.23 19.84 20.26
CA LEU AB 65 30.04 20.24 21.00
C LEU AB 65 29.67 21.68 20.69
N GLY BB 2 41.71 14.00 44.09
CA GLY BB 2 40.63 14.73 44.76
C GLY BB 2 39.36 13.93 44.87
N ASP BB 3 38.26 14.51 44.37
CA ASP BB 3 36.98 13.82 44.40
C ASP BB 3 37.01 12.56 43.55
N ALA BB 4 37.65 12.64 42.38
CA ALA BB 4 37.79 11.47 41.52
C ALA BB 4 38.60 10.38 42.21
N GLY BB 5 39.64 10.77 42.95
CA GLY BB 5 40.39 9.80 43.72
C GLY BB 5 39.53 9.10 44.75
N ILE BB 6 38.63 9.84 45.40
CA ILE BB 6 37.71 9.25 46.36
C ILE BB 6 36.78 8.27 45.65
N VAL BB 7 36.27 8.64 44.47
CA VAL BB 7 35.39 7.75 43.74
C VAL BB 7 36.13 6.46 43.37
N VAL BB 8 37.36 6.59 42.90
CA VAL BB 8 38.13 5.41 42.50
C VAL BB 8 38.41 4.52 43.71
N ALA BB 9 38.76 5.13 44.83
CA ALA BB 9 39.01 4.36 46.05
C ALA BB 9 37.75 3.63 46.51
N VAL BB 10 36.60 4.31 46.45
CA VAL BB 10 35.35 3.70 46.88
C VAL BB 10 34.98 2.54 45.96
N LEU BB 11 35.14 2.73 44.65
CA LEU BB 11 34.84 1.66 43.70
C LEU BB 11 35.77 0.48 43.91
N VAL BB 12 37.04 0.73 44.19
CA VAL BB 12 37.98 -0.35 44.45
C VAL BB 12 37.61 -1.11 45.72
N ILE BB 13 37.25 -0.38 46.78
CA ILE BB 13 36.84 -1.02 48.02
C ILE BB 13 35.57 -1.85 47.81
N LEU BB 14 34.64 -1.32 47.03
CA LEU BB 14 33.43 -2.06 46.71
C LEU BB 14 33.74 -3.31 45.91
N ALA BB 15 34.69 -3.22 44.97
CA ALA BB 15 35.09 -4.41 44.21
C ALA BB 15 35.75 -5.45 45.09
N ILE BB 16 36.57 -5.01 46.03
CA ILE BB 16 37.25 -5.94 46.93
C ILE BB 16 36.24 -6.62 47.85
N LEU BB 17 35.35 -5.83 48.46
CA LEU BB 17 34.38 -6.39 49.38
C LEU BB 17 33.35 -7.25 48.65
N GLY BB 18 33.00 -6.87 47.44
CA GLY BB 18 32.07 -7.59 46.60
C GLY BB 18 32.65 -8.73 45.82
N TRP BB 19 33.96 -8.94 45.90
CA TRP BB 19 34.55 -10.08 45.21
C TRP BB 19 34.03 -11.38 45.82
N PRO BB 20 33.72 -12.38 44.99
CA PRO BB 20 33.09 -13.61 45.51
C PRO BB 20 33.82 -14.25 46.66
N ASN BB 21 35.16 -14.28 46.64
CA ASN BB 21 35.91 -14.88 47.73
C ASN BB 21 35.69 -14.15 49.05
N ILE BB 22 35.20 -12.92 49.01
CA ILE BB 22 34.94 -12.13 50.21
C ILE BB 22 33.45 -11.97 50.46
N SER BB 23 32.66 -11.80 49.39
CA SER BB 23 31.21 -11.73 49.54
C SER BB 23 30.65 -13.04 50.09
N SER BB 24 31.17 -14.18 49.61
CA SER BB 24 30.67 -15.48 50.02
C SER BB 24 31.00 -15.79 51.47
N THR BB 25 31.88 -15.03 52.11
CA THR BB 25 32.08 -15.19 53.55
C THR BB 25 30.86 -14.73 54.33
N LEU BB 26 30.01 -13.89 53.74
CA LEU BB 26 28.76 -13.47 54.33
C LEU BB 26 27.59 -14.34 53.88
N ARG BB 27 27.86 -15.43 53.18
CA ARG BB 27 26.82 -16.39 52.84
C ARG BB 27 26.25 -16.99 54.10
N ARG BB 28 24.93 -17.06 54.19
CA ARG BB 28 24.27 -17.51 55.40
C ARG BB 28 23.43 -18.77 55.23
N TRP BB 29 22.86 -19.00 54.04
CA TRP BB 29 21.87 -20.05 53.82
C TRP BB 29 20.69 -19.88 54.77
N THR CB 2 -11.43 10.41 -33.05
CA THR CB 2 -11.01 11.38 -32.03
C THR CB 2 -11.80 11.18 -30.74
N GLY CB 3 -11.62 12.12 -29.81
CA GLY CB 3 -12.26 12.03 -28.51
C GLY CB 3 -11.74 10.86 -27.71
N GLU CB 4 -12.60 10.33 -26.84
CA GLU CB 4 -12.26 9.19 -26.01
C GLU CB 4 -12.82 7.88 -26.56
N ALA CB 5 -13.51 7.91 -27.69
CA ALA CB 5 -14.00 6.67 -28.27
C ALA CB 5 -12.90 5.89 -28.96
N VAL CB 6 -11.76 6.54 -29.26
CA VAL CB 6 -10.68 5.87 -29.98
C VAL CB 6 -10.14 4.69 -29.17
N TRP CB 7 -9.97 4.88 -27.86
CA TRP CB 7 -9.62 3.76 -26.99
C TRP CB 7 -10.84 3.01 -26.49
N LEU CB 8 -12.01 3.63 -26.50
CA LEU CB 8 -13.22 2.95 -26.07
C LEU CB 8 -13.54 1.78 -26.98
N ILE CB 9 -13.20 1.88 -28.26
CA ILE CB 9 -13.36 0.75 -29.18
C ILE CB 9 -12.66 -0.48 -28.62
N TRP CB 10 -11.41 -0.30 -28.20
CA TRP CB 10 -10.58 -1.44 -27.81
C TRP CB 10 -10.82 -1.85 -26.37
N PHE CB 11 -11.23 -0.93 -25.51
CA PHE CB 11 -11.70 -1.34 -24.19
C PHE CB 11 -12.95 -2.21 -24.31
N MET CB 12 -13.89 -1.80 -25.17
CA MET CB 12 -15.06 -2.63 -25.40
C MET CB 12 -14.69 -3.92 -26.12
N ALA CB 13 -13.66 -3.90 -26.96
CA ALA CB 13 -13.17 -5.11 -27.60
C ALA CB 13 -12.61 -6.10 -26.58
N ALA CB 14 -11.81 -5.61 -25.63
CA ALA CB 14 -11.32 -6.47 -24.56
C ALA CB 14 -12.47 -6.99 -23.71
N LEU CB 15 -13.44 -6.13 -23.41
CA LEU CB 15 -14.62 -6.56 -22.68
C LEU CB 15 -15.39 -7.61 -23.46
N ALA CB 16 -15.49 -7.46 -24.77
CA ALA CB 16 -16.19 -8.43 -25.61
C ALA CB 16 -15.48 -9.77 -25.61
N LEU CB 17 -14.16 -9.76 -25.70
CA LEU CB 17 -13.41 -11.00 -25.61
C LEU CB 17 -13.62 -11.67 -24.26
N ILE CB 18 -13.56 -10.89 -23.18
CA ILE CB 18 -13.78 -11.45 -21.84
C ILE CB 18 -15.19 -12.00 -21.72
N GLY CB 19 -16.19 -11.27 -22.23
CA GLY CB 19 -17.56 -11.71 -22.12
C GLY CB 19 -17.84 -12.96 -22.95
N GLY CB 20 -17.28 -13.03 -24.16
CA GLY CB 20 -17.41 -14.23 -24.95
C GLY CB 20 -16.70 -15.42 -24.33
N ALA CB 21 -15.60 -15.18 -23.62
CA ALA CB 21 -14.91 -16.27 -22.95
C ALA CB 21 -15.54 -16.66 -21.61
N LEU CB 22 -16.33 -15.76 -21.00
CA LEU CB 22 -16.88 -16.04 -19.67
C LEU CB 22 -17.71 -17.31 -19.62
N PRO CB 23 -18.67 -17.57 -20.51
CA PRO CB 23 -19.35 -18.87 -20.49
C PRO CB 23 -18.41 -20.02 -20.76
N ILE CB 24 -17.38 -19.81 -21.59
CA ILE CB 24 -16.39 -20.86 -21.83
C ILE CB 24 -15.63 -21.17 -20.56
N VAL CB 25 -15.14 -20.14 -19.88
CA VAL CB 25 -14.37 -20.35 -18.66
C VAL CB 25 -15.25 -20.92 -17.56
N VAL CB 26 -16.52 -20.52 -17.52
CA VAL CB 26 -17.44 -21.01 -16.50
C VAL CB 26 -17.78 -22.47 -16.75
N LYS CB 27 -18.05 -22.83 -18.00
CA LYS CB 27 -18.33 -24.22 -18.35
C LYS CB 27 -17.12 -25.10 -18.09
N TRP CB 28 -15.92 -24.61 -18.37
CA TRP CB 28 -14.71 -25.33 -18.03
C TRP CB 28 -14.57 -25.47 -16.52
N TRP CB 29 -14.92 -24.41 -15.79
CA TRP CB 29 -14.85 -24.42 -14.33
C TRP CB 29 -15.88 -25.37 -13.73
N ARG CB 30 -17.02 -25.53 -14.39
CA ARG CB 30 -18.10 -26.34 -13.84
C ARG CB 30 -18.16 -27.71 -14.50
N MET DB 5 -23.95 18.93 -20.70
CA MET DB 5 -23.98 18.79 -19.25
C MET DB 5 -22.57 18.91 -18.67
N ASP DB 6 -22.47 19.48 -17.47
CA ASP DB 6 -21.19 19.61 -16.80
C ASP DB 6 -20.60 18.23 -16.54
N VAL DB 7 -19.26 18.15 -16.61
CA VAL DB 7 -18.59 16.86 -16.46
C VAL DB 7 -18.83 16.30 -15.06
N VAL DB 8 -18.87 17.15 -14.04
CA VAL DB 8 -19.21 16.68 -12.70
C VAL DB 8 -20.66 16.22 -12.65
N ASP DB 9 -21.55 16.96 -13.31
CA ASP DB 9 -22.96 16.59 -13.33
C ASP DB 9 -23.16 15.26 -14.06
N ILE DB 10 -22.55 15.10 -15.23
CA ILE DB 10 -22.72 13.85 -15.96
C ILE DB 10 -22.04 12.70 -15.23
N SER DB 11 -20.92 12.96 -14.57
CA SER DB 11 -20.24 11.91 -13.83
C SER DB 11 -21.07 11.47 -12.62
N TRP DB 12 -21.70 12.42 -11.93
CA TRP DB 12 -22.58 12.07 -10.82
C TRP DB 12 -23.82 11.33 -11.32
N LEU DB 13 -24.34 11.73 -12.49
CA LEU DB 13 -25.46 11.02 -13.08
C LEU DB 13 -25.08 9.59 -13.44
N VAL DB 14 -23.89 9.39 -13.98
CA VAL DB 14 -23.39 8.05 -14.27
C VAL DB 14 -23.20 7.27 -12.98
N THR DB 15 -22.75 7.94 -11.93
CA THR DB 15 -22.59 7.29 -10.63
C THR DB 15 -23.93 6.80 -10.10
N LEU DB 16 -24.96 7.65 -10.21
CA LEU DB 16 -26.30 7.26 -9.77
C LEU DB 16 -26.86 6.15 -10.64
N ALA DB 17 -26.55 6.18 -11.94
CA ALA DB 17 -26.97 5.10 -12.82
C ALA DB 17 -26.31 3.78 -12.46
N VAL DB 18 -25.02 3.81 -12.18
CA VAL DB 18 -24.29 2.60 -11.80
C VAL DB 18 -24.79 2.08 -10.46
N LEU DB 19 -25.07 3.00 -9.53
CA LEU DB 19 -25.66 2.61 -8.25
C LEU DB 19 -27.04 1.99 -8.46
N ALA DB 20 -27.85 2.55 -9.36
CA ALA DB 20 -29.15 1.98 -9.64
C ALA DB 20 -29.02 0.59 -10.23
N LEU DB 21 -28.07 0.40 -11.13
CA LEU DB 21 -27.84 -0.93 -11.70
C LEU DB 21 -27.39 -1.91 -10.64
N LEU DB 22 -26.50 -1.49 -9.73
CA LEU DB 22 -26.06 -2.37 -8.67
C LEU DB 22 -27.20 -2.70 -7.71
N ALA DB 23 -28.04 -1.72 -7.39
CA ALA DB 23 -29.15 -1.96 -6.47
C ALA DB 23 -30.20 -2.86 -7.10
N GLY DB 24 -30.48 -2.68 -8.39
CA GLY DB 24 -31.38 -3.58 -9.07
C GLY DB 24 -30.82 -4.99 -9.22
N ALA DB 25 -29.51 -5.09 -9.42
CA ALA DB 25 -28.88 -6.39 -9.60
C ALA DB 25 -28.58 -7.11 -8.29
N TYR DB 26 -28.60 -6.40 -7.16
CA TYR DB 26 -28.25 -7.04 -5.89
C TYR DB 26 -29.17 -8.19 -5.54
N PRO DB 27 -30.50 -8.08 -5.60
CA PRO DB 27 -31.32 -9.27 -5.40
C PRO DB 27 -31.06 -10.35 -6.43
N VAL DB 28 -30.70 -9.96 -7.64
CA VAL DB 28 -30.31 -10.94 -8.67
C VAL DB 28 -29.01 -11.64 -8.28
N PHE DB 29 -28.00 -10.86 -7.90
CA PHE DB 29 -26.70 -11.44 -7.58
C PHE DB 29 -26.75 -12.28 -6.30
N LYS DB 30 -27.65 -11.93 -5.38
CA LYS DB 30 -27.81 -12.71 -4.17
C LYS DB 30 -28.32 -14.11 -4.46
N ARG DB 31 -29.28 -14.22 -5.37
CA ARG DB 31 -29.90 -15.50 -5.72
C ARG DB 31 -29.23 -16.19 -6.89
N TRP DB 32 -28.14 -15.64 -7.40
CA TRP DB 32 -27.45 -16.21 -8.56
C TRP DB 32 -26.52 -17.31 -8.06
N ARG DB 33 -26.89 -18.56 -8.30
CA ARG DB 33 -26.14 -19.69 -7.79
C ARG DB 33 -25.86 -20.71 -8.90
#